data_1ZMC
#
_entry.id   1ZMC
#
_cell.length_a   176.124
_cell.length_b   210.763
_cell.length_c   126.903
_cell.angle_alpha   90.00
_cell.angle_beta   90.00
_cell.angle_gamma   90.00
#
_symmetry.space_group_name_H-M   'P 21 21 2'
#
loop_
_entity.id
_entity.type
_entity.pdbx_description
1 polymer 'Dihydrolipoyl dehydrogenase, mitochondrial'
2 non-polymer 'SULFATE ION'
3 non-polymer 'FLAVIN-ADENINE DINUCLEOTIDE'
4 non-polymer NICOTINAMIDE-ADENINE-DINUCLEOTIDE
5 water water
#
_entity_poly.entity_id   1
_entity_poly.type   'polypeptide(L)'
_entity_poly.pdbx_seq_one_letter_code
;ADQPIDADVTVIGSGPGGYVAAIKAAQLGFKTVCIEKNETLGGTCLNVGCIPSKALLNNSHYYHMAHGTDFASRGIEMSE
VRLNLDKMMEQKSTAVKALTGGIAHLFKQNKVVHVNGYGKITGKNQVTATKADGGTQVIDTKNILIATGSEVTPFPGITI
DEDTIVSSTGALSLKKVPEKMVVIGAGVIGVELGSVWQRLGADVTAVEFLGHVGGVGIDMEISKNFQRILQKQGFKFKLN
TKVTGATKKSDGKIDVSIEAASGGKAEVITCDVLLVCIGRRPFTKNLGLEELGIELDPRGRIPVNTRFQTKIPNIYAIGD
VVAGPMLAHKAEDEGIICVEGMAGGAVHIDYNCVPSVIYTHPEVAWVGKSEEQLKEEGIEYKVGKFPFAANSRAKTNADT
DGMVKILGQKSTDRVLGAHILGPGAGEMVNEAALALEYGASCEDIARVCHAHPTLSEAFREANLAASFGKSINF
;
_entity_poly.pdbx_strand_id   A,B,C,D,E,F,G,H
#
# COMPACT_ATOMS: atom_id res chain seq x y z
N GLN A 3 45.25 34.06 -38.67
CA GLN A 3 43.80 33.73 -38.79
C GLN A 3 43.21 32.82 -37.66
N PRO A 4 43.62 33.03 -36.40
CA PRO A 4 43.05 32.17 -35.36
C PRO A 4 41.62 32.64 -35.12
N ILE A 5 40.81 31.77 -34.56
CA ILE A 5 39.44 32.15 -34.27
C ILE A 5 39.23 31.99 -32.77
N ASP A 6 38.40 32.84 -32.18
CA ASP A 6 38.19 32.71 -30.75
C ASP A 6 36.75 32.44 -30.40
N ALA A 7 36.56 31.54 -29.44
CA ALA A 7 35.24 31.14 -29.03
C ALA A 7 35.12 30.95 -27.55
N ASP A 8 33.87 30.84 -27.09
CA ASP A 8 33.59 30.56 -25.68
C ASP A 8 33.52 29.03 -25.59
N VAL A 9 32.94 28.40 -26.59
CA VAL A 9 32.82 26.95 -26.59
C VAL A 9 33.17 26.29 -27.90
N THR A 10 34.09 25.35 -27.82
CA THR A 10 34.49 24.64 -29.01
C THR A 10 34.10 23.20 -28.81
N VAL A 11 33.17 22.75 -29.62
CA VAL A 11 32.70 21.39 -29.53
C VAL A 11 33.44 20.52 -30.53
N ILE A 12 34.05 19.44 -30.06
CA ILE A 12 34.79 18.56 -30.96
C ILE A 12 33.92 17.36 -31.23
N GLY A 13 33.37 17.32 -32.44
CA GLY A 13 32.49 16.24 -32.84
C GLY A 13 31.10 16.78 -33.14
N SER A 14 30.55 16.35 -34.26
CA SER A 14 29.23 16.81 -34.65
C SER A 14 28.22 15.68 -34.65
N GLY A 15 28.40 14.72 -33.75
CA GLY A 15 27.45 13.64 -33.63
C GLY A 15 26.27 14.15 -32.78
N PRO A 16 25.32 13.26 -32.41
CA PRO A 16 24.16 13.65 -31.59
C PRO A 16 24.53 14.51 -30.39
N GLY A 17 25.58 14.12 -29.69
CA GLY A 17 25.98 14.93 -28.55
C GLY A 17 26.55 16.29 -28.95
N GLY A 18 27.56 16.25 -29.82
CA GLY A 18 28.21 17.44 -30.28
C GLY A 18 27.36 18.49 -30.95
N TYR A 19 26.61 18.13 -31.97
CA TYR A 19 25.81 19.14 -32.68
C TYR A 19 24.66 19.74 -31.84
N VAL A 20 24.02 18.92 -31.01
CA VAL A 20 22.96 19.39 -30.13
C VAL A 20 23.60 20.34 -29.08
N ALA A 21 24.79 20.00 -28.60
CA ALA A 21 25.47 20.84 -27.60
C ALA A 21 25.89 22.18 -28.19
N ALA A 22 26.36 22.15 -29.44
CA ALA A 22 26.80 23.36 -30.12
C ALA A 22 25.60 24.32 -30.29
N ILE A 23 24.46 23.78 -30.71
CA ILE A 23 23.26 24.60 -30.91
C ILE A 23 22.79 25.19 -29.57
N LYS A 24 22.73 24.34 -28.56
CA LYS A 24 22.29 24.80 -27.25
C LYS A 24 23.21 25.87 -26.73
N ALA A 25 24.52 25.64 -26.81
CA ALA A 25 25.46 26.64 -26.33
C ALA A 25 25.24 27.96 -27.07
N ALA A 26 25.11 27.92 -28.38
CA ALA A 26 24.88 29.14 -29.15
C ALA A 26 23.60 29.83 -28.69
N GLN A 27 22.54 29.04 -28.49
CA GLN A 27 21.26 29.60 -28.06
C GLN A 27 21.35 30.15 -26.63
N LEU A 28 22.34 29.73 -25.84
CA LEU A 28 22.48 30.22 -24.46
C LEU A 28 23.31 31.51 -24.43
N GLY A 29 23.84 31.86 -25.62
CA GLY A 29 24.66 33.05 -25.77
C GLY A 29 26.15 32.85 -25.95
N PHE A 30 26.59 31.60 -26.01
CA PHE A 30 28.01 31.34 -26.16
C PHE A 30 28.48 31.43 -27.60
N LYS A 31 29.63 32.08 -27.82
CA LYS A 31 30.23 32.13 -29.15
C LYS A 31 30.70 30.69 -29.32
N THR A 32 30.04 29.96 -30.23
CA THR A 32 30.30 28.53 -30.41
C THR A 32 30.94 28.03 -31.70
N VAL A 33 31.86 27.09 -31.53
CA VAL A 33 32.54 26.48 -32.65
C VAL A 33 32.39 24.96 -32.58
N CYS A 34 32.00 24.35 -33.69
CA CYS A 34 31.88 22.90 -33.77
C CYS A 34 32.83 22.42 -34.87
N ILE A 35 33.68 21.45 -34.53
CA ILE A 35 34.66 20.85 -35.44
C ILE A 35 34.27 19.43 -35.81
N GLU A 36 34.42 19.10 -37.08
CA GLU A 36 34.09 17.78 -37.59
C GLU A 36 35.10 17.33 -38.66
N LYS A 37 35.65 16.14 -38.48
CA LYS A 37 36.61 15.56 -39.41
C LYS A 37 35.91 14.95 -40.64
N ASN A 38 34.69 14.42 -40.48
CA ASN A 38 33.96 13.81 -41.59
C ASN A 38 33.37 14.81 -42.57
N GLU A 39 33.04 14.33 -43.77
CA GLU A 39 32.50 15.17 -44.84
C GLU A 39 31.15 15.80 -44.58
N THR A 40 30.45 15.25 -43.61
CA THR A 40 29.12 15.71 -43.25
C THR A 40 29.06 15.78 -41.73
N LEU A 41 28.03 16.45 -41.23
CA LEU A 41 27.84 16.60 -39.80
C LEU A 41 26.92 15.46 -39.37
N GLY A 42 26.79 15.28 -38.06
CA GLY A 42 25.84 14.29 -37.60
C GLY A 42 26.37 13.01 -37.04
N GLY A 43 27.66 12.81 -37.21
CA GLY A 43 28.28 11.63 -36.67
C GLY A 43 27.69 10.28 -37.02
N THR A 44 28.02 9.36 -36.13
CA THR A 44 27.65 7.98 -36.25
C THR A 44 26.18 7.70 -36.51
N CYS A 45 25.34 8.21 -35.62
CA CYS A 45 23.91 8.00 -35.69
C CYS A 45 23.26 8.34 -36.99
N LEU A 46 23.51 9.56 -37.43
CA LEU A 46 22.90 10.03 -38.64
C LEU A 46 23.48 9.46 -39.94
N ASN A 47 24.80 9.35 -40.01
CA ASN A 47 25.42 8.90 -41.24
C ASN A 47 25.50 7.40 -41.45
N VAL A 48 25.82 6.65 -40.40
CA VAL A 48 25.95 5.20 -40.52
C VAL A 48 25.38 4.45 -39.33
N GLY A 49 24.36 5.02 -38.67
CA GLY A 49 23.82 4.35 -37.51
C GLY A 49 22.33 4.28 -37.40
N CYS A 50 21.80 4.89 -36.34
CA CYS A 50 20.37 4.94 -36.09
C CYS A 50 19.54 5.27 -37.32
N ILE A 51 19.85 6.40 -37.93
CA ILE A 51 19.08 6.85 -39.06
C ILE A 51 19.05 5.91 -40.24
N PRO A 52 20.20 5.65 -40.93
CA PRO A 52 20.11 4.72 -42.07
C PRO A 52 19.55 3.36 -41.68
N SER A 53 19.85 2.88 -40.47
CA SER A 53 19.34 1.57 -40.07
C SER A 53 17.81 1.59 -39.89
N LYS A 54 17.27 2.60 -39.20
CA LYS A 54 15.82 2.66 -39.03
C LYS A 54 15.10 2.73 -40.38
N ALA A 55 15.72 3.36 -41.36
CA ALA A 55 15.12 3.47 -42.70
C ALA A 55 14.98 2.06 -43.31
N LEU A 56 16.09 1.32 -43.34
CA LEU A 56 16.06 -0.03 -43.90
C LEU A 56 15.06 -0.88 -43.13
N LEU A 57 15.10 -0.75 -41.81
CA LEU A 57 14.15 -1.46 -40.96
C LEU A 57 12.71 -1.17 -41.38
N ASN A 58 12.40 0.10 -41.62
CA ASN A 58 11.02 0.45 -41.99
C ASN A 58 10.62 -0.11 -43.35
N ASN A 59 11.49 0.05 -44.33
CA ASN A 59 11.18 -0.43 -45.65
C ASN A 59 11.11 -1.95 -45.77
N SER A 60 12.07 -2.62 -45.16
CA SER A 60 12.12 -4.07 -45.23
C SER A 60 10.86 -4.62 -44.60
N HIS A 61 10.39 -4.01 -43.52
CA HIS A 61 9.19 -4.50 -42.86
C HIS A 61 7.97 -4.39 -43.77
N TYR A 62 7.89 -3.27 -44.48
CA TYR A 62 6.78 -3.07 -45.40
C TYR A 62 6.94 -4.02 -46.58
N TYR A 63 8.18 -4.31 -46.95
CA TYR A 63 8.43 -5.25 -48.04
C TYR A 63 7.76 -6.57 -47.62
N HIS A 64 8.06 -6.96 -46.39
CA HIS A 64 7.55 -8.18 -45.79
C HIS A 64 6.02 -8.24 -45.79
N MET A 65 5.36 -7.13 -45.52
CA MET A 65 3.90 -7.10 -45.46
C MET A 65 3.26 -7.22 -46.83
N ALA A 66 3.99 -6.76 -47.86
CA ALA A 66 3.51 -6.79 -49.23
C ALA A 66 3.83 -8.15 -49.89
N HIS A 67 5.08 -8.57 -49.77
CA HIS A 67 5.53 -9.81 -50.37
C HIS A 67 4.89 -11.01 -49.67
N GLY A 68 4.80 -10.92 -48.34
CA GLY A 68 4.24 -11.97 -47.53
C GLY A 68 2.73 -11.97 -47.53
N THR A 69 2.11 -12.59 -46.54
CA THR A 69 0.65 -12.70 -46.50
C THR A 69 -0.19 -11.58 -45.89
N ASP A 70 0.45 -10.67 -45.15
CA ASP A 70 -0.31 -9.62 -44.48
C ASP A 70 -1.22 -8.77 -45.37
N PHE A 71 -0.67 -8.11 -46.37
CA PHE A 71 -1.50 -7.29 -47.23
C PHE A 71 -2.59 -8.08 -47.96
N ALA A 72 -2.25 -9.32 -48.34
CA ALA A 72 -3.17 -10.19 -49.04
C ALA A 72 -4.39 -10.38 -48.18
N SER A 73 -4.16 -10.51 -46.87
CA SER A 73 -5.26 -10.73 -45.94
C SER A 73 -6.10 -9.49 -45.70
N ARG A 74 -5.72 -8.37 -46.30
CA ARG A 74 -6.47 -7.14 -46.15
C ARG A 74 -7.21 -6.73 -47.42
N GLY A 75 -7.04 -7.51 -48.48
CA GLY A 75 -7.71 -7.17 -49.71
C GLY A 75 -6.84 -6.30 -50.58
N ILE A 76 -5.55 -6.32 -50.32
CA ILE A 76 -4.61 -5.54 -51.12
C ILE A 76 -3.92 -6.60 -51.96
N GLU A 77 -4.46 -6.86 -53.15
CA GLU A 77 -3.93 -7.90 -54.01
C GLU A 77 -2.93 -7.48 -55.04
N MET A 78 -1.72 -8.03 -54.93
CA MET A 78 -0.62 -7.73 -55.85
C MET A 78 -0.14 -8.91 -56.69
N SER A 79 0.26 -8.55 -57.90
CA SER A 79 0.79 -9.48 -58.87
C SER A 79 2.03 -10.14 -58.28
N GLU A 80 3.19 -9.65 -58.69
CA GLU A 80 4.47 -10.15 -58.24
C GLU A 80 5.03 -9.02 -57.38
N VAL A 81 5.49 -9.31 -56.17
CA VAL A 81 6.08 -8.24 -55.35
C VAL A 81 7.58 -8.36 -55.50
N ARG A 82 8.19 -7.37 -56.15
CA ARG A 82 9.63 -7.38 -56.39
C ARG A 82 10.43 -6.39 -55.55
N LEU A 83 11.60 -6.82 -55.13
CA LEU A 83 12.49 -5.98 -54.36
C LEU A 83 13.50 -5.26 -55.23
N ASN A 84 13.43 -3.94 -55.21
CA ASN A 84 14.38 -3.16 -55.95
C ASN A 84 15.34 -2.59 -54.88
N LEU A 85 16.38 -3.35 -54.58
CA LEU A 85 17.33 -2.96 -53.56
C LEU A 85 17.98 -1.62 -53.79
N ASP A 86 18.07 -1.19 -55.03
CA ASP A 86 18.69 0.09 -55.30
C ASP A 86 17.75 1.22 -54.85
N LYS A 87 16.49 1.14 -55.28
CA LYS A 87 15.53 2.15 -54.91
C LYS A 87 15.37 2.20 -53.37
N MET A 88 15.43 1.04 -52.73
CA MET A 88 15.27 0.98 -51.29
C MET A 88 16.43 1.70 -50.61
N MET A 89 17.64 1.54 -51.15
CA MET A 89 18.81 2.20 -50.58
C MET A 89 18.77 3.68 -50.83
N GLU A 90 18.12 4.08 -51.92
CA GLU A 90 18.00 5.47 -52.29
C GLU A 90 17.15 6.24 -51.26
N GLN A 91 16.02 5.64 -50.90
CA GLN A 91 15.14 6.27 -49.92
C GLN A 91 15.96 6.53 -48.65
N LYS A 92 16.75 5.53 -48.27
CA LYS A 92 17.62 5.61 -47.10
C LYS A 92 18.61 6.76 -47.22
N SER A 93 19.26 6.87 -48.37
CA SER A 93 20.22 7.93 -48.60
C SER A 93 19.58 9.32 -48.70
N THR A 94 18.37 9.39 -49.22
CA THR A 94 17.67 10.65 -49.39
C THR A 94 17.34 11.25 -48.05
N ALA A 95 17.03 10.38 -47.11
CA ALA A 95 16.68 10.77 -45.78
C ALA A 95 17.94 11.20 -45.07
N VAL A 96 19.00 10.40 -45.20
CA VAL A 96 20.27 10.73 -44.54
C VAL A 96 20.82 12.05 -45.08
N LYS A 97 20.62 12.32 -46.37
CA LYS A 97 21.14 13.55 -46.96
C LYS A 97 20.39 14.75 -46.43
N ALA A 98 19.07 14.65 -46.41
CA ALA A 98 18.25 15.74 -45.91
C ALA A 98 18.61 16.12 -44.47
N LEU A 99 18.69 15.11 -43.61
CA LEU A 99 18.99 15.35 -42.21
C LEU A 99 20.38 15.94 -41.98
N THR A 100 21.36 15.53 -42.79
CA THR A 100 22.72 16.08 -42.66
C THR A 100 22.63 17.56 -43.07
N GLY A 101 21.90 17.82 -44.15
CA GLY A 101 21.74 19.18 -44.62
C GLY A 101 20.98 20.01 -43.61
N GLY A 102 20.11 19.34 -42.86
CA GLY A 102 19.33 20.00 -41.84
C GLY A 102 20.22 20.56 -40.74
N ILE A 103 21.21 19.77 -40.34
CA ILE A 103 22.12 20.21 -39.31
C ILE A 103 22.94 21.38 -39.82
N ALA A 104 23.39 21.33 -41.07
CA ALA A 104 24.19 22.43 -41.60
C ALA A 104 23.44 23.76 -41.47
N HIS A 105 22.15 23.72 -41.79
N HIS A 105 22.15 23.73 -41.82
CA HIS A 105 21.32 24.91 -41.72
CA HIS A 105 21.28 24.90 -41.75
C HIS A 105 21.05 25.40 -40.29
C HIS A 105 21.03 25.39 -40.30
N LEU A 106 20.90 24.46 -39.35
CA LEU A 106 20.65 24.80 -37.96
C LEU A 106 21.89 25.51 -37.40
N PHE A 107 23.07 25.04 -37.78
CA PHE A 107 24.31 25.65 -37.34
C PHE A 107 24.32 27.11 -37.82
N LYS A 108 23.94 27.33 -39.07
CA LYS A 108 23.90 28.68 -39.61
C LYS A 108 22.85 29.55 -38.92
N GLN A 109 21.68 28.97 -38.67
CA GLN A 109 20.57 29.66 -38.01
C GLN A 109 20.97 30.13 -36.59
N ASN A 110 21.77 29.32 -35.91
CA ASN A 110 22.22 29.60 -34.56
C ASN A 110 23.60 30.20 -34.42
N LYS A 111 24.18 30.69 -35.51
CA LYS A 111 25.52 31.28 -35.43
C LYS A 111 26.63 30.27 -35.07
N VAL A 112 26.43 28.98 -35.30
CA VAL A 112 27.48 28.03 -34.96
C VAL A 112 28.52 27.99 -36.07
N VAL A 113 29.77 28.22 -35.71
CA VAL A 113 30.82 28.19 -36.71
C VAL A 113 31.30 26.76 -36.91
N HIS A 114 31.14 26.26 -38.12
CA HIS A 114 31.55 24.88 -38.44
C HIS A 114 32.97 24.88 -38.99
N VAL A 115 33.87 24.20 -38.29
CA VAL A 115 35.25 24.09 -38.74
C VAL A 115 35.50 22.64 -39.16
N ASN A 116 35.92 22.45 -40.41
CA ASN A 116 36.22 21.12 -40.92
C ASN A 116 37.68 20.72 -40.75
N GLY A 117 37.91 19.63 -40.03
CA GLY A 117 39.27 19.16 -39.78
C GLY A 117 39.27 18.21 -38.60
N TYR A 118 40.44 17.65 -38.28
CA TYR A 118 40.61 16.74 -37.16
C TYR A 118 41.09 17.67 -36.05
N GLY A 119 40.32 17.74 -35.00
CA GLY A 119 40.67 18.62 -33.90
C GLY A 119 41.57 17.93 -32.91
N LYS A 120 42.50 18.70 -32.38
CA LYS A 120 43.42 18.19 -31.39
C LYS A 120 43.57 19.30 -30.35
N ILE A 121 43.51 18.93 -29.07
CA ILE A 121 43.67 19.94 -28.01
C ILE A 121 45.18 20.24 -27.90
N THR A 122 45.54 21.44 -28.34
CA THR A 122 46.92 21.88 -28.33
C THR A 122 47.21 22.87 -27.19
N GLY A 123 46.28 22.95 -26.24
CA GLY A 123 46.46 23.86 -25.13
C GLY A 123 45.24 23.83 -24.25
N LYS A 124 45.39 24.31 -23.02
CA LYS A 124 44.29 24.34 -22.05
C LYS A 124 43.16 25.13 -22.69
N ASN A 125 43.49 26.18 -23.42
CA ASN A 125 42.47 26.98 -24.08
C ASN A 125 42.66 27.12 -25.59
N GLN A 126 43.07 26.04 -26.22
CA GLN A 126 43.30 26.02 -27.66
C GLN A 126 43.05 24.67 -28.34
N VAL A 127 42.37 24.72 -29.48
CA VAL A 127 42.09 23.53 -30.24
C VAL A 127 42.62 23.82 -31.65
N THR A 128 43.34 22.86 -32.23
CA THR A 128 43.86 23.02 -33.59
C THR A 128 43.27 21.96 -34.50
N ALA A 129 42.61 22.42 -35.55
CA ALA A 129 41.95 21.53 -36.50
C ALA A 129 42.75 21.46 -37.78
N THR A 130 43.13 20.24 -38.17
CA THR A 130 43.90 20.02 -39.38
C THR A 130 43.07 19.42 -40.49
N LYS A 131 42.95 20.14 -41.61
CA LYS A 131 42.19 19.65 -42.76
C LYS A 131 42.99 18.56 -43.49
N ALA A 132 42.33 17.80 -44.35
CA ALA A 132 42.99 16.72 -45.10
C ALA A 132 44.09 17.28 -45.99
N ASP A 133 43.93 18.54 -46.42
CA ASP A 133 44.91 19.20 -47.28
C ASP A 133 46.03 19.88 -46.49
N GLY A 134 46.32 19.36 -45.29
CA GLY A 134 47.36 19.96 -44.47
C GLY A 134 46.87 21.22 -43.79
N GLY A 135 45.77 21.78 -44.31
CA GLY A 135 45.19 22.99 -43.78
C GLY A 135 45.15 23.05 -42.25
N THR A 136 45.28 24.26 -41.74
CA THR A 136 45.28 24.47 -40.32
C THR A 136 44.41 25.65 -39.89
N GLN A 137 43.65 25.43 -38.81
CA GLN A 137 42.79 26.46 -38.20
C GLN A 137 42.89 26.31 -36.66
N VAL A 138 43.31 27.40 -36.02
CA VAL A 138 43.46 27.40 -34.58
C VAL A 138 42.26 28.09 -33.93
N ILE A 139 41.87 27.54 -32.79
CA ILE A 139 40.74 28.08 -32.05
C ILE A 139 41.11 28.29 -30.59
N ASP A 140 41.18 29.55 -30.19
CA ASP A 140 41.45 29.86 -28.79
C ASP A 140 40.04 29.94 -28.21
N THR A 141 39.84 29.18 -27.14
CA THR A 141 38.52 29.04 -26.56
C THR A 141 38.54 28.94 -25.02
N LYS A 142 37.52 29.49 -24.38
CA LYS A 142 37.42 29.44 -22.93
C LYS A 142 37.17 27.99 -22.49
N ASN A 143 36.26 27.32 -23.20
CA ASN A 143 35.92 25.94 -22.91
C ASN A 143 36.06 25.01 -24.11
N ILE A 144 36.18 23.72 -23.82
CA ILE A 144 36.31 22.68 -24.84
C ILE A 144 35.38 21.54 -24.42
N LEU A 145 34.54 21.11 -25.36
CA LEU A 145 33.63 20.04 -25.12
C LEU A 145 33.95 18.86 -26.03
N ILE A 146 34.50 17.83 -25.44
CA ILE A 146 34.84 16.66 -26.21
C ILE A 146 33.60 15.81 -26.44
N ALA A 147 33.27 15.63 -27.71
CA ALA A 147 32.12 14.84 -28.08
C ALA A 147 32.54 13.99 -29.27
N THR A 148 33.72 13.38 -29.14
CA THR A 148 34.28 12.58 -30.19
C THR A 148 33.60 11.25 -30.52
N GLY A 149 32.73 10.77 -29.63
CA GLY A 149 32.01 9.54 -29.93
C GLY A 149 32.66 8.16 -29.87
N SER A 150 32.31 7.36 -30.87
CA SER A 150 32.77 5.97 -30.98
C SER A 150 33.13 5.49 -32.39
N GLU A 151 33.54 4.23 -32.45
CA GLU A 151 33.91 3.51 -33.68
C GLU A 151 33.60 2.05 -33.40
N VAL A 152 33.44 1.24 -34.44
CA VAL A 152 33.14 -0.16 -34.26
C VAL A 152 34.32 -0.82 -33.56
N THR A 153 34.00 -1.76 -32.68
CA THR A 153 35.03 -2.50 -31.95
C THR A 153 35.53 -3.57 -32.91
N PRO A 154 36.85 -3.62 -33.14
CA PRO A 154 37.39 -4.64 -34.04
C PRO A 154 37.56 -6.02 -33.39
N PHE A 155 37.34 -7.05 -34.19
CA PHE A 155 37.46 -8.44 -33.75
C PHE A 155 38.87 -8.85 -34.17
N PRO A 156 39.78 -9.07 -33.21
CA PRO A 156 41.17 -9.45 -33.53
C PRO A 156 41.23 -10.80 -34.28
N GLY A 157 41.82 -10.78 -35.48
CA GLY A 157 41.91 -12.01 -36.24
C GLY A 157 41.11 -11.86 -37.52
N ILE A 158 39.90 -11.31 -37.40
CA ILE A 158 39.08 -11.09 -38.57
C ILE A 158 39.25 -9.64 -38.95
N THR A 159 39.52 -9.39 -40.23
CA THR A 159 39.68 -8.02 -40.67
C THR A 159 38.48 -7.73 -41.58
N ILE A 160 37.89 -6.57 -41.35
CA ILE A 160 36.71 -6.11 -42.05
C ILE A 160 37.07 -5.41 -43.36
N ASP A 161 36.37 -5.76 -44.44
CA ASP A 161 36.65 -5.11 -45.71
C ASP A 161 35.42 -4.35 -46.23
N GLU A 162 34.38 -4.33 -45.40
CA GLU A 162 33.13 -3.66 -45.73
C GLU A 162 32.59 -4.10 -47.08
N ASP A 163 32.90 -5.34 -47.45
CA ASP A 163 32.42 -5.93 -48.69
C ASP A 163 31.76 -7.28 -48.38
N THR A 164 32.53 -8.24 -47.85
CA THR A 164 31.99 -9.54 -47.50
C THR A 164 32.11 -9.75 -46.01
N ILE A 165 33.08 -9.04 -45.44
CA ILE A 165 33.30 -9.08 -44.01
C ILE A 165 33.04 -7.62 -43.65
N VAL A 166 31.83 -7.37 -43.14
CA VAL A 166 31.39 -6.03 -42.78
C VAL A 166 31.21 -5.67 -41.29
N SER A 167 31.07 -4.37 -41.06
CA SER A 167 30.80 -3.81 -39.74
C SER A 167 29.38 -3.31 -39.99
N SER A 168 28.78 -2.65 -39.02
CA SER A 168 27.43 -2.15 -39.24
C SER A 168 27.37 -1.23 -40.45
N THR A 169 28.47 -0.51 -40.72
CA THR A 169 28.50 0.42 -41.84
C THR A 169 28.31 -0.31 -43.18
N GLY A 170 29.09 -1.35 -43.41
CA GLY A 170 28.95 -2.11 -44.64
C GLY A 170 27.61 -2.83 -44.73
N ALA A 171 27.12 -3.33 -43.60
CA ALA A 171 25.84 -4.03 -43.60
C ALA A 171 24.72 -3.15 -44.11
N LEU A 172 24.78 -1.86 -43.78
CA LEU A 172 23.77 -0.91 -44.20
C LEU A 172 23.77 -0.61 -45.69
N SER A 173 24.84 -1.01 -46.38
CA SER A 173 24.97 -0.73 -47.82
C SER A 173 25.21 -1.91 -48.78
N LEU A 174 24.94 -3.13 -48.33
CA LEU A 174 25.12 -4.29 -49.19
C LEU A 174 24.54 -4.05 -50.59
N LYS A 175 25.31 -4.39 -51.62
CA LYS A 175 24.90 -4.19 -53.00
C LYS A 175 23.74 -5.09 -53.47
N LYS A 176 23.63 -6.26 -52.84
CA LYS A 176 22.55 -7.19 -53.14
C LYS A 176 22.29 -8.06 -51.92
N VAL A 177 21.13 -8.67 -51.87
CA VAL A 177 20.78 -9.50 -50.72
C VAL A 177 21.70 -10.73 -50.65
N PRO A 178 22.36 -10.94 -49.50
CA PRO A 178 23.24 -12.10 -49.39
C PRO A 178 22.41 -13.37 -49.18
N GLU A 179 22.86 -14.45 -49.80
CA GLU A 179 22.17 -15.74 -49.72
C GLU A 179 22.08 -16.23 -48.29
N LYS A 180 23.25 -16.34 -47.67
CA LYS A 180 23.38 -16.78 -46.30
C LYS A 180 24.20 -15.71 -45.57
N MET A 181 23.76 -15.32 -44.37
CA MET A 181 24.49 -14.33 -43.60
C MET A 181 24.61 -14.76 -42.17
N VAL A 182 25.74 -14.47 -41.56
CA VAL A 182 25.91 -14.81 -40.17
C VAL A 182 26.35 -13.57 -39.38
N VAL A 183 25.70 -13.30 -38.25
CA VAL A 183 26.02 -12.14 -37.43
C VAL A 183 26.73 -12.52 -36.13
N ILE A 184 27.87 -11.91 -35.89
CA ILE A 184 28.60 -12.19 -34.66
C ILE A 184 28.02 -11.27 -33.61
N GLY A 185 27.44 -11.83 -32.56
CA GLY A 185 26.86 -11.02 -31.51
C GLY A 185 25.38 -10.75 -31.75
N ALA A 186 24.60 -10.87 -30.67
CA ALA A 186 23.17 -10.65 -30.74
C ALA A 186 22.80 -9.45 -29.89
N GLY A 187 23.56 -8.37 -30.09
CA GLY A 187 23.27 -7.13 -29.40
C GLY A 187 22.19 -6.49 -30.22
N VAL A 188 21.66 -5.34 -29.78
CA VAL A 188 20.57 -4.65 -30.50
C VAL A 188 20.92 -4.36 -31.95
N ILE A 189 22.13 -3.87 -32.20
CA ILE A 189 22.53 -3.58 -33.57
C ILE A 189 22.51 -4.83 -34.47
N GLY A 190 23.13 -5.91 -33.97
CA GLY A 190 23.15 -7.14 -34.72
C GLY A 190 21.73 -7.63 -34.99
N VAL A 191 20.86 -7.59 -34.00
CA VAL A 191 19.50 -8.06 -34.20
C VAL A 191 18.78 -7.26 -35.28
N GLU A 192 18.85 -5.95 -35.19
CA GLU A 192 18.16 -5.10 -36.17
C GLU A 192 18.62 -5.35 -37.61
N LEU A 193 19.91 -5.23 -37.84
CA LEU A 193 20.45 -5.46 -39.17
C LEU A 193 20.14 -6.88 -39.62
N GLY A 194 20.37 -7.83 -38.73
CA GLY A 194 20.11 -9.20 -39.06
C GLY A 194 18.69 -9.40 -39.54
N SER A 195 17.75 -8.74 -38.88
CA SER A 195 16.36 -8.89 -39.26
C SER A 195 16.03 -8.15 -40.57
N VAL A 196 16.74 -7.06 -40.82
CA VAL A 196 16.51 -6.31 -42.05
C VAL A 196 16.70 -7.25 -43.25
N TRP A 197 17.89 -7.84 -43.33
CA TRP A 197 18.23 -8.74 -44.42
C TRP A 197 17.43 -10.04 -44.47
N GLN A 198 17.14 -10.59 -43.30
CA GLN A 198 16.34 -11.78 -43.20
C GLN A 198 15.04 -11.45 -43.94
N ARG A 199 14.44 -10.32 -43.62
CA ARG A 199 13.20 -9.92 -44.27
C ARG A 199 13.33 -9.88 -45.78
N LEU A 200 14.51 -9.47 -46.24
CA LEU A 200 14.74 -9.33 -47.67
C LEU A 200 15.19 -10.59 -48.40
N GLY A 201 15.03 -11.76 -47.78
CA GLY A 201 15.39 -12.99 -48.46
C GLY A 201 16.62 -13.74 -47.98
N ALA A 202 17.49 -13.08 -47.23
CA ALA A 202 18.70 -13.70 -46.72
C ALA A 202 18.49 -14.71 -45.58
N ASP A 203 19.23 -15.81 -45.62
CA ASP A 203 19.20 -16.86 -44.61
C ASP A 203 20.15 -16.32 -43.54
N VAL A 204 19.58 -15.99 -42.38
CA VAL A 204 20.38 -15.38 -41.35
C VAL A 204 20.52 -16.13 -40.05
N THR A 205 21.70 -16.02 -39.45
CA THR A 205 22.00 -16.62 -38.18
C THR A 205 22.94 -15.76 -37.35
N ALA A 206 22.55 -15.57 -36.08
CA ALA A 206 23.33 -14.78 -35.16
C ALA A 206 23.91 -15.72 -34.10
N VAL A 207 25.23 -15.64 -33.95
CA VAL A 207 25.96 -16.46 -32.99
C VAL A 207 26.35 -15.61 -31.81
N GLU A 208 25.67 -15.83 -30.69
CA GLU A 208 25.92 -15.08 -29.47
C GLU A 208 26.64 -15.91 -28.42
N PHE A 209 27.58 -15.27 -27.74
CA PHE A 209 28.38 -15.89 -26.69
C PHE A 209 27.60 -15.98 -25.37
N LEU A 210 26.62 -15.10 -25.21
CA LEU A 210 25.78 -15.03 -24.03
C LEU A 210 24.54 -15.86 -24.26
N GLY A 211 23.75 -16.09 -23.21
CA GLY A 211 22.56 -16.91 -23.34
C GLY A 211 21.26 -16.23 -23.82
N HIS A 212 21.26 -14.91 -23.91
CA HIS A 212 20.07 -14.23 -24.37
C HIS A 212 20.45 -13.35 -25.53
N VAL A 213 19.41 -12.82 -26.17
CA VAL A 213 19.59 -11.93 -27.30
C VAL A 213 19.08 -10.54 -26.86
N GLY A 214 19.69 -9.50 -27.44
CA GLY A 214 19.28 -8.14 -27.12
C GLY A 214 20.30 -7.33 -26.35
N GLY A 215 21.40 -7.96 -25.97
CA GLY A 215 22.43 -7.24 -25.25
C GLY A 215 22.26 -7.01 -23.75
N VAL A 216 23.00 -6.03 -23.23
CA VAL A 216 23.00 -5.66 -21.81
C VAL A 216 21.72 -4.97 -21.33
N GLY A 217 21.30 -5.30 -20.10
CA GLY A 217 20.13 -4.67 -19.50
C GLY A 217 18.71 -5.10 -19.89
N ILE A 218 18.54 -5.71 -21.06
CA ILE A 218 17.21 -6.14 -21.48
C ILE A 218 16.67 -7.10 -20.43
N ASP A 219 15.35 -7.08 -20.21
CA ASP A 219 14.76 -7.99 -19.25
C ASP A 219 14.77 -9.39 -19.84
N MET A 220 15.21 -10.36 -19.05
CA MET A 220 15.29 -11.73 -19.52
C MET A 220 14.00 -12.30 -20.09
N GLU A 221 12.88 -12.10 -19.41
CA GLU A 221 11.63 -12.64 -19.93
C GLU A 221 11.35 -12.05 -21.32
N ILE A 222 11.43 -10.73 -21.42
CA ILE A 222 11.20 -10.03 -22.68
C ILE A 222 12.14 -10.61 -23.76
N SER A 223 13.41 -10.77 -23.40
CA SER A 223 14.41 -11.28 -24.33
C SER A 223 14.08 -12.66 -24.88
N LYS A 224 13.62 -13.57 -24.02
CA LYS A 224 13.31 -14.90 -24.49
C LYS A 224 12.05 -14.87 -25.35
N ASN A 225 11.03 -14.12 -24.92
CA ASN A 225 9.82 -14.01 -25.72
C ASN A 225 10.06 -13.33 -27.06
N PHE A 226 11.05 -12.44 -27.07
CA PHE A 226 11.42 -11.71 -28.27
C PHE A 226 12.14 -12.65 -29.22
N GLN A 227 13.03 -13.46 -28.65
CA GLN A 227 13.82 -14.41 -29.41
C GLN A 227 12.88 -15.38 -30.06
N ARG A 228 11.94 -15.88 -29.28
CA ARG A 228 10.96 -16.82 -29.78
C ARG A 228 10.28 -16.27 -31.01
N ILE A 229 9.83 -15.01 -30.93
CA ILE A 229 9.13 -14.41 -32.06
C ILE A 229 10.02 -14.25 -33.29
N LEU A 230 11.29 -13.91 -33.05
CA LEU A 230 12.25 -13.72 -34.12
C LEU A 230 12.58 -15.04 -34.79
N GLN A 231 12.68 -16.12 -34.01
CA GLN A 231 12.99 -17.41 -34.59
C GLN A 231 11.83 -17.90 -35.41
N LYS A 232 10.61 -17.59 -34.95
CA LYS A 232 9.42 -17.99 -35.67
C LYS A 232 9.32 -17.22 -37.00
N GLN A 233 10.21 -16.25 -37.18
CA GLN A 233 10.24 -15.43 -38.40
C GLN A 233 11.32 -15.93 -39.36
N GLY A 234 12.24 -16.73 -38.86
CA GLY A 234 13.31 -17.26 -39.69
C GLY A 234 14.67 -16.87 -39.17
N PHE A 235 14.74 -15.87 -38.31
CA PHE A 235 16.00 -15.44 -37.75
C PHE A 235 16.48 -16.57 -36.84
N LYS A 236 17.62 -17.17 -37.14
CA LYS A 236 18.11 -18.26 -36.31
C LYS A 236 19.18 -17.77 -35.36
N PHE A 237 19.22 -18.37 -34.17
CA PHE A 237 20.20 -18.01 -33.16
C PHE A 237 21.01 -19.20 -32.66
N LYS A 238 22.27 -18.94 -32.40
CA LYS A 238 23.19 -19.91 -31.87
C LYS A 238 23.75 -19.19 -30.66
N LEU A 239 22.99 -19.27 -29.57
CA LEU A 239 23.39 -18.64 -28.33
C LEU A 239 24.44 -19.50 -27.63
N ASN A 240 25.06 -18.94 -26.60
CA ASN A 240 26.07 -19.64 -25.82
C ASN A 240 27.13 -20.27 -26.71
N THR A 241 27.49 -19.56 -27.77
CA THR A 241 28.46 -20.00 -28.76
C THR A 241 29.40 -18.85 -29.07
N LYS A 242 30.70 -19.15 -29.08
CA LYS A 242 31.74 -18.17 -29.36
C LYS A 242 32.25 -18.28 -30.79
N VAL A 243 32.42 -17.15 -31.47
CA VAL A 243 32.97 -17.14 -32.83
C VAL A 243 34.47 -16.97 -32.62
N THR A 244 35.25 -18.00 -32.92
CA THR A 244 36.69 -17.95 -32.71
C THR A 244 37.48 -17.26 -33.82
N GLY A 245 36.98 -17.33 -35.04
CA GLY A 245 37.67 -16.72 -36.15
C GLY A 245 37.00 -16.96 -37.46
N ALA A 246 37.52 -16.33 -38.51
CA ALA A 246 36.94 -16.48 -39.84
C ALA A 246 38.00 -16.32 -40.91
N THR A 247 37.75 -16.98 -42.03
CA THR A 247 38.66 -16.94 -43.15
C THR A 247 37.90 -17.16 -44.47
N LYS A 248 38.17 -16.31 -45.45
CA LYS A 248 37.50 -16.36 -46.75
C LYS A 248 38.03 -17.42 -47.72
N LYS A 249 37.12 -18.24 -48.23
CA LYS A 249 37.42 -19.31 -49.16
C LYS A 249 37.79 -18.85 -50.57
N SER A 250 38.62 -19.66 -51.23
CA SER A 250 39.10 -19.39 -52.59
C SER A 250 37.92 -19.29 -53.54
N ASP A 251 36.81 -19.88 -53.14
CA ASP A 251 35.60 -19.87 -53.93
C ASP A 251 34.85 -18.55 -53.75
N GLY A 252 35.07 -17.90 -52.61
CA GLY A 252 34.37 -16.63 -52.38
C GLY A 252 33.61 -16.57 -51.06
N LYS A 253 32.95 -17.68 -50.70
CA LYS A 253 32.21 -17.72 -49.45
C LYS A 253 33.19 -17.61 -48.27
N ILE A 254 32.66 -17.49 -47.07
CA ILE A 254 33.51 -17.35 -45.90
C ILE A 254 33.19 -18.38 -44.82
N ASP A 255 34.21 -19.01 -44.27
CA ASP A 255 34.02 -20.02 -43.21
C ASP A 255 34.25 -19.41 -41.84
N VAL A 256 33.29 -19.62 -40.95
CA VAL A 256 33.37 -19.10 -39.59
C VAL A 256 33.50 -20.25 -38.62
N SER A 257 34.61 -20.29 -37.89
CA SER A 257 34.81 -21.34 -36.91
C SER A 257 34.22 -20.87 -35.59
N ILE A 258 33.32 -21.69 -35.05
CA ILE A 258 32.66 -21.40 -33.78
C ILE A 258 32.81 -22.60 -32.84
N GLU A 259 32.25 -22.47 -31.64
CA GLU A 259 32.29 -23.52 -30.62
C GLU A 259 31.51 -23.03 -29.42
N ALA A 260 31.12 -23.98 -28.57
CA ALA A 260 30.37 -23.65 -27.37
C ALA A 260 31.10 -22.58 -26.58
N ALA A 261 30.34 -21.71 -25.93
CA ALA A 261 30.92 -20.68 -25.13
C ALA A 261 31.95 -21.16 -24.10
N SER A 262 31.80 -22.36 -23.51
CA SER A 262 32.79 -22.84 -22.56
C SER A 262 33.68 -23.84 -23.25
N GLY A 263 33.48 -25.12 -22.91
CA GLY A 263 34.28 -26.12 -23.58
C GLY A 263 33.81 -26.16 -25.04
N GLY A 264 34.67 -26.43 -26.03
CA GLY A 264 34.22 -26.45 -27.45
C GLY A 264 33.70 -27.64 -28.29
N LYS A 265 32.48 -27.48 -28.76
CA LYS A 265 31.85 -28.48 -29.65
C LYS A 265 32.17 -27.88 -31.03
N ALA A 266 33.43 -27.45 -31.13
CA ALA A 266 33.99 -26.80 -32.30
C ALA A 266 33.48 -27.21 -33.68
N GLU A 267 32.52 -26.47 -34.21
CA GLU A 267 32.01 -26.76 -35.55
C GLU A 267 32.29 -25.56 -36.46
N VAL A 268 31.87 -25.65 -37.71
CA VAL A 268 32.12 -24.58 -38.69
C VAL A 268 30.87 -24.28 -39.51
N ILE A 269 30.76 -23.05 -39.99
CA ILE A 269 29.61 -22.68 -40.77
C ILE A 269 30.07 -21.83 -41.93
N THR A 270 29.25 -21.73 -42.97
CA THR A 270 29.61 -20.95 -44.14
C THR A 270 28.50 -20.00 -44.54
N CYS A 271 28.91 -18.83 -45.04
CA CYS A 271 27.97 -17.76 -45.44
C CYS A 271 28.51 -16.86 -46.56
N ASP A 272 27.63 -16.02 -47.08
CA ASP A 272 27.97 -15.08 -48.14
C ASP A 272 28.59 -13.83 -47.54
N VAL A 273 28.02 -13.37 -46.43
CA VAL A 273 28.49 -12.18 -45.76
C VAL A 273 28.57 -12.39 -44.26
N LEU A 274 29.60 -11.82 -43.67
CA LEU A 274 29.82 -11.90 -42.24
C LEU A 274 29.76 -10.50 -41.62
N LEU A 275 28.85 -10.33 -40.66
CA LEU A 275 28.68 -9.06 -39.95
C LEU A 275 29.32 -9.13 -38.57
N VAL A 276 30.44 -8.43 -38.44
CA VAL A 276 31.17 -8.35 -37.17
C VAL A 276 30.49 -7.25 -36.37
N CYS A 277 29.69 -7.65 -35.39
CA CYS A 277 28.94 -6.72 -34.59
C CYS A 277 29.12 -7.01 -33.13
N ILE A 278 30.34 -6.83 -32.65
CA ILE A 278 30.62 -7.11 -31.27
C ILE A 278 30.77 -5.87 -30.41
N GLY A 279 30.18 -4.77 -30.85
CA GLY A 279 30.23 -3.55 -30.08
C GLY A 279 30.93 -2.36 -30.71
N ARG A 280 30.99 -1.27 -29.94
CA ARG A 280 31.62 -0.03 -30.33
C ARG A 280 32.42 0.39 -29.11
N ARG A 281 33.42 1.23 -29.31
CA ARG A 281 34.23 1.66 -28.19
C ARG A 281 34.49 3.17 -28.33
N PRO A 282 34.69 3.87 -27.20
CA PRO A 282 34.94 5.31 -27.26
C PRO A 282 36.13 5.70 -28.13
N PHE A 283 35.95 6.75 -28.94
CA PHE A 283 37.00 7.22 -29.84
C PHE A 283 37.67 8.51 -29.38
N THR A 284 38.94 8.44 -29.00
CA THR A 284 39.69 9.61 -28.51
C THR A 284 41.07 9.75 -29.17
N LYS A 285 41.22 9.12 -30.34
CA LYS A 285 42.47 9.11 -31.08
C LYS A 285 43.03 10.50 -31.36
N ASN A 286 44.30 10.67 -31.00
CA ASN A 286 45.04 11.93 -31.22
C ASN A 286 44.33 13.22 -30.83
N LEU A 287 43.52 13.14 -29.80
CA LEU A 287 42.80 14.29 -29.30
C LEU A 287 43.74 15.16 -28.45
N GLY A 288 44.84 14.56 -28.02
CA GLY A 288 45.83 15.28 -27.24
C GLY A 288 45.67 15.02 -25.76
N LEU A 289 44.80 14.09 -25.42
CA LEU A 289 44.54 13.77 -24.03
C LEU A 289 45.77 13.41 -23.20
N GLU A 290 46.65 12.57 -23.75
CA GLU A 290 47.82 12.13 -22.99
C GLU A 290 48.71 13.29 -22.59
N GLU A 291 48.77 14.32 -23.43
CA GLU A 291 49.59 15.49 -23.12
C GLU A 291 48.96 16.32 -21.99
N LEU A 292 47.65 16.54 -22.06
CA LEU A 292 46.94 17.33 -21.04
C LEU A 292 47.01 16.68 -19.67
N GLY A 293 47.11 15.35 -19.64
CA GLY A 293 47.16 14.62 -18.39
C GLY A 293 45.81 13.95 -18.11
N ILE A 294 44.95 13.94 -19.12
CA ILE A 294 43.63 13.35 -19.02
C ILE A 294 43.72 11.86 -19.36
N GLU A 295 43.84 11.04 -18.33
CA GLU A 295 43.94 9.61 -18.53
C GLU A 295 42.58 8.97 -18.75
N LEU A 296 42.54 7.98 -19.64
CA LEU A 296 41.30 7.26 -19.97
C LEU A 296 41.02 6.19 -18.92
N ASP A 297 39.79 5.69 -18.85
CA ASP A 297 39.53 4.63 -17.88
C ASP A 297 39.85 3.34 -18.61
N PRO A 298 39.60 2.17 -17.99
CA PRO A 298 39.91 0.90 -18.68
C PRO A 298 39.22 0.67 -20.02
N ARG A 299 37.95 1.06 -20.13
CA ARG A 299 37.22 0.88 -21.37
C ARG A 299 37.60 1.97 -22.37
N GLY A 300 38.51 2.86 -21.99
CA GLY A 300 38.92 3.91 -22.90
C GLY A 300 38.10 5.18 -22.84
N ARG A 301 37.19 5.26 -21.86
CA ARG A 301 36.33 6.43 -21.66
C ARG A 301 36.98 7.58 -20.86
N ILE A 302 36.51 8.79 -21.16
CA ILE A 302 37.00 9.98 -20.50
C ILE A 302 36.24 10.14 -19.20
N PRO A 303 36.92 10.05 -18.06
CA PRO A 303 36.19 10.21 -16.80
C PRO A 303 35.82 11.67 -16.50
N VAL A 304 34.60 11.89 -16.03
CA VAL A 304 34.11 13.24 -15.76
C VAL A 304 33.30 13.34 -14.47
N ASN A 305 33.16 14.55 -13.96
CA ASN A 305 32.39 14.75 -12.75
C ASN A 305 30.92 15.05 -13.10
N THR A 306 30.10 15.42 -12.10
CA THR A 306 28.68 15.67 -12.35
C THR A 306 28.31 16.84 -13.28
N ARG A 307 29.29 17.68 -13.62
CA ARG A 307 29.09 18.78 -14.55
C ARG A 307 29.73 18.41 -15.90
N PHE A 308 30.15 17.15 -15.99
CA PHE A 308 30.78 16.58 -17.18
C PHE A 308 32.19 17.10 -17.45
N GLN A 309 32.80 17.60 -16.36
CA GLN A 309 34.16 18.14 -16.36
C GLN A 309 35.24 17.07 -16.21
N THR A 310 36.21 17.11 -17.13
CA THR A 310 37.33 16.18 -17.08
C THR A 310 38.19 16.69 -15.92
N LYS A 311 39.35 16.11 -15.76
CA LYS A 311 40.31 16.49 -14.72
C LYS A 311 40.61 18.01 -14.86
N ILE A 312 40.55 18.51 -16.09
CA ILE A 312 40.79 19.93 -16.35
C ILE A 312 39.40 20.56 -16.51
N PRO A 313 38.91 21.23 -15.45
CA PRO A 313 37.61 21.90 -15.32
C PRO A 313 37.02 22.71 -16.48
N ASN A 314 37.82 23.18 -17.42
CA ASN A 314 37.24 23.92 -18.53
C ASN A 314 37.14 23.02 -19.75
N ILE A 315 37.53 21.75 -19.56
CA ILE A 315 37.49 20.73 -20.61
C ILE A 315 36.47 19.69 -20.15
N TYR A 316 35.48 19.50 -21.00
CA TYR A 316 34.39 18.61 -20.70
C TYR A 316 34.28 17.55 -21.78
N ALA A 317 33.53 16.49 -21.47
CA ALA A 317 33.29 15.40 -22.42
C ALA A 317 31.93 14.81 -22.11
N ILE A 318 31.20 14.46 -23.15
CA ILE A 318 29.87 13.88 -23.05
C ILE A 318 29.70 12.83 -24.17
N GLY A 319 28.56 12.13 -24.18
CA GLY A 319 28.30 11.16 -25.23
C GLY A 319 28.98 9.81 -25.16
N ASP A 320 29.15 9.15 -26.31
CA ASP A 320 29.77 7.83 -26.35
C ASP A 320 31.17 7.72 -25.76
N VAL A 321 31.89 8.82 -25.57
CA VAL A 321 33.21 8.69 -24.99
C VAL A 321 33.22 8.65 -23.48
N VAL A 322 32.08 8.93 -22.86
CA VAL A 322 32.02 8.91 -21.40
C VAL A 322 31.08 7.77 -20.97
N ALA A 323 31.03 7.50 -19.68
CA ALA A 323 30.19 6.42 -19.16
C ALA A 323 28.69 6.59 -19.42
N GLY A 324 27.95 5.50 -19.23
CA GLY A 324 26.52 5.52 -19.43
C GLY A 324 26.19 4.84 -20.73
N PRO A 325 24.92 4.46 -20.95
CA PRO A 325 24.50 3.79 -22.18
C PRO A 325 24.90 4.55 -23.43
N MET A 326 25.51 3.85 -24.38
CA MET A 326 25.95 4.46 -25.61
C MET A 326 24.80 4.57 -26.59
N LEU A 327 23.99 5.59 -26.36
CA LEU A 327 22.83 5.87 -27.19
C LEU A 327 22.69 7.34 -27.63
N ALA A 328 22.01 7.56 -28.75
CA ALA A 328 21.84 8.90 -29.29
C ALA A 328 21.15 9.88 -28.34
N HIS A 329 20.01 9.49 -27.78
CA HIS A 329 19.33 10.42 -26.89
C HIS A 329 20.11 10.70 -25.61
N LYS A 330 20.95 9.76 -25.20
CA LYS A 330 21.76 9.91 -24.00
C LYS A 330 22.82 10.96 -24.27
N ALA A 331 23.37 10.90 -25.48
CA ALA A 331 24.41 11.84 -25.89
C ALA A 331 23.85 13.26 -26.00
N GLU A 332 22.70 13.42 -26.64
CA GLU A 332 22.10 14.74 -26.81
C GLU A 332 21.74 15.40 -25.46
N ASP A 333 21.19 14.62 -24.53
CA ASP A 333 20.82 15.14 -23.21
C ASP A 333 22.05 15.62 -22.46
N GLU A 334 23.15 14.88 -22.58
CA GLU A 334 24.39 15.26 -21.90
C GLU A 334 24.99 16.51 -22.52
N GLY A 335 24.82 16.65 -23.83
CA GLY A 335 25.32 17.82 -24.49
C GLY A 335 24.58 19.03 -23.95
N ILE A 336 23.26 18.97 -23.95
CA ILE A 336 22.44 20.04 -23.44
C ILE A 336 22.65 20.43 -21.96
N ILE A 337 22.66 19.46 -21.06
CA ILE A 337 22.86 19.79 -19.66
C ILE A 337 24.28 20.25 -19.35
N CYS A 338 25.25 19.77 -20.12
CA CYS A 338 26.63 20.17 -19.90
C CYS A 338 26.79 21.68 -20.17
N VAL A 339 26.20 22.08 -21.28
CA VAL A 339 26.28 23.46 -21.71
C VAL A 339 25.44 24.36 -20.81
N GLU A 340 24.36 23.83 -20.25
CA GLU A 340 23.55 24.64 -19.33
C GLU A 340 24.36 24.86 -18.06
N GLY A 341 25.17 23.86 -17.71
CA GLY A 341 26.01 23.93 -16.53
C GLY A 341 27.05 25.01 -16.68
N MET A 342 27.63 25.07 -17.88
CA MET A 342 28.65 26.07 -18.24
C MET A 342 28.00 27.45 -18.06
N ALA A 343 26.68 27.51 -18.27
CA ALA A 343 25.89 28.74 -18.10
C ALA A 343 25.45 28.88 -16.62
N GLY A 344 25.94 27.98 -15.77
CA GLY A 344 25.61 28.06 -14.37
C GLY A 344 24.46 27.25 -13.79
N GLY A 345 23.60 26.69 -14.62
CA GLY A 345 22.46 25.94 -14.10
C GLY A 345 22.67 24.52 -13.61
N ALA A 346 21.64 23.93 -13.03
CA ALA A 346 21.76 22.58 -12.53
C ALA A 346 22.06 21.63 -13.70
N VAL A 347 22.70 20.51 -13.38
CA VAL A 347 23.08 19.50 -14.38
C VAL A 347 22.62 18.16 -13.82
N HIS A 348 21.59 17.58 -14.40
CA HIS A 348 21.08 16.32 -13.89
C HIS A 348 20.70 15.29 -14.92
N ILE A 349 21.08 14.05 -14.67
CA ILE A 349 20.70 12.98 -15.53
C ILE A 349 20.80 11.72 -14.74
N ASP A 350 19.78 10.90 -14.92
CA ASP A 350 19.69 9.63 -14.24
C ASP A 350 19.56 8.59 -15.35
N TYR A 351 20.66 7.86 -15.58
CA TYR A 351 20.71 6.84 -16.61
C TYR A 351 19.69 5.71 -16.47
N ASN A 352 18.99 5.69 -15.34
CA ASN A 352 17.96 4.69 -15.11
C ASN A 352 16.71 5.06 -15.92
N CYS A 353 16.53 6.34 -16.23
CA CYS A 353 15.36 6.83 -16.98
C CYS A 353 15.64 7.05 -18.48
N VAL A 354 16.79 6.53 -18.91
CA VAL A 354 17.22 6.61 -20.30
C VAL A 354 16.68 5.35 -20.98
N PRO A 355 15.59 5.49 -21.74
CA PRO A 355 15.01 4.33 -22.41
C PRO A 355 15.89 3.68 -23.46
N SER A 356 15.55 2.44 -23.81
CA SER A 356 16.22 1.63 -24.84
C SER A 356 15.18 1.13 -25.82
N VAL A 357 15.51 1.16 -27.10
CA VAL A 357 14.59 0.68 -28.13
C VAL A 357 15.24 -0.18 -29.20
N ILE A 358 14.55 -1.26 -29.55
CA ILE A 358 14.95 -2.16 -30.62
C ILE A 358 13.85 -1.96 -31.66
N TYR A 359 14.21 -1.37 -32.80
CA TYR A 359 13.23 -1.08 -33.84
C TYR A 359 12.83 -2.21 -34.78
N THR A 360 12.97 -3.45 -34.35
CA THR A 360 12.56 -4.56 -35.17
C THR A 360 11.02 -4.50 -35.19
N HIS A 361 10.38 -5.58 -35.62
CA HIS A 361 8.92 -5.70 -35.62
C HIS A 361 8.63 -7.13 -35.18
N PRO A 362 8.06 -7.33 -34.00
CA PRO A 362 7.64 -6.37 -32.98
C PRO A 362 8.78 -5.56 -32.45
N GLU A 363 8.47 -4.36 -31.97
CA GLU A 363 9.50 -3.52 -31.40
C GLU A 363 9.74 -3.98 -29.97
N VAL A 364 10.85 -3.53 -29.39
CA VAL A 364 11.19 -3.83 -28.01
C VAL A 364 11.67 -2.53 -27.37
N ALA A 365 11.11 -2.17 -26.21
CA ALA A 365 11.49 -0.94 -25.55
C ALA A 365 11.41 -1.00 -24.01
N TRP A 366 12.38 -0.39 -23.33
CA TRP A 366 12.33 -0.40 -21.87
C TRP A 366 13.05 0.79 -21.26
N VAL A 367 12.70 1.06 -20.00
CA VAL A 367 13.28 2.15 -19.23
C VAL A 367 13.12 1.73 -17.78
N GLY A 368 14.03 2.16 -16.90
CA GLY A 368 13.96 1.73 -15.52
C GLY A 368 14.64 0.38 -15.34
N LYS A 369 14.26 -0.43 -14.35
CA LYS A 369 14.95 -1.71 -14.12
C LYS A 369 14.35 -2.96 -14.72
N SER A 370 15.19 -3.99 -14.82
CA SER A 370 14.73 -5.28 -15.34
C SER A 370 14.50 -6.14 -14.11
N GLU A 371 13.79 -7.27 -14.25
CA GLU A 371 13.59 -8.12 -13.09
C GLU A 371 14.92 -8.50 -12.47
N GLU A 372 15.87 -8.89 -13.32
CA GLU A 372 17.17 -9.29 -12.83
C GLU A 372 17.84 -8.20 -12.01
N GLN A 373 17.74 -6.95 -12.44
CA GLN A 373 18.39 -5.86 -11.70
C GLN A 373 17.76 -5.66 -10.33
N LEU A 374 16.45 -5.80 -10.24
CA LEU A 374 15.81 -5.65 -8.96
C LEU A 374 16.26 -6.79 -8.04
N LYS A 375 16.30 -8.01 -8.56
CA LYS A 375 16.74 -9.12 -7.71
C LYS A 375 18.17 -8.94 -7.19
N GLU A 376 19.10 -8.56 -8.06
CA GLU A 376 20.47 -8.41 -7.59
C GLU A 376 20.62 -7.16 -6.72
N GLU A 377 19.52 -6.44 -6.57
CA GLU A 377 19.50 -5.23 -5.75
C GLU A 377 18.68 -5.45 -4.48
N GLY A 378 17.97 -6.57 -4.43
CA GLY A 378 17.17 -6.89 -3.26
C GLY A 378 15.82 -6.19 -3.15
N ILE A 379 15.48 -5.39 -4.14
CA ILE A 379 14.20 -4.68 -4.14
C ILE A 379 13.02 -5.64 -4.19
N GLU A 380 12.02 -5.40 -3.35
CA GLU A 380 10.84 -6.24 -3.35
C GLU A 380 9.88 -5.63 -4.35
N TYR A 381 9.31 -6.45 -5.24
CA TYR A 381 8.43 -5.88 -6.25
C TYR A 381 7.30 -6.75 -6.70
N LYS A 382 6.31 -6.12 -7.34
CA LYS A 382 5.15 -6.81 -7.88
C LYS A 382 5.23 -6.70 -9.41
N VAL A 383 4.44 -7.51 -10.10
CA VAL A 383 4.46 -7.54 -11.56
C VAL A 383 3.11 -7.52 -12.23
N GLY A 384 2.98 -6.65 -13.21
CA GLY A 384 1.74 -6.55 -13.97
C GLY A 384 2.05 -6.86 -15.42
N LYS A 385 1.20 -7.67 -16.04
CA LYS A 385 1.35 -8.06 -17.43
C LYS A 385 0.07 -7.92 -18.22
N PHE A 386 0.21 -7.45 -19.44
CA PHE A 386 -0.91 -7.33 -20.34
C PHE A 386 -0.41 -7.64 -21.73
N PRO A 387 -1.03 -8.64 -22.40
CA PRO A 387 -0.65 -9.05 -23.75
C PRO A 387 -1.32 -8.19 -24.82
N PHE A 388 -0.61 -7.91 -25.91
CA PHE A 388 -1.22 -7.09 -26.95
C PHE A 388 -2.37 -7.78 -27.64
N ALA A 389 -2.46 -9.10 -27.43
CA ALA A 389 -3.53 -9.88 -28.02
C ALA A 389 -4.87 -9.46 -27.42
N ALA A 390 -4.83 -8.84 -26.24
CA ALA A 390 -6.07 -8.40 -25.60
C ALA A 390 -6.29 -6.89 -25.73
N ASN A 391 -5.41 -6.21 -26.47
CA ASN A 391 -5.52 -4.76 -26.67
C ASN A 391 -6.26 -4.50 -27.97
N SER A 392 -7.31 -3.69 -27.91
CA SER A 392 -8.12 -3.44 -29.09
C SER A 392 -7.45 -2.85 -30.32
N ARG A 393 -6.69 -1.78 -30.17
CA ARG A 393 -6.03 -1.23 -31.35
C ARG A 393 -5.15 -2.30 -31.99
N ALA A 394 -4.50 -3.12 -31.18
CA ALA A 394 -3.64 -4.15 -31.73
C ALA A 394 -4.42 -5.25 -32.47
N LYS A 395 -5.62 -5.57 -31.99
CA LYS A 395 -6.42 -6.62 -32.60
C LYS A 395 -6.99 -6.12 -33.90
N THR A 396 -7.56 -4.92 -33.86
CA THR A 396 -8.16 -4.31 -35.04
C THR A 396 -7.11 -4.23 -36.16
N ASN A 397 -5.89 -3.89 -35.77
CA ASN A 397 -4.73 -3.77 -36.67
C ASN A 397 -4.22 -5.16 -37.09
N ALA A 398 -4.66 -6.20 -36.38
CA ALA A 398 -4.19 -7.56 -36.65
C ALA A 398 -2.66 -7.68 -36.52
N ASP A 399 -2.11 -7.10 -35.45
CA ASP A 399 -0.68 -7.12 -35.15
C ASP A 399 -0.66 -7.21 -33.63
N THR A 400 -0.96 -8.40 -33.13
CA THR A 400 -1.07 -8.68 -31.70
C THR A 400 0.13 -9.29 -30.96
N ASP A 401 1.29 -9.29 -31.60
CA ASP A 401 2.52 -9.81 -31.01
C ASP A 401 2.97 -9.11 -29.71
N GLY A 402 3.28 -9.87 -28.67
CA GLY A 402 3.80 -9.27 -27.44
C GLY A 402 2.98 -8.82 -26.24
N MET A 403 3.66 -8.10 -25.34
CA MET A 403 3.03 -7.62 -24.12
C MET A 403 3.73 -6.43 -23.44
N VAL A 404 3.05 -5.91 -22.43
CA VAL A 404 3.62 -4.85 -21.61
C VAL A 404 3.80 -5.47 -20.21
N LYS A 405 4.96 -5.25 -19.65
CA LYS A 405 5.27 -5.80 -18.34
C LYS A 405 5.76 -4.69 -17.43
N ILE A 406 4.97 -4.43 -16.40
CA ILE A 406 5.27 -3.41 -15.40
C ILE A 406 5.79 -3.99 -14.06
N LEU A 407 6.89 -3.41 -13.55
CA LEU A 407 7.50 -3.77 -12.28
C LEU A 407 7.30 -2.61 -11.27
N GLY A 408 6.53 -2.87 -10.21
CA GLY A 408 6.29 -1.84 -9.22
C GLY A 408 6.88 -2.19 -7.86
N GLN A 409 7.20 -1.19 -7.05
CA GLN A 409 7.74 -1.48 -5.73
C GLN A 409 6.59 -2.08 -4.89
N LYS A 410 6.89 -3.19 -4.26
CA LYS A 410 5.94 -3.94 -3.43
C LYS A 410 5.03 -3.09 -2.54
N SER A 411 5.60 -2.11 -1.84
CA SER A 411 4.79 -1.30 -0.95
C SER A 411 4.51 0.13 -1.39
N THR A 412 5.49 0.80 -2.00
CA THR A 412 5.29 2.17 -2.46
C THR A 412 4.43 2.23 -3.72
N ASP A 413 4.27 1.09 -4.38
CA ASP A 413 3.50 0.98 -5.62
C ASP A 413 4.14 1.79 -6.75
N ARG A 414 5.33 2.32 -6.50
CA ARG A 414 6.02 3.09 -7.54
C ARG A 414 6.58 2.23 -8.66
N VAL A 415 6.47 2.76 -9.87
CA VAL A 415 6.95 2.07 -11.05
C VAL A 415 8.47 2.07 -11.01
N LEU A 416 9.04 0.88 -11.21
CA LEU A 416 10.48 0.72 -11.19
C LEU A 416 11.02 0.42 -12.58
N GLY A 417 10.16 -0.17 -13.41
CA GLY A 417 10.57 -0.51 -14.76
C GLY A 417 9.37 -0.85 -15.65
N ALA A 418 9.54 -0.63 -16.93
CA ALA A 418 8.50 -0.90 -17.91
C ALA A 418 9.21 -1.56 -19.08
N HIS A 419 8.67 -2.67 -19.53
CA HIS A 419 9.27 -3.40 -20.62
C HIS A 419 8.15 -3.72 -21.61
N ILE A 420 8.36 -3.30 -22.85
CA ILE A 420 7.39 -3.48 -23.90
C ILE A 420 7.90 -4.27 -25.08
N LEU A 421 7.20 -5.37 -25.33
CA LEU A 421 7.53 -6.24 -26.43
C LEU A 421 6.28 -6.28 -27.30
N GLY A 422 6.38 -5.73 -28.51
CA GLY A 422 5.23 -5.75 -29.40
C GLY A 422 5.12 -4.48 -30.20
N PRO A 423 3.97 -4.20 -30.79
CA PRO A 423 3.78 -2.98 -31.60
C PRO A 423 3.81 -1.65 -30.86
N GLY A 424 4.39 -0.64 -31.49
CA GLY A 424 4.43 0.68 -30.87
C GLY A 424 5.34 0.87 -29.66
N ALA A 425 6.10 -0.17 -29.32
CA ALA A 425 6.99 -0.12 -28.16
C ALA A 425 7.87 1.12 -28.17
N GLY A 426 8.52 1.38 -29.30
CA GLY A 426 9.42 2.52 -29.41
C GLY A 426 8.85 3.85 -28.98
N GLU A 427 7.60 4.11 -29.39
CA GLU A 427 6.94 5.35 -29.02
C GLU A 427 6.37 5.29 -27.59
N MET A 428 5.92 4.11 -27.18
CA MET A 428 5.31 3.96 -25.88
C MET A 428 6.22 4.15 -24.67
N VAL A 429 7.50 3.84 -24.83
CA VAL A 429 8.46 3.92 -23.73
C VAL A 429 8.66 5.35 -23.24
N ASN A 430 8.36 6.30 -24.11
CA ASN A 430 8.51 7.68 -23.76
C ASN A 430 7.47 8.09 -22.74
N GLU A 431 6.31 7.45 -22.78
CA GLU A 431 5.27 7.76 -21.80
C GLU A 431 5.73 7.18 -20.45
N ALA A 432 6.28 5.97 -20.53
CA ALA A 432 6.79 5.29 -19.35
C ALA A 432 7.86 6.18 -18.75
N ALA A 433 8.73 6.70 -19.62
CA ALA A 433 9.83 7.56 -19.16
C ALA A 433 9.34 8.77 -18.38
N LEU A 434 8.25 9.36 -18.86
CA LEU A 434 7.70 10.50 -18.19
C LEU A 434 7.17 10.04 -16.85
N ALA A 435 6.61 8.83 -16.81
CA ALA A 435 6.10 8.33 -15.52
C ALA A 435 7.22 8.18 -14.46
N LEU A 436 8.33 7.55 -14.85
CA LEU A 436 9.46 7.37 -13.95
C LEU A 436 10.08 8.66 -13.43
N GLU A 437 10.09 9.70 -14.25
CA GLU A 437 10.67 10.98 -13.85
C GLU A 437 9.84 11.62 -12.76
N TYR A 438 8.53 11.46 -12.87
CA TYR A 438 7.64 12.03 -11.88
C TYR A 438 7.56 11.13 -10.66
N GLY A 439 8.12 9.93 -10.78
CA GLY A 439 8.07 9.00 -9.67
C GLY A 439 6.65 8.47 -9.56
N ALA A 440 6.06 8.18 -10.71
CA ALA A 440 4.70 7.68 -10.78
C ALA A 440 4.50 6.34 -10.11
N SER A 441 3.26 6.10 -9.72
CA SER A 441 2.86 4.84 -9.13
C SER A 441 2.03 4.11 -10.23
N CYS A 442 1.83 2.81 -10.06
CA CYS A 442 1.06 1.99 -10.99
C CYS A 442 -0.37 2.46 -10.97
N GLU A 443 -0.82 2.87 -9.79
CA GLU A 443 -2.17 3.35 -9.61
C GLU A 443 -2.34 4.66 -10.38
N ASP A 444 -1.36 5.57 -10.27
CA ASP A 444 -1.44 6.83 -10.99
C ASP A 444 -1.66 6.62 -12.48
N ILE A 445 -0.83 5.76 -13.06
CA ILE A 445 -0.89 5.48 -14.47
C ILE A 445 -2.19 4.82 -14.86
N ALA A 446 -2.58 3.80 -14.10
CA ALA A 446 -3.83 3.08 -14.35
C ALA A 446 -5.02 4.04 -14.42
N ARG A 447 -4.98 5.12 -13.63
CA ARG A 447 -6.07 6.09 -13.61
C ARG A 447 -6.00 7.24 -14.63
N VAL A 448 -4.89 7.37 -15.34
CA VAL A 448 -4.80 8.41 -16.37
C VAL A 448 -5.70 7.97 -17.54
N CYS A 449 -6.59 8.85 -17.98
CA CYS A 449 -7.46 8.49 -19.07
C CYS A 449 -6.67 8.27 -20.35
N HIS A 450 -6.69 7.04 -20.86
CA HIS A 450 -6.01 6.74 -22.10
C HIS A 450 -7.08 6.62 -23.18
N ALA A 451 -6.71 7.06 -24.38
CA ALA A 451 -7.61 7.06 -25.52
C ALA A 451 -7.90 5.66 -26.01
N HIS A 452 -9.15 5.44 -26.41
CA HIS A 452 -9.56 4.15 -26.94
C HIS A 452 -9.99 4.31 -28.40
N PRO A 453 -9.47 3.47 -29.29
CA PRO A 453 -8.51 2.39 -29.06
C PRO A 453 -7.04 2.72 -29.33
N THR A 454 -6.16 2.52 -28.36
CA THR A 454 -4.73 2.80 -28.57
C THR A 454 -3.84 1.77 -27.90
N LEU A 455 -2.69 1.51 -28.50
CA LEU A 455 -1.73 0.58 -27.95
C LEU A 455 -1.35 0.96 -26.51
N SER A 456 -1.40 2.25 -26.21
CA SER A 456 -1.01 2.71 -24.89
C SER A 456 -1.93 2.14 -23.81
N GLU A 457 -3.09 1.61 -24.22
CA GLU A 457 -4.01 1.04 -23.25
C GLU A 457 -3.41 -0.20 -22.59
N ALA A 458 -2.56 -0.91 -23.32
CA ALA A 458 -1.90 -2.09 -22.77
C ALA A 458 -1.03 -1.63 -21.61
N PHE A 459 -0.37 -0.49 -21.82
CA PHE A 459 0.52 0.10 -20.83
C PHE A 459 -0.28 0.42 -19.58
N ARG A 460 -1.45 0.98 -19.78
CA ARG A 460 -2.35 1.34 -18.69
C ARG A 460 -2.83 0.09 -17.91
N GLU A 461 -3.29 -0.93 -18.64
CA GLU A 461 -3.76 -2.19 -18.05
C GLU A 461 -2.67 -2.96 -17.30
N ALA A 462 -1.44 -2.91 -17.79
CA ALA A 462 -0.36 -3.62 -17.12
C ALA A 462 -0.05 -2.95 -15.77
N ASN A 463 -0.22 -1.64 -15.71
CA ASN A 463 0.04 -0.93 -14.47
C ASN A 463 -1.08 -1.26 -13.50
N LEU A 464 -2.29 -1.26 -14.02
CA LEU A 464 -3.45 -1.60 -13.22
C LEU A 464 -3.30 -3.03 -12.70
N ALA A 465 -2.85 -3.95 -13.54
CA ALA A 465 -2.67 -5.33 -13.09
C ALA A 465 -1.68 -5.34 -11.92
N ALA A 466 -0.59 -4.59 -12.05
CA ALA A 466 0.43 -4.50 -11.01
C ALA A 466 -0.13 -3.85 -9.75
N SER A 467 -1.00 -2.86 -9.94
CA SER A 467 -1.59 -2.12 -8.83
C SER A 467 -2.74 -2.84 -8.13
N PHE A 468 -3.85 -3.02 -8.85
CA PHE A 468 -5.05 -3.67 -8.32
C PHE A 468 -4.95 -5.20 -8.25
N GLY A 469 -4.15 -5.77 -9.15
CA GLY A 469 -3.99 -7.21 -9.19
C GLY A 469 -4.49 -7.81 -10.47
N LYS A 470 -5.49 -7.18 -11.08
CA LYS A 470 -6.08 -7.66 -12.32
C LYS A 470 -6.28 -6.48 -13.26
N SER A 471 -6.11 -6.70 -14.55
CA SER A 471 -6.37 -5.62 -15.49
C SER A 471 -7.88 -5.78 -15.80
N ILE A 472 -8.38 -5.14 -16.85
CA ILE A 472 -9.80 -5.27 -17.15
C ILE A 472 -10.05 -6.21 -18.33
N ASN A 473 -9.24 -6.10 -19.37
CA ASN A 473 -9.44 -6.90 -20.56
C ASN A 473 -8.62 -8.17 -20.66
N PHE A 474 -8.16 -8.66 -19.51
CA PHE A 474 -7.40 -9.89 -19.47
C PHE A 474 -7.39 -10.45 -18.05
N PRO B 4 -36.86 -15.27 -12.70
CA PRO B 4 -36.70 -14.99 -11.24
C PRO B 4 -35.22 -15.06 -10.86
N ILE B 5 -34.53 -13.92 -10.78
CA ILE B 5 -33.09 -13.89 -10.45
C ILE B 5 -32.63 -12.63 -9.69
N ASP B 6 -31.55 -12.72 -8.91
CA ASP B 6 -31.10 -11.57 -8.12
C ASP B 6 -29.63 -11.16 -8.21
N ALA B 7 -29.36 -9.91 -7.84
CA ALA B 7 -28.01 -9.36 -7.90
C ALA B 7 -27.74 -8.06 -7.12
N ASP B 8 -26.47 -7.68 -7.09
CA ASP B 8 -25.97 -6.47 -6.44
C ASP B 8 -26.00 -5.28 -7.39
N VAL B 9 -25.27 -5.46 -8.50
CA VAL B 9 -25.19 -4.46 -9.54
C VAL B 9 -25.74 -5.05 -10.85
N THR B 10 -26.70 -4.37 -11.42
CA THR B 10 -27.30 -4.80 -12.68
C THR B 10 -27.04 -3.66 -13.67
N VAL B 11 -26.24 -3.94 -14.69
CA VAL B 11 -25.92 -2.93 -15.68
C VAL B 11 -26.59 -3.21 -17.03
N ILE B 12 -27.26 -2.19 -17.54
CA ILE B 12 -27.97 -2.28 -18.81
C ILE B 12 -27.11 -1.69 -19.91
N GLY B 13 -26.53 -2.55 -20.73
CA GLY B 13 -25.70 -2.11 -21.83
C GLY B 13 -24.33 -2.77 -21.79
N SER B 14 -23.91 -3.38 -22.88
CA SER B 14 -22.61 -4.02 -22.91
C SER B 14 -21.63 -3.19 -23.75
N GLY B 15 -21.77 -1.88 -23.69
CA GLY B 15 -20.87 -1.01 -24.43
C GLY B 15 -19.62 -0.71 -23.62
N PRO B 16 -18.69 0.13 -24.13
CA PRO B 16 -17.46 0.47 -23.41
C PRO B 16 -17.73 0.81 -21.95
N GLY B 17 -18.78 1.57 -21.69
CA GLY B 17 -19.10 1.90 -20.31
C GLY B 17 -19.62 0.70 -19.54
N GLY B 18 -20.57 0.01 -20.14
CA GLY B 18 -21.20 -1.14 -19.51
C GLY B 18 -20.38 -2.38 -19.18
N TYR B 19 -19.76 -2.97 -20.21
CA TYR B 19 -18.98 -4.18 -20.01
C TYR B 19 -17.77 -3.97 -19.11
N VAL B 20 -17.23 -2.76 -19.13
CA VAL B 20 -16.08 -2.46 -18.29
C VAL B 20 -16.58 -2.27 -16.85
N ALA B 21 -17.71 -1.61 -16.71
CA ALA B 21 -18.31 -1.39 -15.39
C ALA B 21 -18.66 -2.74 -14.77
N ALA B 22 -19.38 -3.56 -15.55
CA ALA B 22 -19.79 -4.89 -15.11
C ALA B 22 -18.59 -5.67 -14.56
N ILE B 23 -17.54 -5.80 -15.39
CA ILE B 23 -16.32 -6.51 -15.02
C ILE B 23 -15.71 -5.97 -13.72
N LYS B 24 -15.49 -4.66 -13.67
CA LYS B 24 -14.91 -4.04 -12.48
C LYS B 24 -15.83 -4.21 -11.26
N ALA B 25 -17.14 -4.27 -11.47
CA ALA B 25 -18.07 -4.44 -10.37
C ALA B 25 -17.82 -5.84 -9.79
N ALA B 26 -17.74 -6.83 -10.67
CA ALA B 26 -17.51 -8.21 -10.27
C ALA B 26 -16.16 -8.35 -9.54
N GLN B 27 -15.11 -7.75 -10.09
CA GLN B 27 -13.79 -7.81 -9.50
C GLN B 27 -13.74 -7.14 -8.13
N LEU B 28 -14.80 -6.42 -7.81
CA LEU B 28 -14.88 -5.71 -6.54
C LEU B 28 -15.61 -6.50 -5.46
N GLY B 29 -16.27 -7.59 -5.87
CA GLY B 29 -17.01 -8.42 -4.93
C GLY B 29 -18.53 -8.22 -5.02
N PHE B 30 -19.01 -7.83 -6.20
CA PHE B 30 -20.43 -7.63 -6.39
C PHE B 30 -20.99 -8.78 -7.21
N LYS B 31 -22.26 -9.07 -6.99
CA LYS B 31 -22.97 -10.10 -7.75
C LYS B 31 -23.43 -9.22 -8.92
N THR B 32 -22.76 -9.37 -10.06
CA THR B 32 -23.06 -8.55 -11.22
C THR B 32 -23.72 -9.24 -12.40
N VAL B 33 -24.74 -8.57 -12.93
CA VAL B 33 -25.48 -9.04 -14.09
C VAL B 33 -25.50 -7.92 -15.16
N CYS B 34 -25.14 -8.27 -16.39
CA CYS B 34 -25.13 -7.31 -17.51
C CYS B 34 -26.21 -7.69 -18.50
N ILE B 35 -27.06 -6.72 -18.84
CA ILE B 35 -28.17 -6.90 -19.78
C ILE B 35 -27.88 -6.27 -21.16
N GLU B 36 -28.01 -7.07 -22.23
CA GLU B 36 -27.74 -6.58 -23.59
C GLU B 36 -28.87 -6.92 -24.58
N LYS B 37 -29.33 -5.91 -25.32
CA LYS B 37 -30.39 -6.13 -26.29
C LYS B 37 -29.94 -6.72 -27.64
N ASN B 38 -28.68 -6.51 -28.03
CA ASN B 38 -28.20 -7.01 -29.33
C ASN B 38 -27.56 -8.41 -29.37
N GLU B 39 -27.38 -8.91 -30.59
CA GLU B 39 -26.80 -10.24 -30.83
C GLU B 39 -25.39 -10.45 -30.32
N THR B 40 -24.70 -9.34 -30.00
CA THR B 40 -23.32 -9.39 -29.51
C THR B 40 -23.07 -8.37 -28.42
N LEU B 41 -21.96 -8.53 -27.70
CA LEU B 41 -21.62 -7.59 -26.64
C LEU B 41 -20.63 -6.58 -27.20
N GLY B 42 -20.48 -5.42 -26.56
CA GLY B 42 -19.50 -4.48 -27.06
C GLY B 42 -20.03 -3.11 -27.43
N GLY B 43 -21.34 -3.00 -27.60
CA GLY B 43 -21.95 -1.74 -27.93
C GLY B 43 -21.62 -1.17 -29.29
N THR B 44 -21.88 0.12 -29.41
CA THR B 44 -21.63 0.86 -30.64
C THR B 44 -20.17 0.79 -31.07
N CYS B 45 -19.26 1.07 -30.13
CA CYS B 45 -17.84 1.08 -30.45
C CYS B 45 -17.31 -0.17 -31.12
N LEU B 46 -17.56 -1.32 -30.51
CA LEU B 46 -17.06 -2.57 -31.06
C LEU B 46 -17.75 -3.14 -32.31
N ASN B 47 -19.06 -3.02 -32.39
CA ASN B 47 -19.82 -3.57 -33.52
C ASN B 47 -20.01 -2.65 -34.72
N VAL B 48 -20.39 -1.40 -34.50
CA VAL B 48 -20.59 -0.46 -35.59
C VAL B 48 -19.88 0.88 -35.37
N GLY B 49 -18.77 0.89 -34.64
CA GLY B 49 -18.09 2.15 -34.39
C GLY B 49 -16.59 2.13 -34.49
N CYS B 50 -15.93 2.47 -33.38
CA CYS B 50 -14.46 2.53 -33.30
C CYS B 50 -13.72 1.36 -33.91
N ILE B 51 -14.10 0.17 -33.49
CA ILE B 51 -13.37 -0.96 -33.96
C ILE B 51 -13.46 -1.19 -35.46
N PRO B 52 -14.68 -1.36 -36.00
CA PRO B 52 -14.74 -1.57 -37.44
C PRO B 52 -14.15 -0.40 -38.26
N SER B 53 -14.32 0.83 -37.80
CA SER B 53 -13.78 1.95 -38.56
C SER B 53 -12.23 2.11 -38.52
N LYS B 54 -11.62 1.77 -37.38
CA LYS B 54 -10.17 1.87 -37.29
C LYS B 54 -9.55 0.78 -38.19
N ALA B 55 -10.26 -0.35 -38.32
CA ALA B 55 -9.78 -1.46 -39.16
C ALA B 55 -9.82 -1.01 -40.61
N LEU B 56 -10.97 -0.49 -41.04
CA LEU B 56 -11.08 0.03 -42.40
C LEU B 56 -10.05 1.15 -42.61
N LEU B 57 -9.91 2.07 -41.65
CA LEU B 57 -8.90 3.13 -41.80
C LEU B 57 -7.49 2.55 -41.97
N ASN B 58 -7.17 1.52 -41.18
CA ASN B 58 -5.83 0.92 -41.26
C ASN B 58 -5.62 0.23 -42.62
N ASN B 59 -6.59 -0.55 -43.05
CA ASN B 59 -6.47 -1.25 -44.32
C ASN B 59 -6.44 -0.32 -45.54
N SER B 60 -7.21 0.77 -45.46
CA SER B 60 -7.27 1.69 -46.58
C SER B 60 -6.02 2.50 -46.72
N HIS B 61 -5.34 2.70 -45.61
CA HIS B 61 -4.12 3.47 -45.67
C HIS B 61 -3.02 2.63 -46.32
N TYR B 62 -3.02 1.33 -46.02
CA TYR B 62 -2.04 0.44 -46.58
C TYR B 62 -2.34 0.22 -48.07
N TYR B 63 -3.63 0.19 -48.41
CA TYR B 63 -3.99 0.03 -49.81
C TYR B 63 -3.44 1.26 -50.54
N HIS B 64 -3.62 2.43 -49.93
CA HIS B 64 -3.14 3.67 -50.50
C HIS B 64 -1.62 3.71 -50.62
N MET B 65 -0.92 3.24 -49.60
CA MET B 65 0.54 3.26 -49.68
C MET B 65 1.04 2.28 -50.75
N ALA B 66 0.30 1.19 -50.98
CA ALA B 66 0.68 0.18 -51.97
C ALA B 66 0.26 0.54 -53.40
N HIS B 67 -1.00 0.93 -53.56
CA HIS B 67 -1.55 1.29 -54.85
C HIS B 67 -1.02 2.65 -55.30
N GLY B 68 -0.71 3.49 -54.30
CA GLY B 68 -0.18 4.80 -54.57
C GLY B 68 1.28 4.70 -54.92
N THR B 69 2.03 5.76 -54.63
CA THR B 69 3.43 5.81 -54.96
C THR B 69 4.41 5.63 -53.80
N ASP B 70 3.89 5.61 -52.57
CA ASP B 70 4.79 5.48 -51.45
C ASP B 70 5.64 4.22 -51.48
N PHE B 71 5.02 3.07 -51.70
CA PHE B 71 5.75 1.80 -51.72
C PHE B 71 6.80 1.66 -52.80
N ALA B 72 6.52 2.26 -53.95
CA ALA B 72 7.49 2.21 -55.05
C ALA B 72 8.75 3.01 -54.68
N SER B 73 8.59 4.13 -53.99
CA SER B 73 9.75 4.93 -53.63
C SER B 73 10.64 4.18 -52.63
N ARG B 74 10.12 3.10 -52.07
CA ARG B 74 10.84 2.30 -51.07
C ARG B 74 11.50 1.04 -51.60
N GLY B 75 11.37 0.80 -52.90
CA GLY B 75 11.96 -0.39 -53.48
C GLY B 75 11.01 -1.57 -53.42
N ILE B 76 9.75 -1.31 -53.14
CA ILE B 76 8.76 -2.39 -53.10
C ILE B 76 7.94 -2.21 -54.38
N GLU B 77 8.49 -2.68 -55.50
CA GLU B 77 7.83 -2.57 -56.80
C GLU B 77 6.81 -3.67 -57.05
N MET B 78 5.63 -3.29 -57.49
CA MET B 78 4.57 -4.25 -57.74
C MET B 78 3.91 -3.93 -59.05
N SER B 79 3.61 -4.97 -59.81
CA SER B 79 3.01 -4.79 -61.12
C SER B 79 1.62 -4.16 -61.06
N GLU B 80 0.67 -4.90 -60.50
CA GLU B 80 -0.70 -4.40 -60.40
C GLU B 80 -1.17 -4.49 -58.96
N VAL B 81 -1.90 -3.50 -58.51
CA VAL B 81 -2.42 -3.47 -57.16
C VAL B 81 -3.93 -3.31 -57.21
N ARG B 82 -4.65 -4.37 -56.87
CA ARG B 82 -6.09 -4.33 -56.91
C ARG B 82 -6.76 -4.44 -55.54
N LEU B 83 -7.91 -3.77 -55.41
CA LEU B 83 -8.65 -3.78 -54.16
C LEU B 83 -9.72 -4.85 -54.04
N ASN B 84 -9.46 -5.87 -53.24
CA ASN B 84 -10.45 -6.91 -53.01
C ASN B 84 -11.30 -6.40 -51.82
N LEU B 85 -12.29 -5.55 -52.11
CA LEU B 85 -13.12 -5.02 -51.06
C LEU B 85 -13.71 -6.09 -50.14
N ASP B 86 -14.04 -7.24 -50.72
CA ASP B 86 -14.63 -8.35 -49.96
C ASP B 86 -13.75 -8.83 -48.83
N LYS B 87 -12.47 -8.97 -49.11
CA LYS B 87 -11.52 -9.44 -48.12
C LYS B 87 -11.16 -8.35 -47.10
N MET B 88 -11.13 -7.10 -47.54
CA MET B 88 -10.82 -6.00 -46.65
C MET B 88 -11.91 -5.93 -45.59
N MET B 89 -13.16 -6.19 -45.98
CA MET B 89 -14.25 -6.17 -45.00
C MET B 89 -14.12 -7.39 -44.10
N GLU B 90 -13.67 -8.50 -44.67
CA GLU B 90 -13.50 -9.71 -43.90
C GLU B 90 -12.55 -9.44 -42.72
N GLN B 91 -11.36 -8.93 -43.01
CA GLN B 91 -10.36 -8.60 -41.98
C GLN B 91 -11.01 -7.77 -40.88
N LYS B 92 -11.83 -6.81 -41.29
CA LYS B 92 -12.58 -5.96 -40.38
C LYS B 92 -13.48 -6.86 -39.53
N SER B 93 -14.39 -7.59 -40.19
CA SER B 93 -15.32 -8.50 -39.53
C SER B 93 -14.68 -9.45 -38.54
N THR B 94 -13.52 -9.97 -38.88
CA THR B 94 -12.80 -10.88 -38.00
C THR B 94 -12.47 -10.19 -36.70
N ALA B 95 -11.73 -9.09 -36.81
CA ALA B 95 -11.36 -8.31 -35.65
C ALA B 95 -12.56 -8.10 -34.73
N VAL B 96 -13.68 -7.68 -35.32
CA VAL B 96 -14.87 -7.42 -34.53
C VAL B 96 -15.34 -8.67 -33.84
N LYS B 97 -15.48 -9.75 -34.59
CA LYS B 97 -15.93 -11.01 -34.03
C LYS B 97 -15.03 -11.43 -32.85
N ALA B 98 -13.72 -11.45 -33.08
CA ALA B 98 -12.76 -11.83 -32.04
C ALA B 98 -12.97 -11.01 -30.77
N LEU B 99 -12.97 -9.70 -30.90
CA LEU B 99 -13.15 -8.82 -29.75
C LEU B 99 -14.49 -8.98 -29.05
N THR B 100 -15.52 -9.33 -29.80
CA THR B 100 -16.84 -9.51 -29.18
C THR B 100 -16.83 -10.77 -28.36
N GLY B 101 -16.13 -11.79 -28.85
CA GLY B 101 -16.07 -13.04 -28.12
C GLY B 101 -15.21 -12.88 -26.90
N GLY B 102 -14.26 -11.97 -27.00
CA GLY B 102 -13.35 -11.67 -25.91
C GLY B 102 -14.09 -11.13 -24.72
N ILE B 103 -15.19 -10.44 -24.98
CA ILE B 103 -15.99 -9.88 -23.89
C ILE B 103 -16.88 -10.96 -23.32
N ALA B 104 -17.15 -11.98 -24.12
CA ALA B 104 -17.95 -13.11 -23.68
C ALA B 104 -17.07 -13.89 -22.69
N HIS B 105 -15.82 -14.08 -23.06
CA HIS B 105 -14.90 -14.80 -22.20
C HIS B 105 -14.60 -14.05 -20.91
N LEU B 106 -14.39 -12.74 -21.05
CA LEU B 106 -14.11 -11.89 -19.91
C LEU B 106 -15.29 -11.88 -18.94
N PHE B 107 -16.50 -11.73 -19.46
CA PHE B 107 -17.69 -11.71 -18.60
C PHE B 107 -17.72 -13.05 -17.88
N LYS B 108 -17.41 -14.10 -18.62
CA LYS B 108 -17.39 -15.45 -18.05
C LYS B 108 -16.35 -15.56 -16.95
N GLN B 109 -15.12 -15.18 -17.28
CA GLN B 109 -14.00 -15.22 -16.36
C GLN B 109 -14.24 -14.48 -15.06
N ASN B 110 -14.97 -13.39 -15.11
CA ASN B 110 -15.25 -12.61 -13.91
C ASN B 110 -16.63 -12.96 -13.36
N LYS B 111 -17.18 -14.07 -13.83
CA LYS B 111 -18.49 -14.53 -13.39
C LYS B 111 -19.55 -13.45 -13.40
N VAL B 112 -19.62 -12.73 -14.52
CA VAL B 112 -20.63 -11.71 -14.71
C VAL B 112 -21.75 -12.44 -15.44
N VAL B 113 -22.98 -12.23 -15.00
CA VAL B 113 -24.12 -12.88 -15.60
C VAL B 113 -24.68 -12.11 -16.80
N HIS B 114 -24.62 -12.75 -17.97
CA HIS B 114 -25.09 -12.15 -19.21
C HIS B 114 -26.54 -12.50 -19.57
N VAL B 115 -27.40 -11.49 -19.50
CA VAL B 115 -28.81 -11.61 -19.84
C VAL B 115 -29.02 -11.02 -21.23
N ASN B 116 -29.53 -11.82 -22.16
CA ASN B 116 -29.77 -11.40 -23.56
C ASN B 116 -31.20 -10.89 -23.82
N GLY B 117 -31.43 -9.58 -23.67
CA GLY B 117 -32.77 -9.04 -23.87
C GLY B 117 -32.87 -7.55 -23.74
N TYR B 118 -34.02 -6.98 -24.07
CA TYR B 118 -34.22 -5.53 -23.98
C TYR B 118 -34.68 -5.19 -22.58
N GLY B 119 -33.77 -4.66 -21.78
CA GLY B 119 -34.10 -4.34 -20.41
C GLY B 119 -34.94 -3.08 -20.20
N LYS B 120 -35.62 -3.06 -19.06
CA LYS B 120 -36.44 -1.94 -18.67
C LYS B 120 -36.49 -1.84 -17.14
N ILE B 121 -36.38 -0.63 -16.61
CA ILE B 121 -36.45 -0.47 -15.16
C ILE B 121 -37.92 -0.59 -14.79
N THR B 122 -38.28 -1.75 -14.28
CA THR B 122 -39.65 -2.04 -13.88
C THR B 122 -39.89 -1.67 -12.42
N GLY B 123 -38.85 -1.82 -11.61
CA GLY B 123 -38.97 -1.49 -10.20
C GLY B 123 -37.69 -0.81 -9.75
N LYS B 124 -37.80 0.09 -8.77
CA LYS B 124 -36.64 0.82 -8.27
C LYS B 124 -35.50 -0.08 -7.81
N ASN B 125 -35.76 -1.37 -7.71
CA ASN B 125 -34.73 -2.33 -7.35
C ASN B 125 -34.93 -3.52 -8.23
N GLN B 126 -35.64 -3.31 -9.32
CA GLN B 126 -35.93 -4.37 -10.26
C GLN B 126 -35.79 -3.95 -11.72
N VAL B 127 -35.32 -4.89 -12.53
CA VAL B 127 -35.15 -4.67 -13.97
C VAL B 127 -35.62 -5.94 -14.67
N THR B 128 -36.56 -5.78 -15.59
CA THR B 128 -37.13 -6.89 -16.34
C THR B 128 -36.62 -6.85 -17.76
N ALA B 129 -35.99 -7.94 -18.20
CA ALA B 129 -35.44 -8.02 -19.54
C ALA B 129 -36.27 -8.87 -20.51
N THR B 130 -37.04 -8.22 -21.37
CA THR B 130 -37.89 -8.92 -22.33
C THR B 130 -37.14 -9.39 -23.57
N LYS B 131 -36.86 -10.69 -23.62
CA LYS B 131 -36.15 -11.26 -24.75
C LYS B 131 -36.85 -11.07 -26.08
N ALA B 132 -36.27 -11.67 -27.11
CA ALA B 132 -36.82 -11.58 -28.45
C ALA B 132 -38.18 -12.27 -28.54
N ASP B 133 -38.20 -13.55 -28.21
CA ASP B 133 -39.40 -14.37 -28.28
C ASP B 133 -40.48 -14.00 -27.25
N GLY B 134 -40.34 -12.86 -26.62
CA GLY B 134 -41.33 -12.44 -25.63
C GLY B 134 -41.05 -12.96 -24.22
N GLY B 135 -40.33 -14.08 -24.12
CA GLY B 135 -40.00 -14.64 -22.83
C GLY B 135 -39.25 -13.61 -22.00
N THR B 136 -39.47 -13.58 -20.69
CA THR B 136 -38.81 -12.60 -19.86
C THR B 136 -37.79 -13.13 -18.85
N GLN B 137 -37.33 -12.24 -17.99
CA GLN B 137 -36.36 -12.54 -16.96
C GLN B 137 -36.34 -11.33 -16.05
N VAL B 138 -36.75 -11.53 -14.80
CA VAL B 138 -36.77 -10.43 -13.86
C VAL B 138 -35.48 -10.43 -13.06
N ILE B 139 -35.06 -9.24 -12.65
CA ILE B 139 -33.86 -9.09 -11.87
C ILE B 139 -34.01 -8.09 -10.75
N ASP B 140 -33.85 -8.58 -9.53
CA ASP B 140 -33.92 -7.73 -8.36
C ASP B 140 -32.50 -7.40 -7.99
N THR B 141 -32.27 -6.12 -7.78
CA THR B 141 -30.95 -5.67 -7.49
C THR B 141 -30.98 -4.47 -6.58
N LYS B 142 -29.82 -4.22 -5.98
CA LYS B 142 -29.65 -3.11 -5.07
C LYS B 142 -29.38 -1.85 -5.90
N ASN B 143 -28.56 -2.01 -6.94
CA ASN B 143 -28.23 -0.90 -7.80
C ASN B 143 -28.48 -1.20 -9.27
N ILE B 144 -28.84 -0.16 -10.00
CA ILE B 144 -29.07 -0.24 -11.44
C ILE B 144 -28.14 0.80 -12.08
N LEU B 145 -27.33 0.34 -13.03
CA LEU B 145 -26.40 1.20 -13.75
C LEU B 145 -26.80 1.23 -15.20
N ILE B 146 -27.34 2.37 -15.63
CA ILE B 146 -27.76 2.59 -17.00
C ILE B 146 -26.55 2.98 -17.88
N ALA B 147 -26.23 2.13 -18.87
CA ALA B 147 -25.11 2.38 -19.81
C ALA B 147 -25.62 2.08 -21.23
N THR B 148 -26.80 2.60 -21.52
CA THR B 148 -27.47 2.40 -22.79
C THR B 148 -26.82 3.07 -24.01
N GLY B 149 -25.96 4.06 -23.80
CA GLY B 149 -25.29 4.69 -24.93
C GLY B 149 -26.05 5.64 -25.83
N SER B 150 -25.82 5.53 -27.13
CA SER B 150 -26.45 6.43 -28.09
C SER B 150 -26.83 5.76 -29.39
N GLU B 151 -27.37 6.58 -30.30
CA GLU B 151 -27.76 6.13 -31.64
C GLU B 151 -27.50 7.29 -32.61
N VAL B 152 -27.56 6.99 -33.92
CA VAL B 152 -27.36 8.00 -34.95
C VAL B 152 -28.49 9.04 -34.86
N THR B 153 -28.12 10.31 -34.85
CA THR B 153 -29.08 11.40 -34.82
C THR B 153 -29.62 11.54 -36.25
N PRO B 154 -30.91 11.29 -36.48
CA PRO B 154 -31.35 11.44 -37.87
C PRO B 154 -31.46 12.90 -38.35
N PHE B 155 -31.61 13.05 -39.65
CA PHE B 155 -31.73 14.35 -40.28
C PHE B 155 -33.18 14.34 -40.77
N PRO B 156 -34.05 15.19 -40.21
CA PRO B 156 -35.45 15.20 -40.66
C PRO B 156 -35.55 15.42 -42.16
N GLY B 157 -36.50 14.72 -42.80
CA GLY B 157 -36.66 14.85 -44.24
C GLY B 157 -35.90 13.76 -44.98
N ILE B 158 -34.66 13.53 -44.55
CA ILE B 158 -33.82 12.52 -45.18
C ILE B 158 -33.92 11.23 -44.39
N THR B 159 -34.32 10.15 -45.08
CA THR B 159 -34.45 8.86 -44.41
C THR B 159 -33.35 7.88 -44.78
N ILE B 160 -32.65 7.40 -43.75
CA ILE B 160 -31.56 6.47 -43.90
C ILE B 160 -32.04 5.05 -44.15
N ASP B 161 -31.71 4.50 -45.33
CA ASP B 161 -32.13 3.15 -45.66
C ASP B 161 -30.96 2.18 -45.53
N GLU B 162 -29.78 2.70 -45.20
CA GLU B 162 -28.55 1.94 -45.01
C GLU B 162 -28.08 1.15 -46.21
N ASP B 163 -28.62 1.53 -47.36
CA ASP B 163 -28.26 0.91 -48.62
C ASP B 163 -27.53 1.97 -49.42
N THR B 164 -28.27 3.00 -49.81
CA THR B 164 -27.71 4.09 -50.62
C THR B 164 -27.60 5.38 -49.81
N ILE B 165 -28.52 5.55 -48.87
CA ILE B 165 -28.50 6.71 -47.97
C ILE B 165 -28.20 6.05 -46.63
N VAL B 166 -26.93 6.10 -46.23
CA VAL B 166 -26.47 5.46 -45.01
C VAL B 166 -26.06 6.32 -43.83
N SER B 167 -25.74 5.65 -42.74
CA SER B 167 -25.27 6.28 -41.52
C SER B 167 -23.91 5.64 -41.43
N SER B 168 -23.20 5.87 -40.33
CA SER B 168 -21.88 5.30 -40.15
C SER B 168 -21.92 3.76 -40.20
N THR B 169 -23.05 3.18 -39.80
CA THR B 169 -23.22 1.73 -39.79
C THR B 169 -23.22 1.15 -41.22
N GLY B 170 -24.02 1.77 -42.09
CA GLY B 170 -24.08 1.33 -43.47
C GLY B 170 -22.78 1.70 -44.18
N ALA B 171 -22.15 2.79 -43.76
CA ALA B 171 -20.92 3.24 -44.40
C ALA B 171 -19.78 2.28 -44.13
N LEU B 172 -19.84 1.62 -42.97
CA LEU B 172 -18.81 0.64 -42.57
C LEU B 172 -18.95 -0.66 -43.31
N SER B 173 -20.06 -0.81 -44.05
CA SER B 173 -20.33 -2.03 -44.81
C SER B 173 -20.88 -1.80 -46.22
N LEU B 174 -20.34 -0.79 -46.90
CA LEU B 174 -20.78 -0.54 -48.28
C LEU B 174 -20.33 -1.75 -49.11
N LYS B 175 -21.24 -2.28 -49.94
CA LYS B 175 -20.92 -3.44 -50.78
C LYS B 175 -19.99 -3.14 -51.96
N LYS B 176 -20.01 -1.90 -52.44
CA LYS B 176 -19.18 -1.53 -53.57
C LYS B 176 -18.65 -0.13 -53.30
N VAL B 177 -17.42 0.16 -53.73
CA VAL B 177 -16.86 1.48 -53.53
C VAL B 177 -17.70 2.46 -54.35
N PRO B 178 -18.24 3.51 -53.71
CA PRO B 178 -19.05 4.47 -54.46
C PRO B 178 -18.19 5.27 -55.45
N GLU B 179 -18.81 5.77 -56.51
CA GLU B 179 -18.05 6.55 -57.48
C GLU B 179 -17.94 7.94 -56.88
N LYS B 180 -19.08 8.50 -56.49
CA LYS B 180 -19.10 9.82 -55.89
C LYS B 180 -19.87 9.67 -54.58
N MET B 181 -19.34 10.26 -53.51
CA MET B 181 -19.96 10.18 -52.18
C MET B 181 -20.00 11.51 -51.47
N VAL B 182 -21.15 11.81 -50.89
CA VAL B 182 -21.36 13.04 -50.13
C VAL B 182 -21.59 12.73 -48.65
N VAL B 183 -20.83 13.41 -47.78
CA VAL B 183 -20.93 13.26 -46.33
C VAL B 183 -21.52 14.52 -45.73
N ILE B 184 -22.59 14.38 -44.97
CA ILE B 184 -23.20 15.53 -44.31
C ILE B 184 -22.53 15.53 -42.92
N GLY B 185 -21.80 16.60 -42.62
CA GLY B 185 -21.11 16.72 -41.34
C GLY B 185 -19.64 16.30 -41.36
N ALA B 186 -18.75 17.23 -41.00
CA ALA B 186 -17.32 16.97 -41.01
C ALA B 186 -16.73 16.83 -39.62
N GLY B 187 -17.42 16.06 -38.77
CA GLY B 187 -16.91 15.82 -37.43
C GLY B 187 -15.96 14.64 -37.60
N VAL B 188 -15.36 14.18 -36.50
CA VAL B 188 -14.41 13.08 -36.54
C VAL B 188 -14.89 11.83 -37.31
N ILE B 189 -16.11 11.40 -37.04
CA ILE B 189 -16.63 10.20 -37.67
C ILE B 189 -16.77 10.32 -39.19
N GLY B 190 -17.29 11.44 -39.65
CA GLY B 190 -17.47 11.64 -41.07
C GLY B 190 -16.17 11.83 -41.83
N VAL B 191 -15.19 12.42 -41.16
CA VAL B 191 -13.90 12.65 -41.80
C VAL B 191 -13.19 11.33 -41.93
N GLU B 192 -13.26 10.53 -40.87
CA GLU B 192 -12.63 9.22 -40.92
C GLU B 192 -13.30 8.37 -42.01
N LEU B 193 -14.63 8.28 -42.00
CA LEU B 193 -15.36 7.46 -42.99
C LEU B 193 -15.16 7.97 -44.40
N GLY B 194 -15.13 9.30 -44.54
CA GLY B 194 -14.90 9.92 -45.83
C GLY B 194 -13.50 9.60 -46.36
N SER B 195 -12.51 9.64 -45.49
CA SER B 195 -11.15 9.36 -45.93
C SER B 195 -10.95 7.92 -46.34
N VAL B 196 -11.62 7.00 -45.66
CA VAL B 196 -11.54 5.57 -45.97
C VAL B 196 -12.01 5.32 -47.43
N TRP B 197 -13.19 5.83 -47.76
CA TRP B 197 -13.70 5.64 -49.11
C TRP B 197 -12.94 6.47 -50.15
N GLN B 198 -12.42 7.62 -49.75
CA GLN B 198 -11.65 8.43 -50.68
C GLN B 198 -10.47 7.56 -51.10
N ARG B 199 -9.72 7.06 -50.14
CA ARG B 199 -8.57 6.20 -50.41
C ARG B 199 -8.85 5.03 -51.35
N LEU B 200 -10.03 4.45 -51.19
CA LEU B 200 -10.43 3.30 -51.99
C LEU B 200 -10.92 3.59 -53.41
N GLY B 201 -11.18 4.85 -53.75
CA GLY B 201 -11.61 5.11 -55.12
C GLY B 201 -12.69 6.16 -55.34
N ALA B 202 -13.47 6.43 -54.30
CA ALA B 202 -14.56 7.39 -54.37
C ALA B 202 -14.16 8.85 -54.40
N ASP B 203 -15.04 9.63 -55.04
CA ASP B 203 -14.90 11.06 -55.15
C ASP B 203 -15.69 11.50 -53.94
N VAL B 204 -14.98 12.04 -52.96
CA VAL B 204 -15.62 12.45 -51.75
C VAL B 204 -15.65 13.95 -51.46
N THR B 205 -16.80 14.41 -51.03
CA THR B 205 -17.02 15.79 -50.67
C THR B 205 -17.82 15.75 -49.38
N ALA B 206 -17.33 16.42 -48.35
CA ALA B 206 -18.05 16.50 -47.06
C ALA B 206 -18.65 17.90 -46.98
N VAL B 207 -19.93 18.00 -46.60
CA VAL B 207 -20.60 19.29 -46.48
C VAL B 207 -20.76 19.60 -45.00
N GLU B 208 -20.14 20.70 -44.57
CA GLU B 208 -20.16 21.14 -43.17
C GLU B 208 -20.71 22.52 -42.92
N PHE B 209 -21.63 22.58 -41.97
CA PHE B 209 -22.25 23.83 -41.61
C PHE B 209 -21.29 24.82 -40.97
N LEU B 210 -20.41 24.30 -40.13
CA LEU B 210 -19.43 25.12 -39.44
C LEU B 210 -18.26 25.41 -40.37
N GLY B 211 -17.38 26.32 -39.98
CA GLY B 211 -16.24 26.71 -40.80
C GLY B 211 -14.92 25.97 -40.62
N HIS B 212 -14.97 24.78 -40.03
CA HIS B 212 -13.75 24.01 -39.84
C HIS B 212 -14.16 22.55 -39.74
N VAL B 213 -13.20 21.66 -39.94
CA VAL B 213 -13.45 20.23 -39.87
C VAL B 213 -12.98 19.70 -38.50
N GLY B 214 -13.39 18.48 -38.15
CA GLY B 214 -12.92 17.88 -36.91
C GLY B 214 -13.79 17.92 -35.68
N GLY B 215 -14.94 18.57 -35.80
CA GLY B 215 -15.84 18.63 -34.67
C GLY B 215 -15.51 19.71 -33.67
N VAL B 216 -16.10 19.57 -32.49
CA VAL B 216 -15.95 20.52 -31.41
C VAL B 216 -14.70 20.31 -30.62
N GLY B 217 -14.12 21.41 -30.14
CA GLY B 217 -12.94 21.30 -29.32
C GLY B 217 -11.60 21.20 -30.03
N ILE B 218 -11.60 20.90 -31.32
CA ILE B 218 -10.32 20.82 -32.02
C ILE B 218 -9.74 22.22 -32.09
N ASP B 219 -8.42 22.30 -32.13
CA ASP B 219 -7.76 23.58 -32.23
C ASP B 219 -7.89 24.03 -33.71
N MET B 220 -8.36 25.27 -33.93
CA MET B 220 -8.53 25.82 -35.28
C MET B 220 -7.29 25.79 -36.20
N GLU B 221 -6.13 26.24 -35.72
CA GLU B 221 -4.96 26.18 -36.56
C GLU B 221 -4.71 24.74 -37.01
N ILE B 222 -4.85 23.79 -36.08
CA ILE B 222 -4.68 22.38 -36.36
C ILE B 222 -5.76 21.92 -37.37
N SER B 223 -6.99 22.39 -37.19
CA SER B 223 -8.09 22.03 -38.08
C SER B 223 -7.81 22.48 -39.51
N LYS B 224 -7.45 23.75 -39.65
CA LYS B 224 -7.12 24.33 -40.94
C LYS B 224 -6.00 23.53 -41.62
N ASN B 225 -4.90 23.28 -40.93
CA ASN B 225 -3.79 22.53 -41.54
C ASN B 225 -4.18 21.10 -41.89
N PHE B 226 -5.11 20.53 -41.12
CA PHE B 226 -5.61 19.17 -41.29
C PHE B 226 -6.46 19.12 -42.57
N GLN B 227 -7.34 20.10 -42.73
CA GLN B 227 -8.19 20.18 -43.91
C GLN B 227 -7.31 20.34 -45.18
N ARG B 228 -6.27 21.15 -45.07
CA ARG B 228 -5.35 21.43 -46.17
C ARG B 228 -4.71 20.17 -46.69
N ILE B 229 -4.31 19.33 -45.75
CA ILE B 229 -3.64 18.08 -46.07
C ILE B 229 -4.62 17.08 -46.68
N LEU B 230 -5.81 17.00 -46.09
CA LEU B 230 -6.82 16.09 -46.60
C LEU B 230 -7.25 16.53 -48.00
N GLN B 231 -7.40 17.83 -48.21
CA GLN B 231 -7.81 18.35 -49.50
C GLN B 231 -6.84 17.94 -50.61
N LYS B 232 -5.54 17.99 -50.31
CA LYS B 232 -4.52 17.61 -51.28
C LYS B 232 -4.45 16.08 -51.44
N GLN B 233 -5.23 15.36 -50.65
CA GLN B 233 -5.27 13.92 -50.74
C GLN B 233 -6.42 13.57 -51.67
N GLY B 234 -7.31 14.55 -51.88
CA GLY B 234 -8.42 14.33 -52.77
C GLY B 234 -9.75 14.52 -52.08
N PHE B 235 -9.69 14.67 -50.76
CA PHE B 235 -10.86 14.86 -49.95
C PHE B 235 -11.29 16.31 -50.09
N LYS B 236 -12.49 16.53 -50.60
CA LYS B 236 -12.99 17.88 -50.81
C LYS B 236 -13.95 18.26 -49.72
N PHE B 237 -14.00 19.56 -49.42
CA PHE B 237 -14.87 20.03 -48.36
C PHE B 237 -15.61 21.27 -48.76
N LYS B 238 -16.82 21.40 -48.23
CA LYS B 238 -17.64 22.57 -48.43
C LYS B 238 -18.09 23.04 -47.04
N LEU B 239 -17.30 23.95 -46.49
CA LEU B 239 -17.54 24.50 -45.15
C LEU B 239 -18.54 25.64 -45.18
N ASN B 240 -19.24 25.85 -44.08
CA ASN B 240 -20.23 26.93 -44.02
C ASN B 240 -21.33 26.72 -45.04
N THR B 241 -21.70 25.46 -45.22
CA THR B 241 -22.75 25.09 -46.17
C THR B 241 -23.80 24.26 -45.45
N LYS B 242 -25.05 24.69 -45.58
CA LYS B 242 -26.18 24.01 -44.97
C LYS B 242 -26.80 23.05 -45.98
N VAL B 243 -27.07 21.82 -45.57
CA VAL B 243 -27.68 20.87 -46.48
C VAL B 243 -29.19 20.96 -46.33
N THR B 244 -29.86 21.58 -47.30
CA THR B 244 -31.31 21.76 -47.28
C THR B 244 -32.05 20.43 -47.15
N GLY B 245 -31.89 19.59 -48.17
CA GLY B 245 -32.54 18.30 -48.19
C GLY B 245 -31.87 17.47 -49.25
N ALA B 246 -32.43 16.30 -49.54
CA ALA B 246 -31.85 15.44 -50.56
C ALA B 246 -32.88 14.44 -51.07
N THR B 247 -32.80 14.10 -52.35
CA THR B 247 -33.76 13.17 -52.94
C THR B 247 -33.13 12.04 -53.75
N LYS B 248 -33.71 10.85 -53.63
CA LYS B 248 -33.23 9.70 -54.37
C LYS B 248 -33.97 9.71 -55.71
N LYS B 249 -33.21 9.73 -56.81
CA LYS B 249 -33.80 9.78 -58.15
C LYS B 249 -34.01 8.39 -58.74
N SER B 250 -35.00 8.28 -59.63
CA SER B 250 -35.35 7.03 -60.29
C SER B 250 -34.18 6.30 -60.95
N ASP B 251 -33.12 7.04 -61.27
CA ASP B 251 -31.94 6.47 -61.92
C ASP B 251 -30.93 5.99 -60.86
N GLY B 252 -31.37 5.95 -59.61
CA GLY B 252 -30.49 5.52 -58.53
C GLY B 252 -29.68 6.65 -57.91
N LYS B 253 -29.32 7.66 -58.70
CA LYS B 253 -28.54 8.79 -58.21
C LYS B 253 -29.22 9.54 -57.06
N ILE B 254 -28.43 10.33 -56.34
CA ILE B 254 -28.95 11.11 -55.22
C ILE B 254 -28.57 12.58 -55.36
N ASP B 255 -29.58 13.44 -55.27
CA ASP B 255 -29.39 14.89 -55.37
C ASP B 255 -29.43 15.51 -53.98
N VAL B 256 -28.36 16.22 -53.61
CA VAL B 256 -28.29 16.85 -52.30
C VAL B 256 -28.37 18.37 -52.46
N SER B 257 -29.37 18.98 -51.85
CA SER B 257 -29.48 20.43 -51.97
C SER B 257 -28.70 21.14 -50.90
N ILE B 258 -28.01 22.20 -51.29
CA ILE B 258 -27.19 22.97 -50.37
C ILE B 258 -27.20 24.48 -50.63
N GLU B 259 -26.96 25.23 -49.56
CA GLU B 259 -26.89 26.70 -49.59
C GLU B 259 -25.80 27.07 -48.63
N ALA B 260 -25.44 28.35 -48.64
CA ALA B 260 -24.45 28.85 -47.72
C ALA B 260 -25.15 28.88 -46.36
N ALA B 261 -24.39 28.70 -45.29
CA ALA B 261 -25.00 28.72 -43.97
C ALA B 261 -25.73 30.05 -43.77
N SER B 262 -25.13 31.15 -44.22
CA SER B 262 -25.73 32.47 -44.10
C SER B 262 -26.80 32.69 -45.18
N GLY B 263 -27.33 31.59 -45.73
CA GLY B 263 -28.36 31.66 -46.75
C GLY B 263 -27.89 32.03 -48.16
N GLY B 264 -28.63 31.53 -49.16
CA GLY B 264 -28.30 31.82 -50.54
C GLY B 264 -27.29 30.87 -51.13
N LYS B 265 -26.79 31.19 -52.32
CA LYS B 265 -25.81 30.35 -53.00
C LYS B 265 -26.34 28.91 -53.13
N ALA B 266 -27.58 28.77 -53.56
CA ALA B 266 -28.19 27.46 -53.72
C ALA B 266 -27.44 26.59 -54.72
N GLU B 267 -27.12 25.37 -54.33
CA GLU B 267 -26.46 24.50 -55.26
C GLU B 267 -27.00 23.10 -55.04
N VAL B 268 -26.63 22.20 -55.95
CA VAL B 268 -27.05 20.82 -55.85
C VAL B 268 -25.88 19.92 -56.18
N ILE B 269 -25.69 18.89 -55.36
CA ILE B 269 -24.62 17.91 -55.55
C ILE B 269 -25.23 16.53 -55.77
N THR B 270 -24.74 15.82 -56.80
CA THR B 270 -25.23 14.48 -57.10
C THR B 270 -24.16 13.44 -56.75
N CYS B 271 -24.57 12.38 -56.06
CA CYS B 271 -23.64 11.32 -55.66
C CYS B 271 -24.35 9.96 -55.73
N ASP B 272 -23.60 8.90 -55.52
CA ASP B 272 -24.15 7.54 -55.54
C ASP B 272 -24.49 7.06 -54.13
N VAL B 273 -23.83 7.63 -53.14
CA VAL B 273 -24.07 7.28 -51.75
C VAL B 273 -24.04 8.54 -50.89
N LEU B 274 -25.00 8.62 -49.98
CA LEU B 274 -25.09 9.73 -49.05
C LEU B 274 -24.94 9.20 -47.62
N LEU B 275 -23.96 9.75 -46.91
CA LEU B 275 -23.67 9.38 -45.52
C LEU B 275 -24.11 10.55 -44.64
N VAL B 276 -25.14 10.29 -43.84
CA VAL B 276 -25.68 11.31 -42.94
C VAL B 276 -24.94 11.08 -41.61
N CYS B 277 -24.05 12.02 -41.30
CA CYS B 277 -23.20 11.92 -40.10
C CYS B 277 -23.26 13.18 -39.31
N ILE B 278 -24.45 13.58 -38.92
CA ILE B 278 -24.55 14.82 -38.16
C ILE B 278 -24.59 14.63 -36.65
N GLY B 279 -23.89 13.63 -36.18
CA GLY B 279 -23.85 13.38 -34.76
C GLY B 279 -24.63 12.20 -34.22
N ARG B 280 -24.49 12.01 -32.91
CA ARG B 280 -25.15 10.94 -32.20
C ARG B 280 -25.83 11.56 -30.97
N ARG B 281 -26.81 10.83 -30.45
CA ARG B 281 -27.58 11.28 -29.29
C ARG B 281 -27.80 10.14 -28.29
N PRO B 282 -28.00 10.49 -27.02
CA PRO B 282 -28.21 9.44 -26.01
C PRO B 282 -29.45 8.57 -26.26
N PHE B 283 -29.30 7.27 -26.05
CA PHE B 283 -30.39 6.32 -26.25
C PHE B 283 -31.02 5.93 -24.91
N THR B 284 -32.32 6.16 -24.77
CA THR B 284 -33.03 5.81 -23.54
C THR B 284 -34.45 5.29 -23.77
N LYS B 285 -34.86 5.14 -25.03
CA LYS B 285 -36.20 4.68 -25.39
C LYS B 285 -36.74 3.51 -24.57
N ASN B 286 -38.00 3.64 -24.13
CA ASN B 286 -38.70 2.63 -23.34
C ASN B 286 -37.83 1.96 -22.29
N LEU B 287 -37.15 2.77 -21.50
CA LEU B 287 -36.30 2.23 -20.45
C LEU B 287 -37.09 2.28 -19.15
N GLY B 288 -38.15 3.08 -19.17
CA GLY B 288 -38.99 3.19 -18.00
C GLY B 288 -38.70 4.45 -17.20
N LEU B 289 -37.79 5.27 -17.69
CA LEU B 289 -37.46 6.50 -16.99
C LEU B 289 -38.65 7.45 -17.14
N GLU B 290 -39.22 7.44 -18.35
CA GLU B 290 -40.36 8.29 -18.67
C GLU B 290 -41.43 8.05 -17.63
N GLU B 291 -41.38 6.87 -17.05
CA GLU B 291 -42.34 6.42 -16.05
C GLU B 291 -41.80 6.54 -14.62
N LEU B 292 -40.52 6.19 -14.45
CA LEU B 292 -39.82 6.19 -13.18
C LEU B 292 -39.56 7.55 -12.49
N GLY B 293 -39.74 8.64 -13.21
CA GLY B 293 -39.51 9.96 -12.62
C GLY B 293 -38.19 10.59 -13.00
N ILE B 294 -37.45 9.92 -13.87
CA ILE B 294 -36.16 10.42 -14.34
C ILE B 294 -36.38 11.34 -15.53
N GLU B 295 -36.30 12.65 -15.28
CA GLU B 295 -36.48 13.64 -16.34
C GLU B 295 -35.16 13.84 -17.08
N LEU B 296 -35.19 13.77 -18.41
CA LEU B 296 -33.99 13.98 -19.22
C LEU B 296 -33.75 15.47 -19.39
N ASP B 297 -32.54 15.85 -19.82
CA ASP B 297 -32.22 17.26 -20.05
C ASP B 297 -32.70 17.56 -21.46
N PRO B 298 -32.58 18.81 -21.92
CA PRO B 298 -33.06 19.07 -23.28
C PRO B 298 -32.42 18.24 -24.40
N ARG B 299 -31.19 17.77 -24.18
CA ARG B 299 -30.48 16.98 -25.19
C ARG B 299 -30.75 15.48 -25.09
N GLY B 300 -31.61 15.09 -24.15
CA GLY B 300 -31.95 13.69 -23.97
C GLY B 300 -30.99 12.93 -23.08
N ARG B 301 -30.16 13.65 -22.32
CA ARG B 301 -29.21 13.00 -21.43
C ARG B 301 -29.79 12.81 -20.03
N ILE B 302 -29.30 11.80 -19.33
CA ILE B 302 -29.74 11.53 -17.98
C ILE B 302 -28.90 12.36 -16.99
N PRO B 303 -29.54 13.27 -16.25
CA PRO B 303 -28.81 14.10 -15.28
C PRO B 303 -28.24 13.24 -14.15
N VAL B 304 -26.98 13.48 -13.82
CA VAL B 304 -26.33 12.73 -12.75
C VAL B 304 -25.45 13.66 -11.93
N ASN B 305 -25.11 13.23 -10.72
CA ASN B 305 -24.25 14.02 -9.86
C ASN B 305 -22.81 13.55 -10.05
N THR B 306 -21.93 13.94 -9.14
CA THR B 306 -20.51 13.57 -9.26
C THR B 306 -20.16 12.11 -8.98
N ARG B 307 -21.15 11.31 -8.57
CA ARG B 307 -20.94 9.89 -8.30
C ARG B 307 -21.68 9.09 -9.37
N PHE B 308 -22.19 9.83 -10.35
CA PHE B 308 -22.92 9.28 -11.48
C PHE B 308 -24.27 8.66 -11.17
N GLN B 309 -24.93 9.17 -10.14
CA GLN B 309 -26.24 8.65 -9.79
C GLN B 309 -27.35 9.66 -10.10
N THR B 310 -28.46 9.12 -10.57
CA THR B 310 -29.63 9.92 -10.95
C THR B 310 -30.37 10.50 -9.75
N LYS B 311 -31.64 10.85 -9.98
CA LYS B 311 -32.49 11.39 -8.92
C LYS B 311 -32.62 10.26 -7.90
N ILE B 312 -32.90 9.05 -8.41
CA ILE B 312 -33.02 7.85 -7.60
C ILE B 312 -31.60 7.40 -7.22
N PRO B 313 -31.21 7.58 -5.95
CA PRO B 313 -29.89 7.24 -5.40
C PRO B 313 -29.25 5.89 -5.69
N ASN B 314 -30.02 4.88 -6.07
CA ASN B 314 -29.40 3.59 -6.36
C ASN B 314 -29.35 3.31 -7.85
N ILE B 315 -29.77 4.30 -8.64
CA ILE B 315 -29.76 4.19 -10.09
C ILE B 315 -28.73 5.15 -10.65
N TYR B 316 -27.74 4.61 -11.37
CA TYR B 316 -26.67 5.40 -11.97
C TYR B 316 -26.71 5.31 -13.50
N ALA B 317 -26.04 6.27 -14.13
CA ALA B 317 -25.95 6.36 -15.58
C ALA B 317 -24.55 6.88 -15.93
N ILE B 318 -23.93 6.25 -16.93
CA ILE B 318 -22.59 6.65 -17.35
C ILE B 318 -22.46 6.57 -18.87
N GLY B 319 -21.36 7.09 -19.42
CA GLY B 319 -21.13 7.00 -20.86
C GLY B 319 -21.84 7.95 -21.79
N ASP B 320 -22.15 7.48 -23.00
CA ASP B 320 -22.83 8.32 -23.98
C ASP B 320 -24.22 8.82 -23.57
N VAL B 321 -24.85 8.19 -22.59
CA VAL B 321 -26.18 8.61 -22.16
C VAL B 321 -26.17 9.76 -21.17
N VAL B 322 -24.95 10.21 -20.86
CA VAL B 322 -24.71 11.28 -19.91
C VAL B 322 -23.83 12.38 -20.55
N ALA B 323 -23.77 13.53 -19.90
CA ALA B 323 -22.97 14.67 -20.35
C ALA B 323 -21.48 14.33 -20.41
N GLY B 324 -20.72 15.15 -21.13
CA GLY B 324 -19.29 14.93 -21.29
C GLY B 324 -19.00 14.43 -22.70
N PRO B 325 -17.74 14.47 -23.16
CA PRO B 325 -17.48 13.99 -24.51
C PRO B 325 -17.99 12.58 -24.70
N MET B 326 -18.59 12.33 -25.87
CA MET B 326 -19.12 11.00 -26.21
C MET B 326 -18.08 10.13 -26.89
N LEU B 327 -17.12 9.65 -26.08
CA LEU B 327 -16.03 8.80 -26.50
C LEU B 327 -16.01 7.51 -25.66
N ALA B 328 -15.51 6.42 -26.23
CA ALA B 328 -15.43 5.14 -25.55
C ALA B 328 -14.58 5.17 -24.24
N HIS B 329 -13.40 5.77 -24.30
CA HIS B 329 -12.56 5.80 -23.11
C HIS B 329 -13.17 6.65 -22.02
N LYS B 330 -13.97 7.63 -22.38
CA LYS B 330 -14.62 8.48 -21.37
C LYS B 330 -15.72 7.68 -20.67
N ALA B 331 -16.35 6.78 -21.42
CA ALA B 331 -17.42 5.93 -20.91
C ALA B 331 -16.84 4.83 -20.05
N GLU B 332 -15.69 4.31 -20.46
CA GLU B 332 -15.05 3.26 -19.69
C GLU B 332 -14.59 3.81 -18.33
N ASP B 333 -13.86 4.94 -18.34
CA ASP B 333 -13.39 5.52 -17.09
C ASP B 333 -14.54 5.81 -16.12
N GLU B 334 -15.62 6.38 -16.64
CA GLU B 334 -16.79 6.68 -15.82
C GLU B 334 -17.42 5.43 -15.22
N GLY B 335 -17.41 4.34 -15.98
CA GLY B 335 -17.98 3.10 -15.50
C GLY B 335 -17.20 2.58 -14.32
N ILE B 336 -15.88 2.54 -14.46
CA ILE B 336 -15.01 2.06 -13.40
C ILE B 336 -15.09 2.89 -12.12
N ILE B 337 -15.03 4.20 -12.25
CA ILE B 337 -15.10 5.05 -11.08
C ILE B 337 -16.48 5.04 -10.46
N CYS B 338 -17.50 4.72 -11.25
CA CYS B 338 -18.84 4.66 -10.71
C CYS B 338 -19.04 3.41 -9.86
N VAL B 339 -18.68 2.23 -10.38
CA VAL B 339 -18.81 1.05 -9.56
C VAL B 339 -17.85 1.17 -8.37
N GLU B 340 -16.66 1.76 -8.60
CA GLU B 340 -15.71 1.94 -7.52
C GLU B 340 -16.35 2.87 -6.49
N GLY B 341 -17.13 3.82 -6.99
CA GLY B 341 -17.82 4.73 -6.10
C GLY B 341 -18.89 3.99 -5.34
N MET B 342 -19.45 2.96 -5.98
CA MET B 342 -20.48 2.15 -5.36
C MET B 342 -19.86 1.46 -4.17
N ALA B 343 -18.70 0.85 -4.36
CA ALA B 343 -18.02 0.16 -3.30
C ALA B 343 -17.42 1.07 -2.22
N GLY B 344 -17.74 2.36 -2.26
CA GLY B 344 -17.24 3.24 -1.23
C GLY B 344 -16.15 4.24 -1.53
N GLY B 345 -15.32 3.95 -2.54
CA GLY B 345 -14.24 4.87 -2.86
C GLY B 345 -14.68 6.26 -3.28
N ALA B 346 -13.71 7.11 -3.59
CA ALA B 346 -13.97 8.46 -4.05
C ALA B 346 -14.28 8.36 -5.55
N VAL B 347 -14.93 9.38 -6.10
CA VAL B 347 -15.25 9.38 -7.53
C VAL B 347 -14.80 10.73 -8.08
N HIS B 348 -13.88 10.71 -9.04
CA HIS B 348 -13.39 11.98 -9.55
C HIS B 348 -12.87 11.90 -10.98
N ILE B 349 -13.48 12.71 -11.85
CA ILE B 349 -13.06 12.76 -13.24
C ILE B 349 -13.05 14.19 -13.74
N ASP B 350 -12.02 14.53 -14.50
CA ASP B 350 -11.85 15.85 -15.09
C ASP B 350 -11.89 15.66 -16.60
N TYR B 351 -13.02 15.99 -17.23
CA TYR B 351 -13.16 15.82 -18.66
C TYR B 351 -12.17 16.65 -19.46
N ASN B 352 -11.37 17.45 -18.77
CA ASN B 352 -10.38 18.29 -19.42
C ASN B 352 -9.16 17.42 -19.79
N CYS B 353 -9.03 16.30 -19.09
CA CYS B 353 -7.92 15.39 -19.31
C CYS B 353 -8.25 14.21 -20.24
N VAL B 354 -9.49 14.19 -20.73
CA VAL B 354 -9.97 13.17 -21.67
C VAL B 354 -9.52 13.54 -23.07
N PRO B 355 -8.67 12.70 -23.69
CA PRO B 355 -8.19 13.00 -25.04
C PRO B 355 -9.16 12.67 -26.18
N SER B 356 -8.85 13.23 -27.35
CA SER B 356 -9.61 13.05 -28.60
C SER B 356 -8.64 12.66 -29.69
N VAL B 357 -8.98 11.63 -30.45
CA VAL B 357 -8.12 11.16 -31.53
C VAL B 357 -8.91 10.96 -32.83
N ILE B 358 -8.25 11.33 -33.93
CA ILE B 358 -8.80 11.22 -35.27
C ILE B 358 -7.82 10.28 -35.95
N TYR B 359 -8.28 9.11 -36.33
CA TYR B 359 -7.39 8.10 -36.90
C TYR B 359 -7.07 8.08 -38.37
N THR B 360 -7.24 9.23 -39.01
CA THR B 360 -6.92 9.38 -40.42
C THR B 360 -5.40 9.24 -40.53
N HIS B 361 -4.87 9.64 -41.67
CA HIS B 361 -3.44 9.63 -41.89
C HIS B 361 -3.21 10.85 -42.72
N PRO B 362 -2.62 11.91 -42.15
CA PRO B 362 -2.14 12.05 -40.77
C PRO B 362 -3.21 11.93 -39.71
N GLU B 363 -2.79 11.52 -38.53
CA GLU B 363 -3.68 11.40 -37.39
C GLU B 363 -3.75 12.76 -36.71
N VAL B 364 -4.77 12.94 -35.90
CA VAL B 364 -4.95 14.19 -35.16
C VAL B 364 -5.28 13.79 -33.72
N ALA B 365 -4.61 14.40 -32.75
CA ALA B 365 -4.89 14.08 -31.36
C ALA B 365 -4.67 15.27 -30.44
N TRP B 366 -5.52 15.40 -29.46
CA TRP B 366 -5.38 16.50 -28.55
C TRP B 366 -5.98 16.19 -27.21
N VAL B 367 -5.50 16.93 -26.22
CA VAL B 367 -5.95 16.79 -24.87
C VAL B 367 -5.70 18.15 -24.23
N GLY B 368 -6.69 18.61 -23.48
CA GLY B 368 -6.54 19.89 -22.84
C GLY B 368 -7.28 20.96 -23.61
N LYS B 369 -6.71 22.16 -23.58
CA LYS B 369 -7.34 23.29 -24.23
C LYS B 369 -6.76 23.80 -25.52
N SER B 370 -7.67 24.30 -26.33
CA SER B 370 -7.36 24.88 -27.62
C SER B 370 -6.97 26.33 -27.40
N GLU B 371 -6.32 26.93 -28.38
CA GLU B 371 -5.98 28.33 -28.28
C GLU B 371 -7.23 29.22 -28.15
N GLU B 372 -8.28 28.86 -28.88
CA GLU B 372 -9.56 29.59 -28.87
C GLU B 372 -10.11 29.59 -27.45
N GLN B 373 -9.96 28.45 -26.78
CA GLN B 373 -10.41 28.30 -25.42
C GLN B 373 -9.58 29.15 -24.48
N LEU B 374 -8.27 29.13 -24.64
CA LEU B 374 -7.45 29.94 -23.76
C LEU B 374 -7.79 31.41 -23.96
N LYS B 375 -7.92 31.84 -25.21
CA LYS B 375 -8.24 33.25 -25.48
C LYS B 375 -9.58 33.66 -24.89
N GLU B 376 -10.55 32.78 -25.06
CA GLU B 376 -11.89 33.02 -24.56
C GLU B 376 -11.88 33.21 -23.02
N GLU B 377 -10.98 32.49 -22.34
CA GLU B 377 -10.87 32.54 -20.88
C GLU B 377 -9.87 33.59 -20.37
N GLY B 378 -9.24 34.33 -21.28
CA GLY B 378 -8.27 35.34 -20.87
C GLY B 378 -6.97 34.81 -20.25
N ILE B 379 -6.60 33.59 -20.61
CA ILE B 379 -5.36 32.99 -20.09
C ILE B 379 -4.13 33.55 -20.80
N GLU B 380 -3.09 33.82 -20.05
CA GLU B 380 -1.86 34.33 -20.63
C GLU B 380 -0.97 33.08 -20.92
N TYR B 381 -0.89 32.68 -22.18
CA TYR B 381 -0.10 31.50 -22.55
C TYR B 381 1.02 31.71 -23.56
N LYS B 382 1.80 30.65 -23.72
CA LYS B 382 2.94 30.62 -24.63
C LYS B 382 2.69 29.45 -25.58
N VAL B 383 3.18 29.57 -26.81
CA VAL B 383 2.98 28.52 -27.81
C VAL B 383 4.30 27.92 -28.25
N GLY B 384 4.34 26.59 -28.33
CA GLY B 384 5.53 25.92 -28.80
C GLY B 384 5.08 25.06 -29.96
N LYS B 385 5.71 25.23 -31.11
CA LYS B 385 5.35 24.44 -32.29
C LYS B 385 6.57 23.75 -32.80
N PHE B 386 6.40 22.52 -33.27
CA PHE B 386 7.49 21.74 -33.86
C PHE B 386 6.95 20.89 -35.01
N PRO B 387 7.49 21.07 -36.24
CA PRO B 387 7.02 20.31 -37.40
C PRO B 387 7.64 18.93 -37.55
N PHE B 388 6.80 17.94 -37.90
CA PHE B 388 7.30 16.57 -38.07
C PHE B 388 8.29 16.50 -39.18
N ALA B 389 8.48 17.59 -39.90
CA ALA B 389 9.41 17.57 -41.00
C ALA B 389 10.87 17.69 -40.53
N ALA B 390 11.04 18.02 -39.25
CA ALA B 390 12.36 18.17 -38.65
C ALA B 390 12.62 17.05 -37.66
N ASN B 391 11.66 16.11 -37.56
CA ASN B 391 11.77 14.98 -36.67
C ASN B 391 12.48 13.85 -37.35
N SER B 392 13.47 13.30 -36.67
CA SER B 392 14.27 12.26 -37.27
C SER B 392 13.54 11.01 -37.65
N ARG B 393 12.60 10.56 -36.82
CA ARG B 393 11.91 9.35 -37.18
C ARG B 393 10.94 9.61 -38.34
N ALA B 394 10.28 10.75 -38.32
CA ALA B 394 9.32 11.10 -39.35
C ALA B 394 10.01 11.16 -40.72
N LYS B 395 11.15 11.84 -40.76
CA LYS B 395 11.93 12.00 -41.96
C LYS B 395 12.50 10.64 -42.42
N THR B 396 12.98 9.83 -41.49
CA THR B 396 13.50 8.53 -41.85
C THR B 396 12.40 7.66 -42.45
N ASN B 397 11.18 7.81 -41.92
CA ASN B 397 10.03 7.04 -42.40
C ASN B 397 9.44 7.65 -43.65
N ALA B 398 9.95 8.80 -44.06
CA ALA B 398 9.41 9.51 -45.24
C ALA B 398 7.88 9.64 -45.13
N ASP B 399 7.46 10.18 -43.99
CA ASP B 399 6.05 10.43 -43.63
C ASP B 399 6.20 11.59 -42.66
N THR B 400 6.19 12.81 -43.20
CA THR B 400 6.41 13.99 -42.40
C THR B 400 5.32 15.08 -42.34
N ASP B 401 4.07 14.79 -42.68
CA ASP B 401 3.04 15.83 -42.61
C ASP B 401 2.86 16.33 -41.16
N GLY B 402 2.40 17.57 -41.01
CA GLY B 402 2.08 18.09 -39.70
C GLY B 402 3.09 18.63 -38.69
N MET B 403 2.61 18.81 -37.47
CA MET B 403 3.44 19.36 -36.40
C MET B 403 2.83 19.03 -35.03
N VAL B 404 3.59 19.37 -33.99
CA VAL B 404 3.15 19.25 -32.63
C VAL B 404 3.02 20.70 -32.14
N LYS B 405 1.92 20.97 -31.43
CA LYS B 405 1.64 22.29 -30.89
C LYS B 405 1.32 22.24 -29.39
N ILE B 406 2.12 22.97 -28.61
CA ILE B 406 1.95 23.04 -27.16
C ILE B 406 1.54 24.44 -26.67
N LEU B 407 0.58 24.47 -25.74
CA LEU B 407 0.10 25.70 -25.13
C LEU B 407 0.48 25.61 -23.64
N GLY B 408 1.28 26.56 -23.18
CA GLY B 408 1.72 26.57 -21.80
C GLY B 408 1.32 27.86 -21.11
N GLN B 409 1.04 27.78 -19.82
CA GLN B 409 0.67 28.98 -19.08
C GLN B 409 1.94 29.77 -18.84
N LYS B 410 1.92 31.04 -19.23
CA LYS B 410 3.06 31.94 -19.09
C LYS B 410 3.68 31.98 -17.68
N SER B 411 2.85 32.02 -16.65
CA SER B 411 3.36 32.13 -15.30
C SER B 411 3.95 30.90 -14.66
N THR B 412 3.34 29.74 -14.89
CA THR B 412 3.81 28.50 -14.29
C THR B 412 4.46 27.49 -15.23
N ASP B 413 4.42 27.78 -16.52
CA ASP B 413 4.96 26.90 -17.56
C ASP B 413 4.18 25.55 -17.63
N ARG B 414 3.03 25.53 -16.98
CA ARG B 414 2.18 24.37 -16.99
C ARG B 414 1.61 24.12 -18.40
N VAL B 415 1.62 22.85 -18.79
CA VAL B 415 1.08 22.47 -20.07
C VAL B 415 -0.45 22.59 -20.00
N LEU B 416 -1.03 23.54 -20.74
CA LEU B 416 -2.47 23.71 -20.71
C LEU B 416 -3.16 22.92 -21.84
N GLY B 417 -2.43 22.66 -22.92
CA GLY B 417 -3.02 21.93 -24.02
C GLY B 417 -1.98 21.38 -24.93
N ALA B 418 -2.23 20.20 -25.46
CA ALA B 418 -1.32 19.55 -26.39
C ALA B 418 -2.11 19.19 -27.66
N HIS B 419 -1.53 19.50 -28.83
CA HIS B 419 -2.16 19.24 -30.15
C HIS B 419 -1.16 18.68 -31.13
N ILE B 420 -1.51 17.54 -31.69
CA ILE B 420 -0.66 16.83 -32.63
C ILE B 420 -1.34 16.52 -33.96
N LEU B 421 -0.73 16.97 -35.05
CA LEU B 421 -1.22 16.71 -36.40
C LEU B 421 -0.05 16.01 -37.07
N GLY B 422 -0.21 14.72 -37.37
CA GLY B 422 0.85 13.98 -38.00
C GLY B 422 0.91 12.52 -37.60
N PRO B 423 2.04 11.86 -37.88
CA PRO B 423 2.16 10.44 -37.53
C PRO B 423 2.26 10.18 -36.03
N GLY B 424 1.64 9.09 -35.61
CA GLY B 424 1.69 8.67 -34.22
C GLY B 424 0.94 9.49 -33.20
N ALA B 425 0.09 10.40 -33.67
CA ALA B 425 -0.68 11.26 -32.79
C ALA B 425 -1.51 10.52 -31.75
N GLY B 426 -2.22 9.49 -32.20
CA GLY B 426 -3.09 8.71 -31.33
C GLY B 426 -2.42 8.12 -30.12
N GLU B 427 -1.20 7.64 -30.30
CA GLU B 427 -0.47 7.06 -29.20
C GLU B 427 0.17 8.19 -28.41
N MET B 428 0.80 9.10 -29.13
CA MET B 428 1.47 10.24 -28.53
C MET B 428 0.67 11.04 -27.49
N VAL B 429 -0.63 11.23 -27.78
CA VAL B 429 -1.49 12.02 -26.92
C VAL B 429 -1.61 11.48 -25.51
N ASN B 430 -1.28 10.22 -25.37
CA ASN B 430 -1.35 9.63 -24.04
C ASN B 430 -0.16 10.02 -23.21
N GLU B 431 0.91 10.47 -23.84
CA GLU B 431 2.04 10.94 -23.05
C GLU B 431 1.56 12.32 -22.55
N ALA B 432 0.79 13.03 -23.36
CA ALA B 432 0.27 14.34 -22.96
C ALA B 432 -0.80 14.21 -21.86
N ALA B 433 -1.66 13.21 -21.92
CA ALA B 433 -2.66 13.00 -20.87
C ALA B 433 -1.96 12.77 -19.50
N LEU B 434 -0.87 12.00 -19.52
CA LEU B 434 -0.12 11.73 -18.29
C LEU B 434 0.44 13.01 -17.70
N ALA B 435 1.04 13.84 -18.55
CA ALA B 435 1.60 15.13 -18.14
C ALA B 435 0.51 16.01 -17.55
N LEU B 436 -0.61 16.11 -18.25
CA LEU B 436 -1.71 16.91 -17.79
C LEU B 436 -2.18 16.51 -16.41
N GLU B 437 -2.24 15.20 -16.18
CA GLU B 437 -2.70 14.65 -14.93
C GLU B 437 -1.88 15.08 -13.72
N TYR B 438 -0.58 15.30 -13.92
CA TYR B 438 0.27 15.75 -12.81
C TYR B 438 0.47 17.25 -12.75
N GLY B 439 -0.10 17.98 -13.72
CA GLY B 439 0.08 19.42 -13.76
C GLY B 439 1.49 19.79 -14.20
N ALA B 440 2.08 18.89 -14.98
CA ALA B 440 3.43 19.04 -15.50
C ALA B 440 3.67 20.27 -16.34
N SER B 441 4.91 20.73 -16.34
CA SER B 441 5.30 21.90 -17.11
C SER B 441 5.89 21.49 -18.48
N CYS B 442 5.99 22.46 -19.38
CA CYS B 442 6.60 22.22 -20.68
C CYS B 442 8.06 21.88 -20.41
N GLU B 443 8.65 22.54 -19.41
CA GLU B 443 10.04 22.22 -19.10
C GLU B 443 10.13 20.82 -18.56
N ASP B 444 9.15 20.40 -17.74
CA ASP B 444 9.16 19.04 -17.22
C ASP B 444 9.35 18.05 -18.38
N ILE B 445 8.49 18.14 -19.38
CA ILE B 445 8.52 17.25 -20.53
C ILE B 445 9.81 17.37 -21.36
N ALA B 446 10.28 18.60 -21.53
CA ALA B 446 11.48 18.87 -22.30
C ALA B 446 12.76 18.25 -21.71
N ARG B 447 12.80 18.10 -20.39
CA ARG B 447 13.99 17.52 -19.77
C ARG B 447 13.89 16.01 -19.62
N VAL B 448 12.73 15.44 -19.97
CA VAL B 448 12.56 13.99 -19.92
C VAL B 448 13.25 13.39 -21.15
N CYS B 449 14.12 12.41 -20.92
CA CYS B 449 14.86 11.77 -22.02
C CYS B 449 13.98 10.89 -22.92
N HIS B 450 13.73 11.36 -24.14
CA HIS B 450 12.95 10.60 -25.10
C HIS B 450 13.91 9.84 -26.01
N ALA B 451 13.52 8.64 -26.38
CA ALA B 451 14.34 7.79 -27.22
C ALA B 451 14.56 8.43 -28.60
N HIS B 452 15.77 8.32 -29.12
CA HIS B 452 16.12 8.83 -30.44
C HIS B 452 16.50 7.64 -31.31
N PRO B 453 15.87 7.53 -32.48
CA PRO B 453 14.87 8.50 -32.96
C PRO B 453 13.43 8.04 -32.82
N THR B 454 12.57 8.90 -32.29
CA THR B 454 11.15 8.57 -32.18
C THR B 454 10.33 9.83 -32.48
N LEU B 455 9.05 9.60 -32.80
CA LEU B 455 8.13 10.70 -33.08
C LEU B 455 7.91 11.53 -31.82
N SER B 456 7.95 10.85 -30.67
CA SER B 456 7.75 11.48 -29.36
C SER B 456 8.71 12.68 -29.23
N GLU B 457 9.76 12.69 -30.02
CA GLU B 457 10.70 13.77 -29.95
C GLU B 457 10.14 15.08 -30.47
N ALA B 458 9.12 15.01 -31.31
CA ALA B 458 8.50 16.23 -31.83
C ALA B 458 7.75 16.90 -30.69
N PHE B 459 7.20 16.04 -29.83
CA PHE B 459 6.42 16.44 -28.67
C PHE B 459 7.37 17.06 -27.68
N ARG B 460 8.48 16.39 -27.46
CA ARG B 460 9.46 16.89 -26.54
C ARG B 460 10.00 18.28 -26.99
N GLU B 461 10.31 18.41 -28.27
CA GLU B 461 10.83 19.67 -28.84
C GLU B 461 9.81 20.79 -28.82
N ALA B 462 8.53 20.44 -29.03
CA ALA B 462 7.48 21.46 -29.01
C ALA B 462 7.36 22.05 -27.58
N ASN B 463 7.59 21.19 -26.59
CA ASN B 463 7.51 21.61 -25.20
C ASN B 463 8.69 22.52 -24.88
N LEU B 464 9.85 22.17 -25.42
CA LEU B 464 11.06 22.95 -25.20
C LEU B 464 10.85 24.34 -25.82
N ALA B 465 10.23 24.37 -26.99
CA ALA B 465 9.96 25.62 -27.67
C ALA B 465 9.08 26.46 -26.76
N ALA B 466 8.00 25.85 -26.27
CA ALA B 466 7.07 26.54 -25.38
C ALA B 466 7.72 27.06 -24.09
N SER B 467 8.52 26.21 -23.46
CA SER B 467 9.16 26.57 -22.21
C SER B 467 10.27 27.61 -22.33
N PHE B 468 11.28 27.29 -23.15
CA PHE B 468 12.46 28.11 -23.35
C PHE B 468 12.40 29.13 -24.50
N GLY B 469 11.50 28.90 -25.47
CA GLY B 469 11.39 29.80 -26.60
C GLY B 469 11.94 29.25 -27.93
N LYS B 470 12.84 28.28 -27.85
CA LYS B 470 13.45 27.70 -29.05
C LYS B 470 13.60 26.22 -28.89
N SER B 471 13.49 25.48 -30.00
CA SER B 471 13.74 24.02 -30.03
C SER B 471 15.20 23.87 -30.44
N ILE B 472 15.69 22.65 -30.49
CA ILE B 472 17.05 22.42 -30.96
C ILE B 472 17.05 22.22 -32.50
N ASN B 473 16.18 21.31 -32.96
CA ASN B 473 16.13 20.93 -34.35
C ASN B 473 15.29 21.75 -35.33
N PHE B 474 14.79 22.88 -34.84
CA PHE B 474 14.01 23.77 -35.68
C PHE B 474 14.07 25.11 -35.01
N PRO C 4 -112.59 -20.80 32.02
CA PRO C 4 -112.42 -19.56 32.83
C PRO C 4 -111.04 -19.49 33.50
N ILE C 5 -110.11 -18.75 32.88
CA ILE C 5 -108.73 -18.61 33.35
C ILE C 5 -108.47 -17.43 34.30
N ASP C 6 -107.53 -17.60 35.23
CA ASP C 6 -107.18 -16.57 36.22
C ASP C 6 -105.80 -15.99 35.96
N ALA C 7 -105.60 -14.71 36.28
CA ALA C 7 -104.30 -14.07 36.05
C ALA C 7 -104.02 -12.80 36.84
N ASP C 8 -102.72 -12.45 36.90
CA ASP C 8 -102.24 -11.25 37.58
C ASP C 8 -102.17 -10.10 36.56
N VAL C 9 -101.58 -10.40 35.41
CA VAL C 9 -101.43 -9.42 34.34
C VAL C 9 -101.94 -9.99 33.02
N THR C 10 -102.86 -9.26 32.39
CA THR C 10 -103.41 -9.68 31.11
C THR C 10 -103.18 -8.58 30.08
N VAL C 11 -102.31 -8.89 29.10
CA VAL C 11 -101.94 -7.96 28.03
C VAL C 11 -102.72 -8.19 26.73
N ILE C 12 -103.47 -7.18 26.31
CA ILE C 12 -104.23 -7.27 25.07
C ILE C 12 -103.39 -6.70 23.92
N GLY C 13 -102.79 -7.58 23.13
CA GLY C 13 -101.97 -7.17 22.00
C GLY C 13 -100.56 -7.74 22.06
N SER C 14 -100.10 -8.36 20.98
CA SER C 14 -98.76 -8.94 20.96
C SER C 14 -97.77 -8.16 20.09
N GLY C 15 -97.98 -6.85 20.03
CA GLY C 15 -97.09 -6.00 19.26
C GLY C 15 -95.83 -5.73 20.06
N PRO C 16 -94.93 -4.89 19.55
CA PRO C 16 -93.67 -4.57 20.23
C PRO C 16 -93.86 -4.26 21.73
N GLY C 17 -94.91 -3.51 22.06
CA GLY C 17 -95.14 -3.18 23.45
C GLY C 17 -95.76 -4.30 24.27
N GLY C 18 -96.83 -4.89 23.72
CA GLY C 18 -97.51 -5.96 24.42
C GLY C 18 -96.70 -7.20 24.70
N TYR C 19 -96.07 -7.76 23.68
CA TYR C 19 -95.29 -8.97 23.84
C TYR C 19 -94.03 -8.79 24.68
N VAL C 20 -93.47 -7.59 24.70
CA VAL C 20 -92.29 -7.33 25.53
C VAL C 20 -92.78 -7.13 26.96
N ALA C 21 -93.97 -6.55 27.09
CA ALA C 21 -94.61 -6.30 28.38
C ALA C 21 -94.92 -7.64 29.01
N ALA C 22 -95.61 -8.47 28.23
CA ALA C 22 -95.99 -9.80 28.69
C ALA C 22 -94.76 -10.56 29.21
N ILE C 23 -93.77 -10.72 28.35
CA ILE C 23 -92.53 -11.42 28.70
C ILE C 23 -91.92 -10.88 29.99
N LYS C 24 -91.68 -9.57 30.02
CA LYS C 24 -91.09 -8.91 31.20
C LYS C 24 -91.99 -9.05 32.44
N ALA C 25 -93.29 -9.22 32.22
CA ALA C 25 -94.24 -9.39 33.31
C ALA C 25 -94.05 -10.77 33.95
N ALA C 26 -93.96 -11.80 33.11
CA ALA C 26 -93.78 -13.16 33.62
C ALA C 26 -92.43 -13.31 34.32
N GLN C 27 -91.41 -12.62 33.81
CA GLN C 27 -90.06 -12.68 34.38
C GLN C 27 -89.97 -11.99 35.73
N LEU C 28 -90.97 -11.16 36.05
CA LEU C 28 -90.99 -10.44 37.30
C LEU C 28 -91.75 -11.20 38.40
N GLY C 29 -92.50 -12.22 37.99
CA GLY C 29 -93.28 -13.02 38.93
C GLY C 29 -94.78 -12.79 38.84
N PHE C 30 -95.30 -12.87 37.62
CA PHE C 30 -96.72 -12.66 37.37
C PHE C 30 -97.26 -13.76 36.48
N LYS C 31 -98.50 -14.15 36.74
CA LYS C 31 -99.16 -15.15 35.90
C LYS C 31 -99.61 -14.24 34.78
N THR C 32 -98.99 -14.40 33.60
CA THR C 32 -99.27 -13.53 32.45
C THR C 32 -99.96 -14.15 31.24
N VAL C 33 -101.03 -13.48 30.84
CA VAL C 33 -101.85 -13.88 29.71
C VAL C 33 -101.79 -12.78 28.65
N CYS C 34 -101.56 -13.19 27.41
CA CYS C 34 -101.49 -12.26 26.30
C CYS C 34 -102.52 -12.63 25.24
N ILE C 35 -103.34 -11.65 24.86
CA ILE C 35 -104.40 -11.84 23.88
C ILE C 35 -104.07 -11.23 22.50
N GLU C 36 -104.20 -12.03 21.43
CA GLU C 36 -103.91 -11.55 20.08
C GLU C 36 -105.02 -11.95 19.11
N LYS C 37 -105.63 -10.97 18.45
CA LYS C 37 -106.72 -11.17 17.47
C LYS C 37 -106.27 -11.65 16.08
N ASN C 38 -105.00 -11.47 15.73
CA ASN C 38 -104.51 -11.91 14.43
C ASN C 38 -103.96 -13.32 14.50
N GLU C 39 -103.62 -13.89 13.34
CA GLU C 39 -103.14 -15.25 13.33
C GLU C 39 -101.67 -15.45 13.63
N THR C 40 -101.00 -14.37 14.04
CA THR C 40 -99.59 -14.45 14.41
C THR C 40 -99.33 -13.46 15.53
N LEU C 41 -98.18 -13.57 16.17
CA LEU C 41 -97.85 -12.66 17.24
C LEU C 41 -96.88 -11.64 16.66
N GLY C 42 -96.67 -10.52 17.35
CA GLY C 42 -95.72 -9.53 16.86
C GLY C 42 -96.26 -8.19 16.38
N GLY C 43 -97.58 -8.02 16.36
CA GLY C 43 -98.20 -6.78 15.95
C GLY C 43 -97.89 -6.18 14.59
N THR C 44 -98.12 -4.88 14.46
CA THR C 44 -97.85 -4.16 13.21
C THR C 44 -96.40 -4.22 12.74
N CYS C 45 -95.46 -3.98 13.66
CA CYS C 45 -94.05 -3.99 13.34
C CYS C 45 -93.54 -5.28 12.73
N LEU C 46 -93.87 -6.41 13.32
CA LEU C 46 -93.38 -7.68 12.81
C LEU C 46 -94.07 -8.14 11.52
N ASN C 47 -95.38 -8.02 11.48
CA ASN C 47 -96.16 -8.49 10.33
C ASN C 47 -96.34 -7.55 9.13
N VAL C 48 -96.72 -6.30 9.36
CA VAL C 48 -96.92 -5.34 8.26
C VAL C 48 -96.20 -4.02 8.43
N GLY C 49 -95.11 -4.02 9.21
CA GLY C 49 -94.39 -2.78 9.44
C GLY C 49 -92.88 -2.81 9.33
N CYS C 50 -92.22 -2.56 10.46
CA CYS C 50 -90.75 -2.51 10.52
C CYS C 50 -90.00 -3.65 9.87
N ILE C 51 -90.32 -4.87 10.27
CA ILE C 51 -89.60 -6.01 9.76
C ILE C 51 -89.71 -6.20 8.25
N PRO C 52 -90.93 -6.39 7.72
CA PRO C 52 -91.01 -6.55 6.27
C PRO C 52 -90.47 -5.33 5.50
N SER C 53 -90.66 -4.13 6.04
CA SER C 53 -90.14 -2.97 5.33
C SER C 53 -88.57 -2.89 5.32
N LYS C 54 -87.92 -3.16 6.45
CA LYS C 54 -86.47 -3.13 6.48
C LYS C 54 -85.88 -4.24 5.60
N ALA C 55 -86.59 -5.36 5.45
CA ALA C 55 -86.10 -6.46 4.60
C ALA C 55 -86.09 -5.97 3.15
N LEU C 56 -87.23 -5.42 2.71
CA LEU C 56 -87.33 -4.90 1.36
C LEU C 56 -86.33 -3.78 1.14
N LEU C 57 -86.17 -2.89 2.12
CA LEU C 57 -85.18 -1.82 2.00
C LEU C 57 -83.78 -2.40 1.78
N ASN C 58 -83.42 -3.40 2.57
CA ASN C 58 -82.11 -4.01 2.47
C ASN C 58 -81.91 -4.76 1.14
N ASN C 59 -82.91 -5.50 0.70
CA ASN C 59 -82.77 -6.24 -0.56
C ASN C 59 -82.75 -5.34 -1.78
N SER C 60 -83.53 -4.28 -1.72
CA SER C 60 -83.62 -3.35 -2.83
C SER C 60 -82.35 -2.52 -2.88
N HIS C 61 -81.68 -2.34 -1.76
CA HIS C 61 -80.49 -1.53 -1.81
C HIS C 61 -79.42 -2.35 -2.53
N TYR C 62 -79.32 -3.64 -2.22
CA TYR C 62 -78.35 -4.50 -2.86
C TYR C 62 -78.66 -4.71 -4.35
N TYR C 63 -79.95 -4.77 -4.70
CA TYR C 63 -80.29 -4.91 -6.10
C TYR C 63 -79.74 -3.67 -6.83
N HIS C 64 -79.85 -2.50 -6.21
CA HIS C 64 -79.35 -1.25 -6.79
C HIS C 64 -77.84 -1.19 -6.91
N MET C 65 -77.11 -1.75 -5.95
CA MET C 65 -75.67 -1.74 -6.03
C MET C 65 -75.19 -2.74 -7.11
N ALA C 66 -75.95 -3.83 -7.29
CA ALA C 66 -75.62 -4.85 -8.29
C ALA C 66 -76.09 -4.48 -9.70
N HIS C 67 -77.27 -3.89 -9.77
CA HIS C 67 -77.87 -3.51 -11.04
C HIS C 67 -77.31 -2.17 -11.55
N GLY C 68 -76.98 -1.27 -10.63
CA GLY C 68 -76.43 0.02 -11.01
C GLY C 68 -74.95 -0.09 -11.30
N THR C 69 -74.25 1.00 -11.04
CA THR C 69 -72.83 1.07 -11.31
C THR C 69 -71.89 0.78 -10.16
N ASP C 70 -72.43 0.68 -8.96
CA ASP C 70 -71.60 0.43 -7.79
C ASP C 70 -70.73 -0.81 -7.83
N PHE C 71 -71.33 -1.97 -8.00
CA PHE C 71 -70.56 -3.22 -8.02
C PHE C 71 -69.51 -3.31 -9.12
N ALA C 72 -69.82 -2.71 -10.27
CA ALA C 72 -68.86 -2.72 -11.38
C ALA C 72 -67.61 -1.97 -10.92
N SER C 73 -67.79 -0.82 -10.29
CA SER C 73 -66.64 -0.06 -9.84
C SER C 73 -65.74 -0.82 -8.87
N ARG C 74 -66.23 -1.95 -8.35
CA ARG C 74 -65.47 -2.73 -7.36
C ARG C 74 -64.79 -3.99 -7.86
N GLY C 75 -64.80 -4.18 -9.18
CA GLY C 75 -64.19 -5.36 -9.74
C GLY C 75 -65.14 -6.54 -9.72
N ILE C 76 -66.35 -6.33 -9.20
CA ILE C 76 -67.35 -7.37 -9.17
C ILE C 76 -68.08 -7.15 -10.49
N GLU C 77 -67.84 -8.03 -11.47
CA GLU C 77 -68.48 -7.85 -12.78
C GLU C 77 -69.61 -8.80 -13.11
N MET C 78 -70.74 -8.21 -13.46
CA MET C 78 -71.94 -8.96 -13.78
C MET C 78 -72.37 -8.83 -15.21
N SER C 79 -72.86 -9.91 -15.76
CA SER C 79 -73.33 -9.94 -17.14
C SER C 79 -74.66 -9.19 -17.21
N GLU C 80 -75.67 -9.76 -16.59
CA GLU C 80 -77.00 -9.19 -16.54
C GLU C 80 -77.47 -9.35 -15.12
N VAL C 81 -78.28 -8.41 -14.65
CA VAL C 81 -78.81 -8.48 -13.29
C VAL C 81 -80.31 -8.27 -13.44
N ARG C 82 -81.06 -9.35 -13.30
CA ARG C 82 -82.50 -9.27 -13.40
C ARG C 82 -83.10 -9.37 -12.01
N LEU C 83 -84.28 -8.80 -11.85
CA LEU C 83 -84.98 -8.81 -10.57
C LEU C 83 -85.97 -9.96 -10.49
N ASN C 84 -85.98 -10.65 -9.36
CA ASN C 84 -86.92 -11.73 -9.16
C ASN C 84 -87.75 -11.30 -7.96
N LEU C 85 -88.76 -10.48 -8.24
CA LEU C 85 -89.62 -9.94 -7.21
C LEU C 85 -90.14 -11.02 -6.28
N ASP C 86 -90.54 -12.16 -6.84
CA ASP C 86 -91.07 -13.24 -6.02
C ASP C 86 -90.07 -13.75 -5.00
N LYS C 87 -88.81 -13.80 -5.40
CA LYS C 87 -87.75 -14.28 -4.52
C LYS C 87 -87.40 -13.26 -3.43
N MET C 88 -87.37 -12.00 -3.81
CA MET C 88 -87.05 -10.94 -2.88
C MET C 88 -88.11 -10.94 -1.80
N MET C 89 -89.37 -11.13 -2.21
CA MET C 89 -90.50 -11.15 -1.28
C MET C 89 -90.42 -12.34 -0.35
N GLU C 90 -89.94 -13.45 -0.89
CA GLU C 90 -89.82 -14.64 -0.11
C GLU C 90 -88.86 -14.40 1.04
N GLN C 91 -87.69 -13.83 0.73
CA GLN C 91 -86.68 -13.53 1.73
C GLN C 91 -87.35 -12.74 2.86
N LYS C 92 -88.20 -11.79 2.47
CA LYS C 92 -88.93 -10.96 3.40
C LYS C 92 -89.82 -11.84 4.28
N SER C 93 -90.69 -12.62 3.63
CA SER C 93 -91.63 -13.51 4.31
C SER C 93 -90.96 -14.43 5.31
N THR C 94 -89.85 -15.00 4.89
CA THR C 94 -89.09 -15.91 5.72
C THR C 94 -88.72 -15.23 7.02
N ALA C 95 -88.19 -14.02 6.90
CA ALA C 95 -87.77 -13.26 8.07
C ALA C 95 -88.93 -13.00 9.03
N VAL C 96 -90.08 -12.58 8.49
CA VAL C 96 -91.24 -12.31 9.33
C VAL C 96 -91.67 -13.58 10.06
N LYS C 97 -91.82 -14.65 9.30
CA LYS C 97 -92.21 -15.96 9.83
C LYS C 97 -91.30 -16.34 11.00
N ALA C 98 -90.00 -16.35 10.75
CA ALA C 98 -89.02 -16.71 11.76
C ALA C 98 -89.22 -15.91 13.04
N LEU C 99 -89.24 -14.59 12.94
CA LEU C 99 -89.41 -13.75 14.10
C LEU C 99 -90.76 -13.95 14.79
N THR C 100 -91.80 -14.28 14.04
CA THR C 100 -93.12 -14.49 14.65
C THR C 100 -93.13 -15.77 15.49
N GLY C 101 -92.44 -16.79 14.98
CA GLY C 101 -92.37 -18.04 15.68
C GLY C 101 -91.51 -17.83 16.91
N GLY C 102 -90.58 -16.91 16.76
CA GLY C 102 -89.67 -16.57 17.84
C GLY C 102 -90.41 -16.05 19.04
N ILE C 103 -91.47 -15.28 18.79
CA ILE C 103 -92.25 -14.74 19.88
C ILE C 103 -93.04 -15.88 20.50
N ALA C 104 -93.46 -16.82 19.66
CA ALA C 104 -94.20 -17.99 20.12
C ALA C 104 -93.33 -18.75 21.14
N HIS C 105 -92.07 -18.98 20.77
CA HIS C 105 -91.16 -19.69 21.64
C HIS C 105 -90.84 -18.90 22.91
N LEU C 106 -90.63 -17.60 22.77
CA LEU C 106 -90.32 -16.78 23.92
C LEU C 106 -91.47 -16.76 24.91
N PHE C 107 -92.69 -16.80 24.39
CA PHE C 107 -93.89 -16.81 25.23
C PHE C 107 -93.91 -18.13 26.00
N LYS C 108 -93.59 -19.23 25.31
CA LYS C 108 -93.55 -20.56 25.93
C LYS C 108 -92.48 -20.64 27.00
N GLN C 109 -91.28 -20.19 26.63
CA GLN C 109 -90.14 -20.19 27.53
C GLN C 109 -90.44 -19.49 28.85
N ASN C 110 -91.02 -18.30 28.78
CA ASN C 110 -91.34 -17.54 30.00
C ASN C 110 -92.72 -17.90 30.54
N LYS C 111 -93.30 -18.97 30.00
CA LYS C 111 -94.60 -19.44 30.44
C LYS C 111 -95.76 -18.43 30.39
N VAL C 112 -95.79 -17.66 29.31
CA VAL C 112 -96.86 -16.70 29.13
C VAL C 112 -97.98 -17.46 28.43
N VAL C 113 -99.21 -17.23 28.86
CA VAL C 113 -100.33 -17.93 28.24
C VAL C 113 -100.86 -17.11 27.08
N HIS C 114 -100.85 -17.71 25.88
CA HIS C 114 -101.31 -17.05 24.67
C HIS C 114 -102.76 -17.39 24.29
N VAL C 115 -103.60 -16.37 24.29
CA VAL C 115 -105.01 -16.50 23.95
C VAL C 115 -105.35 -15.94 22.57
N ASN C 116 -105.77 -16.80 21.64
CA ASN C 116 -106.13 -16.36 20.28
C ASN C 116 -107.59 -15.89 20.22
N GLY C 117 -107.78 -14.57 20.19
CA GLY C 117 -109.12 -14.01 20.14
C GLY C 117 -109.15 -12.49 20.15
N TYR C 118 -110.35 -11.92 20.06
CA TYR C 118 -110.51 -10.47 20.07
C TYR C 118 -110.99 -10.05 21.45
N GLY C 119 -110.05 -9.71 22.32
CA GLY C 119 -110.39 -9.31 23.66
C GLY C 119 -111.18 -8.03 23.83
N LYS C 120 -112.03 -8.02 24.85
CA LYS C 120 -112.85 -6.87 25.20
C LYS C 120 -112.89 -6.82 26.72
N ILE C 121 -112.60 -5.67 27.30
CA ILE C 121 -112.66 -5.54 28.74
C ILE C 121 -114.13 -5.60 29.12
N THR C 122 -114.52 -6.76 29.66
CA THR C 122 -115.90 -6.99 30.07
C THR C 122 -116.16 -6.64 31.53
N GLY C 123 -115.11 -6.54 32.31
CA GLY C 123 -115.24 -6.21 33.71
C GLY C 123 -114.03 -5.44 34.22
N LYS C 124 -114.27 -4.54 35.15
CA LYS C 124 -113.20 -3.74 35.73
C LYS C 124 -112.01 -4.61 36.14
N ASN C 125 -112.22 -5.92 36.21
CA ASN C 125 -111.16 -6.85 36.58
C ASN C 125 -111.26 -8.12 35.75
N GLN C 126 -111.96 -8.01 34.62
CA GLN C 126 -112.12 -9.14 33.74
C GLN C 126 -111.99 -8.76 32.26
N VAL C 127 -111.56 -9.72 31.44
CA VAL C 127 -111.38 -9.51 30.02
C VAL C 127 -111.89 -10.73 29.29
N THR C 128 -112.71 -10.53 28.25
CA THR C 128 -113.24 -11.66 27.51
C THR C 128 -112.76 -11.68 26.07
N ALA C 129 -111.96 -12.68 25.72
CA ALA C 129 -111.44 -12.82 24.36
C ALA C 129 -112.36 -13.76 23.57
N THR C 130 -112.84 -13.30 22.42
CA THR C 130 -113.75 -14.11 21.62
C THR C 130 -113.07 -14.67 20.38
N LYS C 131 -112.76 -15.96 20.42
CA LYS C 131 -112.10 -16.63 19.30
C LYS C 131 -112.80 -16.42 17.97
N ALA C 132 -112.15 -16.87 16.91
CA ALA C 132 -112.68 -16.74 15.56
C ALA C 132 -113.98 -17.50 15.42
N ASP C 133 -113.91 -18.81 15.66
CA ASP C 133 -115.06 -19.69 15.55
C ASP C 133 -116.29 -19.30 16.37
N GLY C 134 -116.19 -18.22 17.16
CA GLY C 134 -117.32 -17.80 17.97
C GLY C 134 -117.16 -18.14 19.43
N GLY C 135 -116.34 -19.15 19.72
CA GLY C 135 -116.10 -19.55 21.08
C GLY C 135 -115.49 -18.40 21.85
N THR C 136 -115.63 -18.40 23.16
CA THR C 136 -115.08 -17.32 23.96
C THR C 136 -113.99 -17.84 24.89
N GLN C 137 -113.60 -16.99 25.84
CA GLN C 137 -112.57 -17.33 26.80
C GLN C 137 -112.53 -16.21 27.82
N VAL C 138 -112.74 -16.54 29.08
CA VAL C 138 -112.74 -15.53 30.11
C VAL C 138 -111.47 -15.55 30.94
N ILE C 139 -111.01 -14.35 31.30
CA ILE C 139 -109.80 -14.18 32.08
C ILE C 139 -110.04 -13.18 33.20
N ASP C 140 -109.87 -13.62 34.44
CA ASP C 140 -110.04 -12.72 35.57
C ASP C 140 -108.64 -12.25 35.92
N THR C 141 -108.49 -10.94 36.01
CA THR C 141 -107.18 -10.40 36.26
C THR C 141 -107.18 -9.21 37.20
N LYS C 142 -106.08 -9.04 37.92
CA LYS C 142 -105.95 -7.91 38.83
C LYS C 142 -105.65 -6.64 38.02
N ASN C 143 -104.84 -6.80 36.98
CA ASN C 143 -104.47 -5.68 36.12
C ASN C 143 -104.73 -5.97 34.66
N ILE C 144 -105.13 -4.94 33.92
CA ILE C 144 -105.35 -5.08 32.49
C ILE C 144 -104.41 -4.10 31.79
N LEU C 145 -103.67 -4.61 30.79
CA LEU C 145 -102.73 -3.79 30.04
C LEU C 145 -103.11 -3.75 28.55
N ILE C 146 -103.56 -2.59 28.13
CA ILE C 146 -103.98 -2.33 26.75
C ILE C 146 -102.76 -2.00 25.88
N ALA C 147 -102.47 -2.86 24.90
CA ALA C 147 -101.34 -2.65 23.98
C ALA C 147 -101.85 -2.92 22.56
N THR C 148 -103.06 -2.42 22.32
CA THR C 148 -103.78 -2.59 21.05
C THR C 148 -103.23 -1.91 19.81
N GLY C 149 -102.29 -1.00 20.00
CA GLY C 149 -101.66 -0.32 18.88
C GLY C 149 -102.46 0.63 18.01
N SER C 150 -102.12 0.62 16.72
CA SER C 150 -102.75 1.48 15.74
C SER C 150 -103.17 0.76 14.46
N GLU C 151 -103.67 1.55 13.50
CA GLU C 151 -104.10 1.09 12.18
C GLU C 151 -103.83 2.23 11.21
N VAL C 152 -103.86 1.95 9.91
CA VAL C 152 -103.63 2.98 8.92
C VAL C 152 -104.73 4.01 9.01
N THR C 153 -104.36 5.28 8.89
CA THR C 153 -105.33 6.37 8.93
C THR C 153 -105.86 6.50 7.51
N PRO C 154 -107.16 6.26 7.30
CA PRO C 154 -107.68 6.37 5.94
C PRO C 154 -107.74 7.79 5.40
N PHE C 155 -107.75 7.91 4.08
CA PHE C 155 -107.85 9.20 3.43
C PHE C 155 -109.28 9.26 2.95
N PRO C 156 -110.08 10.17 3.51
CA PRO C 156 -111.48 10.28 3.10
C PRO C 156 -111.63 10.44 1.59
N GLY C 157 -112.63 9.77 1.03
CA GLY C 157 -112.85 9.84 -0.41
C GLY C 157 -111.98 8.90 -1.21
N ILE C 158 -110.95 8.34 -0.59
CA ILE C 158 -110.08 7.40 -1.31
C ILE C 158 -110.06 6.09 -0.57
N THR C 159 -110.74 5.10 -1.12
CA THR C 159 -110.83 3.79 -0.51
C THR C 159 -109.66 2.86 -0.86
N ILE C 160 -108.96 2.38 0.17
CA ILE C 160 -107.83 1.49 0.01
C ILE C 160 -108.36 0.10 -0.29
N ASP C 161 -107.95 -0.48 -1.42
CA ASP C 161 -108.39 -1.82 -1.79
C ASP C 161 -107.26 -2.82 -1.75
N GLU C 162 -106.10 -2.34 -1.30
CA GLU C 162 -104.89 -3.16 -1.17
C GLU C 162 -104.46 -3.92 -2.41
N ASP C 163 -104.98 -3.49 -3.56
CA ASP C 163 -104.64 -4.08 -4.85
C ASP C 163 -103.80 -3.04 -5.63
N THR C 164 -104.47 -1.99 -6.10
CA THR C 164 -103.82 -0.91 -6.83
C THR C 164 -103.78 0.35 -5.99
N ILE C 165 -104.76 0.50 -5.12
CA ILE C 165 -104.82 1.62 -4.17
C ILE C 165 -104.52 0.96 -2.82
N VAL C 166 -103.23 0.93 -2.49
CA VAL C 166 -102.74 0.30 -1.28
C VAL C 166 -102.36 1.20 -0.09
N SER C 167 -102.13 0.52 1.02
CA SER C 167 -101.70 1.16 2.25
C SER C 167 -100.30 0.61 2.36
N SER C 168 -99.64 0.91 3.47
CA SER C 168 -98.29 0.42 3.70
C SER C 168 -98.29 -1.11 3.62
N THR C 169 -99.41 -1.71 3.98
CA THR C 169 -99.55 -3.17 3.96
C THR C 169 -99.55 -3.74 2.52
N GLY C 170 -100.36 -3.16 1.65
CA GLY C 170 -100.39 -3.63 0.28
C GLY C 170 -99.06 -3.30 -0.38
N ALA C 171 -98.51 -2.13 -0.05
CA ALA C 171 -97.25 -1.70 -0.62
C ALA C 171 -96.13 -2.69 -0.33
N LEU C 172 -96.21 -3.40 0.79
CA LEU C 172 -95.17 -4.35 1.13
C LEU C 172 -95.29 -5.68 0.40
N SER C 173 -96.36 -5.85 -0.35
CA SER C 173 -96.58 -7.09 -1.09
C SER C 173 -97.07 -6.92 -2.54
N LEU C 174 -96.59 -5.88 -3.22
CA LEU C 174 -96.96 -5.63 -4.61
C LEU C 174 -96.45 -6.80 -5.45
N LYS C 175 -97.32 -7.36 -6.28
CA LYS C 175 -96.97 -8.50 -7.13
C LYS C 175 -96.06 -8.18 -8.31
N LYS C 176 -96.10 -6.93 -8.75
CA LYS C 176 -95.29 -6.48 -9.87
C LYS C 176 -94.73 -5.09 -9.54
N VAL C 177 -93.58 -4.77 -10.10
CA VAL C 177 -93.03 -3.45 -9.88
C VAL C 177 -93.94 -2.51 -10.68
N PRO C 178 -94.63 -1.57 -10.00
CA PRO C 178 -95.49 -0.68 -10.79
C PRO C 178 -94.68 0.28 -11.67
N GLU C 179 -95.24 0.66 -12.81
CA GLU C 179 -94.51 1.56 -13.68
C GLU C 179 -94.45 2.94 -13.02
N LYS C 180 -95.60 3.45 -12.62
CA LYS C 180 -95.65 4.73 -11.95
C LYS C 180 -96.33 4.55 -10.63
N MET C 181 -95.81 5.22 -9.61
CA MET C 181 -96.40 5.14 -8.29
C MET C 181 -96.38 6.49 -7.60
N VAL C 182 -97.53 6.86 -7.06
CA VAL C 182 -97.67 8.10 -6.34
C VAL C 182 -97.84 7.69 -4.90
N VAL C 183 -97.17 8.41 -4.01
CA VAL C 183 -97.25 8.15 -2.57
C VAL C 183 -97.87 9.38 -1.95
N ILE C 184 -98.93 9.18 -1.18
CA ILE C 184 -99.56 10.32 -0.53
C ILE C 184 -98.90 10.40 0.84
N GLY C 185 -98.12 11.45 1.07
CA GLY C 185 -97.43 11.66 2.34
C GLY C 185 -95.93 11.35 2.27
N ALA C 186 -95.09 12.28 2.74
CA ALA C 186 -93.63 12.12 2.72
C ALA C 186 -93.05 11.91 4.10
N GLY C 187 -93.72 11.08 4.90
CA GLY C 187 -93.25 10.78 6.23
C GLY C 187 -92.26 9.65 6.09
N VAL C 188 -91.77 9.14 7.22
CA VAL C 188 -90.77 8.07 7.18
C VAL C 188 -91.23 6.84 6.41
N ILE C 189 -92.42 6.36 6.73
CA ILE C 189 -92.95 5.18 6.10
C ILE C 189 -93.08 5.38 4.60
N GLY C 190 -93.60 6.53 4.20
CA GLY C 190 -93.78 6.81 2.79
C GLY C 190 -92.49 6.91 2.00
N VAL C 191 -91.48 7.49 2.63
CA VAL C 191 -90.20 7.65 1.97
C VAL C 191 -89.51 6.32 1.83
N GLU C 192 -89.62 5.49 2.87
CA GLU C 192 -88.98 4.17 2.83
C GLU C 192 -89.63 3.32 1.73
N LEU C 193 -90.95 3.18 1.79
CA LEU C 193 -91.66 2.37 0.80
C LEU C 193 -91.45 2.95 -0.60
N GLY C 194 -91.47 4.27 -0.69
CA GLY C 194 -91.24 4.90 -1.98
C GLY C 194 -89.84 4.62 -2.51
N SER C 195 -88.85 4.62 -1.63
CA SER C 195 -87.49 4.38 -2.08
C SER C 195 -87.30 2.93 -2.52
N VAL C 196 -88.00 2.02 -1.85
CA VAL C 196 -87.95 0.59 -2.14
C VAL C 196 -88.39 0.32 -3.59
N TRP C 197 -89.57 0.81 -3.94
CA TRP C 197 -90.06 0.58 -5.28
C TRP C 197 -89.33 1.45 -6.31
N GLN C 198 -88.83 2.60 -5.88
CA GLN C 198 -88.08 3.43 -6.82
C GLN C 198 -86.89 2.60 -7.32
N ARG C 199 -86.13 2.04 -6.39
CA ARG C 199 -84.97 1.21 -6.73
C ARG C 199 -85.29 0.00 -7.62
N LEU C 200 -86.47 -0.58 -7.42
CA LEU C 200 -86.87 -1.75 -8.18
C LEU C 200 -87.30 -1.48 -9.62
N GLY C 201 -87.37 -0.22 -9.99
CA GLY C 201 -87.73 0.12 -11.35
C GLY C 201 -88.87 1.09 -11.53
N ALA C 202 -89.61 1.37 -10.47
CA ALA C 202 -90.74 2.29 -10.54
C ALA C 202 -90.36 3.77 -10.58
N ASP C 203 -91.24 4.52 -11.22
CA ASP C 203 -91.12 5.95 -11.36
C ASP C 203 -91.96 6.44 -10.21
N VAL C 204 -91.29 6.99 -9.21
CA VAL C 204 -91.98 7.44 -8.02
C VAL C 204 -92.04 8.94 -7.73
N THR C 205 -93.19 9.37 -7.24
CA THR C 205 -93.42 10.74 -6.87
C THR C 205 -94.28 10.76 -5.61
N ALA C 206 -93.74 11.33 -4.55
CA ALA C 206 -94.49 11.44 -3.30
C ALA C 206 -95.03 12.87 -3.21
N VAL C 207 -96.29 13.00 -2.80
CA VAL C 207 -96.92 14.31 -2.70
C VAL C 207 -97.09 14.59 -1.21
N GLU C 208 -96.56 15.74 -0.77
CA GLU C 208 -96.57 16.14 0.63
C GLU C 208 -97.12 17.52 0.92
N PHE C 209 -98.05 17.58 1.86
CA PHE C 209 -98.66 18.83 2.23
C PHE C 209 -97.69 19.83 2.81
N LEU C 210 -96.85 19.36 3.74
CA LEU C 210 -95.88 20.19 4.41
C LEU C 210 -94.72 20.49 3.47
N GLY C 211 -93.81 21.38 3.86
CA GLY C 211 -92.72 21.75 2.98
C GLY C 211 -91.40 21.02 3.14
N HIS C 212 -91.42 19.88 3.83
CA HIS C 212 -90.20 19.08 4.04
C HIS C 212 -90.58 17.60 4.13
N VAL C 213 -89.62 16.72 3.82
CA VAL C 213 -89.85 15.28 3.87
C VAL C 213 -89.29 14.74 5.22
N GLY C 214 -89.75 13.57 5.65
CA GLY C 214 -89.23 12.99 6.89
C GLY C 214 -90.13 12.99 8.12
N GLY C 215 -91.30 13.57 8.00
CA GLY C 215 -92.20 13.61 9.12
C GLY C 215 -91.92 14.69 10.11
N VAL C 216 -92.46 14.51 11.31
CA VAL C 216 -92.35 15.46 12.40
C VAL C 216 -91.12 15.25 13.25
N GLY C 217 -90.47 16.35 13.63
CA GLY C 217 -89.31 16.25 14.48
C GLY C 217 -87.98 16.25 13.79
N ILE C 218 -87.96 15.92 12.51
CA ILE C 218 -86.71 15.89 11.77
C ILE C 218 -86.15 17.33 11.67
N ASP C 219 -84.82 17.42 11.59
CA ASP C 219 -84.17 18.71 11.47
C ASP C 219 -84.30 19.15 10.01
N MET C 220 -84.69 20.41 9.79
CA MET C 220 -84.87 20.94 8.43
C MET C 220 -83.63 20.89 7.52
N GLU C 221 -82.45 21.24 8.04
CA GLU C 221 -81.27 21.18 7.18
C GLU C 221 -81.03 19.73 6.76
N ILE C 222 -81.19 18.81 7.71
CA ILE C 222 -81.02 17.40 7.43
C ILE C 222 -82.08 16.99 6.38
N SER C 223 -83.33 17.35 6.66
CA SER C 223 -84.46 17.08 5.78
C SER C 223 -84.19 17.52 4.34
N LYS C 224 -83.72 18.75 4.21
CA LYS C 224 -83.40 19.29 2.92
C LYS C 224 -82.32 18.51 2.19
N ASN C 225 -81.23 18.17 2.89
CA ASN C 225 -80.15 17.45 2.22
C ASN C 225 -80.55 16.03 1.83
N PHE C 226 -81.44 15.46 2.62
CA PHE C 226 -81.95 14.12 2.42
C PHE C 226 -82.82 14.09 1.14
N GLN C 227 -83.75 15.03 1.05
CA GLN C 227 -84.63 15.15 -0.09
C GLN C 227 -83.79 15.30 -1.35
N ARG C 228 -82.79 16.16 -1.24
CA ARG C 228 -81.90 16.47 -2.34
C ARG C 228 -81.16 15.23 -2.84
N ILE C 229 -80.78 14.36 -1.94
CA ILE C 229 -80.06 13.15 -2.32
C ILE C 229 -81.01 12.11 -2.91
N LEU C 230 -82.20 12.03 -2.34
CA LEU C 230 -83.19 11.09 -2.80
C LEU C 230 -83.61 11.48 -4.21
N GLN C 231 -83.68 12.78 -4.46
CA GLN C 231 -84.10 13.31 -5.76
C GLN C 231 -83.09 12.97 -6.85
N LYS C 232 -81.80 13.00 -6.53
CA LYS C 232 -80.80 12.63 -7.54
C LYS C 232 -80.77 11.09 -7.71
N GLN C 233 -81.51 10.36 -6.89
CA GLN C 233 -81.58 8.92 -7.01
C GLN C 233 -82.76 8.58 -7.95
N GLY C 234 -83.64 9.55 -8.12
CA GLY C 234 -84.78 9.37 -9.02
C GLY C 234 -86.11 9.57 -8.34
N PHE C 235 -86.08 9.65 -7.01
CA PHE C 235 -87.27 9.82 -6.19
C PHE C 235 -87.73 11.27 -6.33
N LYS C 236 -88.94 11.47 -6.84
CA LYS C 236 -89.43 12.83 -7.00
C LYS C 236 -90.38 13.14 -5.88
N PHE C 237 -90.47 14.43 -5.58
CA PHE C 237 -91.32 14.94 -4.53
C PHE C 237 -92.03 16.21 -4.95
N LYS C 238 -93.25 16.39 -4.45
CA LYS C 238 -94.03 17.59 -4.72
C LYS C 238 -94.43 18.08 -3.31
N LEU C 239 -93.63 19.00 -2.77
CA LEU C 239 -93.86 19.53 -1.43
C LEU C 239 -94.90 20.64 -1.46
N ASN C 240 -95.51 20.92 -0.31
CA ASN C 240 -96.50 21.99 -0.25
C ASN C 240 -97.62 21.80 -1.29
N THR C 241 -98.07 20.55 -1.42
CA THR C 241 -99.12 20.17 -2.35
C THR C 241 -100.19 19.38 -1.61
N LYS C 242 -101.44 19.72 -1.88
CA LYS C 242 -102.54 19.05 -1.24
C LYS C 242 -103.19 18.06 -2.23
N VAL C 243 -103.35 16.81 -1.84
CA VAL C 243 -104.01 15.88 -2.75
C VAL C 243 -105.50 16.02 -2.48
N THR C 244 -106.24 16.51 -3.47
CA THR C 244 -107.67 16.72 -3.31
C THR C 244 -108.46 15.42 -3.43
N GLY C 245 -107.95 14.49 -4.22
CA GLY C 245 -108.63 13.23 -4.39
C GLY C 245 -108.00 12.36 -5.44
N ALA C 246 -108.59 11.19 -5.67
CA ALA C 246 -108.06 10.26 -6.66
C ALA C 246 -109.12 9.31 -7.16
N THR C 247 -109.06 8.98 -8.44
CA THR C 247 -110.04 8.09 -9.04
C THR C 247 -109.37 7.04 -9.92
N LYS C 248 -109.86 5.82 -9.83
CA LYS C 248 -109.31 4.75 -10.65
C LYS C 248 -110.10 4.78 -11.95
N LYS C 249 -109.41 4.66 -13.08
CA LYS C 249 -110.07 4.70 -14.38
C LYS C 249 -110.29 3.32 -14.98
N SER C 250 -111.22 3.26 -15.93
CA SER C 250 -111.62 2.03 -16.62
C SER C 250 -110.46 1.31 -17.30
N ASP C 251 -109.36 2.02 -17.51
CA ASP C 251 -108.19 1.42 -18.16
C ASP C 251 -107.23 0.87 -17.11
N GLY C 252 -107.66 0.91 -15.85
CA GLY C 252 -106.83 0.44 -14.74
C GLY C 252 -106.01 1.54 -14.08
N LYS C 253 -105.80 2.65 -14.80
CA LYS C 253 -105.03 3.76 -14.30
C LYS C 253 -105.64 4.53 -13.14
N ILE C 254 -104.80 5.26 -12.41
CA ILE C 254 -105.27 6.03 -11.29
C ILE C 254 -104.89 7.47 -11.54
N ASP C 255 -105.86 8.35 -11.40
CA ASP C 255 -105.66 9.78 -11.58
C ASP C 255 -105.69 10.40 -10.20
N VAL C 256 -104.62 11.10 -9.85
CA VAL C 256 -104.52 11.75 -8.55
C VAL C 256 -104.60 13.26 -8.75
N SER C 257 -105.60 13.88 -8.14
CA SER C 257 -105.74 15.31 -8.26
C SER C 257 -104.98 16.03 -7.16
N ILE C 258 -104.24 17.06 -7.53
CA ILE C 258 -103.47 17.81 -6.56
C ILE C 258 -103.52 19.33 -6.79
N GLU C 259 -103.34 20.08 -5.71
CA GLU C 259 -103.32 21.56 -5.73
C GLU C 259 -102.16 22.00 -4.87
N ALA C 260 -101.85 23.28 -4.93
CA ALA C 260 -100.79 23.79 -4.09
C ALA C 260 -101.45 23.83 -2.72
N ALA C 261 -100.68 23.67 -1.66
CA ALA C 261 -101.27 23.72 -0.32
C ALA C 261 -102.02 25.03 -0.14
N SER C 262 -101.39 26.13 -0.53
CA SER C 262 -101.97 27.47 -0.42
C SER C 262 -103.03 27.72 -1.50
N GLY C 263 -103.63 26.65 -2.02
CA GLY C 263 -104.65 26.79 -3.07
C GLY C 263 -104.10 27.11 -4.46
N GLY C 264 -104.80 26.64 -5.49
CA GLY C 264 -104.39 26.89 -6.86
C GLY C 264 -103.51 25.79 -7.45
N LYS C 265 -102.92 26.08 -8.61
CA LYS C 265 -102.04 25.13 -9.28
C LYS C 265 -102.70 23.76 -9.47
N ALA C 266 -104.00 23.73 -9.71
CA ALA C 266 -104.69 22.46 -9.91
C ALA C 266 -104.00 21.61 -10.96
N GLU C 267 -103.45 20.48 -10.54
CA GLU C 267 -102.82 19.55 -11.47
C GLU C 267 -103.39 18.14 -11.29
N VAL C 268 -102.95 17.21 -12.13
CA VAL C 268 -103.40 15.83 -12.07
C VAL C 268 -102.26 14.87 -12.42
N ILE C 269 -102.10 13.82 -11.62
CA ILE C 269 -101.08 12.80 -11.82
C ILE C 269 -101.74 11.45 -12.05
N THR C 270 -101.15 10.69 -12.96
CA THR C 270 -101.66 9.37 -13.31
C THR C 270 -100.55 8.38 -12.98
N CYS C 271 -100.91 7.31 -12.27
CA CYS C 271 -99.98 6.26 -11.86
C CYS C 271 -100.67 4.88 -11.89
N ASP C 272 -99.89 3.82 -11.76
CA ASP C 272 -100.46 2.47 -11.75
C ASP C 272 -100.80 2.01 -10.33
N VAL C 273 -100.13 2.61 -9.37
CA VAL C 273 -100.36 2.28 -7.98
C VAL C 273 -100.37 3.50 -7.12
N LEU C 274 -101.35 3.57 -6.22
CA LEU C 274 -101.44 4.68 -5.30
C LEU C 274 -101.24 4.13 -3.89
N LEU C 275 -100.25 4.70 -3.19
CA LEU C 275 -99.92 4.34 -1.81
C LEU C 275 -100.40 5.46 -0.88
N VAL C 276 -101.40 5.15 -0.07
CA VAL C 276 -101.93 6.13 0.87
C VAL C 276 -101.17 5.95 2.21
N CYS C 277 -100.39 6.97 2.56
CA CYS C 277 -99.50 6.94 3.74
C CYS C 277 -99.63 8.24 4.49
N ILE C 278 -100.81 8.61 4.97
CA ILE C 278 -100.93 9.87 5.64
C ILE C 278 -100.93 9.73 7.11
N GLY C 279 -100.43 8.61 7.58
CA GLY C 279 -100.37 8.40 9.01
C GLY C 279 -101.07 7.20 9.62
N ARG C 280 -100.92 7.10 10.93
CA ARG C 280 -101.50 6.03 11.70
C ARG C 280 -102.20 6.61 12.91
N ARG C 281 -103.20 5.89 13.39
CA ARG C 281 -103.96 6.33 14.53
C ARG C 281 -104.18 5.16 15.49
N PRO C 282 -104.47 5.47 16.76
CA PRO C 282 -104.70 4.47 17.80
C PRO C 282 -105.84 3.53 17.48
N PHE C 283 -105.72 2.28 17.92
CA PHE C 283 -106.77 1.29 17.70
C PHE C 283 -107.37 0.85 19.05
N THR C 284 -108.66 1.10 19.22
CA THR C 284 -109.37 0.74 20.45
C THR C 284 -110.78 0.24 20.18
N LYS C 285 -111.05 -0.10 18.91
CA LYS C 285 -112.36 -0.55 18.47
C LYS C 285 -112.94 -1.72 19.29
N ASN C 286 -114.08 -1.47 19.91
CA ASN C 286 -114.81 -2.46 20.70
C ASN C 286 -113.96 -3.12 21.77
N LEU C 287 -113.22 -2.30 22.51
CA LEU C 287 -112.37 -2.79 23.58
C LEU C 287 -113.20 -2.69 24.84
N GLY C 288 -114.24 -1.86 24.79
CA GLY C 288 -115.11 -1.69 25.93
C GLY C 288 -114.82 -0.41 26.69
N LEU C 289 -113.92 0.39 26.18
CA LEU C 289 -113.60 1.64 26.83
C LEU C 289 -114.90 2.42 26.83
N GLU C 290 -115.67 2.18 25.78
CA GLU C 290 -116.94 2.85 25.63
C GLU C 290 -117.73 2.56 26.91
N GLU C 291 -117.75 1.28 27.31
CA GLU C 291 -118.46 0.84 28.51
C GLU C 291 -117.83 1.33 29.81
N LEU C 292 -116.58 0.95 30.03
CA LEU C 292 -115.81 1.30 31.22
C LEU C 292 -115.90 2.75 31.69
N GLY C 293 -115.93 3.67 30.73
CA GLY C 293 -115.99 5.08 31.07
C GLY C 293 -114.63 5.73 30.83
N ILE C 294 -113.91 5.19 29.86
CA ILE C 294 -112.61 5.71 29.49
C ILE C 294 -112.75 6.51 28.21
N GLU C 295 -112.88 7.82 28.36
CA GLU C 295 -113.01 8.71 27.22
C GLU C 295 -111.64 9.05 26.65
N LEU C 296 -111.53 8.95 25.32
CA LEU C 296 -110.27 9.22 24.63
C LEU C 296 -110.01 10.71 24.40
N ASP C 297 -108.80 11.04 23.95
CA ASP C 297 -108.49 12.44 23.66
C ASP C 297 -108.91 12.65 22.22
N PRO C 298 -108.89 13.89 21.74
CA PRO C 298 -109.31 14.16 20.35
C PRO C 298 -108.65 13.26 19.31
N ARG C 299 -107.38 12.91 19.50
CA ARG C 299 -106.68 12.08 18.53
C ARG C 299 -106.95 10.57 18.68
N GLY C 300 -107.94 10.23 19.50
CA GLY C 300 -108.29 8.83 19.69
C GLY C 300 -107.35 8.06 20.59
N ARG C 301 -106.52 8.78 21.34
CA ARG C 301 -105.58 8.10 22.21
C ARG C 301 -106.12 7.95 23.64
N ILE C 302 -105.63 6.92 24.32
CA ILE C 302 -106.03 6.66 25.69
C ILE C 302 -105.22 7.48 26.70
N PRO C 303 -105.90 8.37 27.45
CA PRO C 303 -105.20 9.20 28.44
C PRO C 303 -104.59 8.38 29.57
N VAL C 304 -103.33 8.63 29.90
CA VAL C 304 -102.67 7.88 30.96
C VAL C 304 -101.83 8.79 31.84
N ASN C 305 -101.56 8.32 33.06
CA ASN C 305 -100.75 9.09 33.97
C ASN C 305 -99.29 8.68 33.80
N THR C 306 -98.42 9.17 34.68
CA THR C 306 -96.98 8.89 34.61
C THR C 306 -96.56 7.42 34.76
N ARG C 307 -97.44 6.59 35.32
CA ARG C 307 -97.16 5.16 35.51
C ARG C 307 -97.84 4.33 34.42
N PHE C 308 -98.49 5.02 33.48
CA PHE C 308 -99.20 4.37 32.38
C PHE C 308 -100.57 3.83 32.76
N GLN C 309 -101.12 4.42 33.82
CA GLN C 309 -102.45 4.07 34.33
C GLN C 309 -103.53 4.93 33.70
N THR C 310 -104.68 4.33 33.47
CA THR C 310 -105.81 5.04 32.90
C THR C 310 -106.67 5.66 34.01
N LYS C 311 -107.93 5.97 33.71
CA LYS C 311 -108.80 6.55 34.72
C LYS C 311 -108.99 5.48 35.82
N ILE C 312 -109.02 4.22 35.41
CA ILE C 312 -109.18 3.08 36.32
C ILE C 312 -107.78 2.55 36.68
N PRO C 313 -107.34 2.73 37.94
CA PRO C 313 -106.04 2.32 38.47
C PRO C 313 -105.44 0.97 38.11
N ASN C 314 -106.27 -0.02 37.80
CA ASN C 314 -105.71 -1.32 37.46
C ASN C 314 -105.69 -1.56 35.97
N ILE C 315 -106.03 -0.53 35.19
CA ILE C 315 -106.04 -0.65 33.74
C ILE C 315 -104.99 0.32 33.15
N TYR C 316 -104.01 -0.25 32.44
CA TYR C 316 -102.93 0.51 31.82
C TYR C 316 -102.96 0.46 30.30
N ALA C 317 -102.29 1.43 29.68
CA ALA C 317 -102.21 1.51 28.22
C ALA C 317 -100.82 2.00 27.80
N ILE C 318 -100.19 1.28 26.88
CA ILE C 318 -98.86 1.66 26.43
C ILE C 318 -98.77 1.57 24.91
N GLY C 319 -97.72 2.13 24.34
CA GLY C 319 -97.48 2.07 22.91
C GLY C 319 -98.28 2.99 22.01
N ASP C 320 -98.47 2.56 20.77
CA ASP C 320 -99.19 3.36 19.79
C ASP C 320 -100.53 3.87 20.22
N VAL C 321 -101.12 3.25 21.24
CA VAL C 321 -102.44 3.66 21.70
C VAL C 321 -102.44 4.87 22.62
N VAL C 322 -101.27 5.26 23.08
CA VAL C 322 -101.15 6.44 23.95
C VAL C 322 -100.28 7.53 23.31
N ALA C 323 -100.14 8.67 23.98
CA ALA C 323 -99.34 9.77 23.48
C ALA C 323 -97.85 9.43 23.38
N GLY C 324 -97.09 10.24 22.63
CA GLY C 324 -95.67 10.02 22.43
C GLY C 324 -95.41 9.51 21.03
N PRO C 325 -94.15 9.47 20.59
CA PRO C 325 -93.85 8.98 19.23
C PRO C 325 -94.28 7.55 19.02
N MET C 326 -94.92 7.29 17.87
CA MET C 326 -95.39 5.96 17.54
C MET C 326 -94.33 5.09 16.92
N LEU C 327 -93.39 4.64 17.75
CA LEU C 327 -92.28 3.79 17.33
C LEU C 327 -92.23 2.49 18.14
N ALA C 328 -91.71 1.43 17.52
CA ALA C 328 -91.61 0.14 18.17
C ALA C 328 -90.85 0.21 19.49
N HIS C 329 -89.62 0.75 19.44
CA HIS C 329 -88.79 0.84 20.64
C HIS C 329 -89.42 1.70 21.72
N LYS C 330 -90.31 2.59 21.32
CA LYS C 330 -90.99 3.43 22.28
C LYS C 330 -92.09 2.63 22.98
N ALA C 331 -92.73 1.74 22.22
CA ALA C 331 -93.80 0.92 22.76
C ALA C 331 -93.21 -0.06 23.74
N GLU C 332 -92.06 -0.59 23.38
CA GLU C 332 -91.38 -1.56 24.22
C GLU C 332 -90.90 -1.01 25.56
N ASP C 333 -90.23 0.14 25.52
CA ASP C 333 -89.74 0.72 26.76
C ASP C 333 -90.90 0.91 27.72
N GLU C 334 -91.98 1.48 27.21
CA GLU C 334 -93.15 1.74 28.03
C GLU C 334 -93.70 0.47 28.63
N GLY C 335 -93.68 -0.59 27.85
CA GLY C 335 -94.20 -1.86 28.31
C GLY C 335 -93.40 -2.37 29.48
N ILE C 336 -92.09 -2.45 29.28
CA ILE C 336 -91.23 -2.94 30.34
C ILE C 336 -91.34 -2.10 31.61
N ILE C 337 -91.25 -0.79 31.46
CA ILE C 337 -91.33 0.07 32.63
C ILE C 337 -92.74 0.14 33.21
N CYS C 338 -93.75 -0.22 32.44
CA CYS C 338 -95.11 -0.21 32.99
C CYS C 338 -95.28 -1.45 33.87
N VAL C 339 -94.82 -2.59 33.36
CA VAL C 339 -94.88 -3.84 34.11
C VAL C 339 -94.00 -3.69 35.37
N GLU C 340 -92.85 -3.03 35.26
CA GLU C 340 -91.97 -2.81 36.41
C GLU C 340 -92.67 -1.93 37.46
N GLY C 341 -93.61 -1.12 36.99
CA GLY C 341 -94.35 -0.26 37.89
C GLY C 341 -95.34 -1.12 38.65
N MET C 342 -96.00 -2.01 37.92
CA MET C 342 -96.97 -2.89 38.53
C MET C 342 -96.29 -3.68 39.65
N ALA C 343 -95.01 -4.00 39.45
CA ALA C 343 -94.28 -4.74 40.46
C ALA C 343 -93.67 -3.83 41.54
N GLY C 344 -94.05 -2.55 41.54
CA GLY C 344 -93.55 -1.63 42.55
C GLY C 344 -92.41 -0.69 42.21
N GLY C 345 -91.60 -1.05 41.22
CA GLY C 345 -90.48 -0.21 40.83
C GLY C 345 -90.93 1.16 40.37
N ALA C 346 -89.96 2.02 40.10
CA ALA C 346 -90.25 3.37 39.63
C ALA C 346 -90.54 3.32 38.13
N VAL C 347 -91.29 4.29 37.64
CA VAL C 347 -91.65 4.34 36.23
C VAL C 347 -91.20 5.68 35.66
N HIS C 348 -90.28 5.64 34.69
CA HIS C 348 -89.77 6.85 34.13
C HIS C 348 -89.36 6.76 32.66
N ILE C 349 -89.88 7.68 31.85
CA ILE C 349 -89.55 7.74 30.42
C ILE C 349 -89.47 9.20 29.97
N ASP C 350 -88.44 9.51 29.19
CA ASP C 350 -88.21 10.85 28.66
C ASP C 350 -88.24 10.74 27.13
N TYR C 351 -89.36 11.13 26.53
CA TYR C 351 -89.50 11.01 25.07
C TYR C 351 -88.48 11.80 24.26
N ASN C 352 -87.61 12.50 24.95
CA ASN C 352 -86.59 13.31 24.30
C ASN C 352 -85.39 12.44 23.94
N CYS C 353 -85.26 11.32 24.65
CA CYS C 353 -84.14 10.43 24.44
C CYS C 353 -84.50 9.24 23.52
N VAL C 354 -85.74 9.21 23.05
CA VAL C 354 -86.16 8.14 22.14
C VAL C 354 -85.84 8.58 20.70
N PRO C 355 -84.95 7.82 20.04
CA PRO C 355 -84.51 8.10 18.67
C PRO C 355 -85.50 7.82 17.55
N SER C 356 -85.15 8.26 16.34
CA SER C 356 -85.93 8.06 15.12
C SER C 356 -84.98 7.62 14.02
N VAL C 357 -85.36 6.61 13.25
CA VAL C 357 -84.51 6.13 12.17
C VAL C 357 -85.31 5.95 10.89
N ILE C 358 -84.69 6.35 9.77
CA ILE C 358 -85.25 6.21 8.42
C ILE C 358 -84.24 5.27 7.74
N TYR C 359 -84.67 4.07 7.41
CA TYR C 359 -83.75 3.08 6.86
C TYR C 359 -83.49 3.10 5.36
N THR C 360 -83.59 4.28 4.77
CA THR C 360 -83.29 4.46 3.35
C THR C 360 -81.77 4.28 3.23
N HIS C 361 -81.21 4.83 2.16
CA HIS C 361 -79.79 4.76 1.90
C HIS C 361 -79.54 5.97 1.07
N PRO C 362 -78.92 7.01 1.64
CA PRO C 362 -78.43 7.11 3.02
C PRO C 362 -79.52 6.98 4.07
N GLU C 363 -79.13 6.51 5.25
CA GLU C 363 -80.06 6.38 6.36
C GLU C 363 -80.11 7.74 7.07
N VAL C 364 -81.13 7.95 7.88
CA VAL C 364 -81.26 9.18 8.63
C VAL C 364 -81.60 8.77 10.05
N ALA C 365 -80.91 9.34 11.03
CA ALA C 365 -81.23 9.01 12.41
C ALA C 365 -81.02 10.21 13.30
N TRP C 366 -81.89 10.34 14.28
CA TRP C 366 -81.71 11.42 15.20
C TRP C 366 -82.35 11.19 16.54
N VAL C 367 -81.87 11.95 17.50
CA VAL C 367 -82.35 11.92 18.86
C VAL C 367 -82.01 13.28 19.44
N GLY C 368 -82.88 13.76 20.31
CA GLY C 368 -82.65 15.05 20.89
C GLY C 368 -83.45 16.09 20.16
N LYS C 369 -83.02 17.33 20.20
CA LYS C 369 -83.74 18.40 19.55
C LYS C 369 -83.19 18.84 18.22
N SER C 370 -84.10 19.31 17.38
CA SER C 370 -83.76 19.81 16.07
C SER C 370 -83.32 21.24 16.30
N GLU C 371 -82.65 21.82 15.31
CA GLU C 371 -82.25 23.21 15.42
C GLU C 371 -83.52 24.13 15.52
N GLU C 372 -84.58 23.82 14.79
CA GLU C 372 -85.83 24.58 14.86
C GLU C 372 -86.41 24.56 16.28
N GLN C 373 -86.30 23.41 16.97
CA GLN C 373 -86.80 23.31 18.33
C GLN C 373 -85.98 24.16 19.30
N LEU C 374 -84.67 24.17 19.14
CA LEU C 374 -83.84 24.99 20.02
C LEU C 374 -84.17 26.49 19.83
N LYS C 375 -84.34 26.92 18.57
CA LYS C 375 -84.65 28.31 18.28
C LYS C 375 -86.00 28.72 18.86
N GLU C 376 -86.99 27.85 18.74
CA GLU C 376 -88.31 28.12 19.27
C GLU C 376 -88.22 28.30 20.78
N GLU C 377 -87.35 27.53 21.42
CA GLU C 377 -87.19 27.58 22.86
C GLU C 377 -86.25 28.68 23.38
N GLY C 378 -85.59 29.41 22.48
CA GLY C 378 -84.66 30.45 22.91
C GLY C 378 -83.35 29.92 23.50
N ILE C 379 -82.95 28.73 23.08
CA ILE C 379 -81.73 28.12 23.58
C ILE C 379 -80.47 28.63 22.89
N GLU C 380 -79.44 28.91 23.68
CA GLU C 380 -78.17 29.39 23.12
C GLU C 380 -77.33 28.14 22.81
N TYR C 381 -77.21 27.79 21.54
CA TYR C 381 -76.49 26.60 21.16
C TYR C 381 -75.37 26.79 20.17
N LYS C 382 -74.55 25.75 20.05
CA LYS C 382 -73.41 25.69 19.11
C LYS C 382 -73.62 24.53 18.12
N VAL C 383 -73.18 24.74 16.89
CA VAL C 383 -73.34 23.72 15.87
C VAL C 383 -72.03 23.12 15.41
N GLY C 384 -72.00 21.80 15.32
CA GLY C 384 -70.83 21.10 14.84
C GLY C 384 -71.27 20.22 13.69
N LYS C 385 -70.61 20.34 12.55
CA LYS C 385 -70.97 19.52 11.39
C LYS C 385 -69.77 18.80 10.84
N PHE C 386 -69.95 17.56 10.41
CA PHE C 386 -68.86 16.79 9.83
C PHE C 386 -69.43 15.96 8.68
N PRO C 387 -68.85 16.12 7.48
CA PRO C 387 -69.39 15.33 6.36
C PRO C 387 -68.72 13.95 6.22
N PHE C 388 -69.53 12.96 5.87
CA PHE C 388 -69.03 11.60 5.68
C PHE C 388 -68.03 11.54 4.54
N ALA C 389 -68.02 12.58 3.72
CA ALA C 389 -67.07 12.64 2.61
C ALA C 389 -65.65 12.76 3.16
N ALA C 390 -65.53 13.11 4.43
CA ALA C 390 -64.22 13.26 5.06
C ALA C 390 -63.93 12.13 6.04
N ASN C 391 -64.85 11.17 6.09
CA ASN C 391 -64.72 10.04 6.98
C ASN C 391 -63.98 8.91 6.32
N SER C 392 -63.03 8.33 7.03
CA SER C 392 -62.25 7.30 6.42
C SER C 392 -62.96 6.03 6.02
N ARG C 393 -63.77 5.48 6.89
CA ARG C 393 -64.43 4.26 6.50
C ARG C 393 -65.39 4.56 5.36
N ALA C 394 -65.99 5.74 5.40
CA ALA C 394 -66.93 6.18 4.39
C ALA C 394 -66.26 6.21 3.03
N LYS C 395 -65.14 6.94 2.95
CA LYS C 395 -64.38 7.07 1.73
C LYS C 395 -63.84 5.73 1.22
N THR C 396 -63.36 4.91 2.15
CA THR C 396 -62.85 3.60 1.80
C THR C 396 -63.96 2.73 1.23
N ASN C 397 -65.17 2.90 1.75
CA ASN C 397 -66.31 2.13 1.27
C ASN C 397 -66.88 2.74 0.00
N ALA C 398 -66.46 3.95 -0.33
CA ALA C 398 -66.97 4.67 -1.50
C ALA C 398 -68.48 4.77 -1.34
N ASP C 399 -68.88 5.31 -0.20
CA ASP C 399 -70.28 5.50 0.17
C ASP C 399 -70.21 6.68 1.15
N THR C 400 -70.10 7.88 0.57
CA THR C 400 -69.94 9.10 1.34
C THR C 400 -71.03 10.16 1.45
N ASP C 401 -72.27 9.87 1.09
CA ASP C 401 -73.33 10.89 1.20
C ASP C 401 -73.51 11.38 2.65
N GLY C 402 -74.03 12.61 2.80
CA GLY C 402 -74.36 13.13 4.12
C GLY C 402 -73.35 13.63 5.14
N MET C 403 -73.86 13.84 6.34
CA MET C 403 -73.06 14.36 7.42
C MET C 403 -73.67 14.06 8.79
N VAL C 404 -72.89 14.36 9.81
CA VAL C 404 -73.31 14.25 11.19
C VAL C 404 -73.40 15.72 11.64
N LYS C 405 -74.48 16.05 12.33
CA LYS C 405 -74.73 17.39 12.83
C LYS C 405 -75.04 17.35 14.32
N ILE C 406 -74.20 18.03 15.11
CA ILE C 406 -74.39 18.08 16.55
C ILE C 406 -74.81 19.47 17.04
N LEU C 407 -75.78 19.50 17.94
CA LEU C 407 -76.26 20.74 18.54
C LEU C 407 -75.91 20.64 20.02
N GLY C 408 -75.07 21.58 20.46
CA GLY C 408 -74.61 21.60 21.84
C GLY C 408 -74.98 22.88 22.57
N GLN C 409 -75.19 22.77 23.88
CA GLN C 409 -75.55 23.94 24.69
C GLN C 409 -74.29 24.74 24.89
N LYS C 410 -74.39 26.03 24.58
CA LYS C 410 -73.27 26.93 24.66
C LYS C 410 -72.57 27.02 26.02
N SER C 411 -73.36 27.06 27.08
CA SER C 411 -72.82 27.22 28.40
C SER C 411 -72.22 26.01 29.06
N THR C 412 -72.88 24.86 28.91
CA THR C 412 -72.47 23.60 29.52
C THR C 412 -71.86 22.60 28.57
N ASP C 413 -71.88 22.91 27.28
CA ASP C 413 -71.37 22.05 26.22
C ASP C 413 -72.15 20.73 26.13
N ARG C 414 -73.29 20.69 26.80
CA ARG C 414 -74.16 19.53 26.77
C ARG C 414 -74.75 19.28 25.38
N VAL C 415 -74.73 18.02 24.97
CA VAL C 415 -75.29 17.63 23.67
C VAL C 415 -76.83 17.75 23.77
N LEU C 416 -77.41 18.68 23.03
CA LEU C 416 -78.86 18.85 23.05
C LEU C 416 -79.49 18.06 21.90
N GLY C 417 -78.70 17.85 20.84
CA GLY C 417 -79.19 17.14 19.68
C GLY C 417 -78.14 16.54 18.78
N ALA C 418 -78.49 15.38 18.25
CA ALA C 418 -77.65 14.59 17.36
C ALA C 418 -78.50 14.22 16.13
N HIS C 419 -78.00 14.56 14.94
CA HIS C 419 -78.68 14.31 13.66
C HIS C 419 -77.70 13.71 12.65
N ILE C 420 -78.06 12.56 12.07
CA ILE C 420 -77.18 11.85 11.11
C ILE C 420 -77.80 11.50 9.77
N LEU C 421 -77.19 12.00 8.71
CA LEU C 421 -77.67 11.69 7.36
C LEU C 421 -76.50 10.97 6.72
N GLY C 422 -76.69 9.71 6.39
CA GLY C 422 -75.60 8.98 5.79
C GLY C 422 -75.54 7.52 6.21
N PRO C 423 -74.40 6.85 5.93
CA PRO C 423 -74.17 5.44 6.27
C PRO C 423 -74.02 5.14 7.74
N GLY C 424 -74.69 4.07 8.19
CA GLY C 424 -74.61 3.68 9.59
C GLY C 424 -75.39 4.56 10.55
N ALA C 425 -76.19 5.47 10.00
CA ALA C 425 -76.97 6.38 10.80
C ALA C 425 -77.77 5.67 11.88
N GLY C 426 -78.48 4.63 11.46
CA GLY C 426 -79.35 3.87 12.34
C GLY C 426 -78.71 3.27 13.58
N GLU C 427 -77.49 2.77 13.42
CA GLU C 427 -76.81 2.18 14.56
C GLU C 427 -76.08 3.24 15.36
N MET C 428 -75.60 4.27 14.66
CA MET C 428 -74.83 5.39 15.25
C MET C 428 -75.60 6.16 16.31
N VAL C 429 -76.86 6.43 16.00
CA VAL C 429 -77.76 7.17 16.86
C VAL C 429 -77.93 6.55 18.23
N ASN C 430 -77.53 5.30 18.36
CA ASN C 430 -77.66 4.65 19.64
C ASN C 430 -76.49 5.06 20.50
N GLU C 431 -75.43 5.52 19.89
CA GLU C 431 -74.33 6.02 20.69
C GLU C 431 -74.74 7.41 21.19
N ALA C 432 -75.46 8.15 20.33
CA ALA C 432 -75.93 9.46 20.69
C ALA C 432 -76.99 9.33 21.80
N ALA C 433 -77.82 8.28 21.75
CA ALA C 433 -78.84 8.11 22.79
C ALA C 433 -78.20 7.79 24.12
N LEU C 434 -77.09 7.04 24.11
CA LEU C 434 -76.40 6.74 25.35
C LEU C 434 -75.87 8.05 25.94
N ALA C 435 -75.21 8.83 25.09
CA ALA C 435 -74.67 10.13 25.49
C ALA C 435 -75.70 11.02 26.18
N LEU C 436 -76.83 11.19 25.50
CA LEU C 436 -77.94 11.99 25.95
C LEU C 436 -78.47 11.61 27.35
N GLU C 437 -78.56 10.31 27.63
CA GLU C 437 -79.04 9.80 28.92
C GLU C 437 -78.20 10.25 30.09
N TYR C 438 -76.90 10.50 29.84
CA TYR C 438 -76.00 10.96 30.89
C TYR C 438 -75.83 12.47 30.93
N GLY C 439 -76.47 13.15 29.97
CA GLY C 439 -76.33 14.58 29.88
C GLY C 439 -74.89 14.86 29.47
N ALA C 440 -74.31 13.93 28.72
CA ALA C 440 -72.95 14.02 28.23
C ALA C 440 -72.71 15.24 27.33
N SER C 441 -71.50 15.77 27.39
CA SER C 441 -71.09 16.93 26.61
C SER C 441 -70.50 16.53 25.25
N CYS C 442 -70.43 17.51 24.36
CA CYS C 442 -69.81 17.35 23.07
C CYS C 442 -68.36 16.99 23.36
N GLU C 443 -67.78 17.64 24.35
CA GLU C 443 -66.42 17.32 24.67
C GLU C 443 -66.29 15.89 25.20
N ASP C 444 -67.22 15.44 26.03
CA ASP C 444 -67.13 14.06 26.52
C ASP C 444 -66.93 13.12 25.31
N ILE C 445 -67.85 13.19 24.36
CA ILE C 445 -67.78 12.38 23.16
C ILE C 445 -66.50 12.57 22.35
N ALA C 446 -66.08 13.82 22.19
CA ALA C 446 -64.87 14.13 21.45
C ALA C 446 -63.63 13.43 22.03
N ARG C 447 -63.61 13.20 23.33
CA ARG C 447 -62.43 12.57 23.94
C ARG C 447 -62.50 11.07 24.11
N VAL C 448 -63.65 10.49 23.74
CA VAL C 448 -63.84 9.05 23.82
C VAL C 448 -63.16 8.50 22.58
N CYS C 449 -62.26 7.56 22.79
CA CYS C 449 -61.51 6.96 21.71
C CYS C 449 -62.37 6.05 20.81
N HIS C 450 -62.59 6.50 19.58
CA HIS C 450 -63.37 5.75 18.63
C HIS C 450 -62.38 4.98 17.75
N ALA C 451 -62.79 3.79 17.33
CA ALA C 451 -61.96 2.94 16.49
C ALA C 451 -61.72 3.52 15.08
N HIS C 452 -60.48 3.46 14.61
CA HIS C 452 -60.17 3.95 13.26
C HIS C 452 -59.86 2.76 12.32
N PRO C 453 -60.51 2.72 11.15
CA PRO C 453 -61.49 3.68 10.65
C PRO C 453 -62.91 3.17 10.81
N THR C 454 -63.79 4.00 11.35
CA THR C 454 -65.18 3.64 11.50
C THR C 454 -66.03 4.87 11.19
N LEU C 455 -67.30 4.63 10.85
CA LEU C 455 -68.23 5.71 10.57
C LEU C 455 -68.46 6.56 11.82
N SER C 456 -68.26 5.95 12.98
CA SER C 456 -68.48 6.64 14.26
C SER C 456 -67.55 7.82 14.46
N GLU C 457 -66.44 7.80 13.74
CA GLU C 457 -65.46 8.86 13.83
C GLU C 457 -66.07 10.18 13.34
N ALA C 458 -67.08 10.07 12.49
CA ALA C 458 -67.77 11.24 11.97
C ALA C 458 -68.59 11.91 13.08
N PHE C 459 -69.05 11.07 13.99
CA PHE C 459 -69.88 11.50 15.08
C PHE C 459 -68.97 12.20 16.07
N ARG C 460 -67.82 11.57 16.28
CA ARG C 460 -66.79 12.07 17.19
C ARG C 460 -66.28 13.45 16.78
N GLU C 461 -66.06 13.61 15.48
CA GLU C 461 -65.57 14.86 14.90
C GLU C 461 -66.62 15.97 14.91
N ALA C 462 -67.89 15.61 14.68
CA ALA C 462 -68.95 16.64 14.71
C ALA C 462 -69.09 17.16 16.17
N ASN C 463 -68.86 16.26 17.10
CA ASN C 463 -68.90 16.63 18.49
C ASN C 463 -67.71 17.54 18.81
N LEU C 464 -66.54 17.16 18.28
CA LEU C 464 -65.33 17.96 18.51
C LEU C 464 -65.51 19.35 17.88
N ALA C 465 -66.08 19.41 16.69
CA ALA C 465 -66.32 20.67 16.03
C ALA C 465 -67.22 21.55 16.90
N ALA C 466 -68.27 20.95 17.47
CA ALA C 466 -69.19 21.72 18.32
C ALA C 466 -68.53 22.20 19.61
N SER C 467 -67.75 21.33 20.23
CA SER C 467 -67.11 21.67 21.48
C SER C 467 -65.99 22.75 21.37
N PHE C 468 -64.93 22.41 20.64
CA PHE C 468 -63.74 23.23 20.45
C PHE C 468 -63.83 24.23 19.29
N GLY C 469 -64.77 24.04 18.36
CA GLY C 469 -64.89 24.95 17.23
C GLY C 469 -64.52 24.36 15.86
N LYS C 470 -63.68 23.34 15.85
CA LYS C 470 -63.29 22.74 14.58
C LYS C 470 -62.83 21.31 14.72
N SER C 471 -63.05 20.52 13.67
CA SER C 471 -62.63 19.11 13.59
C SER C 471 -61.15 19.04 13.23
N ILE C 472 -60.63 17.82 13.21
CA ILE C 472 -59.26 17.58 12.80
C ILE C 472 -59.30 17.36 11.28
N ASN C 473 -60.22 16.49 10.84
CA ASN C 473 -60.31 16.14 9.43
C ASN C 473 -61.15 16.96 8.44
N PHE C 474 -61.62 18.13 8.88
CA PHE C 474 -62.39 19.03 8.02
C PHE C 474 -62.36 20.44 8.61
N ALA D 1 -36.24 24.01 0.43
CA ALA D 1 -35.44 25.27 0.39
C ALA D 1 -34.14 25.10 1.17
N ASP D 2 -33.42 26.20 1.41
CA ASP D 2 -32.17 26.12 2.14
C ASP D 2 -31.81 27.34 3.00
N GLN D 3 -32.65 27.56 3.99
CA GLN D 3 -32.48 28.63 4.96
C GLN D 3 -33.30 28.02 6.12
N PRO D 4 -32.76 28.04 7.35
CA PRO D 4 -33.48 27.46 8.49
C PRO D 4 -34.91 27.93 8.66
N ILE D 5 -35.74 27.11 9.29
CA ILE D 5 -37.11 27.52 9.55
C ILE D 5 -37.35 27.37 11.06
N ASP D 6 -38.14 28.29 11.62
CA ASP D 6 -38.46 28.30 13.04
C ASP D 6 -39.81 27.67 13.27
N ALA D 7 -39.92 26.89 14.32
CA ALA D 7 -41.18 26.25 14.65
C ALA D 7 -41.25 26.10 16.14
N ASP D 8 -42.47 25.97 16.65
CA ASP D 8 -42.69 25.72 18.08
C ASP D 8 -42.78 24.20 18.19
N VAL D 9 -43.42 23.59 17.19
CA VAL D 9 -43.58 22.15 17.18
C VAL D 9 -43.23 21.51 15.81
N THR D 10 -42.30 20.56 15.85
CA THR D 10 -41.89 19.83 14.67
C THR D 10 -42.26 18.39 14.94
N VAL D 11 -43.11 17.86 14.07
CA VAL D 11 -43.60 16.51 14.16
C VAL D 11 -42.91 15.62 13.12
N ILE D 12 -42.27 14.56 13.57
CA ILE D 12 -41.58 13.68 12.65
C ILE D 12 -42.47 12.49 12.37
N GLY D 13 -43.01 12.44 11.15
CA GLY D 13 -43.88 11.36 10.74
C GLY D 13 -45.25 11.92 10.42
N SER D 14 -45.90 11.39 9.38
CA SER D 14 -47.20 11.90 9.03
C SER D 14 -48.26 10.81 9.08
N GLY D 15 -48.01 9.79 9.87
CA GLY D 15 -49.00 8.74 10.00
C GLY D 15 -50.14 9.27 10.86
N PRO D 16 -51.05 8.40 11.29
CA PRO D 16 -52.19 8.79 12.13
C PRO D 16 -51.81 9.68 13.32
N GLY D 17 -50.73 9.33 14.00
CA GLY D 17 -50.32 10.12 15.15
C GLY D 17 -49.73 11.45 14.76
N GLY D 18 -48.75 11.41 13.88
CA GLY D 18 -48.08 12.63 13.46
C GLY D 18 -48.93 13.66 12.77
N TYR D 19 -49.66 13.26 11.74
CA TYR D 19 -50.46 14.23 11.00
C TYR D 19 -51.61 14.83 11.84
N VAL D 20 -52.23 14.02 12.69
CA VAL D 20 -53.30 14.50 13.52
C VAL D 20 -52.74 15.41 14.61
N ALA D 21 -51.53 15.14 15.07
CA ALA D 21 -50.91 15.97 16.09
C ALA D 21 -50.55 17.31 15.46
N ALA D 22 -49.94 17.22 14.26
CA ALA D 22 -49.54 18.43 13.52
C ALA D 22 -50.67 19.43 13.44
N ILE D 23 -51.84 18.96 13.01
CA ILE D 23 -53.07 19.76 12.87
C ILE D 23 -53.56 20.34 14.20
N LYS D 24 -53.69 19.49 15.21
CA LYS D 24 -54.15 19.97 16.52
C LYS D 24 -53.20 21.06 17.03
N ALA D 25 -51.88 20.83 16.96
CA ALA D 25 -50.93 21.82 17.42
C ALA D 25 -51.16 23.16 16.70
N ALA D 26 -51.27 23.11 15.39
CA ALA D 26 -51.47 24.33 14.62
C ALA D 26 -52.76 24.99 15.05
N GLN D 27 -53.78 24.17 15.27
CA GLN D 27 -55.09 24.67 15.68
C GLN D 27 -55.03 25.30 17.08
N LEU D 28 -54.09 24.86 17.92
CA LEU D 28 -53.92 25.42 19.26
C LEU D 28 -53.04 26.67 19.22
N GLY D 29 -52.58 27.03 18.02
CA GLY D 29 -51.77 28.21 17.85
C GLY D 29 -50.30 28.02 17.66
N PHE D 30 -49.79 26.81 17.79
CA PHE D 30 -48.36 26.61 17.63
C PHE D 30 -47.93 26.71 16.17
N LYS D 31 -46.72 27.22 15.92
CA LYS D 31 -46.21 27.27 14.55
C LYS D 31 -45.70 25.85 14.39
N THR D 32 -46.41 25.08 13.56
CA THR D 32 -46.13 23.67 13.37
C THR D 32 -45.47 23.17 12.09
N VAL D 33 -44.53 22.25 12.22
CA VAL D 33 -43.90 21.65 11.04
C VAL D 33 -44.06 20.12 11.10
N CYS D 34 -44.32 19.48 9.95
CA CYS D 34 -44.44 18.02 9.89
C CYS D 34 -43.47 17.50 8.82
N ILE D 35 -42.58 16.59 9.21
CA ILE D 35 -41.59 16.02 8.30
C ILE D 35 -42.00 14.61 7.95
N GLU D 36 -41.96 14.29 6.66
CA GLU D 36 -42.34 12.97 6.18
C GLU D 36 -41.34 12.50 5.13
N LYS D 37 -40.77 11.32 5.33
CA LYS D 37 -39.82 10.79 4.37
C LYS D 37 -40.46 10.21 3.09
N ASN D 38 -41.67 9.66 3.16
CA ASN D 38 -42.33 9.07 1.98
C ASN D 38 -42.90 10.12 1.04
N GLU D 39 -43.35 9.69 -0.13
CA GLU D 39 -43.88 10.61 -1.13
C GLU D 39 -45.31 11.04 -0.85
N THR D 40 -45.93 10.38 0.12
CA THR D 40 -47.31 10.63 0.52
C THR D 40 -47.39 10.78 2.02
N LEU D 41 -48.33 11.59 2.47
CA LEU D 41 -48.57 11.81 3.89
C LEU D 41 -49.51 10.71 4.31
N GLY D 42 -49.57 10.41 5.61
CA GLY D 42 -50.52 9.39 6.02
C GLY D 42 -49.98 8.14 6.65
N GLY D 43 -48.65 7.94 6.50
CA GLY D 43 -47.99 6.79 7.06
C GLY D 43 -48.55 5.40 6.76
N THR D 44 -48.26 4.47 7.66
CA THR D 44 -48.69 3.09 7.53
C THR D 44 -50.17 2.81 7.28
N CYS D 45 -51.00 3.41 8.10
CA CYS D 45 -52.43 3.19 8.00
C CYS D 45 -53.08 3.53 6.67
N LEU D 46 -52.81 4.73 6.19
CA LEU D 46 -53.40 5.21 4.94
C LEU D 46 -52.88 4.57 3.66
N ASN D 47 -51.57 4.42 3.60
CA ASN D 47 -50.88 3.95 2.43
C ASN D 47 -50.74 2.44 2.23
N VAL D 48 -50.39 1.72 3.30
CA VAL D 48 -50.21 0.27 3.25
C VAL D 48 -50.88 -0.43 4.43
N GLY D 49 -51.89 0.19 5.03
CA GLY D 49 -52.51 -0.42 6.19
C GLY D 49 -54.02 -0.48 6.28
N CYS D 50 -54.55 0.08 7.37
CA CYS D 50 -56.00 0.10 7.63
C CYS D 50 -56.85 0.39 6.39
N ILE D 51 -56.61 1.54 5.80
CA ILE D 51 -57.36 1.98 4.63
C ILE D 51 -57.33 1.01 3.41
N PRO D 52 -56.12 0.70 2.84
CA PRO D 52 -56.19 -0.23 1.69
C PRO D 52 -56.77 -1.59 2.08
N SER D 53 -56.53 -2.04 3.31
CA SER D 53 -57.07 -3.31 3.78
C SER D 53 -58.62 -3.28 3.92
N LYS D 54 -59.17 -2.26 4.57
CA LYS D 54 -60.63 -2.24 4.71
C LYS D 54 -61.30 -2.16 3.33
N ALA D 55 -60.68 -1.49 2.38
CA ALA D 55 -61.25 -1.39 1.03
C ALA D 55 -61.36 -2.79 0.42
N LEU D 56 -60.26 -3.53 0.42
CA LEU D 56 -60.25 -4.88 -0.11
C LEU D 56 -61.22 -5.78 0.66
N LEU D 57 -61.28 -5.63 1.99
CA LEU D 57 -62.21 -6.40 2.81
C LEU D 57 -63.65 -6.13 2.36
N ASN D 58 -63.98 -4.87 2.16
CA ASN D 58 -65.33 -4.53 1.76
C ASN D 58 -65.67 -5.06 0.37
N ASN D 59 -64.80 -4.76 -0.58
CA ASN D 59 -65.02 -5.22 -1.94
C ASN D 59 -65.11 -6.75 -2.01
N SER D 60 -64.14 -7.45 -1.41
CA SER D 60 -64.13 -8.92 -1.47
C SER D 60 -65.37 -9.52 -0.82
N HIS D 61 -65.89 -8.88 0.21
CA HIS D 61 -67.07 -9.41 0.86
C HIS D 61 -68.30 -9.28 -0.05
N TYR D 62 -68.43 -8.13 -0.72
CA TYR D 62 -69.54 -7.94 -1.63
C TYR D 62 -69.39 -8.87 -2.83
N TYR D 63 -68.14 -9.16 -3.21
CA TYR D 63 -67.90 -10.08 -4.31
C TYR D 63 -68.46 -11.42 -3.82
N HIS D 64 -68.18 -11.76 -2.56
CA HIS D 64 -68.65 -13.01 -2.00
C HIS D 64 -70.16 -13.14 -2.02
N MET D 65 -70.85 -12.04 -1.74
CA MET D 65 -72.30 -12.01 -1.71
C MET D 65 -72.96 -12.14 -3.08
N ALA D 66 -72.30 -11.62 -4.11
CA ALA D 66 -72.82 -11.67 -5.45
C ALA D 66 -72.49 -13.00 -6.15
N HIS D 67 -71.24 -13.42 -6.01
CA HIS D 67 -70.77 -14.64 -6.62
C HIS D 67 -71.34 -15.85 -5.88
N GLY D 68 -71.45 -15.71 -4.56
CA GLY D 68 -71.95 -16.77 -3.71
C GLY D 68 -73.46 -16.85 -3.76
N THR D 69 -74.08 -17.46 -2.75
CA THR D 69 -75.52 -17.65 -2.70
C THR D 69 -76.40 -16.52 -2.14
N ASP D 70 -75.80 -15.58 -1.40
CA ASP D 70 -76.57 -14.51 -0.79
C ASP D 70 -77.53 -13.70 -1.68
N PHE D 71 -77.01 -13.06 -2.73
CA PHE D 71 -77.89 -12.26 -3.60
C PHE D 71 -78.99 -13.05 -4.27
N ALA D 72 -78.65 -14.27 -4.68
CA ALA D 72 -79.60 -15.14 -5.35
C ALA D 72 -80.82 -15.32 -4.44
N SER D 73 -80.57 -15.40 -3.14
CA SER D 73 -81.66 -15.61 -2.17
C SER D 73 -82.48 -14.38 -1.93
N ARG D 74 -82.06 -13.27 -2.53
CA ARG D 74 -82.77 -11.99 -2.39
C ARG D 74 -83.49 -11.62 -3.66
N GLY D 75 -83.39 -12.48 -4.66
CA GLY D 75 -84.04 -12.19 -5.92
C GLY D 75 -83.16 -11.31 -6.77
N ILE D 76 -81.88 -11.28 -6.46
CA ILE D 76 -80.97 -10.49 -7.27
C ILE D 76 -80.31 -11.58 -8.11
N GLU D 77 -80.84 -11.78 -9.30
CA GLU D 77 -80.33 -12.82 -10.18
C GLU D 77 -79.34 -12.40 -11.23
N MET D 78 -78.14 -12.97 -11.15
CA MET D 78 -77.08 -12.67 -12.11
C MET D 78 -76.55 -13.97 -12.67
N SER D 79 -75.70 -13.85 -13.67
CA SER D 79 -75.12 -15.03 -14.27
C SER D 79 -73.66 -14.73 -14.54
N GLU D 80 -72.79 -15.60 -14.07
CA GLU D 80 -71.36 -15.40 -14.26
C GLU D 80 -70.93 -14.13 -13.55
N VAL D 81 -70.62 -14.25 -12.27
CA VAL D 81 -70.12 -13.09 -11.54
C VAL D 81 -68.61 -13.30 -11.67
N ARG D 82 -67.92 -12.40 -12.34
CA ARG D 82 -66.48 -12.60 -12.47
C ARG D 82 -65.68 -11.51 -11.79
N LEU D 83 -64.56 -11.92 -11.21
CA LEU D 83 -63.69 -11.00 -10.53
C LEU D 83 -62.77 -10.29 -11.51
N ASN D 84 -62.72 -8.98 -11.37
CA ASN D 84 -61.84 -8.18 -12.18
C ASN D 84 -60.92 -7.57 -11.12
N LEU D 85 -59.87 -8.30 -10.80
CA LEU D 85 -58.94 -7.87 -9.79
C LEU D 85 -58.35 -6.50 -10.04
N ASP D 86 -58.10 -6.15 -11.30
CA ASP D 86 -57.51 -4.84 -11.62
C ASP D 86 -58.42 -3.71 -11.13
N LYS D 87 -59.69 -3.84 -11.47
CA LYS D 87 -60.69 -2.86 -11.09
C LYS D 87 -60.89 -2.79 -9.57
N MET D 88 -60.93 -3.95 -8.91
CA MET D 88 -61.10 -3.97 -7.47
C MET D 88 -59.92 -3.23 -6.83
N MET D 89 -58.71 -3.44 -7.35
CA MET D 89 -57.52 -2.79 -6.82
C MET D 89 -57.54 -1.32 -7.09
N GLU D 90 -58.21 -0.94 -8.16
CA GLU D 90 -58.31 0.46 -8.52
C GLU D 90 -59.15 1.22 -7.49
N GLN D 91 -60.31 0.66 -7.14
CA GLN D 91 -61.20 1.29 -6.16
C GLN D 91 -60.36 1.60 -4.91
N LYS D 92 -59.54 0.62 -4.54
CA LYS D 92 -58.66 0.71 -3.40
C LYS D 92 -57.68 1.88 -3.53
N SER D 93 -56.97 1.93 -4.64
CA SER D 93 -56.00 2.97 -4.89
C SER D 93 -56.63 4.34 -4.94
N THR D 94 -57.86 4.41 -5.41
CA THR D 94 -58.61 5.65 -5.54
C THR D 94 -58.90 6.23 -4.16
N ALA D 95 -59.38 5.37 -3.27
CA ALA D 95 -59.71 5.75 -1.92
C ALA D 95 -58.43 6.25 -1.28
N VAL D 96 -57.37 5.45 -1.36
CA VAL D 96 -56.10 5.84 -0.77
C VAL D 96 -55.61 7.19 -1.28
N LYS D 97 -55.74 7.43 -2.57
CA LYS D 97 -55.24 8.68 -3.13
C LYS D 97 -56.03 9.88 -2.67
N ALA D 98 -57.34 9.71 -2.61
CA ALA D 98 -58.21 10.79 -2.17
C ALA D 98 -57.85 11.19 -0.75
N LEU D 99 -57.72 10.21 0.12
CA LEU D 99 -57.39 10.48 1.51
C LEU D 99 -56.01 11.09 1.71
N THR D 100 -55.01 10.59 0.97
CA THR D 100 -53.64 11.15 1.07
C THR D 100 -53.69 12.63 0.65
N GLY D 101 -54.43 12.90 -0.42
CA GLY D 101 -54.55 14.27 -0.87
C GLY D 101 -55.36 15.06 0.14
N GLY D 102 -56.14 14.38 0.96
CA GLY D 102 -56.92 15.07 1.98
C GLY D 102 -56.04 15.65 3.07
N ILE D 103 -55.08 14.87 3.52
CA ILE D 103 -54.16 15.31 4.55
C ILE D 103 -53.38 16.50 4.02
N ALA D 104 -53.02 16.45 2.74
CA ALA D 104 -52.26 17.55 2.13
C ALA D 104 -53.07 18.82 2.18
N HIS D 105 -54.36 18.72 1.89
N HIS D 105 -54.36 18.72 1.89
CA HIS D 105 -55.25 19.88 1.92
CA HIS D 105 -55.21 19.90 1.90
C HIS D 105 -55.40 20.41 3.35
C HIS D 105 -55.39 20.40 3.35
N LEU D 106 -55.55 19.49 4.31
CA LEU D 106 -55.72 19.87 5.71
C LEU D 106 -54.49 20.57 6.27
N PHE D 107 -53.30 20.10 5.91
CA PHE D 107 -52.09 20.75 6.39
C PHE D 107 -52.08 22.20 5.92
N LYS D 108 -52.48 22.40 4.67
CA LYS D 108 -52.52 23.72 4.05
C LYS D 108 -53.50 24.65 4.76
N GLN D 109 -54.69 24.12 5.01
CA GLN D 109 -55.77 24.81 5.68
C GLN D 109 -55.37 25.27 7.09
N ASN D 110 -54.59 24.43 7.76
CA ASN D 110 -54.14 24.72 9.11
C ASN D 110 -52.76 25.37 9.28
N LYS D 111 -52.15 25.75 8.18
CA LYS D 111 -50.84 26.41 8.25
C LYS D 111 -49.74 25.43 8.66
N VAL D 112 -49.95 24.15 8.42
CA VAL D 112 -48.95 23.19 8.78
C VAL D 112 -47.91 23.11 7.69
N VAL D 113 -46.65 23.38 8.03
CA VAL D 113 -45.60 23.32 7.04
C VAL D 113 -45.09 21.89 6.83
N HIS D 114 -45.24 21.44 5.61
CA HIS D 114 -44.83 20.10 5.21
C HIS D 114 -43.39 20.10 4.67
N VAL D 115 -42.51 19.35 5.33
CA VAL D 115 -41.14 19.23 4.87
C VAL D 115 -40.90 17.78 4.44
N ASN D 116 -40.56 17.59 3.16
CA ASN D 116 -40.28 16.26 2.64
C ASN D 116 -38.80 15.93 2.92
N GLY D 117 -38.58 14.78 3.54
CA GLY D 117 -37.22 14.37 3.87
C GLY D 117 -37.16 13.44 5.07
N TYR D 118 -35.97 12.95 5.36
CA TYR D 118 -35.74 12.05 6.49
C TYR D 118 -35.33 12.93 7.65
N GLY D 119 -36.20 12.97 8.65
CA GLY D 119 -35.93 13.80 9.81
C GLY D 119 -34.94 13.16 10.75
N LYS D 120 -34.06 13.98 11.31
CA LYS D 120 -33.09 13.51 12.27
C LYS D 120 -32.80 14.60 13.29
N ILE D 121 -32.92 14.25 14.56
CA ILE D 121 -32.68 15.21 15.62
C ILE D 121 -31.19 15.51 15.71
N THR D 122 -30.83 16.70 15.25
CA THR D 122 -29.46 17.15 15.21
C THR D 122 -29.11 18.11 16.34
N GLY D 123 -30.04 18.25 17.28
CA GLY D 123 -29.84 19.13 18.41
C GLY D 123 -31.09 19.05 19.27
N LYS D 124 -30.96 19.50 20.51
CA LYS D 124 -32.08 19.46 21.43
C LYS D 124 -33.21 20.31 20.87
N ASN D 125 -32.88 21.36 20.13
CA ASN D 125 -33.88 22.23 19.55
C ASN D 125 -33.70 22.37 18.04
N GLN D 126 -33.33 21.26 17.42
CA GLN D 126 -33.13 21.28 15.99
C GLN D 126 -33.36 19.93 15.35
N VAL D 127 -34.03 19.96 14.20
CA VAL D 127 -34.30 18.77 13.43
C VAL D 127 -33.79 19.11 12.03
N THR D 128 -33.09 18.15 11.43
CA THR D 128 -32.55 18.30 10.09
C THR D 128 -33.22 17.26 9.20
N ALA D 129 -33.80 17.74 8.10
CA ALA D 129 -34.51 16.89 7.15
C ALA D 129 -33.68 16.75 5.87
N THR D 130 -33.33 15.51 5.51
CA THR D 130 -32.53 15.28 4.30
C THR D 130 -33.33 14.58 3.20
N LYS D 131 -33.46 15.23 2.05
CA LYS D 131 -34.19 14.67 0.90
C LYS D 131 -33.29 13.66 0.17
N ALA D 132 -33.90 12.78 -0.64
CA ALA D 132 -33.17 11.75 -1.40
C ALA D 132 -32.19 12.37 -2.38
N ASP D 133 -32.47 13.60 -2.77
CA ASP D 133 -31.60 14.32 -3.69
C ASP D 133 -30.49 15.01 -2.89
N GLY D 134 -30.20 14.49 -1.71
CA GLY D 134 -29.16 15.05 -0.87
C GLY D 134 -29.48 16.36 -0.19
N GLY D 135 -30.50 17.04 -0.69
CA GLY D 135 -30.87 18.32 -0.11
C GLY D 135 -31.16 18.23 1.38
N THR D 136 -31.03 19.37 2.05
CA THR D 136 -31.29 19.41 3.48
C THR D 136 -32.14 20.63 3.88
N GLN D 137 -32.86 20.46 4.97
CA GLN D 137 -33.68 21.53 5.51
C GLN D 137 -33.54 21.48 7.02
N VAL D 138 -33.13 22.59 7.61
CA VAL D 138 -32.96 22.68 9.05
C VAL D 138 -34.17 23.36 9.68
N ILE D 139 -34.62 22.79 10.78
CA ILE D 139 -35.76 23.33 11.51
C ILE D 139 -35.36 23.55 12.96
N ASP D 140 -35.33 24.81 13.37
CA ASP D 140 -35.04 25.14 14.75
C ASP D 140 -36.44 25.24 15.39
N THR D 141 -36.67 24.36 16.37
CA THR D 141 -37.96 24.25 17.01
C THR D 141 -37.87 24.16 18.54
N LYS D 142 -38.89 24.68 19.22
CA LYS D 142 -38.95 24.62 20.69
C LYS D 142 -39.24 23.20 21.12
N ASN D 143 -40.06 22.51 20.33
CA ASN D 143 -40.39 21.15 20.65
C ASN D 143 -40.26 20.21 19.49
N ILE D 144 -40.05 18.95 19.82
CA ILE D 144 -39.95 17.88 18.84
C ILE D 144 -40.88 16.75 19.27
N LEU D 145 -41.67 16.29 18.31
CA LEU D 145 -42.62 15.21 18.49
C LEU D 145 -42.32 14.07 17.51
N ILE D 146 -41.81 12.97 18.08
CA ILE D 146 -41.48 11.76 17.36
C ILE D 146 -42.77 10.95 17.16
N ALA D 147 -43.08 10.69 15.90
CA ALA D 147 -44.27 9.95 15.55
C ALA D 147 -43.87 9.07 14.36
N THR D 148 -42.67 8.51 14.48
CA THR D 148 -42.07 7.69 13.44
C THR D 148 -42.69 6.31 13.15
N GLY D 149 -43.65 5.91 13.97
CA GLY D 149 -44.34 4.66 13.75
C GLY D 149 -43.64 3.31 13.83
N SER D 150 -43.98 2.49 12.85
CA SER D 150 -43.48 1.13 12.76
C SER D 150 -43.16 0.64 11.34
N GLU D 151 -42.64 -0.58 11.29
CA GLU D 151 -42.27 -1.26 10.05
C GLU D 151 -42.58 -2.72 10.30
N VAL D 152 -42.76 -3.47 9.22
CA VAL D 152 -43.04 -4.90 9.33
C VAL D 152 -41.93 -5.58 10.12
N THR D 153 -42.28 -6.57 10.92
CA THR D 153 -41.31 -7.35 11.69
C THR D 153 -40.75 -8.44 10.77
N PRO D 154 -39.44 -8.39 10.46
CA PRO D 154 -38.86 -9.39 9.57
C PRO D 154 -38.77 -10.80 10.18
N PHE D 155 -38.78 -11.79 9.30
CA PHE D 155 -38.68 -13.18 9.72
C PHE D 155 -37.26 -13.61 9.33
N PRO D 156 -36.40 -13.87 10.34
CA PRO D 156 -35.04 -14.28 10.02
C PRO D 156 -35.04 -15.64 9.32
N GLY D 157 -34.44 -15.69 8.13
CA GLY D 157 -34.40 -16.94 7.40
C GLY D 157 -35.28 -16.85 6.18
N ILE D 158 -36.29 -15.97 6.26
CA ILE D 158 -37.20 -15.77 5.14
C ILE D 158 -37.10 -14.33 4.68
N THR D 159 -36.74 -14.15 3.41
CA THR D 159 -36.57 -12.82 2.83
C THR D 159 -37.79 -12.41 2.02
N ILE D 160 -38.37 -11.28 2.38
CA ILE D 160 -39.55 -10.80 1.70
C ILE D 160 -39.18 -10.12 0.40
N ASP D 161 -39.88 -10.44 -0.67
CA ASP D 161 -39.59 -9.79 -1.94
C ASP D 161 -40.84 -9.11 -2.47
N GLU D 162 -41.90 -9.14 -1.68
CA GLU D 162 -43.15 -8.50 -2.03
C GLU D 162 -43.68 -8.92 -3.38
N ASP D 163 -43.35 -10.15 -3.77
CA ASP D 163 -43.82 -10.72 -5.03
C ASP D 163 -44.53 -12.03 -4.70
N THR D 164 -43.81 -13.01 -4.17
CA THR D 164 -44.39 -14.31 -3.78
C THR D 164 -44.18 -14.53 -2.30
N ILE D 165 -43.18 -13.83 -1.76
CA ILE D 165 -42.87 -13.87 -0.34
C ILE D 165 -43.23 -12.44 0.06
N VAL D 166 -44.46 -12.23 0.50
CA VAL D 166 -44.92 -10.89 0.86
C VAL D 166 -45.12 -10.54 2.32
N SER D 167 -45.26 -9.24 2.55
CA SER D 167 -45.55 -8.71 3.86
C SER D 167 -46.95 -8.18 3.63
N SER D 168 -47.52 -7.53 4.65
CA SER D 168 -48.84 -6.97 4.50
C SER D 168 -48.93 -6.09 3.25
N THR D 169 -47.87 -5.33 2.97
CA THR D 169 -47.88 -4.43 1.83
C THR D 169 -48.01 -5.16 0.51
N GLY D 170 -47.20 -6.19 0.32
CA GLY D 170 -47.25 -6.95 -0.91
C GLY D 170 -48.60 -7.63 -1.05
N ALA D 171 -49.11 -8.15 0.07
CA ALA D 171 -50.39 -8.84 0.09
C ALA D 171 -51.58 -7.95 -0.33
N LEU D 172 -51.42 -6.64 -0.19
CA LEU D 172 -52.46 -5.69 -0.57
C LEU D 172 -52.46 -5.47 -2.07
N SER D 173 -51.35 -5.82 -2.72
CA SER D 173 -51.24 -5.59 -4.17
C SER D 173 -50.90 -6.77 -5.10
N LEU D 174 -51.32 -7.98 -4.74
CA LEU D 174 -51.06 -9.13 -5.58
C LEU D 174 -51.70 -8.85 -6.94
N LYS D 175 -51.04 -9.32 -8.00
CA LYS D 175 -51.55 -9.09 -9.35
C LYS D 175 -52.56 -10.12 -9.79
N LYS D 176 -52.47 -11.30 -9.18
CA LYS D 176 -53.39 -12.36 -9.51
C LYS D 176 -53.82 -13.00 -8.21
N VAL D 177 -54.98 -13.64 -8.23
CA VAL D 177 -55.42 -14.30 -7.03
C VAL D 177 -54.49 -15.50 -6.91
N PRO D 178 -53.79 -15.63 -5.78
CA PRO D 178 -52.92 -16.81 -5.70
C PRO D 178 -53.76 -18.08 -5.58
N GLU D 179 -53.32 -19.16 -6.22
CA GLU D 179 -54.08 -20.38 -6.13
C GLU D 179 -54.07 -20.90 -4.69
N LYS D 180 -52.89 -20.95 -4.10
CA LYS D 180 -52.72 -21.41 -2.73
C LYS D 180 -51.85 -20.41 -1.96
N MET D 181 -52.28 -20.04 -0.76
CA MET D 181 -51.53 -19.09 0.07
C MET D 181 -51.40 -19.56 1.50
N VAL D 182 -50.27 -19.21 2.12
CA VAL D 182 -50.03 -19.55 3.52
C VAL D 182 -49.61 -18.30 4.34
N VAL D 183 -50.40 -17.99 5.37
CA VAL D 183 -50.14 -16.84 6.23
C VAL D 183 -49.41 -17.31 7.48
N ILE D 184 -48.30 -16.67 7.81
CA ILE D 184 -47.56 -17.03 9.02
C ILE D 184 -48.06 -16.17 10.17
N GLY D 185 -48.83 -16.73 11.08
CA GLY D 185 -49.32 -15.94 12.20
C GLY D 185 -50.78 -15.64 12.02
N ALA D 186 -51.56 -15.67 13.10
CA ALA D 186 -52.99 -15.41 12.99
C ALA D 186 -53.44 -14.22 13.82
N GLY D 187 -52.72 -13.11 13.66
CA GLY D 187 -53.06 -11.88 14.36
C GLY D 187 -54.19 -11.23 13.60
N VAL D 188 -54.54 -10.00 13.93
CA VAL D 188 -55.65 -9.37 13.22
C VAL D 188 -55.29 -9.10 11.76
N ILE D 189 -54.12 -8.51 11.53
CA ILE D 189 -53.72 -8.22 10.18
C ILE D 189 -53.65 -9.50 9.34
N GLY D 190 -53.14 -10.56 9.95
CA GLY D 190 -53.05 -11.83 9.24
C GLY D 190 -54.42 -12.41 8.94
N VAL D 191 -55.34 -12.28 9.88
CA VAL D 191 -56.66 -12.81 9.63
C VAL D 191 -57.38 -12.01 8.56
N GLU D 192 -57.30 -10.68 8.60
CA GLU D 192 -57.98 -9.87 7.61
C GLU D 192 -57.53 -10.13 6.17
N LEU D 193 -56.21 -10.12 5.95
CA LEU D 193 -55.65 -10.35 4.62
C LEU D 193 -55.99 -11.78 4.16
N GLY D 194 -55.86 -12.73 5.08
CA GLY D 194 -56.15 -14.10 4.74
C GLY D 194 -57.57 -14.23 4.24
N SER D 195 -58.51 -13.56 4.87
CA SER D 195 -59.89 -13.70 4.45
C SER D 195 -60.20 -12.95 3.16
N VAL D 196 -59.45 -11.89 2.90
CA VAL D 196 -59.68 -11.13 1.69
C VAL D 196 -59.52 -12.07 0.50
N TRP D 197 -58.37 -12.71 0.43
CA TRP D 197 -58.04 -13.63 -0.64
C TRP D 197 -58.83 -14.93 -0.67
N GLN D 198 -59.13 -15.46 0.50
CA GLN D 198 -59.92 -16.68 0.57
C GLN D 198 -61.24 -16.40 -0.14
N ARG D 199 -61.82 -15.22 0.10
CA ARG D 199 -63.08 -14.86 -0.54
C ARG D 199 -62.91 -14.76 -2.05
N LEU D 200 -61.72 -14.36 -2.47
CA LEU D 200 -61.45 -14.15 -3.88
C LEU D 200 -60.99 -15.37 -4.67
N GLY D 201 -60.98 -16.54 -4.05
CA GLY D 201 -60.60 -17.73 -4.79
C GLY D 201 -59.47 -18.53 -4.19
N ALA D 202 -58.48 -17.85 -3.62
CA ALA D 202 -57.35 -18.52 -3.03
C ALA D 202 -57.69 -19.50 -1.90
N ASP D 203 -56.95 -20.61 -1.89
CA ASP D 203 -57.04 -21.67 -0.88
C ASP D 203 -56.13 -21.12 0.20
N VAL D 204 -56.71 -20.80 1.36
CA VAL D 204 -55.91 -20.18 2.40
C VAL D 204 -55.76 -20.93 3.71
N THR D 205 -54.53 -20.90 4.21
CA THR D 205 -54.22 -21.49 5.49
C THR D 205 -53.25 -20.60 6.25
N ALA D 206 -53.59 -20.36 7.52
CA ALA D 206 -52.74 -19.55 8.39
C ALA D 206 -52.30 -20.50 9.49
N VAL D 207 -51.03 -20.43 9.85
CA VAL D 207 -50.50 -21.31 10.89
C VAL D 207 -50.03 -20.45 12.05
N GLU D 208 -50.61 -20.72 13.21
CA GLU D 208 -50.33 -19.98 14.44
C GLU D 208 -49.61 -20.79 15.49
N PHE D 209 -48.61 -20.15 16.09
CA PHE D 209 -47.80 -20.75 17.14
C PHE D 209 -48.63 -20.88 18.41
N LEU D 210 -49.61 -19.99 18.54
CA LEU D 210 -50.49 -19.95 19.70
C LEU D 210 -51.72 -20.81 19.46
N GLY D 211 -52.58 -20.90 20.48
CA GLY D 211 -53.78 -21.72 20.42
C GLY D 211 -55.07 -21.03 19.96
N HIS D 212 -55.00 -19.75 19.64
CA HIS D 212 -56.19 -19.07 19.16
C HIS D 212 -55.79 -18.16 18.01
N VAL D 213 -56.80 -17.55 17.40
CA VAL D 213 -56.61 -16.60 16.32
C VAL D 213 -57.09 -15.25 16.85
N GLY D 214 -56.46 -14.17 16.41
CA GLY D 214 -56.88 -12.86 16.84
C GLY D 214 -55.83 -12.05 17.58
N GLY D 215 -54.73 -12.68 17.96
CA GLY D 215 -53.67 -11.97 18.67
C GLY D 215 -53.85 -11.78 20.16
N VAL D 216 -53.22 -10.73 20.69
CA VAL D 216 -53.24 -10.40 22.09
C VAL D 216 -54.55 -9.79 22.55
N GLY D 217 -54.96 -10.11 23.78
CA GLY D 217 -56.16 -9.54 24.36
C GLY D 217 -57.54 -9.99 23.96
N ILE D 218 -57.69 -10.56 22.76
CA ILE D 218 -59.02 -11.02 22.33
C ILE D 218 -59.54 -12.02 23.34
N ASP D 219 -60.84 -12.02 23.56
CA ASP D 219 -61.43 -12.94 24.49
C ASP D 219 -61.38 -14.33 23.88
N MET D 220 -60.87 -15.29 24.64
CA MET D 220 -60.78 -16.65 24.16
C MET D 220 -62.12 -17.18 23.65
N GLU D 221 -63.22 -16.96 24.36
CA GLU D 221 -64.48 -17.49 23.88
C GLU D 221 -64.83 -16.89 22.53
N ILE D 222 -64.57 -15.58 22.38
CA ILE D 222 -64.86 -14.89 21.13
C ILE D 222 -63.98 -15.47 20.02
N SER D 223 -62.69 -15.61 20.33
CA SER D 223 -61.71 -16.13 19.37
C SER D 223 -62.14 -17.51 18.86
N LYS D 224 -62.34 -18.40 19.82
CA LYS D 224 -62.79 -19.76 19.57
C LYS D 224 -63.95 -19.70 18.55
N ASN D 225 -65.07 -19.11 18.98
CA ASN D 225 -66.29 -18.96 18.17
C ASN D 225 -66.10 -18.32 16.79
N PHE D 226 -65.20 -17.34 16.69
CA PHE D 226 -64.89 -16.62 15.46
C PHE D 226 -64.12 -17.56 14.54
N GLN D 227 -63.21 -18.31 15.12
CA GLN D 227 -62.41 -19.24 14.35
C GLN D 227 -63.31 -20.25 13.66
N ARG D 228 -64.22 -20.86 14.42
CA ARG D 228 -65.13 -21.84 13.84
C ARG D 228 -65.90 -21.24 12.68
N ILE D 229 -66.34 -19.98 12.83
CA ILE D 229 -67.07 -19.35 11.74
C ILE D 229 -66.17 -19.13 10.52
N LEU D 230 -64.88 -18.88 10.73
CA LEU D 230 -63.99 -18.69 9.60
C LEU D 230 -63.66 -19.99 8.89
N GLN D 231 -63.52 -21.05 9.67
CA GLN D 231 -63.20 -22.35 9.11
C GLN D 231 -64.38 -22.82 8.25
N LYS D 232 -65.60 -22.55 8.72
CA LYS D 232 -66.77 -22.92 7.95
C LYS D 232 -66.86 -22.11 6.64
N GLN D 233 -65.97 -21.13 6.48
CA GLN D 233 -65.95 -20.30 5.28
C GLN D 233 -64.90 -20.76 4.28
N GLY D 234 -63.94 -21.55 4.75
CA GLY D 234 -62.89 -22.03 3.88
C GLY D 234 -61.53 -21.66 4.42
N PHE D 235 -61.54 -20.75 5.38
CA PHE D 235 -60.31 -20.29 6.00
C PHE D 235 -59.80 -21.39 6.95
N LYS D 236 -58.65 -21.98 6.63
CA LYS D 236 -58.11 -23.06 7.45
C LYS D 236 -57.02 -22.55 8.39
N PHE D 237 -56.96 -23.15 9.57
CA PHE D 237 -55.93 -22.78 10.54
C PHE D 237 -55.18 -23.97 11.09
N LYS D 238 -53.91 -23.74 11.36
CA LYS D 238 -53.06 -24.75 11.96
C LYS D 238 -52.49 -24.08 13.19
N LEU D 239 -53.29 -24.08 14.26
CA LEU D 239 -52.88 -23.48 15.51
C LEU D 239 -51.80 -24.32 16.19
N ASN D 240 -51.14 -23.74 17.17
CA ASN D 240 -50.12 -24.46 17.90
C ASN D 240 -49.09 -25.08 16.95
N THR D 241 -48.74 -24.33 15.91
CA THR D 241 -47.78 -24.80 14.91
C THR D 241 -46.86 -23.63 14.54
N LYS D 242 -45.56 -23.87 14.42
CA LYS D 242 -44.62 -22.81 14.07
C LYS D 242 -43.90 -22.98 12.72
N VAL D 243 -43.87 -21.90 11.95
CA VAL D 243 -43.19 -21.90 10.65
C VAL D 243 -41.69 -21.71 10.90
N THR D 244 -40.93 -22.79 10.73
CA THR D 244 -39.50 -22.73 10.95
C THR D 244 -38.77 -22.02 9.83
N GLY D 245 -39.23 -22.20 8.60
CA GLY D 245 -38.55 -21.55 7.50
C GLY D 245 -39.24 -21.83 6.18
N ALA D 246 -38.73 -21.22 5.12
CA ALA D 246 -39.31 -21.42 3.80
C ALA D 246 -38.24 -21.28 2.75
N THR D 247 -38.49 -21.86 1.58
CA THR D 247 -37.55 -21.81 0.48
C THR D 247 -38.28 -21.90 -0.85
N LYS D 248 -37.74 -21.19 -1.85
CA LYS D 248 -38.30 -21.12 -3.19
C LYS D 248 -38.00 -22.34 -4.05
N LYS D 249 -39.04 -23.11 -4.39
CA LYS D 249 -38.84 -24.28 -5.23
C LYS D 249 -38.47 -23.75 -6.61
N SER D 250 -37.86 -24.59 -7.43
CA SER D 250 -37.46 -24.17 -8.77
C SER D 250 -38.62 -23.88 -9.71
N ASP D 251 -39.82 -24.39 -9.38
CA ASP D 251 -41.00 -24.14 -10.22
C ASP D 251 -41.64 -22.80 -9.87
N GLY D 252 -41.24 -22.21 -8.74
CA GLY D 252 -41.80 -20.93 -8.31
C GLY D 252 -42.55 -21.02 -7.00
N LYS D 253 -43.05 -22.21 -6.69
CA LYS D 253 -43.79 -22.45 -5.46
C LYS D 253 -42.91 -22.34 -4.21
N ILE D 254 -43.56 -22.18 -3.06
CA ILE D 254 -42.81 -22.07 -1.82
C ILE D 254 -43.10 -23.27 -0.93
N ASP D 255 -42.05 -23.80 -0.32
CA ASP D 255 -42.18 -24.90 0.62
C ASP D 255 -41.98 -24.29 2.00
N VAL D 256 -43.01 -24.41 2.81
CA VAL D 256 -42.98 -23.86 4.16
C VAL D 256 -42.75 -25.00 5.15
N SER D 257 -41.72 -24.85 5.96
CA SER D 257 -41.38 -25.85 6.96
C SER D 257 -42.13 -25.54 8.25
N ILE D 258 -42.85 -26.52 8.78
CA ILE D 258 -43.57 -26.30 10.03
C ILE D 258 -43.29 -27.44 11.01
N GLU D 259 -43.99 -27.41 12.13
CA GLU D 259 -43.87 -28.41 13.20
C GLU D 259 -44.64 -27.89 14.41
N ALA D 260 -45.15 -28.79 15.25
CA ALA D 260 -45.89 -28.38 16.44
C ALA D 260 -45.10 -27.36 17.27
N ALA D 261 -45.79 -26.42 17.88
CA ALA D 261 -45.14 -25.41 18.68
C ALA D 261 -44.23 -26.00 19.76
N SER D 262 -44.65 -27.12 20.33
CA SER D 262 -43.92 -27.84 21.38
C SER D 262 -42.65 -28.49 20.88
N GLY D 263 -42.65 -28.85 19.60
CA GLY D 263 -41.49 -29.48 18.99
C GLY D 263 -41.88 -30.78 18.30
N GLY D 264 -41.12 -31.16 17.29
CA GLY D 264 -41.40 -32.39 16.56
C GLY D 264 -42.57 -32.30 15.60
N LYS D 265 -43.07 -33.45 15.17
CA LYS D 265 -44.21 -33.49 14.25
C LYS D 265 -43.97 -32.55 13.06
N ALA D 266 -42.71 -32.44 12.66
CA ALA D 266 -42.34 -31.57 11.54
C ALA D 266 -42.86 -32.05 10.19
N GLU D 267 -43.37 -31.12 9.39
CA GLU D 267 -43.85 -31.45 8.05
C GLU D 267 -43.72 -30.22 7.16
N VAL D 268 -44.03 -30.37 5.88
CA VAL D 268 -43.90 -29.28 4.92
C VAL D 268 -45.17 -29.07 4.08
N ILE D 269 -45.49 -27.81 3.81
CA ILE D 269 -46.67 -27.49 3.02
C ILE D 269 -46.29 -26.58 1.87
N THR D 270 -47.06 -26.61 0.79
CA THR D 270 -46.73 -25.78 -0.35
C THR D 270 -47.83 -24.81 -0.76
N CYS D 271 -47.42 -23.64 -1.25
CA CYS D 271 -48.32 -22.56 -1.65
C CYS D 271 -47.75 -21.72 -2.80
N ASP D 272 -48.60 -20.88 -3.38
CA ASP D 272 -48.20 -20.01 -4.49
C ASP D 272 -47.52 -18.74 -3.98
N VAL D 273 -48.07 -18.18 -2.90
CA VAL D 273 -47.52 -16.97 -2.28
C VAL D 273 -47.52 -17.18 -0.78
N LEU D 274 -46.52 -16.62 -0.12
CA LEU D 274 -46.38 -16.74 1.31
C LEU D 274 -46.44 -15.35 1.96
N LEU D 275 -47.43 -15.15 2.83
CA LEU D 275 -47.60 -13.88 3.55
C LEU D 275 -46.97 -13.95 4.93
N VAL D 276 -45.80 -13.34 5.09
CA VAL D 276 -45.12 -13.29 6.39
C VAL D 276 -45.82 -12.15 7.15
N CYS D 277 -46.43 -12.46 8.28
CA CYS D 277 -47.20 -11.49 9.05
C CYS D 277 -47.04 -11.81 10.51
N ILE D 278 -45.87 -11.53 11.05
CA ILE D 278 -45.63 -11.84 12.44
C ILE D 278 -45.42 -10.60 13.29
N GLY D 279 -46.18 -9.56 13.01
CA GLY D 279 -46.09 -8.32 13.76
C GLY D 279 -45.39 -7.17 13.08
N ARG D 280 -45.29 -6.07 13.82
CA ARG D 280 -44.65 -4.84 13.37
C ARG D 280 -43.86 -4.41 14.59
N ARG D 281 -42.91 -3.51 14.39
CA ARG D 281 -42.11 -3.05 15.51
C ARG D 281 -41.82 -1.57 15.35
N PRO D 282 -41.53 -0.89 16.46
CA PRO D 282 -41.23 0.54 16.48
C PRO D 282 -40.14 0.89 15.52
N PHE D 283 -40.33 1.96 14.76
CA PHE D 283 -39.32 2.39 13.81
C PHE D 283 -38.72 3.71 14.28
N THR D 284 -37.43 3.67 14.61
CA THR D 284 -36.66 4.83 15.10
C THR D 284 -35.28 4.89 14.46
N LYS D 285 -35.13 4.27 13.29
CA LYS D 285 -33.84 4.23 12.62
C LYS D 285 -33.30 5.61 12.25
N ASN D 286 -32.09 5.90 12.73
CA ASN D 286 -31.38 7.14 12.45
C ASN D 286 -32.04 8.44 12.85
N LEU D 287 -32.77 8.41 13.96
CA LEU D 287 -33.46 9.60 14.40
C LEU D 287 -32.50 10.48 15.22
N GLY D 288 -31.44 9.86 15.71
CA GLY D 288 -30.44 10.56 16.52
C GLY D 288 -30.58 10.27 18.00
N LEU D 289 -31.41 9.29 18.33
CA LEU D 289 -31.66 8.94 19.73
C LEU D 289 -30.39 8.62 20.49
N GLU D 290 -29.53 7.80 19.90
CA GLU D 290 -28.26 7.40 20.49
C GLU D 290 -27.49 8.61 21.01
N GLU D 291 -27.35 9.62 20.16
CA GLU D 291 -26.62 10.80 20.56
C GLU D 291 -27.32 11.66 21.60
N LEU D 292 -28.65 11.59 21.66
CA LEU D 292 -29.37 12.39 22.63
C LEU D 292 -29.36 11.77 24.01
N GLY D 293 -29.20 10.46 24.06
CA GLY D 293 -29.19 9.78 25.34
C GLY D 293 -30.55 9.10 25.54
N ILE D 294 -31.35 9.11 24.49
CA ILE D 294 -32.67 8.50 24.52
C ILE D 294 -32.65 7.01 24.19
N GLU D 295 -32.47 6.20 25.23
CA GLU D 295 -32.41 4.75 25.13
C GLU D 295 -33.79 4.11 25.00
N LEU D 296 -33.89 3.08 24.14
CA LEU D 296 -35.12 2.36 23.88
C LEU D 296 -35.40 1.25 24.90
N ASP D 297 -36.64 0.78 25.01
CA ASP D 297 -36.88 -0.30 25.95
C ASP D 297 -36.53 -1.59 25.20
N PRO D 298 -36.70 -2.76 25.82
CA PRO D 298 -36.35 -3.98 25.09
C PRO D 298 -37.05 -4.19 23.76
N ARG D 299 -38.29 -3.74 23.63
CA ARG D 299 -39.03 -3.90 22.38
C ARG D 299 -38.71 -2.84 21.33
N GLY D 300 -37.79 -1.94 21.65
CA GLY D 300 -37.41 -0.89 20.72
C GLY D 300 -38.26 0.36 20.81
N ARG D 301 -39.10 0.43 21.84
CA ARG D 301 -39.96 1.58 22.01
C ARG D 301 -39.30 2.71 22.78
N ILE D 302 -39.78 3.92 22.52
CA ILE D 302 -39.30 5.12 23.16
C ILE D 302 -40.07 5.31 24.46
N PRO D 303 -39.37 5.36 25.60
CA PRO D 303 -40.04 5.53 26.91
C PRO D 303 -40.50 6.99 27.13
N VAL D 304 -41.75 7.16 27.52
CA VAL D 304 -42.31 8.49 27.75
C VAL D 304 -43.05 8.56 29.08
N ASN D 305 -43.21 9.78 29.60
CA ASN D 305 -43.91 9.98 30.86
C ASN D 305 -45.38 10.32 30.56
N THR D 306 -46.19 10.62 31.57
CA THR D 306 -47.61 10.89 31.30
C THR D 306 -47.95 12.05 30.37
N ARG D 307 -47.00 12.93 30.08
CA ARG D 307 -47.25 14.03 29.15
C ARG D 307 -46.63 13.66 27.79
N PHE D 308 -46.19 12.40 27.70
CA PHE D 308 -45.53 11.80 26.54
C PHE D 308 -44.12 12.32 26.24
N GLN D 309 -43.49 12.88 27.27
CA GLN D 309 -42.13 13.40 27.16
C GLN D 309 -41.11 12.30 27.36
N THR D 310 -40.07 12.37 26.54
CA THR D 310 -38.95 11.44 26.58
C THR D 310 -38.12 11.94 27.76
N LYS D 311 -36.96 11.33 27.97
CA LYS D 311 -36.03 11.73 29.02
C LYS D 311 -35.73 13.24 28.84
N ILE D 312 -35.73 13.71 27.60
CA ILE D 312 -35.51 15.11 27.32
C ILE D 312 -36.92 15.71 27.17
N PRO D 313 -37.37 16.41 28.22
CA PRO D 313 -38.67 17.08 28.36
C PRO D 313 -39.25 17.86 27.20
N ASN D 314 -38.42 18.35 26.27
CA ASN D 314 -39.01 19.08 25.17
C ASN D 314 -39.13 18.16 23.95
N ILE D 315 -38.76 16.89 24.11
CA ILE D 315 -38.82 15.92 23.03
C ILE D 315 -39.82 14.87 23.45
N TYR D 316 -40.83 14.68 22.62
CA TYR D 316 -41.89 13.75 22.95
C TYR D 316 -42.01 12.71 21.85
N ALA D 317 -42.77 11.66 22.16
CA ALA D 317 -43.01 10.56 21.23
C ALA D 317 -44.41 10.00 21.49
N ILE D 318 -45.09 9.62 20.41
CA ILE D 318 -46.43 9.07 20.51
C ILE D 318 -46.56 8.03 19.43
N GLY D 319 -47.68 7.31 19.47
CA GLY D 319 -47.99 6.31 18.47
C GLY D 319 -47.37 4.96 18.57
N ASP D 320 -47.23 4.30 17.42
CA ASP D 320 -46.66 2.96 17.33
C ASP D 320 -45.24 2.88 17.87
N VAL D 321 -44.58 4.01 18.00
CA VAL D 321 -43.21 4.02 18.48
C VAL D 321 -43.10 3.97 20.03
N VAL D 322 -44.22 4.16 20.72
CA VAL D 322 -44.23 4.12 22.18
C VAL D 322 -45.17 3.01 22.59
N ALA D 323 -45.19 2.72 23.89
CA ALA D 323 -46.03 1.65 24.41
C ALA D 323 -47.53 1.79 24.19
N GLY D 324 -48.24 0.71 24.46
CA GLY D 324 -49.68 0.71 24.31
C GLY D 324 -50.02 0.01 23.02
N PRO D 325 -51.30 -0.31 22.82
CA PRO D 325 -51.74 -1.00 21.60
C PRO D 325 -51.37 -0.25 20.36
N MET D 326 -50.81 -0.98 19.40
CA MET D 326 -50.37 -0.43 18.12
C MET D 326 -51.52 -0.28 17.15
N LEU D 327 -52.38 0.70 17.43
CA LEU D 327 -53.54 0.97 16.60
C LEU D 327 -53.54 2.40 16.14
N ALA D 328 -54.32 2.68 15.09
CA ALA D 328 -54.38 4.02 14.51
C ALA D 328 -55.12 5.03 15.39
N HIS D 329 -56.25 4.63 15.96
CA HIS D 329 -57.02 5.53 16.81
C HIS D 329 -56.26 5.83 18.07
N LYS D 330 -55.39 4.91 18.46
CA LYS D 330 -54.57 5.09 19.66
C LYS D 330 -53.48 6.13 19.42
N ALA D 331 -52.91 6.10 18.23
CA ALA D 331 -51.85 7.01 17.86
C ALA D 331 -52.39 8.43 17.75
N GLU D 332 -53.57 8.55 17.16
CA GLU D 332 -54.20 9.84 16.98
C GLU D 332 -54.50 10.50 18.32
N ASP D 333 -55.13 9.73 19.20
CA ASP D 333 -55.50 10.24 20.52
C ASP D 333 -54.28 10.69 21.26
N GLU D 334 -53.20 9.93 21.18
CA GLU D 334 -51.98 10.32 21.87
C GLU D 334 -51.40 11.60 21.29
N GLY D 335 -51.50 11.77 19.97
CA GLY D 335 -50.95 12.97 19.35
C GLY D 335 -51.69 14.22 19.82
N ILE D 336 -53.01 14.07 19.90
CA ILE D 336 -53.85 15.17 20.35
C ILE D 336 -53.64 15.52 21.83
N ILE D 337 -53.63 14.55 22.72
CA ILE D 337 -53.48 14.92 24.11
C ILE D 337 -52.05 15.41 24.35
N CYS D 338 -51.11 14.86 23.59
CA CYS D 338 -49.74 15.28 23.79
C CYS D 338 -49.58 16.77 23.54
N VAL D 339 -50.08 17.25 22.41
CA VAL D 339 -49.91 18.66 22.10
C VAL D 339 -50.86 19.55 22.92
N GLU D 340 -51.92 18.97 23.47
CA GLU D 340 -52.81 19.75 24.32
C GLU D 340 -51.99 20.00 25.59
N GLY D 341 -51.22 18.98 26.00
CA GLY D 341 -50.37 19.08 27.17
C GLY D 341 -49.27 20.12 26.96
N MET D 342 -48.70 20.15 25.75
CA MET D 342 -47.66 21.14 25.43
C MET D 342 -48.27 22.52 25.61
N ALA D 343 -49.59 22.61 25.44
CA ALA D 343 -50.33 23.86 25.60
C ALA D 343 -50.80 24.03 27.07
N GLY D 344 -50.35 23.13 27.94
CA GLY D 344 -50.68 23.23 29.33
C GLY D 344 -51.85 22.46 29.89
N GLY D 345 -52.70 21.91 29.04
CA GLY D 345 -53.87 21.18 29.51
C GLY D 345 -53.64 19.77 30.03
N ALA D 346 -54.71 19.18 30.56
CA ALA D 346 -54.67 17.81 31.09
C ALA D 346 -54.38 16.80 29.96
N VAL D 347 -53.63 15.75 30.30
CA VAL D 347 -53.25 14.68 29.37
C VAL D 347 -53.69 13.33 29.92
N HIS D 348 -54.72 12.76 29.31
CA HIS D 348 -55.27 11.48 29.77
C HIS D 348 -55.63 10.47 28.69
N ILE D 349 -55.40 9.21 28.98
CA ILE D 349 -55.78 8.13 28.08
C ILE D 349 -55.66 6.82 28.84
N ASP D 350 -56.72 6.03 28.72
CA ASP D 350 -56.79 4.73 29.38
C ASP D 350 -56.81 3.68 28.28
N TYR D 351 -55.69 2.97 28.19
CA TYR D 351 -55.57 1.96 27.16
C TYR D 351 -56.62 0.86 27.27
N ASN D 352 -57.21 0.72 28.46
CA ASN D 352 -58.26 -0.27 28.69
C ASN D 352 -59.47 0.09 27.83
N CYS D 353 -59.60 1.40 27.51
CA CYS D 353 -60.73 1.91 26.73
C CYS D 353 -60.48 2.13 25.24
N VAL D 354 -59.33 1.65 24.77
CA VAL D 354 -58.94 1.70 23.35
C VAL D 354 -59.48 0.43 22.68
N PRO D 355 -60.55 0.54 21.88
CA PRO D 355 -61.12 -0.63 21.22
C PRO D 355 -60.26 -1.24 20.13
N SER D 356 -60.58 -2.50 19.80
CA SER D 356 -59.92 -3.30 18.76
C SER D 356 -61.01 -3.83 17.82
N VAL D 357 -60.76 -3.78 16.51
CA VAL D 357 -61.71 -4.28 15.53
C VAL D 357 -61.06 -5.14 14.49
N ILE D 358 -61.78 -6.19 14.11
CA ILE D 358 -61.35 -7.09 13.04
C ILE D 358 -62.45 -6.91 12.00
N TYR D 359 -62.08 -6.32 10.86
CA TYR D 359 -63.03 -6.04 9.78
C TYR D 359 -63.38 -7.15 8.79
N THR D 360 -63.34 -8.39 9.29
CA THR D 360 -63.72 -9.53 8.48
C THR D 360 -65.27 -9.53 8.48
N HIS D 361 -65.88 -10.64 8.10
CA HIS D 361 -67.34 -10.73 8.09
C HIS D 361 -67.67 -12.18 8.49
N PRO D 362 -68.20 -12.39 9.70
CA PRO D 362 -68.55 -11.40 10.72
C PRO D 362 -67.40 -10.54 11.27
N GLU D 363 -67.74 -9.32 11.65
CA GLU D 363 -66.76 -8.44 12.25
C GLU D 363 -66.51 -8.92 13.67
N VAL D 364 -65.40 -8.48 14.24
CA VAL D 364 -65.09 -8.80 15.63
C VAL D 364 -64.56 -7.51 16.25
N ALA D 365 -65.05 -7.17 17.44
CA ALA D 365 -64.60 -5.96 18.11
C ALA D 365 -64.73 -6.02 19.62
N TRP D 366 -63.84 -5.34 20.32
CA TRP D 366 -63.90 -5.29 21.79
C TRP D 366 -63.16 -4.10 22.37
N VAL D 367 -63.54 -3.80 23.61
CA VAL D 367 -62.95 -2.73 24.40
C VAL D 367 -63.11 -3.20 25.84
N GLY D 368 -62.18 -2.78 26.70
CA GLY D 368 -62.25 -3.22 28.09
C GLY D 368 -61.52 -4.53 28.32
N LYS D 369 -61.96 -5.29 29.31
CA LYS D 369 -61.30 -6.54 29.69
C LYS D 369 -61.91 -7.82 29.09
N SER D 370 -61.05 -8.81 28.84
CA SER D 370 -61.48 -10.13 28.35
C SER D 370 -61.70 -10.97 29.61
N GLU D 371 -62.43 -12.07 29.49
CA GLU D 371 -62.63 -12.94 30.64
C GLU D 371 -61.29 -13.37 31.22
N GLU D 372 -60.34 -13.74 30.35
CA GLU D 372 -59.03 -14.14 30.81
C GLU D 372 -58.35 -13.06 31.63
N GLN D 373 -58.51 -11.81 31.23
CA GLN D 373 -57.88 -10.72 31.95
C GLN D 373 -58.48 -10.51 33.33
N LEU D 374 -59.80 -10.65 33.44
CA LEU D 374 -60.43 -10.47 34.73
C LEU D 374 -59.95 -11.52 35.71
N LYS D 375 -59.92 -12.77 35.26
CA LYS D 375 -59.45 -13.84 36.12
C LYS D 375 -58.03 -13.61 36.64
N GLU D 376 -57.10 -13.32 35.75
CA GLU D 376 -55.76 -13.12 36.23
C GLU D 376 -55.64 -11.87 37.10
N GLU D 377 -56.52 -10.90 36.90
CA GLU D 377 -56.49 -9.69 37.73
C GLU D 377 -57.21 -10.03 39.04
N GLY D 378 -57.78 -11.23 39.09
CA GLY D 378 -58.50 -11.71 40.25
C GLY D 378 -59.74 -10.94 40.62
N ILE D 379 -60.67 -10.79 39.67
CA ILE D 379 -61.93 -10.07 39.82
C ILE D 379 -63.19 -10.94 39.66
N GLU D 380 -64.26 -10.58 40.36
CA GLU D 380 -65.52 -11.31 40.30
C GLU D 380 -66.48 -10.57 39.38
N TYR D 381 -66.96 -11.29 38.38
CA TYR D 381 -67.80 -10.70 37.39
C TYR D 381 -68.99 -11.53 37.00
N LYS D 382 -69.95 -10.87 36.35
CA LYS D 382 -71.12 -11.57 35.87
C LYS D 382 -71.08 -11.50 34.34
N VAL D 383 -71.84 -12.37 33.67
CA VAL D 383 -71.84 -12.43 32.21
C VAL D 383 -73.19 -12.34 31.55
N GLY D 384 -73.25 -11.47 30.55
CA GLY D 384 -74.46 -11.27 29.77
C GLY D 384 -74.18 -11.59 28.31
N LYS D 385 -74.99 -12.47 27.74
CA LYS D 385 -74.81 -12.83 26.34
C LYS D 385 -76.10 -12.70 25.57
N PHE D 386 -75.97 -12.32 24.31
CA PHE D 386 -77.12 -12.23 23.43
C PHE D 386 -76.67 -12.51 21.99
N PRO D 387 -77.27 -13.53 21.37
CA PRO D 387 -76.92 -13.90 20.00
C PRO D 387 -77.58 -13.01 18.94
N PHE D 388 -76.86 -12.73 17.85
CA PHE D 388 -77.44 -11.91 16.81
C PHE D 388 -78.62 -12.60 16.13
N ALA D 389 -78.65 -13.92 16.24
CA ALA D 389 -79.73 -14.70 15.66
C ALA D 389 -81.04 -14.40 16.34
N ALA D 390 -81.00 -13.60 17.41
CA ALA D 390 -82.23 -13.26 18.11
C ALA D 390 -82.48 -11.76 18.00
N ASN D 391 -81.61 -11.09 17.24
CA ASN D 391 -81.74 -9.65 17.00
C ASN D 391 -82.54 -9.46 15.73
N SER D 392 -83.63 -8.69 15.81
CA SER D 392 -84.51 -8.44 14.67
C SER D 392 -83.85 -7.84 13.43
N ARG D 393 -83.00 -6.84 13.61
CA ARG D 393 -82.32 -6.23 12.48
C ARG D 393 -81.41 -7.29 11.80
N ALA D 394 -80.65 -8.04 12.59
CA ALA D 394 -79.78 -9.08 12.02
C ALA D 394 -80.62 -10.12 11.22
N LYS D 395 -81.74 -10.54 11.80
CA LYS D 395 -82.63 -11.51 11.18
C LYS D 395 -83.22 -11.05 9.85
N THR D 396 -83.79 -9.86 9.85
CA THR D 396 -84.40 -9.29 8.66
C THR D 396 -83.36 -9.14 7.57
N ASN D 397 -82.11 -8.87 7.95
CA ASN D 397 -81.02 -8.74 7.01
C ASN D 397 -80.48 -10.12 6.63
N ALA D 398 -80.85 -11.13 7.41
CA ALA D 398 -80.37 -12.48 7.19
C ALA D 398 -78.84 -12.57 7.32
N ASP D 399 -78.29 -11.91 8.34
CA ASP D 399 -76.86 -11.89 8.63
C ASP D 399 -76.83 -12.05 10.14
N THR D 400 -77.05 -13.28 10.60
CA THR D 400 -77.13 -13.59 12.02
C THR D 400 -75.97 -14.25 12.79
N ASP D 401 -74.78 -14.29 12.20
CA ASP D 401 -73.60 -14.86 12.86
C ASP D 401 -73.23 -14.12 14.15
N GLY D 402 -72.71 -14.88 15.12
CA GLY D 402 -72.24 -14.29 16.36
C GLY D 402 -73.10 -13.79 17.51
N MET D 403 -72.43 -13.06 18.40
CA MET D 403 -73.06 -12.52 19.60
C MET D 403 -72.32 -11.33 20.26
N VAL D 404 -73.01 -10.80 21.27
CA VAL D 404 -72.45 -9.74 22.10
C VAL D 404 -72.27 -10.33 23.50
N LYS D 405 -71.06 -10.22 24.02
CA LYS D 405 -70.77 -10.66 25.36
C LYS D 405 -70.37 -9.48 26.22
N ILE D 406 -71.10 -9.31 27.31
CA ILE D 406 -70.89 -8.26 28.30
C ILE D 406 -70.34 -8.84 29.62
N LEU D 407 -69.28 -8.23 30.16
CA LEU D 407 -68.68 -8.64 31.43
C LEU D 407 -68.94 -7.52 32.43
N GLY D 408 -69.69 -7.81 33.50
CA GLY D 408 -69.95 -6.79 34.50
C GLY D 408 -69.33 -7.11 35.85
N GLN D 409 -68.97 -6.09 36.62
CA GLN D 409 -68.40 -6.32 37.94
C GLN D 409 -69.56 -6.91 38.77
N LYS D 410 -69.26 -8.01 39.44
CA LYS D 410 -70.23 -8.75 40.23
C LYS D 410 -71.17 -7.93 41.12
N SER D 411 -70.59 -7.04 41.92
CA SER D 411 -71.38 -6.24 42.83
C SER D 411 -71.80 -4.83 42.37
N THR D 412 -70.88 -4.11 41.74
CA THR D 412 -71.18 -2.75 41.27
C THR D 412 -71.88 -2.69 39.92
N ASP D 413 -72.18 -3.86 39.36
CA ASP D 413 -72.85 -3.97 38.07
C ASP D 413 -72.17 -3.14 36.98
N ARG D 414 -70.99 -2.61 37.25
CA ARG D 414 -70.29 -1.82 36.22
C ARG D 414 -69.69 -2.66 35.09
N VAL D 415 -69.87 -2.20 33.87
CA VAL D 415 -69.36 -2.90 32.70
C VAL D 415 -67.85 -2.87 32.67
N LEU D 416 -67.23 -4.02 32.49
CA LEU D 416 -65.76 -4.10 32.49
C LEU D 416 -65.21 -4.45 31.11
N GLY D 417 -66.05 -5.10 30.29
CA GLY D 417 -65.64 -5.49 28.96
C GLY D 417 -66.83 -5.72 28.05
N ALA D 418 -66.63 -5.45 26.76
CA ALA D 418 -67.66 -5.63 25.74
C ALA D 418 -66.98 -6.34 24.57
N HIS D 419 -67.55 -7.48 24.16
CA HIS D 419 -66.97 -8.28 23.08
C HIS D 419 -68.04 -8.63 22.08
N ILE D 420 -67.83 -8.19 20.84
CA ILE D 420 -68.80 -8.37 19.78
C ILE D 420 -68.28 -9.18 18.61
N LEU D 421 -69.05 -10.22 18.28
CA LEU D 421 -68.76 -11.12 17.18
C LEU D 421 -69.99 -11.08 16.28
N GLY D 422 -69.83 -10.57 15.07
CA GLY D 422 -70.99 -10.54 14.20
C GLY D 422 -71.15 -9.25 13.45
N PRO D 423 -72.33 -9.03 12.87
CA PRO D 423 -72.65 -7.84 12.10
C PRO D 423 -72.57 -6.52 12.85
N GLY D 424 -71.96 -5.51 12.23
CA GLY D 424 -71.86 -4.20 12.84
C GLY D 424 -70.97 -4.07 14.07
N ALA D 425 -70.16 -5.09 14.35
CA ALA D 425 -69.30 -5.05 15.52
C ALA D 425 -68.43 -3.81 15.56
N GLY D 426 -67.79 -3.52 14.42
CA GLY D 426 -66.88 -2.37 14.34
C GLY D 426 -67.44 -1.03 14.77
N GLU D 427 -68.67 -0.76 14.35
CA GLU D 427 -69.30 0.49 14.69
C GLU D 427 -69.85 0.43 16.12
N MET D 428 -70.31 -0.75 16.53
CA MET D 428 -70.92 -0.93 17.83
C MET D 428 -69.99 -0.77 19.04
N VAL D 429 -68.73 -1.14 18.88
CA VAL D 429 -67.79 -1.08 19.98
C VAL D 429 -67.64 0.36 20.49
N ASN D 430 -67.91 1.32 19.64
CA ASN D 430 -67.78 2.70 20.02
C ASN D 430 -68.82 3.15 21.02
N GLU D 431 -70.01 2.57 20.96
CA GLU D 431 -71.06 2.87 21.93
C GLU D 431 -70.57 2.30 23.27
N ALA D 432 -70.05 1.07 23.19
CA ALA D 432 -69.51 0.39 24.36
C ALA D 432 -68.36 1.25 24.90
N ALA D 433 -67.53 1.79 24.03
CA ALA D 433 -66.43 2.63 24.49
C ALA D 433 -66.94 3.87 25.27
N LEU D 434 -68.06 4.44 24.84
CA LEU D 434 -68.60 5.61 25.52
C LEU D 434 -69.10 5.16 26.89
N ALA D 435 -69.71 3.98 26.94
CA ALA D 435 -70.23 3.43 28.20
C ALA D 435 -69.12 3.28 29.28
N LEU D 436 -67.99 2.71 28.87
CA LEU D 436 -66.86 2.49 29.77
C LEU D 436 -66.23 3.77 30.27
N GLU D 437 -66.24 4.81 29.45
CA GLU D 437 -65.65 6.07 29.84
C GLU D 437 -66.48 6.73 30.92
N TYR D 438 -67.79 6.53 30.85
CA TYR D 438 -68.68 7.11 31.84
C TYR D 438 -68.76 6.23 33.08
N GLY D 439 -68.26 5.00 32.99
CA GLY D 439 -68.34 4.12 34.14
C GLY D 439 -69.75 3.57 34.24
N ALA D 440 -70.32 3.30 33.08
CA ALA D 440 -71.68 2.77 33.00
C ALA D 440 -71.85 1.43 33.71
N SER D 441 -73.08 1.15 34.09
CA SER D 441 -73.43 -0.12 34.71
C SER D 441 -74.19 -0.87 33.60
N CYS D 442 -74.35 -2.18 33.75
CA CYS D 442 -75.07 -2.97 32.76
C CYS D 442 -76.51 -2.52 32.77
N GLU D 443 -77.00 -2.14 33.95
CA GLU D 443 -78.36 -1.65 34.12
C GLU D 443 -78.54 -0.32 33.38
N ASP D 444 -77.59 0.60 33.54
CA ASP D 444 -77.66 1.88 32.85
C ASP D 444 -77.86 1.68 31.34
N ILE D 445 -77.12 0.73 30.77
CA ILE D 445 -77.22 0.47 29.34
C ILE D 445 -78.55 -0.12 28.95
N ALA D 446 -79.02 -1.09 29.72
CA ALA D 446 -80.31 -1.74 29.44
C ALA D 446 -81.48 -0.75 29.41
N ARG D 447 -81.39 0.31 30.20
CA ARG D 447 -82.46 1.30 30.27
C ARG D 447 -82.43 2.35 29.16
N VAL D 448 -81.29 2.52 28.49
CA VAL D 448 -81.18 3.50 27.40
C VAL D 448 -82.01 3.07 26.19
N CYS D 449 -82.86 3.95 25.69
CA CYS D 449 -83.68 3.61 24.56
C CYS D 449 -82.86 3.38 23.28
N HIS D 450 -82.87 2.16 22.78
CA HIS D 450 -82.17 1.86 21.54
C HIS D 450 -83.23 1.78 20.46
N ALA D 451 -82.87 2.14 19.25
CA ALA D 451 -83.84 2.12 18.17
C ALA D 451 -84.19 0.70 17.74
N HIS D 452 -85.43 0.52 17.29
CA HIS D 452 -85.88 -0.77 16.78
C HIS D 452 -86.35 -0.65 15.31
N PRO D 453 -85.82 -1.50 14.42
CA PRO D 453 -84.82 -2.52 14.75
C PRO D 453 -83.37 -2.13 14.45
N THR D 454 -82.47 -2.39 15.40
CA THR D 454 -81.03 -2.11 15.19
C THR D 454 -80.13 -3.16 15.84
N LEU D 455 -79.00 -3.43 15.22
CA LEU D 455 -78.07 -4.38 15.76
C LEU D 455 -77.71 -4.00 17.19
N SER D 456 -77.75 -2.71 17.50
CA SER D 456 -77.38 -2.25 18.84
C SER D 456 -78.32 -2.84 19.92
N GLU D 457 -79.49 -3.32 19.52
CA GLU D 457 -80.41 -3.90 20.48
C GLU D 457 -79.77 -5.14 21.10
N ALA D 458 -78.83 -5.75 20.39
CA ALA D 458 -78.14 -6.92 20.90
C ALA D 458 -77.25 -6.50 22.06
N PHE D 459 -76.62 -5.34 21.89
CA PHE D 459 -75.72 -4.78 22.89
C PHE D 459 -76.49 -4.41 24.17
N ARG D 460 -77.72 -3.94 23.97
CA ARG D 460 -78.59 -3.52 25.07
C ARG D 460 -79.11 -4.74 25.85
N GLU D 461 -79.43 -5.80 25.11
CA GLU D 461 -79.95 -7.04 25.67
C GLU D 461 -78.91 -7.84 26.45
N ALA D 462 -77.66 -7.84 25.98
CA ALA D 462 -76.60 -8.56 26.68
C ALA D 462 -76.30 -7.86 28.00
N ASN D 463 -76.50 -6.55 28.02
CA ASN D 463 -76.28 -5.77 29.23
C ASN D 463 -77.40 -6.03 30.22
N LEU D 464 -78.61 -6.17 29.69
CA LEU D 464 -79.77 -6.45 30.51
C LEU D 464 -79.61 -7.85 31.08
N ALA D 465 -79.13 -8.79 30.27
CA ALA D 465 -78.94 -10.15 30.74
C ALA D 465 -77.90 -10.20 31.86
N ALA D 466 -76.89 -9.36 31.76
CA ALA D 466 -75.83 -9.32 32.77
C ALA D 466 -76.30 -8.64 34.03
N SER D 467 -77.35 -7.84 33.91
CA SER D 467 -77.86 -7.09 35.03
C SER D 467 -78.99 -7.86 35.70
N PHE D 468 -80.12 -7.95 35.01
CA PHE D 468 -81.31 -8.62 35.50
C PHE D 468 -81.18 -10.14 35.60
N GLY D 469 -80.37 -10.72 34.72
CA GLY D 469 -80.17 -12.17 34.72
C GLY D 469 -80.64 -12.79 33.42
N LYS D 470 -81.70 -12.21 32.88
CA LYS D 470 -82.32 -12.65 31.65
C LYS D 470 -82.40 -11.45 30.72
N SER D 471 -82.72 -11.69 29.46
CA SER D 471 -82.91 -10.63 28.50
C SER D 471 -84.35 -10.84 27.99
N ILE D 472 -84.84 -9.99 27.10
CA ILE D 472 -86.20 -10.15 26.60
C ILE D 472 -86.33 -11.14 25.44
N ASN D 473 -85.54 -10.92 24.40
CA ASN D 473 -85.64 -11.73 23.20
C ASN D 473 -84.83 -13.02 23.06
N PHE D 474 -84.40 -13.57 24.18
CA PHE D 474 -83.66 -14.82 24.19
C PHE D 474 -83.63 -15.36 25.60
N GLN E 3 82.95 14.35 4.84
CA GLN E 3 81.86 13.35 4.72
C GLN E 3 80.77 13.86 3.77
N PRO E 4 81.16 14.24 2.54
CA PRO E 4 80.18 14.74 1.56
C PRO E 4 78.96 13.84 1.40
N ILE E 5 77.84 14.44 0.97
CA ILE E 5 76.59 13.69 0.76
C ILE E 5 76.06 13.85 -0.65
N ASP E 6 75.38 12.82 -1.13
CA ASP E 6 74.82 12.80 -2.47
C ASP E 6 73.29 12.76 -2.37
N ALA E 7 72.62 13.58 -3.15
CA ALA E 7 71.16 13.62 -3.12
C ALA E 7 70.52 13.90 -4.46
N ASP E 8 69.25 13.52 -4.55
CA ASP E 8 68.46 13.75 -5.76
C ASP E 8 67.83 15.13 -5.65
N VAL E 9 67.37 15.47 -4.45
CA VAL E 9 66.74 16.76 -4.21
C VAL E 9 67.25 17.41 -2.92
N THR E 10 67.73 18.63 -3.03
CA THR E 10 68.24 19.34 -1.87
C THR E 10 67.48 20.64 -1.61
N VAL E 11 66.72 20.66 -0.51
CA VAL E 11 65.91 21.81 -0.15
C VAL E 11 66.57 22.74 0.88
N ILE E 12 66.77 23.98 0.49
CA ILE E 12 67.39 24.96 1.38
C ILE E 12 66.29 25.77 2.06
N GLY E 13 65.97 25.38 3.30
CA GLY E 13 64.94 26.06 4.06
C GLY E 13 63.86 25.07 4.47
N SER E 14 63.48 25.09 5.75
CA SER E 14 62.45 24.18 6.28
C SER E 14 61.15 24.90 6.61
N GLY E 15 60.88 25.98 5.89
CA GLY E 15 59.67 26.71 6.12
C GLY E 15 58.52 25.94 5.53
N PRO E 16 57.32 26.50 5.54
CA PRO E 16 56.18 25.78 4.98
C PRO E 16 56.47 25.21 3.58
N GLY E 17 57.08 26.03 2.73
CA GLY E 17 57.40 25.59 1.38
C GLY E 17 58.47 24.52 1.36
N GLY E 18 59.52 24.77 2.13
CA GLY E 18 60.64 23.87 2.22
C GLY E 18 60.34 22.51 2.81
N TYR E 19 59.88 22.48 4.05
CA TYR E 19 59.62 21.19 4.69
C TYR E 19 58.58 20.30 4.01
N VAL E 20 57.57 20.89 3.37
CA VAL E 20 56.53 20.10 2.68
C VAL E 20 57.08 19.62 1.35
N ALA E 21 57.92 20.45 0.76
CA ALA E 21 58.55 20.16 -0.50
C ALA E 21 59.43 18.97 -0.24
N ALA E 22 60.16 19.02 0.86
CA ALA E 22 61.06 17.94 1.22
C ALA E 22 60.31 16.64 1.35
N ILE E 23 59.31 16.63 2.23
CA ILE E 23 58.53 15.43 2.49
C ILE E 23 57.92 14.88 1.23
N LYS E 24 57.40 15.77 0.40
CA LYS E 24 56.77 15.33 -0.85
C LYS E 24 57.82 14.69 -1.74
N ALA E 25 59.01 15.27 -1.79
CA ALA E 25 60.10 14.76 -2.61
C ALA E 25 60.42 13.32 -2.24
N ALA E 26 60.69 13.09 -0.96
CA ALA E 26 61.01 11.78 -0.47
C ALA E 26 59.93 10.76 -0.83
N GLN E 27 58.67 11.17 -0.73
CA GLN E 27 57.56 10.26 -1.01
C GLN E 27 57.39 9.95 -2.49
N LEU E 28 58.05 10.73 -3.35
CA LEU E 28 57.97 10.52 -4.80
C LEU E 28 59.12 9.62 -5.26
N GLY E 29 60.03 9.34 -4.33
CA GLY E 29 61.17 8.49 -4.62
C GLY E 29 62.53 9.16 -4.64
N PHE E 30 62.59 10.46 -4.38
CA PHE E 30 63.86 11.17 -4.39
C PHE E 30 64.63 11.05 -3.09
N LYS E 31 65.95 11.01 -3.21
CA LYS E 31 66.85 10.94 -2.07
C LYS E 31 66.81 12.41 -1.64
N THR E 32 66.19 12.70 -0.50
CA THR E 32 66.02 14.08 -0.09
C THR E 32 66.78 14.68 1.10
N VAL E 33 67.33 15.87 0.88
CA VAL E 33 68.07 16.59 1.91
C VAL E 33 67.49 17.98 2.13
N CYS E 34 67.34 18.37 3.40
CA CYS E 34 66.81 19.69 3.75
C CYS E 34 67.75 20.46 4.68
N ILE E 35 68.18 21.64 4.22
CA ILE E 35 69.08 22.49 5.00
C ILE E 35 68.32 23.60 5.73
N GLU E 36 68.52 23.67 7.05
CA GLU E 36 67.89 24.70 7.85
C GLU E 36 68.91 25.35 8.78
N LYS E 37 69.17 26.64 8.55
CA LYS E 37 70.12 27.44 9.31
C LYS E 37 69.72 27.68 10.77
N ASN E 38 68.41 27.75 11.04
CA ASN E 38 67.94 28.03 12.39
C ASN E 38 68.02 26.87 13.36
N GLU E 39 67.68 27.18 14.60
CA GLU E 39 67.72 26.22 15.69
C GLU E 39 66.64 25.14 15.55
N THR E 40 65.52 25.50 14.93
CA THR E 40 64.42 24.54 14.74
C THR E 40 63.87 24.58 13.31
N LEU E 41 63.05 23.60 12.99
CA LEU E 41 62.43 23.46 11.68
C LEU E 41 61.09 24.20 11.70
N GLY E 42 60.46 24.33 10.53
CA GLY E 42 59.17 24.98 10.48
C GLY E 42 59.18 26.39 9.93
N GLY E 43 60.36 26.93 9.67
CA GLY E 43 60.45 28.26 9.11
C GLY E 43 59.81 29.43 9.86
N THR E 44 59.48 30.48 9.13
CA THR E 44 58.87 31.68 9.69
C THR E 44 57.49 31.47 10.28
N CYS E 45 56.64 30.78 9.53
CA CYS E 45 55.29 30.50 9.95
C CYS E 45 55.18 29.85 11.30
N LEU E 46 55.86 28.73 11.43
CA LEU E 46 55.82 27.99 12.67
C LEU E 46 56.49 28.64 13.87
N ASN E 47 57.67 29.23 13.64
CA ASN E 47 58.42 29.82 14.75
C ASN E 47 58.13 31.27 15.17
N VAL E 48 57.94 32.17 14.22
CA VAL E 48 57.66 33.55 14.60
C VAL E 48 56.54 34.11 13.73
N GLY E 49 55.71 33.23 13.21
CA GLY E 49 54.64 33.72 12.37
C GLY E 49 53.26 33.21 12.66
N CYS E 50 52.71 32.46 11.71
CA CYS E 50 51.35 31.95 11.80
C CYS E 50 50.93 31.27 13.10
N ILE E 51 51.75 30.34 13.59
CA ILE E 51 51.39 29.60 14.79
C ILE E 51 51.39 30.46 16.03
N PRO E 52 52.53 31.09 16.34
CA PRO E 52 52.60 31.95 17.53
C PRO E 52 51.47 32.98 17.51
N SER E 53 51.30 33.65 16.38
CA SER E 53 50.25 34.66 16.32
C SER E 53 48.83 34.07 16.46
N LYS E 54 48.54 32.94 15.80
CA LYS E 54 47.22 32.38 15.94
C LYS E 54 46.93 31.94 17.38
N ALA E 55 47.92 31.35 18.07
CA ALA E 55 47.74 30.93 19.47
C ALA E 55 47.41 32.14 20.34
N LEU E 56 48.14 33.24 20.17
CA LEU E 56 47.86 34.43 20.97
C LEU E 56 46.51 35.04 20.62
N LEU E 57 46.15 35.05 19.33
CA LEU E 57 44.83 35.56 18.93
C LEU E 57 43.73 34.72 19.60
N ASN E 58 43.95 33.41 19.69
CA ASN E 58 42.98 32.52 20.28
C ASN E 58 42.90 32.71 21.79
N ASN E 59 44.05 32.88 22.43
CA ASN E 59 44.05 33.05 23.87
C ASN E 59 43.52 34.42 24.30
N SER E 60 43.90 35.47 23.58
CA SER E 60 43.42 36.81 23.91
C SER E 60 41.93 36.93 23.68
N HIS E 61 41.41 36.25 22.65
CA HIS E 61 39.96 36.31 22.41
C HIS E 61 39.19 35.65 23.56
N TYR E 62 39.68 34.53 24.07
CA TYR E 62 38.97 33.89 25.17
C TYR E 62 39.10 34.73 26.44
N TYR E 63 40.24 35.40 26.57
CA TYR E 63 40.47 36.25 27.73
C TYR E 63 39.41 37.33 27.73
N HIS E 64 39.16 37.88 26.54
CA HIS E 64 38.18 38.95 26.34
C HIS E 64 36.75 38.49 26.65
N MET E 65 36.42 37.26 26.27
CA MET E 65 35.10 36.70 26.51
C MET E 65 34.82 36.52 27.99
N ALA E 66 35.84 36.13 28.74
CA ALA E 66 35.72 35.91 30.18
C ALA E 66 35.80 37.23 30.98
N HIS E 67 36.78 38.07 30.66
CA HIS E 67 36.97 39.34 31.33
C HIS E 67 35.93 40.40 30.94
N GLY E 68 35.37 40.25 29.75
CA GLY E 68 34.36 41.18 29.26
C GLY E 68 32.96 40.76 29.66
N THR E 69 31.96 41.15 28.88
CA THR E 69 30.59 40.83 29.25
C THR E 69 30.04 39.53 28.69
N ASP E 70 30.71 39.00 27.69
CA ASP E 70 30.24 37.78 27.05
C ASP E 70 29.88 36.56 27.92
N PHE E 71 30.83 36.01 28.68
CA PHE E 71 30.53 34.83 29.51
C PHE E 71 29.43 35.13 30.53
N ALA E 72 29.50 36.30 31.18
CA ALA E 72 28.47 36.67 32.14
C ALA E 72 27.10 36.53 31.50
N SER E 73 26.92 37.05 30.29
CA SER E 73 25.63 36.95 29.61
C SER E 73 25.20 35.51 29.34
N ARG E 74 26.11 34.56 29.55
CA ARG E 74 25.78 33.13 29.30
C ARG E 74 25.59 32.36 30.57
N GLY E 75 25.66 33.04 31.70
CA GLY E 75 25.51 32.34 32.96
C GLY E 75 26.84 31.78 33.46
N ILE E 76 27.94 32.25 32.89
CA ILE E 76 29.26 31.80 33.32
C ILE E 76 29.80 32.96 34.15
N GLU E 77 29.66 32.85 35.47
CA GLU E 77 30.11 33.92 36.37
C GLU E 77 31.40 33.69 37.13
N MET E 78 32.31 34.63 36.96
CA MET E 78 33.60 34.59 37.63
C MET E 78 33.64 35.82 38.49
N SER E 79 34.11 35.65 39.71
CA SER E 79 34.21 36.78 40.61
C SER E 79 35.24 37.72 39.97
N GLU E 80 36.35 37.18 39.49
CA GLU E 80 37.38 38.01 38.90
C GLU E 80 38.16 37.26 37.83
N VAL E 81 38.63 38.01 36.82
CA VAL E 81 39.38 37.41 35.75
C VAL E 81 40.70 38.16 35.65
N ARG E 82 41.81 37.47 35.90
CA ARG E 82 43.12 38.10 35.81
C ARG E 82 43.92 37.48 34.67
N LEU E 83 44.78 38.29 34.08
CA LEU E 83 45.63 37.84 32.99
C LEU E 83 46.97 37.34 33.49
N ASN E 84 47.36 36.11 33.14
CA ASN E 84 48.68 35.60 33.52
C ASN E 84 49.44 35.52 32.20
N LEU E 85 50.01 36.66 31.79
CA LEU E 85 50.76 36.73 30.54
C LEU E 85 51.82 35.65 30.38
N ASP E 86 52.40 35.19 31.49
CA ASP E 86 53.40 34.13 31.41
C ASP E 86 52.76 32.83 31.00
N LYS E 87 51.67 32.49 31.66
CA LYS E 87 50.96 31.26 31.37
C LYS E 87 50.44 31.26 29.92
N MET E 88 49.91 32.40 29.48
CA MET E 88 49.38 32.51 28.14
C MET E 88 50.47 32.35 27.07
N MET E 89 51.68 32.82 27.37
CA MET E 89 52.77 32.71 26.41
C MET E 89 53.30 31.28 26.43
N GLU E 90 53.13 30.63 27.57
CA GLU E 90 53.58 29.26 27.69
C GLU E 90 52.77 28.41 26.73
N GLN E 91 51.45 28.54 26.78
CA GLN E 91 50.55 27.79 25.90
C GLN E 91 51.01 27.98 24.45
N LYS E 92 51.38 29.20 24.12
CA LYS E 92 51.83 29.49 22.79
C LYS E 92 53.14 28.74 22.40
N SER E 93 54.10 28.73 23.32
CA SER E 93 55.39 28.07 23.12
C SER E 93 55.25 26.58 23.00
N THR E 94 54.41 26.02 23.86
CA THR E 94 54.18 24.61 23.86
C THR E 94 53.64 24.18 22.51
N ALA E 95 52.78 24.98 21.91
CA ALA E 95 52.24 24.63 20.61
C ALA E 95 53.34 24.66 19.54
N VAL E 96 54.14 25.72 19.54
CA VAL E 96 55.21 25.86 18.57
C VAL E 96 56.17 24.69 18.71
N LYS E 97 56.61 24.46 19.94
CA LYS E 97 57.56 23.38 20.24
C LYS E 97 57.06 22.02 19.72
N ALA E 98 55.77 21.75 19.90
CA ALA E 98 55.24 20.49 19.46
C ALA E 98 55.22 20.40 17.94
N LEU E 99 54.82 21.49 17.28
CA LEU E 99 54.78 21.47 15.82
C LEU E 99 56.17 21.44 15.19
N THR E 100 57.16 21.96 15.91
CA THR E 100 58.51 21.94 15.38
C THR E 100 59.03 20.50 15.48
N GLY E 101 58.75 19.86 16.61
CA GLY E 101 59.18 18.49 16.79
C GLY E 101 58.46 17.57 15.82
N GLY E 102 57.22 17.95 15.52
CA GLY E 102 56.41 17.20 14.59
C GLY E 102 57.01 17.21 13.20
N ILE E 103 57.61 18.34 12.81
CA ILE E 103 58.23 18.45 11.50
C ILE E 103 59.38 17.44 11.51
N ALA E 104 60.17 17.49 12.58
CA ALA E 104 61.31 16.61 12.74
C ALA E 104 60.94 15.11 12.64
N HIS E 105 59.82 14.72 13.26
CA HIS E 105 59.38 13.34 13.22
C HIS E 105 58.96 12.93 11.80
N LEU E 106 58.38 13.88 11.07
CA LEU E 106 57.94 13.65 9.69
C LEU E 106 59.13 13.50 8.75
N PHE E 107 60.22 14.16 9.08
CA PHE E 107 61.43 14.06 8.29
C PHE E 107 62.00 12.66 8.53
N LYS E 108 62.14 12.29 9.80
CA LYS E 108 62.65 10.98 10.17
C LYS E 108 61.86 9.89 9.48
N GLN E 109 60.53 10.03 9.56
CA GLN E 109 59.57 9.09 8.99
C GLN E 109 59.65 8.97 7.47
N ASN E 110 59.73 10.10 6.79
CA ASN E 110 59.78 10.11 5.33
C ASN E 110 61.20 9.96 4.84
N LYS E 111 62.06 9.68 5.80
CA LYS E 111 63.47 9.50 5.56
C LYS E 111 64.13 10.70 4.89
N VAL E 112 63.79 11.89 5.37
CA VAL E 112 64.42 13.10 4.84
C VAL E 112 65.65 13.32 5.71
N VAL E 113 66.74 13.71 5.06
CA VAL E 113 67.97 13.95 5.77
C VAL E 113 68.09 15.42 6.12
N HIS E 114 68.12 15.70 7.42
CA HIS E 114 68.21 17.06 7.94
C HIS E 114 69.62 17.56 8.24
N VAL E 115 70.07 18.51 7.43
CA VAL E 115 71.40 19.12 7.62
C VAL E 115 71.26 20.48 8.29
N ASN E 116 71.68 20.59 9.54
CA ASN E 116 71.61 21.87 10.28
C ASN E 116 72.79 22.75 9.89
N GLY E 117 72.52 23.91 9.32
CA GLY E 117 73.62 24.79 8.93
C GLY E 117 73.21 25.78 7.85
N TYR E 118 74.01 26.82 7.65
CA TYR E 118 73.70 27.81 6.64
C TYR E 118 74.10 27.20 5.30
N GLY E 119 73.24 27.32 4.30
CA GLY E 119 73.55 26.74 3.01
C GLY E 119 73.93 27.76 1.96
N LYS E 120 74.88 27.38 1.12
CA LYS E 120 75.32 28.24 0.04
C LYS E 120 75.56 27.37 -1.18
N ILE E 121 74.98 27.79 -2.30
CA ILE E 121 75.16 27.08 -3.55
C ILE E 121 76.57 27.39 -4.05
N THR E 122 77.42 26.39 -3.94
CA THR E 122 78.81 26.50 -4.33
C THR E 122 79.07 25.93 -5.73
N GLY E 123 77.99 25.62 -6.44
CA GLY E 123 78.09 25.08 -7.78
C GLY E 123 76.74 24.63 -8.32
N LYS E 124 76.61 24.62 -9.65
CA LYS E 124 75.39 24.23 -10.31
C LYS E 124 74.75 22.98 -9.71
N ASN E 125 75.55 22.11 -9.10
CA ASN E 125 75.01 20.88 -8.52
C ASN E 125 75.58 20.60 -7.12
N GLN E 126 75.99 21.67 -6.45
CA GLN E 126 76.57 21.50 -5.13
C GLN E 126 76.06 22.51 -4.13
N VAL E 127 75.78 22.04 -2.92
CA VAL E 127 75.31 22.93 -1.86
C VAL E 127 76.17 22.66 -0.63
N THR E 128 76.67 23.73 -0.03
CA THR E 128 77.50 23.60 1.16
C THR E 128 76.86 24.25 2.38
N ALA E 129 76.86 23.53 3.49
CA ALA E 129 76.27 23.99 4.74
C ALA E 129 77.31 24.18 5.85
N THR E 130 77.36 25.40 6.38
CA THR E 130 78.28 25.73 7.46
C THR E 130 77.59 25.49 8.80
N LYS E 131 78.02 24.44 9.50
CA LYS E 131 77.43 24.07 10.80
C LYS E 131 77.55 25.09 11.94
N ALA E 132 77.71 26.38 11.61
CA ALA E 132 77.80 27.41 12.65
C ALA E 132 79.10 27.44 13.45
N ASP E 133 79.62 26.26 13.78
CA ASP E 133 80.87 26.15 14.53
C ASP E 133 82.02 26.06 13.51
N GLY E 134 81.86 26.77 12.39
CA GLY E 134 82.85 26.78 11.33
C GLY E 134 82.74 25.55 10.44
N GLY E 135 82.27 24.46 11.02
CA GLY E 135 82.13 23.19 10.32
C GLY E 135 81.35 23.26 9.01
N THR E 136 81.61 22.31 8.13
CA THR E 136 80.91 22.28 6.85
C THR E 136 80.32 20.91 6.53
N GLN E 137 79.59 20.90 5.43
CA GLN E 137 78.91 19.71 4.92
C GLN E 137 78.63 20.02 3.47
N VAL E 138 78.96 19.10 2.59
CA VAL E 138 78.70 19.34 1.19
C VAL E 138 77.78 18.28 0.59
N ILE E 139 76.87 18.76 -0.25
CA ILE E 139 75.94 17.87 -0.88
C ILE E 139 75.94 18.14 -2.37
N ASP E 140 76.18 17.07 -3.13
CA ASP E 140 76.18 17.12 -4.58
C ASP E 140 74.81 16.59 -4.93
N THR E 141 74.03 17.40 -5.61
CA THR E 141 72.69 16.99 -5.91
C THR E 141 72.28 17.24 -7.34
N LYS E 142 71.33 16.45 -7.82
CA LYS E 142 70.82 16.61 -9.18
C LYS E 142 69.96 17.88 -9.23
N ASN E 143 69.20 18.11 -8.17
CA ASN E 143 68.34 19.29 -8.12
C ASN E 143 68.50 20.09 -6.84
N ILE E 144 68.28 21.40 -6.98
CA ILE E 144 68.36 22.31 -5.84
C ILE E 144 67.05 23.12 -5.75
N LEU E 145 66.43 23.11 -4.57
CA LEU E 145 65.19 23.85 -4.33
C LEU E 145 65.35 24.91 -3.22
N ILE E 146 65.31 26.16 -3.65
CA ILE E 146 65.44 27.33 -2.78
C ILE E 146 64.09 27.70 -2.20
N ALA E 147 64.02 27.65 -0.88
CA ALA E 147 62.81 27.99 -0.17
C ALA E 147 63.30 28.73 1.06
N THR E 148 64.11 29.76 0.80
CA THR E 148 64.73 30.57 1.85
C THR E 148 63.81 31.56 2.54
N GLY E 149 62.60 31.71 2.01
CA GLY E 149 61.62 32.57 2.63
C GLY E 149 61.81 34.07 2.65
N SER E 150 61.47 34.66 3.80
CA SER E 150 61.51 36.10 3.96
C SER E 150 62.03 36.55 5.32
N GLU E 151 62.06 37.86 5.49
CA GLU E 151 62.51 38.49 6.72
C GLU E 151 61.72 39.78 6.82
N VAL E 152 61.76 40.40 7.99
CA VAL E 152 61.06 41.64 8.23
C VAL E 152 61.71 42.72 7.38
N THR E 153 60.91 43.68 6.94
CA THR E 153 61.38 44.80 6.13
C THR E 153 61.70 45.86 7.18
N PRO E 154 62.85 46.52 7.05
CA PRO E 154 63.05 47.50 8.10
C PRO E 154 62.57 48.87 7.69
N PHE E 155 62.20 49.67 8.68
CA PHE E 155 61.76 51.02 8.43
C PHE E 155 63.05 51.80 8.62
N PRO E 156 63.69 52.21 7.50
CA PRO E 156 64.94 52.95 7.63
C PRO E 156 64.80 54.19 8.51
N GLY E 157 65.73 54.29 9.47
CA GLY E 157 65.71 55.41 10.40
C GLY E 157 65.26 54.93 11.77
N ILE E 158 64.48 53.86 11.78
CA ILE E 158 63.97 53.29 13.03
C ILE E 158 64.67 51.95 13.12
N THR E 159 65.27 51.67 14.26
CA THR E 159 65.98 50.41 14.41
C THR E 159 65.25 49.55 15.41
N ILE E 160 65.04 48.31 15.00
CA ILE E 160 64.34 47.33 15.80
C ILE E 160 65.31 46.64 16.76
N ASP E 161 65.06 46.80 18.05
CA ASP E 161 65.92 46.18 19.05
C ASP E 161 65.19 45.00 19.68
N GLU E 162 63.97 44.76 19.21
CA GLU E 162 63.14 43.65 19.67
C GLU E 162 62.87 43.61 21.17
N ASP E 163 62.86 44.79 21.77
CA ASP E 163 62.59 44.95 23.18
C ASP E 163 61.49 45.99 23.36
N THR E 164 61.74 47.18 22.85
CA THR E 164 60.79 48.27 22.96
C THR E 164 60.34 48.72 21.57
N ILE E 165 61.22 48.53 20.60
CA ILE E 165 60.90 48.83 19.22
C ILE E 165 61.01 47.46 18.56
N VAL E 166 59.85 46.81 18.43
CA VAL E 166 59.78 45.44 17.90
C VAL E 166 59.19 45.18 16.51
N SER E 167 59.53 44.03 15.97
CA SER E 167 59.01 43.56 14.70
C SER E 167 57.95 42.56 15.19
N SER E 168 57.26 41.89 14.26
CA SER E 168 56.25 40.91 14.65
C SER E 168 56.81 39.89 15.65
N THR E 169 58.10 39.57 15.49
CA THR E 169 58.79 38.61 16.34
C THR E 169 58.81 39.08 17.80
N GLY E 170 59.19 40.35 17.99
CA GLY E 170 59.24 40.89 19.33
C GLY E 170 57.85 41.03 19.92
N ALA E 171 56.88 41.40 19.08
CA ALA E 171 55.52 41.60 19.54
C ALA E 171 54.87 40.31 19.97
N LEU E 172 55.38 39.19 19.46
CA LEU E 172 54.79 37.90 19.82
C LEU E 172 55.29 37.41 21.15
N SER E 173 56.24 38.11 21.74
CA SER E 173 56.78 37.69 23.02
C SER E 173 57.03 38.81 24.01
N LEU E 174 56.25 39.90 23.94
CA LEU E 174 56.41 41.02 24.89
C LEU E 174 56.35 40.50 26.32
N LYS E 175 57.18 41.05 27.20
CA LYS E 175 57.22 40.58 28.57
C LYS E 175 56.10 41.10 29.46
N LYS E 176 55.30 42.03 28.95
CA LYS E 176 54.21 42.60 29.74
C LYS E 176 53.25 43.31 28.80
N VAL E 177 52.05 43.65 29.26
CA VAL E 177 51.14 44.35 28.39
C VAL E 177 51.57 45.82 28.36
N PRO E 178 52.04 46.30 27.19
CA PRO E 178 52.44 47.70 27.17
C PRO E 178 51.21 48.50 27.41
N GLU E 179 51.40 49.70 27.93
CA GLU E 179 50.30 50.59 28.22
C GLU E 179 49.79 51.18 26.92
N LYS E 180 50.71 51.74 26.16
CA LYS E 180 50.33 52.34 24.90
C LYS E 180 51.22 51.74 23.86
N MET E 181 50.62 51.27 22.77
CA MET E 181 51.38 50.69 21.67
C MET E 181 50.97 51.32 20.34
N VAL E 182 51.95 51.49 19.46
CA VAL E 182 51.69 52.02 18.14
C VAL E 182 52.23 50.99 17.14
N VAL E 183 51.41 50.72 16.14
CA VAL E 183 51.75 49.79 15.10
C VAL E 183 51.85 50.57 13.80
N ILE E 184 53.03 50.49 13.17
CA ILE E 184 53.25 51.15 11.88
C ILE E 184 52.85 50.09 10.88
N GLY E 185 51.79 50.36 10.12
CA GLY E 185 51.28 49.43 9.13
C GLY E 185 49.99 48.73 9.54
N ALA E 186 48.94 48.87 8.73
CA ALA E 186 47.64 48.27 9.01
C ALA E 186 47.36 47.06 8.14
N GLY E 187 48.42 46.35 7.79
CA GLY E 187 48.30 45.15 6.97
C GLY E 187 47.80 44.04 7.84
N VAL E 188 47.63 42.86 7.26
CA VAL E 188 47.12 41.72 8.04
C VAL E 188 47.92 41.42 9.31
N ILE E 189 49.24 41.34 9.19
CA ILE E 189 50.07 41.03 10.33
C ILE E 189 49.92 42.08 11.42
N GLY E 190 49.88 43.35 11.04
CA GLY E 190 49.72 44.39 12.03
C GLY E 190 48.39 44.41 12.79
N VAL E 191 47.30 44.10 12.08
CA VAL E 191 45.99 44.09 12.69
C VAL E 191 45.87 42.95 13.68
N GLU E 192 46.34 41.77 13.31
CA GLU E 192 46.25 40.67 14.25
C GLU E 192 47.04 40.99 15.52
N LEU E 193 48.33 41.27 15.40
CA LEU E 193 49.13 41.61 16.56
C LEU E 193 48.51 42.81 17.32
N GLY E 194 48.08 43.84 16.58
CA GLY E 194 47.47 44.99 17.22
C GLY E 194 46.28 44.62 18.08
N SER E 195 45.39 43.82 17.49
CA SER E 195 44.18 43.37 18.17
C SER E 195 44.53 42.52 19.40
N VAL E 196 45.57 41.69 19.30
CA VAL E 196 45.99 40.85 20.41
C VAL E 196 46.27 41.67 21.68
N TRP E 197 47.18 42.63 21.58
CA TRP E 197 47.52 43.42 22.72
C TRP E 197 46.40 44.35 23.17
N GLN E 198 45.60 44.81 22.22
CA GLN E 198 44.48 45.66 22.57
C GLN E 198 43.61 44.88 23.55
N ARG E 199 43.30 43.62 23.23
CA ARG E 199 42.44 42.79 24.10
C ARG E 199 43.00 42.61 25.48
N LEU E 200 44.32 42.53 25.54
CA LEU E 200 45.02 42.31 26.78
C LEU E 200 45.19 43.54 27.65
N GLY E 201 44.70 44.70 27.20
CA GLY E 201 44.79 45.89 28.02
C GLY E 201 45.48 47.09 27.42
N ALA E 202 46.25 46.87 26.37
CA ALA E 202 46.97 47.94 25.71
C ALA E 202 46.12 48.90 24.91
N ASP E 203 46.57 50.14 24.92
CA ASP E 203 45.92 51.19 24.18
C ASP E 203 46.64 51.17 22.84
N VAL E 204 45.96 50.67 21.82
CA VAL E 204 46.59 50.54 20.52
C VAL E 204 46.07 51.42 19.43
N THR E 205 47.01 51.85 18.61
CA THR E 205 46.76 52.70 17.46
C THR E 205 47.65 52.23 16.32
N ALA E 206 47.04 51.97 15.17
CA ALA E 206 47.79 51.56 14.00
C ALA E 206 47.78 52.74 13.02
N VAL E 207 48.98 53.08 12.54
CA VAL E 207 49.14 54.19 11.60
C VAL E 207 49.40 53.56 10.24
N GLU E 208 48.57 53.92 9.27
CA GLU E 208 48.63 53.36 7.92
C GLU E 208 48.63 54.41 6.81
N PHE E 209 49.57 54.25 5.90
CA PHE E 209 49.71 55.16 4.78
C PHE E 209 48.53 55.19 3.82
N LEU E 210 48.04 54.00 3.46
CA LEU E 210 46.90 53.88 2.55
C LEU E 210 45.61 54.26 3.26
N GLY E 211 44.50 54.27 2.51
CA GLY E 211 43.21 54.64 3.09
C GLY E 211 42.33 53.51 3.61
N HIS E 212 42.89 52.31 3.83
CA HIS E 212 42.13 51.14 4.32
C HIS E 212 43.01 50.19 5.11
N VAL E 213 42.40 49.33 5.91
CA VAL E 213 43.12 48.34 6.71
C VAL E 213 43.02 46.98 6.01
N GLY E 214 43.94 46.07 6.34
CA GLY E 214 43.91 44.73 5.76
C GLY E 214 44.86 44.31 4.63
N GLY E 215 45.69 45.25 4.17
CA GLY E 215 46.63 44.94 3.11
C GLY E 215 46.04 44.95 1.73
N VAL E 216 46.73 44.28 0.81
CA VAL E 216 46.35 44.20 -0.59
C VAL E 216 45.36 43.13 -0.95
N GLY E 217 44.51 43.47 -1.92
CA GLY E 217 43.51 42.56 -2.43
C GLY E 217 42.24 42.45 -1.62
N ILE E 218 42.24 43.04 -0.44
CA ILE E 218 41.05 42.96 0.36
C ILE E 218 39.98 43.86 -0.29
N ASP E 219 38.72 43.48 -0.15
CA ASP E 219 37.61 44.24 -0.70
C ASP E 219 37.40 45.43 0.20
N MET E 220 37.27 46.61 -0.40
CA MET E 220 37.07 47.86 0.34
C MET E 220 35.84 47.89 1.27
N GLU E 221 34.67 47.51 0.75
CA GLU E 221 33.47 47.48 1.56
C GLU E 221 33.70 46.61 2.81
N ILE E 222 34.26 45.42 2.60
CA ILE E 222 34.58 44.48 3.69
C ILE E 222 35.55 45.13 4.73
N SER E 223 36.59 45.75 4.18
CA SER E 223 37.65 46.43 4.92
C SER E 223 37.10 47.56 5.78
N LYS E 224 36.18 48.31 5.18
CA LYS E 224 35.58 49.41 5.88
C LYS E 224 34.75 48.94 7.06
N ASN E 225 33.94 47.92 6.82
CA ASN E 225 33.09 47.38 7.88
C ASN E 225 33.95 46.74 8.96
N PHE E 226 35.06 46.13 8.54
CA PHE E 226 35.96 45.49 9.47
C PHE E 226 36.67 46.54 10.35
N GLN E 227 37.10 47.64 9.74
CA GLN E 227 37.78 48.72 10.45
C GLN E 227 36.79 49.23 11.47
N ARG E 228 35.56 49.42 11.01
CA ARG E 228 34.48 49.92 11.84
C ARG E 228 34.33 49.06 13.09
N ILE E 229 34.16 47.77 12.91
CA ILE E 229 34.02 46.85 14.04
C ILE E 229 35.25 46.81 14.95
N LEU E 230 36.45 46.96 14.38
CA LEU E 230 37.67 46.95 15.19
C LEU E 230 37.72 48.24 16.02
N GLN E 231 37.24 49.33 15.43
CA GLN E 231 37.20 50.61 16.11
C GLN E 231 36.31 50.56 17.34
N LYS E 232 35.13 49.95 17.21
CA LYS E 232 34.22 49.84 18.36
C LYS E 232 34.85 48.93 19.44
N GLN E 233 35.78 48.07 19.03
CA GLN E 233 36.47 47.17 19.96
C GLN E 233 37.53 47.92 20.76
N GLY E 234 37.92 49.09 20.28
CA GLY E 234 38.93 49.86 20.97
C GLY E 234 40.18 50.02 20.15
N PHE E 235 40.28 49.30 19.03
CA PHE E 235 41.45 49.39 18.15
C PHE E 235 41.35 50.69 17.38
N LYS E 236 42.33 51.56 17.52
CA LYS E 236 42.27 52.83 16.82
C LYS E 236 43.15 52.88 15.58
N PHE E 237 42.69 53.64 14.59
CA PHE E 237 43.43 53.76 13.34
C PHE E 237 43.62 55.20 12.85
N LYS E 238 44.79 55.44 12.29
CA LYS E 238 45.10 56.75 11.70
C LYS E 238 45.42 56.36 10.28
N LEU E 239 44.44 56.40 9.38
CA LEU E 239 44.73 56.03 8.01
C LEU E 239 45.16 57.27 7.24
N ASN E 240 45.72 57.07 6.06
CA ASN E 240 46.16 58.18 5.23
C ASN E 240 47.18 59.05 5.96
N THR E 241 48.00 58.42 6.80
CA THR E 241 49.03 59.14 7.52
C THR E 241 50.35 58.39 7.41
N LYS E 242 51.39 59.18 7.23
CA LYS E 242 52.73 58.69 7.02
C LYS E 242 53.57 58.82 8.30
N VAL E 243 54.27 57.77 8.67
CA VAL E 243 55.12 57.83 9.84
C VAL E 243 56.48 58.28 9.32
N THR E 244 56.94 59.44 9.78
CA THR E 244 58.22 59.99 9.35
C THR E 244 59.38 59.29 10.05
N GLY E 245 59.31 59.24 11.39
CA GLY E 245 60.34 58.60 12.16
C GLY E 245 59.90 58.41 13.59
N ALA E 246 60.81 57.89 14.41
CA ALA E 246 60.53 57.66 15.81
C ALA E 246 61.80 57.75 16.62
N THR E 247 61.68 58.13 17.89
CA THR E 247 62.86 58.24 18.74
C THR E 247 62.57 57.75 20.16
N LYS E 248 63.46 56.88 20.63
CA LYS E 248 63.41 56.30 21.96
C LYS E 248 63.94 57.38 22.92
N LYS E 249 63.11 57.84 23.85
CA LYS E 249 63.53 58.88 24.78
C LYS E 249 64.18 58.33 26.04
N SER E 250 64.85 59.20 26.81
CA SER E 250 65.50 58.82 28.05
C SER E 250 64.39 58.41 29.01
N ASP E 251 63.20 58.83 28.64
CA ASP E 251 61.96 58.55 29.34
C ASP E 251 61.87 57.02 29.41
N GLY E 252 62.06 56.45 28.23
CA GLY E 252 61.92 55.03 28.05
C GLY E 252 60.82 55.00 27.01
N LYS E 253 60.07 56.11 26.93
CA LYS E 253 58.96 56.28 25.99
C LYS E 253 59.44 56.44 24.55
N ILE E 254 58.50 56.34 23.63
CA ILE E 254 58.84 56.47 22.22
C ILE E 254 57.95 57.47 21.57
N ASP E 255 58.57 58.43 20.88
CA ASP E 255 57.86 59.46 20.14
C ASP E 255 57.87 59.06 18.66
N VAL E 256 56.68 58.93 18.09
CA VAL E 256 56.51 58.55 16.70
C VAL E 256 55.96 59.79 16.00
N SER E 257 56.73 60.42 15.13
CA SER E 257 56.19 61.59 14.45
C SER E 257 55.48 61.16 13.15
N ILE E 258 54.29 61.71 12.95
CA ILE E 258 53.48 61.38 11.78
C ILE E 258 53.07 62.63 10.96
N GLU E 259 52.57 62.38 9.76
CA GLU E 259 52.17 63.45 8.86
C GLU E 259 51.01 62.91 8.04
N ALA E 260 50.17 63.79 7.51
CA ALA E 260 49.10 63.35 6.63
C ALA E 260 49.86 62.82 5.41
N ALA E 261 49.42 61.71 4.82
CA ALA E 261 50.10 61.14 3.65
C ALA E 261 50.36 62.18 2.58
N SER E 262 49.35 62.98 2.28
CA SER E 262 49.50 64.02 1.27
C SER E 262 50.14 65.26 1.90
N GLY E 263 51.12 65.05 2.78
CA GLY E 263 51.81 66.14 3.45
C GLY E 263 50.99 66.96 4.45
N GLY E 264 51.62 67.42 5.53
CA GLY E 264 50.88 68.24 6.47
C GLY E 264 50.52 67.65 7.81
N LYS E 265 49.89 68.50 8.62
CA LYS E 265 49.47 68.19 9.98
C LYS E 265 50.43 67.27 10.73
N ALA E 266 51.65 67.77 10.90
CA ALA E 266 52.63 66.98 11.58
C ALA E 266 52.16 66.83 13.02
N GLU E 267 52.15 65.59 13.49
CA GLU E 267 51.78 65.32 14.87
C GLU E 267 52.79 64.32 15.44
N VAL E 268 52.70 64.11 16.75
CA VAL E 268 53.57 63.17 17.45
C VAL E 268 52.72 62.34 18.41
N ILE E 269 52.95 61.03 18.39
CA ILE E 269 52.28 60.11 19.30
C ILE E 269 53.35 59.53 20.20
N THR E 270 53.02 59.36 21.48
CA THR E 270 53.94 58.78 22.42
C THR E 270 53.36 57.43 22.82
N CYS E 271 54.21 56.42 22.86
CA CYS E 271 53.78 55.08 23.24
C CYS E 271 54.90 54.38 24.03
N ASP E 272 54.61 53.19 24.54
CA ASP E 272 55.59 52.42 25.29
C ASP E 272 56.25 51.38 24.40
N VAL E 273 55.51 50.91 23.40
CA VAL E 273 56.02 49.92 22.48
C VAL E 273 55.72 50.31 21.04
N LEU E 274 56.75 50.27 20.20
CA LEU E 274 56.56 50.56 18.80
C LEU E 274 56.76 49.25 18.02
N LEU E 275 55.71 48.86 17.27
CA LEU E 275 55.71 47.65 16.46
C LEU E 275 55.79 48.05 14.99
N VAL E 276 56.94 47.77 14.40
CA VAL E 276 57.21 48.08 13.00
C VAL E 276 56.69 46.90 12.22
N CYS E 277 55.72 47.19 11.36
CA CYS E 277 55.03 46.16 10.59
C CYS E 277 54.75 46.60 9.17
N ILE E 278 55.78 46.94 8.41
CA ILE E 278 55.58 47.41 7.05
C ILE E 278 55.84 46.37 5.99
N GLY E 279 55.73 45.10 6.37
CA GLY E 279 55.94 44.03 5.41
C GLY E 279 57.14 43.14 5.57
N ARG E 280 57.20 42.14 4.72
CA ARG E 280 58.30 41.20 4.73
C ARG E 280 58.85 41.23 3.31
N ARG E 281 60.08 40.76 3.15
CA ARG E 281 60.74 40.76 1.85
C ARG E 281 61.51 39.46 1.68
N PRO E 282 61.71 39.03 0.40
CA PRO E 282 62.42 37.79 0.05
C PRO E 282 63.84 37.81 0.58
N PHE E 283 64.17 36.77 1.33
CA PHE E 283 65.48 36.62 1.93
C PHE E 283 66.37 35.73 1.05
N THR E 284 67.51 36.28 0.64
CA THR E 284 68.45 35.53 -0.20
C THR E 284 69.92 35.80 0.12
N LYS E 285 70.19 36.60 1.14
CA LYS E 285 71.57 36.94 1.48
C LYS E 285 72.52 35.76 1.64
N ASN E 286 73.60 35.80 0.86
CA ASN E 286 74.66 34.78 0.86
C ASN E 286 74.23 33.37 0.49
N LEU E 287 73.39 33.29 -0.53
CA LEU E 287 72.88 32.01 -1.03
C LEU E 287 73.81 31.65 -2.19
N GLY E 288 74.36 32.70 -2.82
CA GLY E 288 75.28 32.52 -3.94
C GLY E 288 74.68 32.75 -5.32
N LEU E 289 73.55 33.44 -5.37
CA LEU E 289 72.84 33.72 -6.61
C LEU E 289 73.69 34.50 -7.62
N GLU E 290 74.32 35.57 -7.13
CA GLU E 290 75.17 36.43 -7.93
C GLU E 290 76.32 35.63 -8.52
N GLU E 291 76.80 34.68 -7.75
CA GLU E 291 77.90 33.81 -8.14
C GLU E 291 77.45 32.79 -9.16
N LEU E 292 76.15 32.76 -9.43
CA LEU E 292 75.59 31.81 -10.38
C LEU E 292 74.95 32.46 -11.59
N GLY E 293 74.65 33.74 -11.48
CA GLY E 293 74.05 34.44 -12.61
C GLY E 293 72.55 34.57 -12.51
N ILE E 294 72.03 34.36 -11.30
CA ILE E 294 70.61 34.47 -11.07
C ILE E 294 70.34 35.85 -10.48
N GLU E 295 69.89 36.75 -11.34
CA GLU E 295 69.56 38.11 -10.94
C GLU E 295 68.19 38.11 -10.29
N LEU E 296 68.01 38.98 -9.30
CA LEU E 296 66.75 39.10 -8.61
C LEU E 296 65.99 40.23 -9.28
N ASP E 297 64.68 40.31 -9.09
CA ASP E 297 63.93 41.39 -9.71
C ASP E 297 64.06 42.61 -8.81
N PRO E 298 63.54 43.76 -9.22
CA PRO E 298 63.67 44.93 -8.36
C PRO E 298 63.24 44.71 -6.89
N ARG E 299 62.19 43.92 -6.71
CA ARG E 299 61.65 43.63 -5.38
C ARG E 299 62.50 42.65 -4.56
N GLY E 300 63.50 42.03 -5.20
CA GLY E 300 64.39 41.08 -4.53
C GLY E 300 64.01 39.61 -4.63
N ARG E 301 63.01 39.30 -5.45
CA ARG E 301 62.55 37.94 -5.62
C ARG E 301 63.27 37.22 -6.74
N ILE E 302 63.37 35.91 -6.61
CA ILE E 302 64.02 35.08 -7.62
C ILE E 302 63.05 34.80 -8.78
N PRO E 303 63.42 35.18 -10.01
CA PRO E 303 62.52 34.91 -11.15
C PRO E 303 62.43 33.40 -11.48
N VAL E 304 61.22 32.92 -11.79
CA VAL E 304 61.01 31.51 -12.15
C VAL E 304 59.97 31.38 -13.21
N ASN E 305 59.90 30.18 -13.79
CA ASN E 305 58.92 29.92 -14.83
C ASN E 305 57.74 29.08 -14.30
N THR E 306 56.96 28.57 -15.24
CA THR E 306 55.81 27.73 -14.97
C THR E 306 56.14 26.59 -14.02
N ARG E 307 57.37 26.10 -14.10
CA ARG E 307 57.77 24.97 -13.28
C ARG E 307 58.62 25.39 -12.10
N PHE E 308 58.63 26.69 -11.81
CA PHE E 308 59.40 27.22 -10.69
C PHE E 308 60.90 27.07 -10.87
N GLN E 309 61.34 27.02 -12.12
CA GLN E 309 62.76 26.89 -12.46
C GLN E 309 63.37 28.29 -12.57
N THR E 310 64.60 28.47 -12.09
CA THR E 310 65.28 29.76 -12.20
C THR E 310 65.92 29.74 -13.60
N LYS E 311 66.72 30.74 -13.94
CA LYS E 311 67.36 30.74 -15.25
C LYS E 311 68.33 29.53 -15.39
N ILE E 312 68.57 28.85 -14.28
CA ILE E 312 69.41 27.65 -14.26
C ILE E 312 68.44 26.50 -14.01
N PRO E 313 68.06 25.77 -15.07
CA PRO E 313 67.14 24.62 -15.13
C PRO E 313 67.07 23.52 -14.06
N ASN E 314 68.09 23.35 -13.23
CA ASN E 314 68.03 22.32 -12.19
C ASN E 314 67.93 22.99 -10.83
N ILE E 315 67.71 24.30 -10.87
CA ILE E 315 67.58 25.13 -9.69
C ILE E 315 66.19 25.77 -9.63
N TYR E 316 65.43 25.42 -8.59
CA TYR E 316 64.07 25.94 -8.42
C TYR E 316 63.93 26.80 -7.16
N ALA E 317 62.97 27.72 -7.19
CA ALA E 317 62.68 28.57 -6.05
C ALA E 317 61.17 28.60 -5.85
N ILE E 318 60.75 28.50 -4.60
CA ILE E 318 59.34 28.53 -4.28
C ILE E 318 59.15 29.24 -2.95
N GLY E 319 57.95 29.75 -2.70
CA GLY E 319 57.69 30.40 -1.44
C GLY E 319 57.75 31.91 -1.42
N ASP E 320 57.98 32.46 -0.23
CA ASP E 320 58.06 33.90 -0.01
C ASP E 320 59.17 34.49 -0.83
N VAL E 321 60.11 33.65 -1.22
CA VAL E 321 61.26 34.08 -2.01
C VAL E 321 60.96 34.34 -3.50
N VAL E 322 59.80 33.90 -3.98
CA VAL E 322 59.41 34.13 -5.37
C VAL E 322 58.17 35.03 -5.43
N ALA E 323 57.64 35.26 -6.63
CA ALA E 323 56.45 36.13 -6.75
C ALA E 323 55.20 35.39 -6.27
N GLY E 324 54.13 36.16 -6.05
CA GLY E 324 52.86 35.61 -5.60
C GLY E 324 52.58 36.00 -4.16
N PRO E 325 51.35 35.76 -3.66
CA PRO E 325 50.99 36.10 -2.28
C PRO E 325 51.93 35.38 -1.32
N MET E 326 52.46 36.11 -0.35
CA MET E 326 53.38 35.57 0.65
C MET E 326 52.66 34.94 1.83
N LEU E 327 52.05 33.78 1.58
CA LEU E 327 51.31 33.02 2.57
C LEU E 327 51.87 31.60 2.71
N ALA E 328 51.58 30.95 3.83
CA ALA E 328 52.08 29.60 4.12
C ALA E 328 51.51 28.54 3.19
N HIS E 329 50.20 28.57 3.00
CA HIS E 329 49.59 27.58 2.14
C HIS E 329 50.03 27.79 0.69
N LYS E 330 50.39 29.02 0.37
CA LYS E 330 50.86 29.34 -0.98
C LYS E 330 52.24 28.69 -1.22
N ALA E 331 53.13 28.86 -0.25
CA ALA E 331 54.47 28.30 -0.35
C ALA E 331 54.36 26.80 -0.44
N GLU E 332 53.51 26.24 0.41
CA GLU E 332 53.34 24.80 0.45
C GLU E 332 52.89 24.21 -0.86
N ASP E 333 51.82 24.75 -1.43
CA ASP E 333 51.32 24.21 -2.69
C ASP E 333 52.44 24.22 -3.71
N GLU E 334 53.20 25.31 -3.75
CA GLU E 334 54.30 25.42 -4.71
C GLU E 334 55.35 24.36 -4.49
N GLY E 335 55.69 24.09 -3.23
CA GLY E 335 56.69 23.06 -2.96
C GLY E 335 56.27 21.76 -3.60
N ILE E 336 55.06 21.34 -3.29
CA ILE E 336 54.53 20.11 -3.83
C ILE E 336 54.52 20.07 -5.36
N ILE E 337 53.77 20.97 -6.00
CA ILE E 337 53.70 20.93 -7.46
C ILE E 337 55.05 21.12 -8.19
N CYS E 338 56.01 21.75 -7.53
CA CYS E 338 57.32 21.95 -8.13
C CYS E 338 58.13 20.66 -8.04
N VAL E 339 57.96 19.96 -6.92
CA VAL E 339 58.65 18.72 -6.70
C VAL E 339 57.97 17.61 -7.50
N GLU E 340 56.69 17.78 -7.82
CA GLU E 340 55.98 16.77 -8.59
C GLU E 340 56.35 16.94 -10.08
N GLY E 341 56.87 18.11 -10.43
CA GLY E 341 57.27 18.36 -11.80
C GLY E 341 58.68 17.86 -12.02
N MET E 342 59.41 17.73 -10.91
CA MET E 342 60.75 17.23 -10.96
C MET E 342 60.61 15.76 -11.31
N ALA E 343 59.51 15.17 -10.88
CA ALA E 343 59.25 13.77 -11.15
C ALA E 343 58.54 13.57 -12.49
N GLY E 344 58.45 14.65 -13.27
CA GLY E 344 57.82 14.56 -14.58
C GLY E 344 56.35 14.92 -14.68
N GLY E 345 55.75 15.27 -13.55
CA GLY E 345 54.35 15.63 -13.56
C GLY E 345 54.12 17.02 -14.12
N ALA E 346 52.84 17.39 -14.14
CA ALA E 346 52.40 18.69 -14.63
C ALA E 346 52.56 19.70 -13.50
N VAL E 347 52.84 20.95 -13.86
CA VAL E 347 53.03 22.01 -12.86
C VAL E 347 52.07 23.14 -13.16
N HIS E 348 51.12 23.38 -12.27
CA HIS E 348 50.14 24.43 -12.50
C HIS E 348 49.57 25.03 -11.22
N ILE E 349 49.48 26.36 -11.16
CA ILE E 349 48.91 27.05 -10.00
C ILE E 349 48.27 28.35 -10.44
N ASP E 350 47.19 28.72 -9.77
CA ASP E 350 46.45 29.94 -10.07
C ASP E 350 46.32 30.75 -8.79
N TYR E 351 47.17 31.77 -8.65
CA TYR E 351 47.17 32.60 -7.47
C TYR E 351 45.84 33.28 -7.17
N ASN E 352 44.91 33.18 -8.11
CA ASN E 352 43.59 33.76 -7.92
C ASN E 352 42.75 32.86 -7.02
N CYS E 353 43.09 31.58 -6.97
CA CYS E 353 42.37 30.63 -6.14
C CYS E 353 43.02 30.49 -4.76
N VAL E 354 44.01 31.33 -4.50
CA VAL E 354 44.70 31.32 -3.21
C VAL E 354 43.97 32.19 -2.20
N PRO E 355 43.51 31.59 -1.09
CA PRO E 355 42.80 32.43 -0.13
C PRO E 355 43.66 33.20 0.88
N SER E 356 43.01 34.14 1.55
CA SER E 356 43.61 35.01 2.57
C SER E 356 42.68 35.00 3.78
N VAL E 357 43.26 34.97 4.98
CA VAL E 357 42.49 34.97 6.20
C VAL E 357 43.12 35.88 7.22
N ILE E 358 42.31 36.67 7.91
CA ILE E 358 42.79 37.52 8.98
C ILE E 358 42.11 36.86 10.21
N TYR E 359 42.91 36.29 11.11
CA TYR E 359 42.41 35.56 12.29
C TYR E 359 41.99 36.35 13.50
N THR E 360 41.46 37.54 13.27
CA THR E 360 40.96 38.30 14.38
C THR E 360 39.55 37.77 14.69
N HIS E 361 38.82 38.57 15.44
CA HIS E 361 37.48 38.26 15.83
C HIS E 361 36.78 39.59 15.78
N PRO E 362 35.93 39.82 14.78
CA PRO E 362 35.61 38.88 13.72
C PRO E 362 36.78 38.58 12.79
N GLU E 363 36.75 37.38 12.21
CA GLU E 363 37.73 36.92 11.27
C GLU E 363 37.35 37.52 9.92
N VAL E 364 38.32 37.56 9.01
CA VAL E 364 38.06 38.05 7.68
C VAL E 364 38.67 37.02 6.76
N ALA E 365 38.01 36.71 5.67
CA ALA E 365 38.62 35.75 4.75
C ALA E 365 38.10 35.97 3.35
N TRP E 366 38.97 35.76 2.37
CA TRP E 366 38.51 35.91 1.00
C TRP E 366 39.35 35.15 0.00
N VAL E 367 38.78 34.99 -1.19
CA VAL E 367 39.42 34.31 -2.32
C VAL E 367 38.73 34.86 -3.58
N GLY E 368 39.49 34.98 -4.65
CA GLY E 368 38.95 35.52 -5.87
C GLY E 368 39.16 37.03 -5.96
N LYS E 369 38.38 37.69 -6.80
CA LYS E 369 38.50 39.13 -7.01
C LYS E 369 37.63 39.95 -6.07
N SER E 370 38.12 41.13 -5.72
CA SER E 370 37.39 42.06 -4.87
C SER E 370 36.48 42.81 -5.82
N GLU E 371 35.58 43.60 -5.27
CA GLU E 371 34.70 44.38 -6.14
C GLU E 371 35.56 45.37 -6.95
N GLU E 372 36.59 45.93 -6.32
CA GLU E 372 37.45 46.85 -7.04
C GLU E 372 38.19 46.20 -8.21
N GLN E 373 38.60 44.94 -8.07
CA GLN E 373 39.31 44.31 -9.17
C GLN E 373 38.38 44.09 -10.34
N LEU E 374 37.15 43.70 -10.05
CA LEU E 374 36.15 43.44 -11.08
C LEU E 374 35.85 44.72 -11.87
N LYS E 375 35.81 45.86 -11.19
CA LYS E 375 35.57 47.12 -11.84
C LYS E 375 36.72 47.56 -12.74
N GLU E 376 37.93 47.45 -12.23
CA GLU E 376 39.12 47.82 -12.98
C GLU E 376 39.24 46.97 -14.25
N GLU E 377 38.73 45.75 -14.21
CA GLU E 377 38.80 44.83 -15.34
C GLU E 377 37.59 44.90 -16.29
N GLY E 378 36.57 45.68 -15.92
CA GLY E 378 35.41 45.84 -16.78
C GLY E 378 34.42 44.70 -16.79
N ILE E 379 34.44 43.90 -15.75
CA ILE E 379 33.55 42.75 -15.65
C ILE E 379 32.13 43.04 -15.19
N GLU E 380 31.14 42.51 -15.91
CA GLU E 380 29.70 42.64 -15.57
C GLU E 380 29.41 41.63 -14.45
N TYR E 381 29.25 42.12 -13.24
CA TYR E 381 29.04 41.21 -12.14
C TYR E 381 27.85 41.52 -11.27
N LYS E 382 27.41 40.48 -10.53
CA LYS E 382 26.29 40.56 -9.59
C LYS E 382 26.83 40.51 -8.15
N VAL E 383 26.09 41.09 -7.21
CA VAL E 383 26.48 41.11 -5.81
C VAL E 383 25.39 40.56 -4.94
N GLY E 384 25.76 39.62 -4.07
CA GLY E 384 24.81 39.07 -3.11
C GLY E 384 25.44 39.27 -1.73
N LYS E 385 24.68 39.77 -0.76
CA LYS E 385 25.24 39.96 0.58
C LYS E 385 24.33 39.35 1.62
N PHE E 386 24.91 38.64 2.59
CA PHE E 386 24.07 38.08 3.63
C PHE E 386 24.68 38.40 4.97
N PRO E 387 23.89 39.03 5.86
CA PRO E 387 24.45 39.38 7.16
C PRO E 387 24.39 38.20 8.14
N PHE E 388 25.41 38.12 8.96
CA PHE E 388 25.47 37.08 9.94
C PHE E 388 24.43 37.27 11.04
N ALA E 389 23.88 38.48 11.14
CA ALA E 389 22.85 38.77 12.11
C ALA E 389 21.57 37.99 11.76
N ALA E 390 21.46 37.54 10.52
CA ALA E 390 20.29 36.76 10.09
C ALA E 390 20.62 35.28 10.00
N ASN E 391 21.82 34.91 10.44
CA ASN E 391 22.26 33.52 10.43
C ASN E 391 21.87 32.80 11.73
N SER E 392 21.23 31.65 11.61
CA SER E 392 20.80 30.95 12.81
C SER E 392 21.92 30.59 13.77
N ARG E 393 22.97 29.94 13.31
CA ARG E 393 24.00 29.61 14.25
C ARG E 393 24.62 30.88 14.86
N ALA E 394 24.91 31.87 14.02
CA ALA E 394 25.48 33.10 14.53
C ALA E 394 24.60 33.66 15.66
N LYS E 395 23.30 33.67 15.45
CA LYS E 395 22.39 34.20 16.45
C LYS E 395 22.29 33.36 17.72
N THR E 396 22.35 32.03 17.56
CA THR E 396 22.28 31.12 18.69
C THR E 396 23.54 31.26 19.54
N ASN E 397 24.66 31.57 18.91
CA ASN E 397 25.92 31.76 19.62
C ASN E 397 26.03 33.19 20.10
N ALA E 398 25.13 34.05 19.63
CA ALA E 398 25.14 35.45 20.02
C ALA E 398 26.49 36.03 19.66
N ASP E 399 26.90 35.78 18.43
CA ASP E 399 28.17 36.25 17.90
C ASP E 399 27.81 36.47 16.45
N THR E 400 27.40 37.70 16.13
CA THR E 400 26.90 38.03 14.80
C THR E 400 27.44 39.20 13.96
N ASP E 401 28.67 39.64 14.19
CA ASP E 401 29.19 40.75 13.37
C ASP E 401 29.40 40.32 11.93
N GLY E 402 29.39 41.27 11.01
CA GLY E 402 29.70 40.98 9.62
C GLY E 402 28.69 40.39 8.65
N MET E 403 29.23 39.94 7.53
CA MET E 403 28.44 39.40 6.44
C MET E 403 29.30 38.59 5.46
N VAL E 404 28.62 37.87 4.59
CA VAL E 404 29.26 37.12 3.52
C VAL E 404 28.88 37.89 2.26
N LYS E 405 29.88 38.22 1.46
CA LYS E 405 29.65 38.97 0.24
C LYS E 405 30.16 38.17 -0.97
N ILE E 406 29.24 37.94 -1.92
CA ILE E 406 29.52 37.19 -3.13
C ILE E 406 29.46 38.03 -4.40
N LEU E 407 30.44 37.82 -5.26
CA LEU E 407 30.52 38.51 -6.53
C LEU E 407 30.41 37.43 -7.62
N GLY E 408 29.31 37.47 -8.37
CA GLY E 408 29.09 36.49 -9.43
C GLY E 408 29.08 37.14 -10.81
N GLN E 409 29.38 36.34 -11.83
CA GLN E 409 29.39 36.84 -13.18
C GLN E 409 27.96 36.87 -13.68
N LYS E 410 27.58 37.99 -14.25
CA LYS E 410 26.26 38.22 -14.76
C LYS E 410 25.85 37.25 -15.87
N SER E 411 26.76 37.01 -16.78
CA SER E 411 26.45 36.15 -17.91
C SER E 411 26.39 34.67 -17.62
N THR E 412 27.19 34.21 -16.66
CA THR E 412 27.27 32.77 -16.39
C THR E 412 26.95 32.37 -14.97
N ASP E 413 26.69 33.36 -14.12
CA ASP E 413 26.42 33.10 -12.72
C ASP E 413 27.65 32.52 -12.00
N ARG E 414 28.79 32.52 -12.68
CA ARG E 414 30.03 32.00 -12.10
C ARG E 414 30.54 32.84 -10.92
N VAL E 415 30.97 32.17 -9.86
CA VAL E 415 31.50 32.92 -8.73
C VAL E 415 32.91 33.45 -9.00
N LEU E 416 33.08 34.77 -8.94
CA LEU E 416 34.36 35.38 -9.18
C LEU E 416 35.07 35.75 -7.87
N GLY E 417 34.28 36.00 -6.82
CA GLY E 417 34.85 36.37 -5.54
C GLY E 417 33.94 36.11 -4.36
N ALA E 418 34.58 35.79 -3.24
CA ALA E 418 33.87 35.49 -2.01
C ALA E 418 34.64 36.17 -0.89
N HIS E 419 33.93 37.02 -0.16
CA HIS E 419 34.52 37.79 0.91
C HIS E 419 33.71 37.57 2.17
N ILE E 420 34.38 37.20 3.27
CA ILE E 420 33.69 36.94 4.52
C ILE E 420 34.25 37.66 5.70
N LEU E 421 33.36 38.43 6.33
CA LEU E 421 33.63 39.18 7.54
C LEU E 421 32.69 38.61 8.62
N GLY E 422 33.26 37.99 9.63
CA GLY E 422 32.46 37.42 10.66
C GLY E 422 32.96 36.10 11.24
N PRO E 423 32.12 35.44 12.06
CA PRO E 423 32.50 34.18 12.69
C PRO E 423 32.65 33.06 11.69
N GLY E 424 33.74 32.29 11.86
CA GLY E 424 34.00 31.16 10.98
C GLY E 424 34.55 31.44 9.59
N ALA E 425 34.89 32.71 9.34
CA ALA E 425 35.40 33.14 8.05
C ALA E 425 36.51 32.25 7.58
N GLY E 426 37.52 32.10 8.44
CA GLY E 426 38.69 31.31 8.13
C GLY E 426 38.44 29.93 7.54
N GLU E 427 37.54 29.19 8.17
CA GLU E 427 37.19 27.88 7.68
C GLU E 427 36.25 27.93 6.47
N MET E 428 35.34 28.90 6.46
CA MET E 428 34.37 29.02 5.40
C MET E 428 34.97 29.32 4.03
N VAL E 429 36.06 30.05 4.02
CA VAL E 429 36.65 30.43 2.75
C VAL E 429 37.16 29.23 1.97
N ASN E 430 37.40 28.13 2.66
CA ASN E 430 37.89 26.95 2.02
C ASN E 430 36.77 26.31 1.19
N GLU E 431 35.52 26.54 1.58
CA GLU E 431 34.44 25.99 0.78
C GLU E 431 34.35 26.85 -0.50
N ALA E 432 34.63 28.13 -0.33
CA ALA E 432 34.61 29.08 -1.43
C ALA E 432 35.73 28.71 -2.39
N ALA E 433 36.84 28.28 -1.82
CA ALA E 433 38.00 27.90 -2.63
C ALA E 433 37.73 26.63 -3.45
N LEU E 434 37.10 25.61 -2.86
CA LEU E 434 36.77 24.41 -3.62
C LEU E 434 35.86 24.83 -4.78
N ALA E 435 34.90 25.70 -4.50
CA ALA E 435 33.99 26.22 -5.54
C ALA E 435 34.67 26.83 -6.77
N LEU E 436 35.57 27.76 -6.51
CA LEU E 436 36.33 28.47 -7.55
C LEU E 436 37.16 27.50 -8.41
N GLU E 437 37.72 26.44 -7.81
CA GLU E 437 38.52 25.46 -8.56
C GLU E 437 37.67 24.79 -9.63
N TYR E 438 36.35 24.75 -9.42
CA TYR E 438 35.48 24.13 -10.39
C TYR E 438 34.79 25.10 -11.30
N GLY E 439 35.05 26.39 -11.10
CA GLY E 439 34.40 27.39 -11.95
C GLY E 439 32.92 27.29 -11.64
N ALA E 440 32.62 26.99 -10.37
CA ALA E 440 31.28 26.83 -9.87
C ALA E 440 30.44 28.13 -9.84
N SER E 441 29.13 27.97 -10.06
CA SER E 441 28.19 29.09 -10.08
C SER E 441 27.62 29.42 -8.70
N CYS E 442 26.94 30.56 -8.58
CA CYS E 442 26.31 30.97 -7.34
C CYS E 442 25.15 30.00 -7.11
N GLU E 443 24.47 29.67 -8.19
CA GLU E 443 23.37 28.75 -8.09
C GLU E 443 23.88 27.38 -7.62
N ASP E 444 25.04 26.93 -8.08
CA ASP E 444 25.54 25.65 -7.60
C ASP E 444 25.58 25.63 -6.07
N ILE E 445 26.17 26.68 -5.49
CA ILE E 445 26.27 26.76 -4.04
C ILE E 445 24.88 26.85 -3.39
N ALA E 446 24.01 27.72 -3.92
CA ALA E 446 22.67 27.89 -3.38
C ALA E 446 21.93 26.55 -3.27
N ARG E 447 22.13 25.69 -4.24
CA ARG E 447 21.46 24.40 -4.26
C ARG E 447 22.14 23.24 -3.52
N VAL E 448 23.35 23.45 -3.01
CA VAL E 448 24.02 22.39 -2.26
C VAL E 448 23.41 22.46 -0.88
N CYS E 449 22.89 21.34 -0.41
CA CYS E 449 22.27 21.31 0.91
C CYS E 449 23.29 21.58 2.02
N HIS E 450 23.14 22.69 2.74
CA HIS E 450 24.05 23.00 3.82
C HIS E 450 23.37 22.58 5.12
N ALA E 451 24.18 22.24 6.12
CA ALA E 451 23.61 21.81 7.40
C ALA E 451 23.01 22.98 8.19
N HIS E 452 21.89 22.73 8.88
CA HIS E 452 21.24 23.75 9.72
C HIS E 452 21.30 23.31 11.18
N PRO E 453 21.78 24.18 12.09
CA PRO E 453 22.24 25.53 11.79
C PRO E 453 23.75 25.62 11.70
N THR E 454 24.24 26.25 10.63
CA THR E 454 25.67 26.42 10.49
C THR E 454 25.97 27.81 9.97
N LEU E 455 27.17 28.30 10.30
CA LEU E 455 27.57 29.60 9.80
C LEU E 455 27.65 29.55 8.27
N SER E 456 27.85 28.34 7.72
CA SER E 456 27.93 28.22 6.26
C SER E 456 26.62 28.59 5.56
N GLU E 457 25.51 28.57 6.28
CA GLU E 457 24.25 28.93 5.67
C GLU E 457 24.28 30.39 5.19
N ALA E 458 25.11 31.18 5.86
CA ALA E 458 25.25 32.57 5.47
C ALA E 458 25.89 32.63 4.06
N PHE E 459 26.83 31.71 3.84
CA PHE E 459 27.55 31.63 2.60
C PHE E 459 26.61 31.16 1.52
N ARG E 460 25.80 30.16 1.85
CA ARG E 460 24.84 29.62 0.91
C ARG E 460 23.79 30.66 0.49
N GLU E 461 23.36 31.48 1.46
CA GLU E 461 22.35 32.51 1.22
C GLU E 461 22.90 33.70 0.42
N ALA E 462 24.14 34.08 0.68
CA ALA E 462 24.76 35.17 -0.09
C ALA E 462 24.82 34.71 -1.56
N ASN E 463 25.18 33.45 -1.77
CA ASN E 463 25.25 32.91 -3.13
C ASN E 463 23.86 32.89 -3.80
N LEU E 464 22.84 32.53 -3.02
CA LEU E 464 21.45 32.49 -3.51
C LEU E 464 21.00 33.90 -3.89
N ALA E 465 21.34 34.88 -3.06
CA ALA E 465 20.99 36.25 -3.32
C ALA E 465 21.68 36.78 -4.58
N ALA E 466 22.89 36.32 -4.84
CA ALA E 466 23.61 36.78 -6.03
C ALA E 466 22.99 36.15 -7.26
N SER E 467 22.64 34.89 -7.15
CA SER E 467 22.08 34.16 -8.26
C SER E 467 20.66 34.57 -8.64
N PHE E 468 19.76 34.46 -7.66
CA PHE E 468 18.35 34.72 -7.83
C PHE E 468 17.98 36.19 -7.53
N GLY E 469 18.81 36.85 -6.76
CA GLY E 469 18.53 38.24 -6.41
C GLY E 469 18.07 38.37 -4.98
N LYS E 470 17.41 37.34 -4.46
CA LYS E 470 16.87 37.34 -3.11
C LYS E 470 17.31 36.16 -2.29
N SER E 471 17.64 36.46 -1.05
CA SER E 471 18.01 35.47 -0.06
C SER E 471 16.66 35.04 0.54
N ILE E 472 16.62 33.96 1.31
CA ILE E 472 15.37 33.53 1.92
C ILE E 472 15.23 34.18 3.31
N ASN E 473 16.31 34.22 4.07
CA ASN E 473 16.27 34.76 5.44
C ASN E 473 16.61 36.22 5.67
N PHE E 474 16.76 36.98 4.61
CA PHE E 474 17.02 38.40 4.73
C PHE E 474 16.51 39.10 3.47
N PRO F 4 -13.26 34.99 4.55
CA PRO F 4 -12.77 33.95 3.58
C PRO F 4 -11.71 34.55 2.65
N ILE F 5 -10.56 33.89 2.52
CA ILE F 5 -9.49 34.41 1.67
C ILE F 5 -9.08 33.39 0.63
N ASP F 6 -8.34 33.83 -0.37
CA ASP F 6 -7.92 32.92 -1.40
C ASP F 6 -6.42 33.05 -1.64
N ALA F 7 -5.82 31.97 -2.12
CA ALA F 7 -4.39 31.93 -2.36
C ALA F 7 -4.04 30.94 -3.46
N ASP F 8 -2.81 30.99 -3.90
CA ASP F 8 -2.34 30.05 -4.91
C ASP F 8 -1.70 28.89 -4.13
N VAL F 9 -0.97 29.26 -3.09
CA VAL F 9 -0.24 28.32 -2.23
C VAL F 9 -0.57 28.56 -0.74
N THR F 10 -0.99 27.50 -0.06
CA THR F 10 -1.31 27.56 1.35
C THR F 10 -0.43 26.50 2.02
N VAL F 11 0.45 26.94 2.89
CA VAL F 11 1.35 26.05 3.62
C VAL F 11 0.84 25.82 5.02
N ILE F 12 0.58 24.56 5.37
CA ILE F 12 0.14 24.26 6.72
C ILE F 12 1.38 23.86 7.54
N GLY F 13 1.84 24.79 8.38
CA GLY F 13 3.00 24.61 9.22
C GLY F 13 4.09 25.66 8.97
N SER F 14 4.74 26.16 10.02
CA SER F 14 5.77 27.17 9.80
C SER F 14 7.15 26.77 10.34
N GLY F 15 7.42 25.46 10.28
CA GLY F 15 8.69 24.95 10.74
C GLY F 15 9.71 25.24 9.69
N PRO F 16 10.89 24.63 9.75
CA PRO F 16 11.90 24.90 8.72
C PRO F 16 11.37 24.72 7.29
N GLY F 17 10.63 23.65 7.05
CA GLY F 17 10.10 23.44 5.72
C GLY F 17 9.00 24.41 5.30
N GLY F 18 7.98 24.54 6.15
CA GLY F 18 6.85 25.39 5.87
C GLY F 18 7.14 26.86 5.72
N TYR F 19 7.90 27.43 6.65
CA TYR F 19 8.21 28.84 6.56
C TYR F 19 9.14 29.17 5.41
N VAL F 20 10.07 28.28 5.09
CA VAL F 20 10.96 28.54 3.96
C VAL F 20 10.15 28.39 2.67
N ALA F 21 9.27 27.40 2.62
CA ALA F 21 8.45 27.17 1.44
C ALA F 21 7.56 28.39 1.17
N ALA F 22 6.98 28.92 2.24
CA ALA F 22 6.10 30.08 2.12
C ALA F 22 6.83 31.29 1.52
N ILE F 23 8.01 31.59 2.03
CA ILE F 23 8.78 32.73 1.52
C ILE F 23 9.20 32.57 0.05
N LYS F 24 9.77 31.40 -0.29
CA LYS F 24 10.21 31.15 -1.66
C LYS F 24 9.02 31.26 -2.61
N ALA F 25 7.90 30.64 -2.23
CA ALA F 25 6.69 30.67 -3.04
C ALA F 25 6.26 32.12 -3.31
N ALA F 26 6.26 32.95 -2.27
CA ALA F 26 5.90 34.36 -2.45
C ALA F 26 6.92 35.01 -3.35
N GLN F 27 8.19 34.68 -3.15
CA GLN F 27 9.25 35.26 -3.96
C GLN F 27 9.09 34.86 -5.41
N LEU F 28 8.47 33.70 -5.66
CA LEU F 28 8.25 33.26 -7.04
C LEU F 28 6.98 33.88 -7.64
N GLY F 29 6.24 34.67 -6.87
CA GLY F 29 5.03 35.29 -7.39
C GLY F 29 3.71 34.74 -6.93
N PHE F 30 3.72 33.63 -6.18
CA PHE F 30 2.49 33.02 -5.70
C PHE F 30 1.87 33.79 -4.54
N LYS F 31 0.55 33.91 -4.55
CA LYS F 31 -0.20 34.53 -3.47
C LYS F 31 -0.09 33.42 -2.43
N THR F 32 0.58 33.72 -1.33
CA THR F 32 0.85 32.70 -0.33
C THR F 32 0.31 32.87 1.07
N VAL F 33 -0.20 31.77 1.63
CA VAL F 33 -0.70 31.73 3.00
C VAL F 33 0.09 30.66 3.79
N CYS F 34 0.38 30.94 5.06
CA CYS F 34 1.05 29.96 5.94
C CYS F 34 0.19 29.90 7.20
N ILE F 35 -0.26 28.68 7.52
CA ILE F 35 -1.06 28.46 8.71
C ILE F 35 -0.20 27.83 9.81
N GLU F 36 -0.18 28.46 10.98
CA GLU F 36 0.58 27.97 12.13
C GLU F 36 -0.31 27.89 13.37
N LYS F 37 -0.36 26.72 14.01
CA LYS F 37 -1.19 26.53 15.20
C LYS F 37 -0.58 27.04 16.51
N ASN F 38 0.74 27.10 16.59
CA ASN F 38 1.40 27.54 17.82
C ASN F 38 1.52 29.03 17.96
N GLU F 39 1.94 29.44 19.15
CA GLU F 39 2.09 30.84 19.50
C GLU F 39 3.09 31.62 18.66
N THR F 40 4.18 30.95 18.27
CA THR F 40 5.22 31.58 17.46
C THR F 40 5.45 30.76 16.19
N LEU F 41 6.17 31.33 15.24
CA LEU F 41 6.48 30.64 13.99
C LEU F 41 7.83 29.96 14.17
N GLY F 42 8.20 29.08 13.24
CA GLY F 42 9.50 28.44 13.35
C GLY F 42 9.46 26.94 13.55
N GLY F 43 8.37 26.46 14.13
CA GLY F 43 8.23 25.04 14.35
C GLY F 43 9.11 24.43 15.41
N THR F 44 9.34 23.14 15.25
CA THR F 44 10.14 22.37 16.16
C THR F 44 11.58 22.84 16.33
N CYS F 45 12.29 23.01 15.24
CA CYS F 45 13.67 23.47 15.27
C CYS F 45 13.89 24.76 16.04
N LEU F 46 13.22 25.81 15.62
CA LEU F 46 13.42 27.10 16.25
C LEU F 46 13.00 27.19 17.73
N ASN F 47 11.85 26.60 17.99
CA ASN F 47 11.24 26.65 19.30
C ASN F 47 11.64 25.66 20.36
N VAL F 48 11.71 24.37 19.99
CA VAL F 48 12.07 23.33 20.96
C VAL F 48 13.09 22.35 20.43
N GLY F 49 13.81 22.78 19.40
CA GLY F 49 14.79 21.89 18.80
C GLY F 49 16.19 22.42 18.61
N CYS F 50 16.62 22.46 17.35
CA CYS F 50 17.97 22.89 17.01
C CYS F 50 18.50 24.16 17.71
N ILE F 51 17.73 25.22 17.62
CA ILE F 51 18.15 26.49 18.16
C ILE F 51 18.41 26.50 19.66
N PRO F 52 17.40 26.15 20.49
CA PRO F 52 17.71 26.17 21.92
C PRO F 52 18.79 25.14 22.29
N SER F 53 18.78 23.97 21.63
CA SER F 53 19.81 22.99 21.96
C SER F 53 21.25 23.46 21.61
N LYS F 54 21.46 24.05 20.43
CA LYS F 54 22.80 24.52 20.08
C LYS F 54 23.27 25.63 21.05
N ALA F 55 22.33 26.50 21.44
CA ALA F 55 22.64 27.57 22.38
C ALA F 55 23.19 26.99 23.69
N LEU F 56 22.52 25.94 24.21
CA LEU F 56 22.96 25.27 25.43
C LEU F 56 24.27 24.50 25.24
N LEU F 57 24.48 23.96 24.05
CA LEU F 57 25.71 23.24 23.70
C LEU F 57 26.86 24.25 23.71
N ASN F 58 26.60 25.44 23.21
CA ASN F 58 27.64 26.43 23.17
C ASN F 58 27.95 26.96 24.56
N ASN F 59 26.92 27.39 25.29
CA ASN F 59 27.17 27.94 26.61
C ASN F 59 27.77 26.91 27.57
N SER F 60 27.28 25.67 27.55
CA SER F 60 27.82 24.66 28.45
C SER F 60 29.24 24.27 28.05
N HIS F 61 29.57 24.35 26.77
CA HIS F 61 30.94 24.01 26.41
C HIS F 61 31.88 25.08 27.02
N TYR F 62 31.49 26.34 26.85
CA TYR F 62 32.27 27.44 27.38
C TYR F 62 32.30 27.45 28.91
N TYR F 63 31.23 27.01 29.56
CA TYR F 63 31.24 26.96 31.01
C TYR F 63 32.30 25.93 31.40
N HIS F 64 32.33 24.85 30.63
CA HIS F 64 33.28 23.80 30.87
C HIS F 64 34.73 24.29 30.71
N MET F 65 34.99 25.05 29.65
CA MET F 65 36.32 25.59 29.41
C MET F 65 36.80 26.59 30.49
N ALA F 66 35.88 27.25 31.19
CA ALA F 66 36.30 28.22 32.22
C ALA F 66 36.38 27.56 33.60
N HIS F 67 35.40 26.71 33.88
CA HIS F 67 35.30 26.00 35.14
C HIS F 67 36.37 24.91 35.21
N GLY F 68 36.65 24.32 34.06
CA GLY F 68 37.65 23.27 34.01
C GLY F 68 39.07 23.80 33.87
N THR F 69 39.96 23.00 33.27
CA THR F 69 41.36 23.36 33.10
C THR F 69 41.78 24.17 31.89
N ASP F 70 40.97 24.16 30.85
CA ASP F 70 41.29 24.87 29.62
C ASP F 70 41.74 26.34 29.72
N PHE F 71 40.95 27.17 30.39
CA PHE F 71 41.31 28.59 30.53
C PHE F 71 42.55 28.86 31.37
N ALA F 72 42.64 28.20 32.51
CA ALA F 72 43.79 28.34 33.38
C ALA F 72 45.05 28.10 32.54
N SER F 73 44.99 27.10 31.67
CA SER F 73 46.12 26.75 30.80
C SER F 73 46.49 27.81 29.77
N ARG F 74 45.60 28.77 29.56
CA ARG F 74 45.85 29.84 28.60
C ARG F 74 46.21 31.13 29.28
N GLY F 75 46.28 31.10 30.60
CA GLY F 75 46.60 32.29 31.37
C GLY F 75 45.38 33.11 31.76
N ILE F 76 44.20 32.53 31.64
CA ILE F 76 42.98 33.24 31.99
C ILE F 76 42.66 32.73 33.38
N GLU F 77 43.24 33.38 34.39
CA GLU F 77 43.03 32.94 35.75
C GLU F 77 41.78 33.53 36.36
N MET F 78 40.98 32.68 36.97
CA MET F 78 39.74 33.13 37.56
C MET F 78 39.59 32.66 38.97
N SER F 79 38.89 33.45 39.75
CA SER F 79 38.65 33.16 41.15
C SER F 79 37.85 31.88 41.31
N GLU F 80 36.58 31.94 40.97
CA GLU F 80 35.71 30.79 41.07
C GLU F 80 34.62 30.95 40.04
N VAL F 81 34.42 29.92 39.24
CA VAL F 81 33.41 29.98 38.20
C VAL F 81 32.15 29.31 38.70
N ARG F 82 31.04 30.01 38.61
CA ARG F 82 29.78 29.45 39.06
C ARG F 82 28.78 29.48 37.94
N LEU F 83 27.90 28.50 37.95
CA LEU F 83 26.88 28.43 36.93
C LEU F 83 25.69 29.22 37.41
N ASN F 84 25.16 30.06 36.54
CA ASN F 84 23.97 30.82 36.85
C ASN F 84 23.09 30.27 35.73
N LEU F 85 22.36 29.20 36.04
CA LEU F 85 21.53 28.54 35.06
C LEU F 85 20.44 29.45 34.51
N ASP F 86 19.96 30.38 35.33
CA ASP F 86 18.92 31.27 34.86
C ASP F 86 19.45 32.16 33.74
N LYS F 87 20.64 32.68 33.95
CA LYS F 87 21.23 33.54 32.95
C LYS F 87 21.58 32.75 31.68
N MET F 88 21.99 31.49 31.85
CA MET F 88 22.32 30.67 30.72
C MET F 88 21.04 30.41 29.95
N MET F 89 19.94 30.14 30.64
CA MET F 89 18.67 29.88 29.97
C MET F 89 18.15 31.10 29.23
N GLU F 90 18.43 32.27 29.80
CA GLU F 90 18.01 33.55 29.28
C GLU F 90 18.64 33.81 27.92
N GLN F 91 19.94 33.55 27.80
CA GLN F 91 20.67 33.74 26.55
C GLN F 91 20.00 32.86 25.48
N LYS F 92 19.59 31.67 25.88
CA LYS F 92 18.93 30.74 24.99
C LYS F 92 17.60 31.28 24.53
N SER F 93 16.81 31.73 25.50
CA SER F 93 15.47 32.24 25.25
C SER F 93 15.48 33.49 24.41
N THR F 94 16.50 34.31 24.63
CA THR F 94 16.68 35.56 23.91
C THR F 94 17.01 35.27 22.44
N ALA F 95 17.83 34.26 22.20
CA ALA F 95 18.18 33.89 20.84
C ALA F 95 16.94 33.39 20.09
N VAL F 96 16.16 32.55 20.75
CA VAL F 96 14.95 31.97 20.16
C VAL F 96 13.95 33.05 19.86
N LYS F 97 13.80 33.98 20.80
CA LYS F 97 12.84 35.05 20.61
C LYS F 97 13.19 35.93 19.42
N ALA F 98 14.45 36.27 19.26
CA ALA F 98 14.82 37.11 18.13
C ALA F 98 14.63 36.40 16.77
N LEU F 99 14.83 35.09 16.73
CA LEU F 99 14.65 34.36 15.49
C LEU F 99 13.18 34.14 15.12
N THR F 100 12.32 33.90 16.10
CA THR F 100 10.88 33.73 15.80
C THR F 100 10.41 35.13 15.40
N GLY F 101 11.05 36.13 15.98
CA GLY F 101 10.72 37.48 15.61
C GLY F 101 11.03 37.67 14.13
N GLY F 102 12.24 37.27 13.71
CA GLY F 102 12.65 37.42 12.32
C GLY F 102 11.76 36.78 11.26
N ILE F 103 11.28 35.58 11.53
CA ILE F 103 10.41 34.90 10.59
C ILE F 103 9.12 35.72 10.35
N ALA F 104 8.56 36.24 11.44
CA ALA F 104 7.34 37.05 11.35
C ALA F 104 7.62 38.27 10.46
N HIS F 105 8.80 38.85 10.60
N HIS F 105 8.81 38.86 10.61
CA HIS F 105 9.14 39.99 9.76
CA HIS F 105 9.17 40.02 9.78
C HIS F 105 9.39 39.58 8.32
C HIS F 105 9.41 39.59 8.33
N LEU F 106 10.06 38.45 8.14
CA LEU F 106 10.33 37.97 6.80
C LEU F 106 9.00 37.70 6.10
N PHE F 107 8.02 37.14 6.82
CA PHE F 107 6.73 36.89 6.18
C PHE F 107 6.12 38.20 5.66
N LYS F 108 6.19 39.24 6.47
CA LYS F 108 5.66 40.56 6.11
C LYS F 108 6.33 41.10 4.88
N GLN F 109 7.66 41.06 4.92
CA GLN F 109 8.51 41.53 3.83
C GLN F 109 8.17 40.85 2.50
N ASN F 110 7.82 39.58 2.57
CA ASN F 110 7.50 38.84 1.37
C ASN F 110 6.03 38.70 1.00
N LYS F 111 5.15 39.31 1.78
CA LYS F 111 3.70 39.28 1.50
C LYS F 111 3.05 37.96 1.88
N VAL F 112 3.74 37.17 2.70
CA VAL F 112 3.16 35.91 3.12
C VAL F 112 2.12 36.22 4.16
N VAL F 113 0.91 35.72 3.97
CA VAL F 113 -0.12 35.98 4.95
C VAL F 113 -0.11 34.87 5.99
N HIS F 114 0.11 35.29 7.22
CA HIS F 114 0.17 34.39 8.36
C HIS F 114 -1.20 34.24 9.01
N VAL F 115 -1.69 33.00 9.05
CA VAL F 115 -2.97 32.67 9.67
C VAL F 115 -2.71 31.79 10.89
N ASN F 116 -3.09 32.31 12.06
CA ASN F 116 -2.92 31.58 13.32
C ASN F 116 -4.14 30.72 13.63
N GLY F 117 -4.01 29.42 13.51
CA GLY F 117 -5.11 28.52 13.80
C GLY F 117 -4.63 27.13 13.48
N TYR F 118 -5.52 26.17 13.74
CA TYR F 118 -5.23 24.78 13.48
C TYR F 118 -5.77 24.46 12.08
N GLY F 119 -4.87 24.07 11.18
CA GLY F 119 -5.26 23.81 9.82
C GLY F 119 -5.81 22.44 9.47
N LYS F 120 -6.91 22.42 8.72
CA LYS F 120 -7.50 21.16 8.28
C LYS F 120 -7.93 21.26 6.82
N ILE F 121 -7.47 20.32 6.00
CA ILE F 121 -7.85 20.33 4.60
C ILE F 121 -9.32 19.94 4.54
N THR F 122 -10.14 20.91 4.15
CA THR F 122 -11.58 20.69 4.08
C THR F 122 -12.13 20.46 2.68
N GLY F 123 -11.24 20.24 1.73
CA GLY F 123 -11.63 20.00 0.35
C GLY F 123 -10.40 20.16 -0.52
N LYS F 124 -10.39 19.58 -1.71
CA LYS F 124 -9.22 19.65 -2.59
C LYS F 124 -8.64 21.05 -2.77
N ASN F 125 -9.47 22.08 -2.72
CA ASN F 125 -8.92 23.41 -2.91
C ASN F 125 -9.27 24.29 -1.75
N GLN F 126 -9.43 23.66 -0.59
CA GLN F 126 -9.79 24.38 0.61
C GLN F 126 -9.14 23.90 1.91
N VAL F 127 -8.74 24.88 2.72
CA VAL F 127 -8.15 24.64 4.03
C VAL F 127 -8.86 25.58 4.99
N THR F 128 -9.23 25.02 6.14
CA THR F 128 -9.90 25.74 7.19
C THR F 128 -9.02 25.75 8.42
N ALA F 129 -8.81 26.95 8.95
CA ALA F 129 -8.03 27.16 10.14
C ALA F 129 -8.94 27.45 11.32
N THR F 130 -8.78 26.70 12.40
CA THR F 130 -9.61 26.94 13.57
C THR F 130 -8.75 27.52 14.69
N LYS F 131 -9.03 28.77 15.04
CA LYS F 131 -8.30 29.48 16.09
C LYS F 131 -8.66 28.90 17.45
N ALA F 132 -7.91 29.27 18.50
CA ALA F 132 -8.14 28.75 19.86
C ALA F 132 -9.56 28.91 20.37
N ASP F 133 -10.11 30.10 20.20
CA ASP F 133 -11.46 30.38 20.66
C ASP F 133 -12.53 29.88 19.71
N GLY F 134 -12.18 28.90 18.88
CA GLY F 134 -13.14 28.33 17.95
C GLY F 134 -13.36 29.08 16.65
N GLY F 135 -12.88 30.31 16.57
CA GLY F 135 -13.07 31.08 15.36
C GLY F 135 -12.51 30.34 14.16
N THR F 136 -13.02 30.63 12.97
CA THR F 136 -12.48 29.98 11.80
C THR F 136 -12.13 30.94 10.68
N GLN F 137 -11.20 30.49 9.84
CA GLN F 137 -10.77 31.25 8.68
C GLN F 137 -10.68 30.26 7.56
N VAL F 138 -11.46 30.47 6.51
CA VAL F 138 -11.43 29.59 5.35
C VAL F 138 -10.51 30.23 4.29
N ILE F 139 -9.73 29.38 3.64
CA ILE F 139 -8.77 29.76 2.59
C ILE F 139 -9.00 28.85 1.38
N ASP F 140 -9.43 29.46 0.27
CA ASP F 140 -9.65 28.74 -0.97
C ASP F 140 -8.32 28.92 -1.72
N THR F 141 -7.68 27.80 -2.03
CA THR F 141 -6.37 27.87 -2.60
C THR F 141 -6.12 26.87 -3.73
N LYS F 142 -5.29 27.25 -4.70
CA LYS F 142 -5.00 26.35 -5.81
C LYS F 142 -4.19 25.17 -5.34
N ASN F 143 -3.22 25.42 -4.48
CA ASN F 143 -2.38 24.35 -3.98
C ASN F 143 -2.30 24.33 -2.48
N ILE F 144 -2.13 23.13 -1.93
CA ILE F 144 -1.94 22.98 -0.49
C ILE F 144 -0.57 22.35 -0.25
N LEU F 145 0.17 22.88 0.73
CA LEU F 145 1.49 22.32 1.05
C LEU F 145 1.53 21.93 2.51
N ILE F 146 1.62 20.62 2.71
CA ILE F 146 1.64 20.01 4.04
C ILE F 146 3.08 20.01 4.53
N ALA F 147 3.29 20.73 5.64
CA ALA F 147 4.58 20.88 6.28
C ALA F 147 4.40 20.82 7.81
N THR F 148 3.53 19.90 8.23
CA THR F 148 3.18 19.70 9.64
C THR F 148 4.22 19.06 10.58
N GLY F 149 5.34 18.64 9.99
CA GLY F 149 6.41 18.06 10.75
C GLY F 149 6.23 16.83 11.64
N SER F 150 6.76 16.95 12.85
CA SER F 150 6.81 15.85 13.79
C SER F 150 6.57 16.15 15.27
N GLU F 151 6.54 15.09 16.06
CA GLU F 151 6.37 15.16 17.51
C GLU F 151 7.27 14.16 18.22
N VAL F 152 7.39 14.31 19.53
CA VAL F 152 8.20 13.41 20.31
C VAL F 152 7.50 12.05 20.28
N THR F 153 8.26 10.97 20.10
CA THR F 153 7.66 9.65 20.13
C THR F 153 7.49 9.25 21.60
N PRO F 154 6.25 8.90 22.01
CA PRO F 154 6.09 8.52 23.42
C PRO F 154 6.57 7.11 23.73
N PHE F 155 6.80 6.87 25.01
CA PHE F 155 7.23 5.58 25.48
C PHE F 155 6.04 5.01 26.20
N PRO F 156 5.53 3.87 25.73
CA PRO F 156 4.36 3.31 26.43
C PRO F 156 4.70 2.89 27.86
N GLY F 157 3.93 3.44 28.80
CA GLY F 157 4.12 3.13 30.20
C GLY F 157 4.74 4.28 30.97
N ILE F 158 5.74 4.91 30.37
CA ILE F 158 6.42 6.03 31.01
C ILE F 158 5.75 7.29 30.54
N THR F 159 5.20 8.04 31.50
CA THR F 159 4.48 9.29 31.23
C THR F 159 5.36 10.52 31.41
N ILE F 160 5.46 11.30 30.34
CA ILE F 160 6.28 12.49 30.37
C ILE F 160 5.50 13.64 30.97
N ASP F 161 6.06 14.29 31.98
CA ASP F 161 5.36 15.41 32.58
C ASP F 161 6.16 16.68 32.47
N GLU F 162 7.38 16.58 31.91
CA GLU F 162 8.29 17.70 31.71
C GLU F 162 8.77 18.33 33.02
N ASP F 163 8.81 17.54 34.09
CA ASP F 163 9.29 18.01 35.38
C ASP F 163 10.46 17.12 35.74
N THR F 164 10.19 15.85 36.00
CA THR F 164 11.27 14.91 36.32
C THR F 164 11.35 13.84 35.23
N ILE F 165 10.27 13.66 34.48
CA ILE F 165 10.24 12.71 33.37
C ILE F 165 9.92 13.61 32.17
N VAL F 166 11.00 14.02 31.50
CA VAL F 166 11.00 14.96 30.40
C VAL F 166 11.26 14.48 28.96
N SER F 167 10.94 15.38 28.04
CA SER F 167 11.18 15.16 26.63
C SER F 167 12.28 16.18 26.34
N SER F 168 12.72 16.22 25.10
CA SER F 168 13.74 17.16 24.70
C SER F 168 13.30 18.56 25.11
N THR F 169 11.99 18.84 25.01
CA THR F 169 11.46 20.16 25.35
C THR F 169 11.69 20.50 26.83
N GLY F 170 11.33 19.58 27.72
CA GLY F 170 11.55 19.79 29.14
C GLY F 170 13.02 19.79 29.46
N ALA F 171 13.76 18.95 28.77
CA ALA F 171 15.20 18.87 28.98
C ALA F 171 15.86 20.23 28.71
N LEU F 172 15.32 20.98 27.74
CA LEU F 172 15.87 22.28 27.42
C LEU F 172 15.55 23.35 28.43
N SER F 173 14.64 23.06 29.35
CA SER F 173 14.25 24.07 30.35
C SER F 173 14.35 23.70 31.83
N LEU F 174 15.12 22.66 32.15
CA LEU F 174 15.34 22.22 33.52
C LEU F 174 15.61 23.43 34.42
N LYS F 175 14.98 23.43 35.59
CA LYS F 175 15.09 24.52 36.55
C LYS F 175 16.37 24.46 37.36
N LYS F 176 16.95 23.27 37.44
CA LYS F 176 18.21 23.08 38.16
C LYS F 176 18.93 21.94 37.49
N VAL F 177 20.22 21.86 37.76
CA VAL F 177 21.03 20.80 37.21
C VAL F 177 20.72 19.55 38.02
N PRO F 178 20.22 18.49 37.37
CA PRO F 178 19.94 17.28 38.16
C PRO F 178 21.26 16.71 38.64
N GLU F 179 21.25 15.98 39.74
CA GLU F 179 22.54 15.44 40.13
C GLU F 179 22.79 14.16 39.34
N LYS F 180 21.72 13.43 39.04
CA LYS F 180 21.83 12.19 38.27
C LYS F 180 20.73 12.18 37.20
N MET F 181 21.11 11.90 35.96
CA MET F 181 20.16 11.85 34.86
C MET F 181 20.36 10.66 33.93
N VAL F 182 19.24 10.06 33.56
CA VAL F 182 19.25 8.94 32.66
C VAL F 182 18.53 9.37 31.38
N VAL F 183 19.18 9.06 30.25
CA VAL F 183 18.64 9.37 28.93
C VAL F 183 18.29 8.07 28.26
N ILE F 184 17.07 7.95 27.75
CA ILE F 184 16.69 6.73 27.04
C ILE F 184 16.93 7.01 25.57
N GLY F 185 17.86 6.26 24.99
CA GLY F 185 18.20 6.45 23.59
C GLY F 185 19.50 7.22 23.40
N ALA F 186 20.39 6.72 22.55
CA ALA F 186 21.65 7.41 22.34
C ALA F 186 21.79 7.97 20.93
N GLY F 187 20.70 8.54 20.43
CA GLY F 187 20.71 9.16 19.11
C GLY F 187 21.34 10.54 19.25
N VAL F 188 21.28 11.35 18.20
CA VAL F 188 21.88 12.68 18.24
C VAL F 188 21.23 13.60 19.28
N ILE F 189 19.91 13.63 19.33
CA ILE F 189 19.24 14.48 20.30
C ILE F 189 19.61 14.09 21.73
N GLY F 190 19.62 12.80 22.01
CA GLY F 190 19.98 12.38 23.35
C GLY F 190 21.43 12.66 23.68
N VAL F 191 22.30 12.49 22.70
CA VAL F 191 23.71 12.72 22.97
C VAL F 191 23.98 14.18 23.26
N GLU F 192 23.39 15.06 22.45
CA GLU F 192 23.59 16.47 22.66
C GLU F 192 23.01 16.89 24.00
N LEU F 193 21.78 16.48 24.28
CA LEU F 193 21.18 16.88 25.56
C LEU F 193 21.96 16.34 26.77
N GLY F 194 22.45 15.11 26.65
CA GLY F 194 23.18 14.56 27.77
C GLY F 194 24.48 15.27 27.98
N SER F 195 25.16 15.56 26.89
CA SER F 195 26.43 16.24 27.01
C SER F 195 26.29 17.63 27.59
N VAL F 196 25.17 18.29 27.31
CA VAL F 196 24.94 19.61 27.88
C VAL F 196 24.86 19.54 29.42
N TRP F 197 24.00 18.65 29.94
CA TRP F 197 23.85 18.54 31.39
C TRP F 197 25.06 17.93 32.11
N GLN F 198 25.75 17.03 31.43
CA GLN F 198 26.97 16.44 31.98
C GLN F 198 27.96 17.60 32.24
N ARG F 199 28.10 18.51 31.28
CA ARG F 199 29.02 19.65 31.44
C ARG F 199 28.62 20.56 32.55
N LEU F 200 27.31 20.63 32.81
CA LEU F 200 26.84 21.54 33.83
C LEU F 200 26.83 20.96 35.22
N GLY F 201 27.38 19.77 35.37
CA GLY F 201 27.48 19.14 36.68
C GLY F 201 26.67 17.88 36.93
N ALA F 202 25.88 17.46 35.96
CA ALA F 202 25.08 16.27 36.15
C ALA F 202 25.86 15.02 35.83
N ASP F 203 25.51 13.95 36.53
CA ASP F 203 26.09 12.64 36.35
C ASP F 203 25.11 12.06 35.33
N VAL F 204 25.58 11.80 34.13
CA VAL F 204 24.71 11.30 33.09
C VAL F 204 25.05 9.95 32.48
N THR F 205 24.01 9.15 32.26
CA THR F 205 24.13 7.84 31.65
C THR F 205 23.02 7.70 30.62
N ALA F 206 23.37 7.25 29.43
CA ALA F 206 22.35 7.06 28.40
C ALA F 206 22.25 5.54 28.15
N VAL F 207 21.02 5.05 28.08
CA VAL F 207 20.76 3.63 27.86
C VAL F 207 20.33 3.53 26.41
N GLU F 208 20.94 2.62 25.67
CA GLU F 208 20.61 2.45 24.26
C GLU F 208 20.42 0.98 23.87
N PHE F 209 19.27 0.73 23.26
CA PHE F 209 18.85 -0.58 22.78
C PHE F 209 19.91 -1.22 21.88
N LEU F 210 20.42 -0.46 20.91
CA LEU F 210 21.39 -1.00 19.95
C LEU F 210 22.85 -0.93 20.41
N GLY F 211 23.76 -1.29 19.49
CA GLY F 211 25.19 -1.36 19.80
C GLY F 211 26.09 -0.17 19.58
N HIS F 212 25.50 0.99 19.29
CA HIS F 212 26.32 2.15 19.09
C HIS F 212 25.60 3.43 19.47
N VAL F 213 26.38 4.48 19.52
CA VAL F 213 25.92 5.81 19.85
C VAL F 213 25.87 6.61 18.56
N GLY F 214 24.87 7.47 18.42
CA GLY F 214 24.83 8.31 17.24
C GLY F 214 23.65 8.27 16.27
N GLY F 215 22.88 7.18 16.25
CA GLY F 215 21.77 7.13 15.30
C GLY F 215 22.13 6.34 14.05
N VAL F 216 21.22 6.26 13.10
CA VAL F 216 21.48 5.50 11.89
C VAL F 216 22.39 6.23 10.95
N GLY F 217 23.09 5.46 10.12
CA GLY F 217 23.97 6.02 9.13
C GLY F 217 25.34 6.45 9.58
N ILE F 218 25.48 6.77 10.86
CA ILE F 218 26.79 7.17 11.34
C ILE F 218 27.75 5.99 11.10
N ASP F 219 29.00 6.32 10.77
CA ASP F 219 29.99 5.29 10.53
C ASP F 219 30.36 4.64 11.87
N MET F 220 30.43 3.32 11.89
CA MET F 220 30.77 2.62 13.10
C MET F 220 32.11 3.04 13.70
N GLU F 221 33.13 3.20 12.87
CA GLU F 221 34.41 3.57 13.43
C GLU F 221 34.34 4.96 14.07
N ILE F 222 33.65 5.87 13.40
CA ILE F 222 33.52 7.23 13.90
C ILE F 222 32.71 7.19 15.20
N SER F 223 31.63 6.42 15.18
CA SER F 223 30.74 6.27 16.32
C SER F 223 31.41 5.71 17.56
N LYS F 224 32.21 4.67 17.35
CA LYS F 224 32.89 4.06 18.48
C LYS F 224 33.92 5.03 19.08
N ASN F 225 34.66 5.75 18.23
CA ASN F 225 35.67 6.70 18.74
C ASN F 225 35.07 7.90 19.42
N PHE F 226 33.87 8.28 19.01
CA PHE F 226 33.16 9.42 19.56
C PHE F 226 32.73 9.06 20.97
N GLN F 227 32.18 7.85 21.08
CA GLN F 227 31.72 7.33 22.35
C GLN F 227 32.86 7.32 23.36
N ARG F 228 34.04 6.93 22.90
CA ARG F 228 35.18 6.86 23.80
C ARG F 228 35.58 8.24 24.31
N ILE F 229 35.59 9.21 23.41
CA ILE F 229 35.94 10.55 23.82
C ILE F 229 34.86 11.06 24.78
N LEU F 230 33.62 10.70 24.51
CA LEU F 230 32.54 11.15 25.39
C LEU F 230 32.68 10.53 26.76
N GLN F 231 33.05 9.26 26.80
CA GLN F 231 33.22 8.56 28.05
C GLN F 231 34.40 9.15 28.82
N LYS F 232 35.46 9.55 28.11
CA LYS F 232 36.58 10.17 28.82
C LYS F 232 36.10 11.48 29.45
N GLN F 233 35.08 12.08 28.86
CA GLN F 233 34.54 13.33 29.39
C GLN F 233 33.63 13.13 30.62
N GLY F 234 33.16 11.91 30.87
CA GLY F 234 32.30 11.63 32.01
C GLY F 234 30.89 11.19 31.63
N PHE F 235 30.65 11.13 30.33
CA PHE F 235 29.36 10.72 29.81
C PHE F 235 29.36 9.20 29.74
N LYS F 236 28.41 8.56 30.42
CA LYS F 236 28.35 7.11 30.44
C LYS F 236 27.28 6.47 29.56
N PHE F 237 27.58 5.27 29.08
CA PHE F 237 26.64 4.56 28.20
C PHE F 237 26.41 3.11 28.53
N LYS F 238 25.16 2.69 28.34
CA LYS F 238 24.74 1.32 28.52
C LYS F 238 24.12 0.93 27.19
N LEU F 239 24.94 0.34 26.32
CA LEU F 239 24.46 -0.07 25.01
C LEU F 239 23.92 -1.51 25.11
N ASN F 240 23.11 -1.93 24.13
CA ASN F 240 22.53 -3.27 24.13
C ASN F 240 21.71 -3.43 25.40
N THR F 241 21.05 -2.35 25.80
CA THR F 241 20.24 -2.36 27.01
C THR F 241 18.94 -1.62 26.76
N LYS F 242 17.82 -2.25 27.06
CA LYS F 242 16.53 -1.59 26.86
C LYS F 242 15.90 -1.15 28.17
N VAL F 243 15.32 0.05 28.15
CA VAL F 243 14.63 0.54 29.31
C VAL F 243 13.25 -0.10 29.21
N THR F 244 12.71 -0.54 30.33
CA THR F 244 11.43 -1.21 30.32
C THR F 244 10.35 -0.42 31.04
N GLY F 245 10.76 0.41 32.00
CA GLY F 245 9.77 1.17 32.74
C GLY F 245 10.45 2.10 33.71
N ALA F 246 9.64 2.89 34.38
CA ALA F 246 10.18 3.82 35.35
C ALA F 246 9.10 4.02 36.37
N THR F 247 9.49 4.39 37.59
CA THR F 247 8.55 4.59 38.66
C THR F 247 9.05 5.66 39.58
N LYS F 248 8.19 6.59 39.95
CA LYS F 248 8.60 7.63 40.86
C LYS F 248 8.54 7.06 42.27
N LYS F 249 9.40 7.57 43.15
CA LYS F 249 9.48 7.16 44.54
C LYS F 249 9.23 8.37 45.45
N SER F 250 8.84 8.12 46.69
CA SER F 250 8.51 9.19 47.64
C SER F 250 9.61 10.22 47.84
N ASP F 251 10.85 9.83 47.54
CA ASP F 251 12.01 10.71 47.68
C ASP F 251 12.27 11.60 46.46
N GLY F 252 11.37 11.55 45.47
CA GLY F 252 11.52 12.37 44.27
C GLY F 252 12.42 11.74 43.22
N LYS F 253 12.97 10.58 43.53
CA LYS F 253 13.86 9.89 42.63
C LYS F 253 13.09 9.02 41.67
N ILE F 254 13.77 8.51 40.64
CA ILE F 254 13.13 7.67 39.65
C ILE F 254 13.93 6.41 39.41
N ASP F 255 13.25 5.25 39.49
CA ASP F 255 13.84 3.93 39.28
C ASP F 255 13.50 3.54 37.85
N VAL F 256 14.54 3.24 37.08
CA VAL F 256 14.35 2.87 35.69
C VAL F 256 14.65 1.41 35.54
N SER F 257 13.66 0.68 35.07
CA SER F 257 13.78 -0.76 34.84
C SER F 257 14.49 -0.99 33.54
N ILE F 258 15.59 -1.73 33.60
CA ILE F 258 16.33 -2.05 32.40
C ILE F 258 16.67 -3.54 32.34
N GLU F 259 17.18 -3.96 31.19
CA GLU F 259 17.59 -5.32 30.92
C GLU F 259 18.26 -5.37 29.56
N ALA F 260 19.02 -6.42 29.28
CA ALA F 260 19.71 -6.55 28.01
C ALA F 260 18.72 -6.50 26.85
N ALA F 261 19.18 -6.00 25.71
CA ALA F 261 18.34 -5.86 24.52
C ALA F 261 17.72 -7.20 24.12
N SER F 262 18.56 -8.24 24.11
CA SER F 262 18.15 -9.60 23.74
C SER F 262 17.27 -10.30 24.77
N GLY F 263 17.13 -9.68 25.94
CA GLY F 263 16.33 -10.23 27.01
C GLY F 263 17.09 -10.64 28.25
N GLY F 264 16.46 -10.51 29.40
CA GLY F 264 17.10 -10.89 30.65
C GLY F 264 18.06 -9.84 31.18
N LYS F 265 18.74 -10.20 32.26
CA LYS F 265 19.71 -9.34 32.93
C LYS F 265 19.02 -8.07 33.43
N ALA F 266 17.87 -8.25 34.05
CA ALA F 266 17.09 -7.13 34.55
C ALA F 266 17.71 -6.41 35.73
N GLU F 267 18.01 -5.13 35.54
CA GLU F 267 18.60 -4.34 36.61
C GLU F 267 17.77 -3.07 36.84
N VAL F 268 18.20 -2.25 37.81
CA VAL F 268 17.51 -1.01 38.13
C VAL F 268 18.51 0.09 38.38
N ILE F 269 18.24 1.26 37.81
CA ILE F 269 19.11 2.41 38.01
C ILE F 269 18.29 3.60 38.44
N THR F 270 18.86 4.39 39.32
CA THR F 270 18.17 5.55 39.84
C THR F 270 18.70 6.88 39.32
N CYS F 271 17.79 7.84 39.11
CA CYS F 271 18.15 9.17 38.63
C CYS F 271 17.23 10.25 39.19
N ASP F 272 17.58 11.52 38.99
CA ASP F 272 16.78 12.65 39.44
C ASP F 272 15.81 13.07 38.33
N VAL F 273 16.26 12.92 37.09
CA VAL F 273 15.40 13.21 35.96
C VAL F 273 15.64 12.16 34.88
N LEU F 274 14.55 11.82 34.21
CA LEU F 274 14.54 10.85 33.13
C LEU F 274 14.23 11.57 31.83
N LEU F 275 15.12 11.44 30.86
CA LEU F 275 14.91 12.05 29.55
C LEU F 275 14.58 10.98 28.52
N VAL F 276 13.33 10.98 28.04
CA VAL F 276 12.87 10.03 27.03
C VAL F 276 13.15 10.61 25.65
N CYS F 277 14.06 9.98 24.92
CA CYS F 277 14.48 10.44 23.59
C CYS F 277 14.47 9.27 22.65
N ILE F 278 13.36 8.58 22.53
CA ILE F 278 13.35 7.41 21.68
C ILE F 278 12.99 7.66 20.22
N GLY F 279 13.02 8.92 19.82
CA GLY F 279 12.67 9.26 18.45
C GLY F 279 11.56 10.30 18.27
N ARG F 280 11.25 10.56 17.01
CA ARG F 280 10.25 11.52 16.63
C ARG F 280 9.52 10.88 15.48
N ARG F 281 8.25 11.21 15.34
CA ARG F 281 7.42 10.64 14.30
C ARG F 281 6.67 11.71 13.56
N PRO F 282 6.25 11.39 12.34
CA PRO F 282 5.52 12.40 11.59
C PRO F 282 4.22 12.74 12.26
N PHE F 283 3.86 14.02 12.22
CA PHE F 283 2.63 14.50 12.81
C PHE F 283 1.62 15.04 11.78
N THR F 284 0.45 14.39 11.71
CA THR F 284 -0.60 14.74 10.76
C THR F 284 -2.00 14.66 11.38
N LYS F 285 -2.08 14.73 12.72
CA LYS F 285 -3.34 14.63 13.40
C LYS F 285 -4.37 15.66 12.91
N ASN F 286 -5.54 15.15 12.53
CA ASN F 286 -6.69 15.92 12.05
C ASN F 286 -6.46 16.85 10.87
N LEU F 287 -5.58 16.48 9.94
CA LEU F 287 -5.32 17.33 8.79
C LEU F 287 -6.45 17.15 7.79
N GLY F 288 -7.13 16.00 7.89
CA GLY F 288 -8.22 15.65 6.99
C GLY F 288 -7.78 14.64 5.92
N LEU F 289 -6.67 13.95 6.17
CA LEU F 289 -6.13 12.97 5.21
C LEU F 289 -7.04 11.80 4.93
N GLU F 290 -7.70 11.30 5.97
CA GLU F 290 -8.60 10.16 5.82
C GLU F 290 -9.69 10.42 4.77
N GLU F 291 -10.36 11.57 4.86
CA GLU F 291 -11.42 11.91 3.91
C GLU F 291 -10.93 12.21 2.51
N LEU F 292 -9.68 12.66 2.38
CA LEU F 292 -9.14 12.95 1.07
C LEU F 292 -8.68 11.65 0.43
N GLY F 293 -8.47 10.62 1.23
CA GLY F 293 -8.05 9.35 0.68
C GLY F 293 -6.53 9.24 0.58
N ILE F 294 -5.84 10.06 1.37
CA ILE F 294 -4.40 10.04 1.39
C ILE F 294 -3.86 9.13 2.51
N GLU F 295 -3.56 7.89 2.15
CA GLU F 295 -3.06 6.94 3.14
C GLU F 295 -1.59 7.14 3.50
N LEU F 296 -1.30 6.95 4.78
CA LEU F 296 0.06 7.05 5.28
C LEU F 296 0.82 5.73 5.08
N ASP F 297 2.13 5.75 5.32
CA ASP F 297 2.91 4.54 5.18
C ASP F 297 3.06 4.02 6.62
N PRO F 298 3.76 2.89 6.81
CA PRO F 298 3.96 2.31 8.15
C PRO F 298 4.52 3.23 9.23
N ARG F 299 5.31 4.21 8.81
CA ARG F 299 5.91 5.18 9.72
C ARG F 299 4.98 6.37 9.95
N GLY F 300 3.82 6.38 9.29
CA GLY F 300 2.92 7.48 9.45
C GLY F 300 3.32 8.63 8.55
N ARG F 301 4.09 8.36 7.51
CA ARG F 301 4.46 9.45 6.61
C ARG F 301 3.53 9.49 5.41
N ILE F 302 3.47 10.66 4.78
CA ILE F 302 2.67 10.93 3.57
C ILE F 302 3.53 10.59 2.35
N PRO F 303 3.12 9.61 1.53
CA PRO F 303 3.88 9.21 0.34
C PRO F 303 3.80 10.32 -0.72
N VAL F 304 4.92 10.70 -1.31
CA VAL F 304 4.92 11.77 -2.34
C VAL F 304 5.73 11.33 -3.53
N ASN F 305 5.53 12.02 -4.66
CA ASN F 305 6.25 11.71 -5.90
C ASN F 305 7.48 12.60 -6.07
N THR F 306 8.12 12.64 -7.23
CA THR F 306 9.32 13.46 -7.32
C THR F 306 9.12 14.97 -7.28
N ARG F 307 7.87 15.42 -7.32
CA ARG F 307 7.59 16.86 -7.24
C ARG F 307 6.96 17.19 -5.88
N PHE F 308 6.98 16.18 -5.01
CA PHE F 308 6.44 16.20 -3.66
C PHE F 308 4.92 16.25 -3.60
N GLN F 309 4.30 15.74 -4.66
CA GLN F 309 2.85 15.63 -4.78
C GLN F 309 2.34 14.34 -4.17
N THR F 310 1.23 14.45 -3.43
CA THR F 310 0.54 13.32 -2.82
C THR F 310 -0.32 12.68 -3.91
N LYS F 311 -1.17 11.73 -3.55
CA LYS F 311 -2.04 11.07 -4.54
C LYS F 311 -2.79 12.17 -5.29
N ILE F 312 -3.19 13.22 -4.55
CA ILE F 312 -3.91 14.37 -5.09
C ILE F 312 -2.85 15.39 -5.52
N PRO F 313 -2.63 15.48 -6.83
CA PRO F 313 -1.68 16.33 -7.56
C PRO F 313 -1.49 17.77 -7.11
N ASN F 314 -2.49 18.38 -6.49
CA ASN F 314 -2.33 19.75 -6.07
C ASN F 314 -2.06 19.86 -4.56
N ILE F 315 -1.90 18.71 -3.92
CA ILE F 315 -1.63 18.66 -2.50
C ILE F 315 -0.26 18.04 -2.32
N TYR F 316 0.62 18.77 -1.64
CA TYR F 316 1.99 18.36 -1.46
C TYR F 316 2.35 18.21 0.01
N ALA F 317 3.45 17.51 0.26
CA ALA F 317 3.98 17.29 1.61
C ALA F 317 5.51 17.32 1.57
N ILE F 318 6.11 18.00 2.53
CA ILE F 318 7.57 18.11 2.61
C ILE F 318 7.92 18.04 4.09
N GLY F 319 9.21 17.90 4.38
CA GLY F 319 9.67 17.90 5.75
C GLY F 319 9.65 16.59 6.49
N ASP F 320 9.53 16.72 7.81
CA ASP F 320 9.48 15.56 8.70
C ASP F 320 8.26 14.67 8.45
N VAL F 321 7.25 15.13 7.72
CA VAL F 321 6.10 14.25 7.45
C VAL F 321 6.37 13.37 6.23
N VAL F 322 7.49 13.58 5.53
CA VAL F 322 7.82 12.71 4.40
C VAL F 322 9.12 11.95 4.65
N ALA F 323 9.36 10.91 3.88
CA ALA F 323 10.55 10.10 4.06
C ALA F 323 11.85 10.88 3.84
N GLY F 324 12.91 10.34 4.37
CA GLY F 324 14.20 10.98 4.24
C GLY F 324 14.60 11.38 5.63
N PRO F 325 15.85 11.83 5.80
CA PRO F 325 16.30 12.24 7.12
C PRO F 325 15.53 13.40 7.70
N MET F 326 15.18 13.27 8.97
CA MET F 326 14.40 14.25 9.69
C MET F 326 15.28 15.35 10.21
N LEU F 327 15.71 16.22 9.30
CA LEU F 327 16.57 17.33 9.63
C LEU F 327 15.96 18.63 9.20
N ALA F 328 16.43 19.73 9.75
CA ALA F 328 15.91 21.04 9.39
C ALA F 328 16.35 21.44 7.97
N HIS F 329 17.63 21.23 7.63
CA HIS F 329 18.07 21.60 6.31
C HIS F 329 17.43 20.73 5.27
N LYS F 330 16.98 19.55 5.66
CA LYS F 330 16.32 18.66 4.70
C LYS F 330 14.93 19.19 4.31
N ALA F 331 14.18 19.58 5.33
CA ALA F 331 12.84 20.12 5.20
C ALA F 331 12.86 21.42 4.39
N GLU F 332 13.86 22.25 4.66
CA GLU F 332 14.00 23.50 3.95
C GLU F 332 14.20 23.27 2.47
N ASP F 333 15.15 22.42 2.13
CA ASP F 333 15.46 22.14 0.72
C ASP F 333 14.26 21.64 -0.04
N GLU F 334 13.52 20.72 0.57
CA GLU F 334 12.33 20.17 -0.03
C GLU F 334 11.27 21.25 -0.22
N GLY F 335 11.19 22.16 0.75
CA GLY F 335 10.19 23.22 0.69
C GLY F 335 10.46 24.13 -0.48
N ILE F 336 11.73 24.41 -0.66
CA ILE F 336 12.16 25.25 -1.74
C ILE F 336 12.01 24.58 -3.10
N ILE F 337 12.40 23.33 -3.24
CA ILE F 337 12.29 22.74 -4.55
C ILE F 337 10.85 22.35 -4.90
N CYS F 338 10.07 22.07 -3.88
CA CYS F 338 8.68 21.72 -4.11
C CYS F 338 7.99 22.87 -4.84
N VAL F 339 8.15 24.03 -4.24
CA VAL F 339 7.56 25.26 -4.71
C VAL F 339 8.19 25.68 -6.05
N GLU F 340 9.45 25.34 -6.27
CA GLU F 340 10.04 25.70 -7.54
C GLU F 340 9.38 24.83 -8.59
N GLY F 341 9.08 23.57 -8.22
CA GLY F 341 8.42 22.64 -9.12
C GLY F 341 7.02 23.14 -9.46
N MET F 342 6.33 23.69 -8.45
CA MET F 342 5.00 24.24 -8.63
C MET F 342 5.07 25.35 -9.70
N ALA F 343 6.22 26.04 -9.78
CA ALA F 343 6.39 27.10 -10.78
C ALA F 343 6.95 26.49 -12.07
N GLY F 344 6.92 25.16 -12.15
CA GLY F 344 7.38 24.49 -13.34
C GLY F 344 8.85 24.10 -13.42
N GLY F 345 9.67 24.54 -12.47
CA GLY F 345 11.07 24.23 -12.52
C GLY F 345 11.38 22.79 -12.17
N ALA F 346 12.63 22.39 -12.42
CA ALA F 346 13.07 21.03 -12.12
C ALA F 346 13.11 20.86 -10.59
N VAL F 347 12.89 19.64 -10.11
CA VAL F 347 12.89 19.35 -8.68
C VAL F 347 13.88 18.20 -8.41
N HIS F 348 14.96 18.51 -7.69
CA HIS F 348 16.01 17.53 -7.37
C HIS F 348 16.62 17.66 -5.97
N ILE F 349 16.86 16.50 -5.36
CA ILE F 349 17.47 16.43 -4.05
C ILE F 349 17.98 14.99 -3.87
N ASP F 350 19.26 14.86 -3.51
CA ASP F 350 19.86 13.56 -3.29
C ASP F 350 20.08 13.40 -1.79
N TYR F 351 19.30 12.52 -1.18
CA TYR F 351 19.42 12.34 0.25
C TYR F 351 20.80 11.89 0.68
N ASN F 352 21.54 11.34 -0.27
CA ASN F 352 22.90 10.88 -0.02
C ASN F 352 23.81 12.08 0.22
N CYS F 353 23.40 13.25 -0.27
CA CYS F 353 24.19 14.47 -0.12
C CYS F 353 23.70 15.40 1.00
N VAL F 354 22.77 14.91 1.82
CA VAL F 354 22.20 15.65 2.96
C VAL F 354 23.12 15.42 4.15
N PRO F 355 23.76 16.49 4.65
CA PRO F 355 24.65 16.28 5.78
C PRO F 355 23.98 16.12 7.15
N SER F 356 24.69 15.44 8.05
CA SER F 356 24.28 15.16 9.43
C SER F 356 25.35 15.75 10.35
N VAL F 357 24.91 16.43 11.41
CA VAL F 357 25.84 17.04 12.35
C VAL F 357 25.44 16.77 13.78
N ILE F 358 26.44 16.51 14.62
CA ILE F 358 26.21 16.33 16.04
C ILE F 358 27.03 17.43 16.69
N TYR F 359 26.35 18.38 17.33
CA TYR F 359 26.96 19.56 17.96
C TYR F 359 27.61 19.45 19.35
N THR F 360 28.13 18.28 19.66
CA THR F 360 28.80 18.10 20.92
C THR F 360 30.18 18.72 20.74
N HIS F 361 31.08 18.47 21.67
CA HIS F 361 32.44 18.96 21.56
C HIS F 361 33.29 17.82 22.04
N PRO F 362 34.00 17.13 21.13
CA PRO F 362 34.07 17.37 19.70
C PRO F 362 32.78 17.13 18.91
N GLU F 363 32.68 17.77 17.77
CA GLU F 363 31.51 17.62 16.94
C GLU F 363 31.68 16.38 16.07
N VAL F 364 30.60 16.02 15.38
CA VAL F 364 30.65 14.91 14.47
C VAL F 364 29.77 15.28 13.30
N ALA F 365 30.28 15.15 12.10
CA ALA F 365 29.47 15.45 10.94
C ALA F 365 29.91 14.54 9.79
N TRP F 366 28.97 14.27 8.91
CA TRP F 366 29.23 13.43 7.76
C TRP F 366 28.18 13.57 6.67
N VAL F 367 28.59 13.22 5.48
CA VAL F 367 27.72 13.28 4.32
C VAL F 367 28.24 12.17 3.43
N GLY F 368 27.38 11.63 2.58
CA GLY F 368 27.82 10.55 1.72
C GLY F 368 27.61 9.20 2.38
N LYS F 369 28.48 8.22 2.11
CA LYS F 369 28.29 6.89 2.67
C LYS F 369 29.29 6.44 3.72
N SER F 370 28.81 5.59 4.64
CA SER F 370 29.65 5.03 5.71
C SER F 370 30.31 3.74 5.19
N GLU F 371 31.30 3.24 5.92
CA GLU F 371 31.94 1.99 5.50
C GLU F 371 30.92 0.86 5.42
N GLU F 372 30.05 0.77 6.42
CA GLU F 372 29.02 -0.28 6.44
C GLU F 372 28.18 -0.19 5.17
N GLN F 373 27.76 1.01 4.83
CA GLN F 373 26.95 1.19 3.64
C GLN F 373 27.66 0.73 2.38
N LEU F 374 28.92 1.13 2.21
CA LEU F 374 29.68 0.72 1.03
C LEU F 374 29.81 -0.81 0.99
N LYS F 375 30.09 -1.44 2.14
CA LYS F 375 30.21 -2.89 2.18
C LYS F 375 28.91 -3.54 1.82
N GLU F 376 27.81 -2.97 2.29
CA GLU F 376 26.49 -3.50 2.00
C GLU F 376 26.18 -3.39 0.53
N GLU F 377 26.53 -2.26 -0.06
CA GLU F 377 26.27 -2.03 -1.46
C GLU F 377 27.22 -2.78 -2.38
N GLY F 378 28.32 -3.26 -1.82
CA GLY F 378 29.28 -4.01 -2.61
C GLY F 378 30.30 -3.22 -3.39
N ILE F 379 30.56 -1.98 -2.96
CA ILE F 379 31.50 -1.09 -3.62
C ILE F 379 32.95 -1.24 -3.10
N GLU F 380 33.92 -1.20 -4.01
CA GLU F 380 35.33 -1.28 -3.64
C GLU F 380 35.79 0.14 -3.30
N TYR F 381 36.41 0.31 -2.14
CA TYR F 381 36.81 1.65 -1.77
C TYR F 381 38.12 1.74 -1.05
N LYS F 382 38.67 2.94 -1.05
CA LYS F 382 39.92 3.17 -0.36
C LYS F 382 39.64 4.17 0.77
N VAL F 383 40.37 4.02 1.86
CA VAL F 383 40.24 4.85 3.05
C VAL F 383 41.43 5.82 3.25
N GLY F 384 41.09 7.06 3.61
CA GLY F 384 42.08 8.09 3.85
C GLY F 384 41.77 8.78 5.18
N LYS F 385 42.69 8.67 6.14
CA LYS F 385 42.46 9.29 7.43
C LYS F 385 43.48 10.36 7.77
N PHE F 386 43.07 11.27 8.62
CA PHE F 386 43.94 12.33 9.12
C PHE F 386 43.47 12.82 10.50
N PRO F 387 44.33 12.64 11.51
CA PRO F 387 44.00 13.04 12.86
C PRO F 387 44.19 14.53 13.11
N PHE F 388 43.24 15.13 13.82
CA PHE F 388 43.32 16.56 14.16
C PHE F 388 44.56 16.88 15.01
N ALA F 389 45.11 15.85 15.67
CA ALA F 389 46.29 16.04 16.50
C ALA F 389 47.48 16.43 15.62
N ALA F 390 47.37 16.21 14.33
CA ALA F 390 48.46 16.55 13.41
C ALA F 390 48.09 17.76 12.55
N ASN F 391 46.96 18.40 12.87
CA ASN F 391 46.52 19.59 12.17
C ASN F 391 47.00 20.82 12.93
N SER F 392 47.62 21.74 12.20
CA SER F 392 48.17 22.97 12.78
C SER F 392 47.23 23.87 13.54
N ARG F 393 46.04 24.15 13.00
CA ARG F 393 45.14 25.02 13.75
C ARG F 393 44.69 24.33 15.01
N ALA F 394 44.28 23.08 14.87
CA ALA F 394 43.82 22.29 16.02
C ALA F 394 44.86 22.30 17.12
N LYS F 395 46.10 21.97 16.78
CA LYS F 395 47.18 21.92 17.74
C LYS F 395 47.46 23.26 18.40
N THR F 396 47.53 24.31 17.60
CA THR F 396 47.76 25.63 18.14
C THR F 396 46.60 26.01 19.08
N ASN F 397 45.37 25.60 18.77
CA ASN F 397 44.24 25.93 19.63
C ASN F 397 44.12 24.98 20.84
N ALA F 398 44.87 23.89 20.82
CA ALA F 398 44.82 22.89 21.88
C ALA F 398 43.42 22.25 21.95
N ASP F 399 42.91 21.83 20.80
CA ASP F 399 41.62 21.18 20.68
C ASP F 399 41.94 20.18 19.59
N THR F 400 42.46 19.02 20.00
CA THR F 400 42.91 18.04 19.03
C THR F 400 42.17 16.71 18.87
N ASP F 401 41.03 16.54 19.52
CA ASP F 401 40.28 15.28 19.41
C ASP F 401 39.88 14.90 18.00
N GLY F 402 39.84 13.60 17.76
CA GLY F 402 39.37 13.07 16.50
C GLY F 402 40.12 13.09 15.20
N MET F 403 39.33 12.95 14.14
CA MET F 403 39.86 12.88 12.80
C MET F 403 38.83 13.06 11.70
N VAL F 404 39.40 13.15 10.52
CA VAL F 404 38.65 13.24 9.29
C VAL F 404 38.85 11.92 8.51
N LYS F 405 37.76 11.23 8.19
CA LYS F 405 37.88 10.05 7.36
C LYS F 405 37.20 10.22 5.99
N ILE F 406 37.96 9.88 4.95
CA ILE F 406 37.51 9.94 3.57
C ILE F 406 37.36 8.55 2.94
N LEU F 407 36.25 8.34 2.23
CA LEU F 407 36.01 7.07 1.55
C LEU F 407 35.89 7.36 0.08
N GLY F 408 36.83 6.82 -0.70
CA GLY F 408 36.80 7.03 -2.13
C GLY F 408 36.61 5.72 -2.89
N GLN F 409 35.90 5.80 -4.02
CA GLN F 409 35.71 4.61 -4.84
C GLN F 409 37.09 4.25 -5.39
N LYS F 410 37.49 3.00 -5.18
CA LYS F 410 38.78 2.49 -5.60
C LYS F 410 39.16 2.72 -7.06
N SER F 411 38.21 2.56 -7.97
CA SER F 411 38.49 2.72 -9.38
C SER F 411 38.56 4.17 -9.87
N THR F 412 37.55 4.97 -9.52
CA THR F 412 37.48 6.36 -9.94
C THR F 412 38.05 7.44 -9.01
N ASP F 413 38.49 7.06 -7.82
CA ASP F 413 39.02 8.04 -6.88
C ASP F 413 37.93 9.05 -6.49
N ARG F 414 36.68 8.70 -6.79
CA ARG F 414 35.54 9.53 -6.46
C ARG F 414 35.25 9.48 -4.96
N VAL F 415 35.07 10.63 -4.34
CA VAL F 415 34.74 10.63 -2.93
C VAL F 415 33.32 10.08 -2.74
N LEU F 416 33.14 9.13 -1.84
CA LEU F 416 31.82 8.54 -1.62
C LEU F 416 31.22 8.95 -0.24
N GLY F 417 32.11 9.16 0.72
CA GLY F 417 31.67 9.56 2.05
C GLY F 417 32.71 10.38 2.79
N ALA F 418 32.23 11.35 3.56
CA ALA F 418 33.11 12.19 4.37
C ALA F 418 32.55 12.15 5.77
N HIS F 419 33.41 11.75 6.72
CA HIS F 419 33.04 11.63 8.13
C HIS F 419 34.05 12.39 8.97
N ILE F 420 33.57 13.31 9.80
CA ILE F 420 34.45 14.12 10.60
C ILE F 420 34.16 14.01 12.09
N LEU F 421 35.21 13.88 12.89
CA LEU F 421 35.10 13.79 14.33
C LEU F 421 36.11 14.77 14.90
N GLY F 422 35.64 15.85 15.49
CA GLY F 422 36.58 16.79 16.02
C GLY F 422 36.12 18.21 15.86
N PRO F 423 37.01 19.16 16.12
CA PRO F 423 36.65 20.57 16.00
C PRO F 423 36.27 21.03 14.62
N GLY F 424 35.20 21.81 14.55
CA GLY F 424 34.75 22.39 13.30
C GLY F 424 34.05 21.43 12.36
N ALA F 425 33.73 20.25 12.86
CA ALA F 425 33.07 19.22 12.06
C ALA F 425 31.86 19.73 11.30
N GLY F 426 30.97 20.42 12.02
CA GLY F 426 29.71 20.95 11.49
C GLY F 426 29.82 21.91 10.33
N GLU F 427 30.79 22.80 10.42
CA GLU F 427 31.00 23.77 9.36
C GLU F 427 31.72 23.11 8.20
N MET F 428 32.61 22.17 8.52
CA MET F 428 33.41 21.50 7.53
C MET F 428 32.65 20.55 6.59
N VAL F 429 31.66 19.85 7.14
CA VAL F 429 30.95 18.92 6.32
C VAL F 429 30.34 19.61 5.12
N ASN F 430 30.16 20.90 5.21
CA ASN F 430 29.57 21.59 4.09
C ASN F 430 30.48 21.70 2.88
N GLU F 431 31.80 21.74 3.12
CA GLU F 431 32.77 21.77 2.02
C GLU F 431 32.66 20.41 1.33
N ALA F 432 32.55 19.38 2.16
CA ALA F 432 32.41 18.04 1.66
C ALA F 432 31.09 17.91 0.90
N ALA F 433 30.03 18.52 1.40
CA ALA F 433 28.78 18.38 0.68
C ALA F 433 28.88 18.98 -0.73
N LEU F 434 29.65 20.04 -0.91
CA LEU F 434 29.79 20.64 -2.23
C LEU F 434 30.58 19.69 -3.13
N ALA F 435 31.71 19.20 -2.61
CA ALA F 435 32.55 18.24 -3.32
C ALA F 435 31.70 17.08 -3.85
N LEU F 436 30.88 16.47 -2.99
CA LEU F 436 30.03 15.37 -3.41
C LEU F 436 29.03 15.79 -4.47
N GLU F 437 28.57 17.03 -4.40
CA GLU F 437 27.60 17.51 -5.37
C GLU F 437 28.22 17.55 -6.76
N TYR F 438 29.50 17.91 -6.80
CA TYR F 438 30.25 17.97 -8.05
C TYR F 438 30.83 16.65 -8.50
N GLY F 439 30.76 15.62 -7.66
CA GLY F 439 31.33 14.34 -8.06
C GLY F 439 32.84 14.44 -8.02
N ALA F 440 33.34 15.16 -7.04
CA ALA F 440 34.77 15.38 -6.82
C ALA F 440 35.50 14.06 -6.59
N SER F 441 36.76 14.04 -6.94
CA SER F 441 37.61 12.88 -6.74
C SER F 441 38.43 13.28 -5.49
N CYS F 442 39.00 12.31 -4.79
CA CYS F 442 39.81 12.63 -3.61
C CYS F 442 40.95 13.53 -3.99
N GLU F 443 41.47 13.32 -5.20
CA GLU F 443 42.58 14.09 -5.76
C GLU F 443 42.19 15.55 -6.04
N ASP F 444 40.99 15.76 -6.58
CA ASP F 444 40.52 17.11 -6.82
C ASP F 444 40.61 17.87 -5.51
N ILE F 445 40.01 17.31 -4.46
CA ILE F 445 40.03 17.96 -3.16
C ILE F 445 41.42 18.22 -2.64
N ALA F 446 42.29 17.24 -2.83
CA ALA F 446 43.65 17.35 -2.35
C ALA F 446 44.45 18.46 -3.03
N ARG F 447 44.04 18.85 -4.24
CA ARG F 447 44.75 19.89 -4.97
C ARG F 447 44.19 21.30 -4.80
N VAL F 448 43.04 21.41 -4.17
CA VAL F 448 42.45 22.72 -3.92
C VAL F 448 43.27 23.36 -2.82
N CYS F 449 43.63 24.63 -3.01
CA CYS F 449 44.44 25.32 -2.02
C CYS F 449 43.56 25.64 -0.81
N HIS F 450 44.04 25.24 0.36
CA HIS F 450 43.31 25.54 1.57
C HIS F 450 44.16 26.49 2.36
N ALA F 451 43.53 27.45 3.01
CA ALA F 451 44.26 28.40 3.82
C ALA F 451 44.98 27.69 4.97
N HIS F 452 46.18 28.15 5.29
CA HIS F 452 46.97 27.64 6.39
C HIS F 452 47.18 28.75 7.41
N PRO F 453 46.94 28.47 8.69
CA PRO F 453 46.47 27.17 9.17
C PRO F 453 44.96 27.11 9.39
N THR F 454 44.33 26.02 8.94
CA THR F 454 42.89 25.83 9.15
C THR F 454 42.59 24.35 9.29
N LEU F 455 41.54 24.09 10.06
CA LEU F 455 41.08 22.76 10.30
C LEU F 455 40.78 22.09 8.98
N SER F 456 40.38 22.88 7.98
CA SER F 456 40.02 22.30 6.68
C SER F 456 41.20 21.55 6.04
N GLU F 457 42.42 21.89 6.49
CA GLU F 457 43.63 21.24 5.99
C GLU F 457 43.57 19.74 6.37
N ALA F 458 42.85 19.42 7.44
CA ALA F 458 42.74 18.03 7.86
C ALA F 458 41.95 17.27 6.83
N PHE F 459 40.97 17.96 6.26
CA PHE F 459 40.09 17.40 5.26
C PHE F 459 40.85 17.24 3.95
N ARG F 460 41.69 18.21 3.67
CA ARG F 460 42.48 18.17 2.45
C ARG F 460 43.42 16.96 2.47
N GLU F 461 44.06 16.78 3.61
CA GLU F 461 45.03 15.70 3.81
C GLU F 461 44.40 14.32 3.80
N ALA F 462 43.20 14.19 4.34
CA ALA F 462 42.55 12.90 4.36
C ALA F 462 42.27 12.53 2.93
N ASN F 463 41.97 13.54 2.13
CA ASN F 463 41.68 13.28 0.74
C ASN F 463 42.95 12.89 0.04
N LEU F 464 44.07 13.52 0.41
CA LEU F 464 45.35 13.20 -0.19
C LEU F 464 45.69 11.75 0.20
N ALA F 465 45.56 11.41 1.48
CA ALA F 465 45.86 10.06 1.92
C ALA F 465 45.04 8.99 1.17
N ALA F 466 43.83 9.35 0.78
CA ALA F 466 42.99 8.41 0.04
C ALA F 466 43.35 8.38 -1.44
N SER F 467 43.78 9.50 -1.99
CA SER F 467 44.15 9.54 -3.38
C SER F 467 45.60 9.03 -3.58
N PHE F 468 46.53 9.63 -2.86
CA PHE F 468 47.93 9.28 -2.98
C PHE F 468 48.39 8.08 -2.17
N GLY F 469 47.87 7.96 -0.94
CA GLY F 469 48.27 6.86 -0.07
C GLY F 469 48.85 7.39 1.23
N LYS F 470 49.45 8.56 1.16
CA LYS F 470 50.05 9.18 2.33
C LYS F 470 49.68 10.65 2.28
N SER F 471 49.72 11.31 3.43
CA SER F 471 49.45 12.74 3.47
C SER F 471 50.82 13.37 3.73
N ILE F 472 50.86 14.70 3.83
CA ILE F 472 52.11 15.39 4.10
C ILE F 472 52.47 15.39 5.58
N ASN F 473 51.54 15.90 6.39
CA ASN F 473 51.75 16.04 7.83
C ASN F 473 51.45 14.90 8.77
N PHE F 474 51.26 13.71 8.23
CA PHE F 474 51.05 12.54 9.07
C PHE F 474 51.53 11.28 8.35
N GLN G 3 18.00 -44.89 54.10
CA GLN G 3 19.15 -45.56 53.42
C GLN G 3 19.97 -44.64 52.50
N PRO G 4 20.74 -43.73 53.09
CA PRO G 4 21.56 -42.81 52.31
C PRO G 4 22.76 -43.43 51.57
N ILE G 5 23.29 -42.68 50.61
CA ILE G 5 24.42 -43.09 49.81
C ILE G 5 25.53 -42.08 50.14
N ASP G 6 26.79 -42.50 50.04
CA ASP G 6 27.87 -41.57 50.30
C ASP G 6 28.76 -41.58 49.06
N ALA G 7 29.29 -40.42 48.71
CA ALA G 7 30.12 -40.31 47.54
C ALA G 7 31.18 -39.28 47.74
N ASP G 8 32.11 -39.22 46.80
CA ASP G 8 33.15 -38.21 46.85
C ASP G 8 32.62 -37.07 45.99
N VAL G 9 32.04 -37.42 44.84
CA VAL G 9 31.50 -36.46 43.89
C VAL G 9 30.05 -36.75 43.52
N THR G 10 29.22 -35.73 43.67
CA THR G 10 27.84 -35.89 43.29
C THR G 10 27.59 -34.80 42.24
N VAL G 11 27.19 -35.22 41.04
CA VAL G 11 26.91 -34.30 39.97
C VAL G 11 25.40 -34.17 39.83
N ILE G 12 24.91 -32.94 39.89
CA ILE G 12 23.48 -32.72 39.75
C ILE G 12 23.29 -32.27 38.31
N GLY G 13 22.76 -33.19 37.48
CA GLY G 13 22.53 -32.93 36.08
C GLY G 13 23.37 -33.85 35.22
N SER G 14 22.78 -34.41 34.16
CA SER G 14 23.50 -35.33 33.27
C SER G 14 23.54 -34.85 31.82
N GLY G 15 23.60 -33.54 31.64
CA GLY G 15 23.69 -32.97 30.32
C GLY G 15 25.14 -33.15 29.89
N PRO G 16 25.56 -32.55 28.76
CA PRO G 16 26.95 -32.70 28.30
C PRO G 16 27.99 -32.48 29.42
N GLY G 17 27.84 -31.41 30.17
CA GLY G 17 28.77 -31.15 31.24
C GLY G 17 28.71 -32.17 32.38
N GLY G 18 27.49 -32.38 32.91
CA GLY G 18 27.29 -33.29 34.02
C GLY G 18 27.65 -34.74 33.77
N TYR G 19 27.25 -35.29 32.63
CA TYR G 19 27.56 -36.70 32.38
C TYR G 19 29.01 -36.96 32.05
N VAL G 20 29.66 -36.01 31.38
CA VAL G 20 31.09 -36.17 31.07
C VAL G 20 31.85 -36.04 32.42
N ALA G 21 31.49 -35.05 33.23
CA ALA G 21 32.08 -34.82 34.56
C ALA G 21 32.01 -36.07 35.43
N ALA G 22 30.83 -36.68 35.47
CA ALA G 22 30.62 -37.89 36.25
C ALA G 22 31.55 -39.02 35.79
N ILE G 23 31.62 -39.26 34.48
CA ILE G 23 32.47 -40.34 33.97
C ILE G 23 33.93 -40.09 34.26
N LYS G 24 34.39 -38.88 33.94
CA LYS G 24 35.78 -38.53 34.18
C LYS G 24 36.10 -38.67 35.64
N ALA G 25 35.20 -38.18 36.49
CA ALA G 25 35.44 -38.29 37.92
C ALA G 25 35.59 -39.76 38.34
N ALA G 26 34.72 -40.62 37.85
CA ALA G 26 34.83 -42.02 38.20
C ALA G 26 36.15 -42.62 37.69
N GLN G 27 36.62 -42.16 36.53
CA GLN G 27 37.85 -42.70 35.98
C GLN G 27 39.02 -42.17 36.76
N LEU G 28 38.84 -41.05 37.44
CA LEU G 28 39.92 -40.49 38.25
C LEU G 28 39.97 -41.18 39.63
N GLY G 29 38.98 -42.03 39.91
CA GLY G 29 38.94 -42.76 41.17
C GLY G 29 37.93 -42.30 42.20
N PHE G 30 37.14 -41.27 41.88
CA PHE G 30 36.15 -40.75 42.83
C PHE G 30 34.89 -41.61 42.87
N LYS G 31 34.33 -41.82 44.05
CA LYS G 31 33.08 -42.55 44.11
C LYS G 31 32.11 -41.48 43.62
N THR G 32 31.47 -41.76 42.48
CA THR G 32 30.60 -40.78 41.86
C THR G 32 29.14 -41.07 41.71
N VAL G 33 28.35 -40.05 42.02
CA VAL G 33 26.91 -40.08 41.88
C VAL G 33 26.46 -38.98 40.91
N CYS G 34 25.53 -39.33 40.01
CA CYS G 34 24.96 -38.34 39.10
C CYS G 34 23.45 -38.41 39.24
N ILE G 35 22.85 -37.25 39.54
CA ILE G 35 21.39 -37.08 39.69
C ILE G 35 20.75 -36.44 38.45
N GLU G 36 19.69 -37.06 37.95
CA GLU G 36 18.98 -36.54 36.78
C GLU G 36 17.48 -36.54 37.05
N LYS G 37 16.81 -35.41 36.83
CA LYS G 37 15.38 -35.31 37.08
C LYS G 37 14.54 -35.83 35.89
N ASN G 38 15.06 -35.71 34.65
CA ASN G 38 14.34 -36.16 33.47
C ASN G 38 14.36 -37.68 33.30
N GLU G 39 13.58 -38.15 32.35
CA GLU G 39 13.42 -39.57 32.06
C GLU G 39 14.63 -40.27 31.48
N THR G 40 15.40 -39.54 30.71
CA THR G 40 16.59 -40.06 30.08
C THR G 40 17.75 -39.19 30.54
N LEU G 41 18.97 -39.69 30.31
CA LEU G 41 20.17 -38.96 30.66
C LEU G 41 20.51 -38.17 29.42
N GLY G 42 21.41 -37.20 29.53
CA GLY G 42 21.81 -36.50 28.34
C GLY G 42 21.56 -35.01 28.25
N GLY G 43 20.60 -34.55 29.05
CA GLY G 43 20.30 -33.16 29.05
C GLY G 43 19.65 -32.61 27.82
N THR G 44 19.78 -31.31 27.72
CA THR G 44 19.23 -30.55 26.62
C THR G 44 19.73 -31.04 25.29
N CYS G 45 21.05 -31.01 25.10
CA CYS G 45 21.68 -31.40 23.85
C CYS G 45 21.23 -32.69 23.26
N LEU G 46 21.40 -33.75 24.02
CA LEU G 46 21.02 -35.05 23.51
C LEU G 46 19.51 -35.23 23.28
N ASN G 47 18.71 -34.73 24.21
CA ASN G 47 17.30 -34.95 24.13
C ASN G 47 16.46 -34.04 23.29
N VAL G 48 16.76 -32.74 23.33
CA VAL G 48 16.01 -31.74 22.58
C VAL G 48 16.90 -30.63 22.03
N GLY G 49 18.19 -30.93 21.88
CA GLY G 49 19.10 -29.91 21.39
C GLY G 49 19.89 -30.24 20.15
N CYS G 50 21.20 -30.22 20.28
CA CYS G 50 22.09 -30.52 19.19
C CYS G 50 21.80 -31.83 18.43
N ILE G 51 21.61 -32.90 19.18
CA ILE G 51 21.41 -34.17 18.50
C ILE G 51 20.22 -34.24 17.58
N PRO G 52 18.99 -34.05 18.09
CA PRO G 52 17.86 -34.14 17.16
C PRO G 52 17.91 -33.05 16.08
N SER G 53 18.40 -31.87 16.45
CA SER G 53 18.44 -30.79 15.47
C SER G 53 19.39 -31.09 14.31
N LYS G 54 20.59 -31.60 14.60
CA LYS G 54 21.53 -31.95 13.53
C LYS G 54 20.99 -33.13 12.67
N ALA G 55 20.17 -33.99 13.27
CA ALA G 55 19.57 -35.12 12.54
C ALA G 55 18.61 -34.55 11.47
N LEU G 56 17.81 -33.56 11.85
CA LEU G 56 16.91 -32.96 10.88
C LEU G 56 17.67 -32.14 9.86
N LEU G 57 18.73 -31.48 10.29
CA LEU G 57 19.53 -30.71 9.36
C LEU G 57 20.15 -31.62 8.30
N ASN G 58 20.49 -32.83 8.68
CA ASN G 58 21.14 -33.71 7.73
C ASN G 58 20.13 -34.32 6.76
N ASN G 59 18.98 -34.74 7.28
CA ASN G 59 17.97 -35.36 6.44
C ASN G 59 17.30 -34.38 5.49
N SER G 60 16.99 -33.20 6.01
CA SER G 60 16.33 -32.17 5.26
C SER G 60 17.25 -31.70 4.16
N HIS G 61 18.54 -31.65 4.43
CA HIS G 61 19.46 -31.20 3.41
C HIS G 61 19.44 -32.22 2.29
N TYR G 62 19.49 -33.51 2.65
CA TYR G 62 19.47 -34.58 1.66
C TYR G 62 18.10 -34.64 0.94
N TYR G 63 17.02 -34.29 1.63
CA TYR G 63 15.72 -34.28 0.97
C TYR G 63 15.76 -33.28 -0.18
N HIS G 64 16.31 -32.10 0.14
CA HIS G 64 16.48 -31.00 -0.79
C HIS G 64 17.37 -31.36 -2.01
N MET G 65 18.42 -32.16 -1.78
CA MET G 65 19.31 -32.59 -2.85
C MET G 65 18.64 -33.61 -3.77
N ALA G 66 17.57 -34.25 -3.27
CA ALA G 66 16.83 -35.25 -4.06
C ALA G 66 15.65 -34.61 -4.77
N HIS G 67 14.88 -33.84 -4.02
CA HIS G 67 13.69 -33.18 -4.51
C HIS G 67 14.07 -32.13 -5.57
N GLY G 68 15.12 -31.38 -5.26
CA GLY G 68 15.57 -30.34 -6.16
C GLY G 68 16.49 -30.77 -7.29
N THR G 69 17.32 -29.83 -7.71
CA THR G 69 18.25 -29.99 -8.80
C THR G 69 19.48 -30.89 -8.65
N ASP G 70 20.12 -30.79 -7.48
CA ASP G 70 21.37 -31.49 -7.21
C ASP G 70 21.52 -32.91 -7.75
N PHE G 71 20.67 -33.82 -7.30
CA PHE G 71 20.77 -35.20 -7.74
C PHE G 71 20.56 -35.42 -9.25
N ALA G 72 19.53 -34.77 -9.82
CA ALA G 72 19.28 -34.91 -11.25
C ALA G 72 20.54 -34.54 -11.99
N SER G 73 21.26 -33.54 -11.49
CA SER G 73 22.48 -33.10 -12.15
C SER G 73 23.66 -34.06 -12.08
N ARG G 74 23.55 -35.09 -11.24
CA ARG G 74 24.65 -36.04 -11.14
C ARG G 74 24.22 -37.35 -11.75
N GLY G 75 23.06 -37.33 -12.41
CA GLY G 75 22.58 -38.53 -13.05
C GLY G 75 21.79 -39.50 -12.19
N ILE G 76 21.30 -39.00 -11.05
CA ILE G 76 20.51 -39.82 -10.17
C ILE G 76 19.07 -39.37 -10.46
N GLU G 77 18.50 -39.98 -11.48
CA GLU G 77 17.14 -39.60 -11.89
C GLU G 77 16.09 -40.30 -11.08
N MET G 78 15.07 -39.52 -10.68
CA MET G 78 14.01 -40.09 -9.87
C MET G 78 12.63 -39.65 -10.25
N SER G 79 11.69 -40.52 -9.93
CA SER G 79 10.28 -40.33 -10.18
C SER G 79 9.68 -39.16 -9.37
N GLU G 80 8.99 -39.48 -8.29
CA GLU G 80 8.40 -38.43 -7.48
C GLU G 80 9.11 -38.50 -6.14
N VAL G 81 9.81 -37.44 -5.74
CA VAL G 81 10.47 -37.48 -4.46
C VAL G 81 9.48 -36.95 -3.44
N ARG G 82 9.01 -37.82 -2.55
CA ARG G 82 8.09 -37.42 -1.49
C ARG G 82 8.76 -37.34 -0.11
N LEU G 83 8.12 -36.57 0.76
CA LEU G 83 8.62 -36.42 2.11
C LEU G 83 7.74 -37.25 3.03
N ASN G 84 8.33 -38.21 3.73
CA ASN G 84 7.56 -39.00 4.67
C ASN G 84 8.07 -38.41 5.97
N LEU G 85 7.33 -37.46 6.54
CA LEU G 85 7.77 -36.80 7.75
C LEU G 85 7.88 -37.71 8.94
N ASP G 86 7.02 -38.71 9.03
CA ASP G 86 7.06 -39.58 10.19
C ASP G 86 8.34 -40.40 10.20
N LYS G 87 8.70 -40.92 9.04
CA LYS G 87 9.90 -41.72 8.92
C LYS G 87 11.18 -40.86 9.14
N MET G 88 11.18 -39.63 8.66
CA MET G 88 12.31 -38.76 8.83
C MET G 88 12.43 -38.48 10.32
N MET G 89 11.30 -38.30 11.00
CA MET G 89 11.33 -38.02 12.45
C MET G 89 11.76 -39.26 13.22
N GLU G 90 11.51 -40.42 12.62
CA GLU G 90 11.87 -41.70 13.21
C GLU G 90 13.38 -41.86 13.25
N GLN G 91 14.04 -41.54 12.14
CA GLN G 91 15.50 -41.60 12.09
C GLN G 91 16.06 -40.67 13.21
N LYS G 92 15.43 -39.54 13.42
CA LYS G 92 15.89 -38.61 14.45
C LYS G 92 15.74 -39.22 15.83
N SER G 93 14.57 -39.78 16.08
CA SER G 93 14.25 -40.37 17.38
C SER G 93 15.05 -41.59 17.70
N THR G 94 15.31 -42.38 16.67
CA THR G 94 16.07 -43.60 16.80
C THR G 94 17.53 -43.26 17.14
N ALA G 95 18.01 -42.13 16.63
CA ALA G 95 19.38 -41.74 16.91
C ALA G 95 19.52 -41.29 18.36
N VAL G 96 18.55 -40.49 18.81
CA VAL G 96 18.53 -39.94 20.13
C VAL G 96 18.38 -41.07 21.16
N LYS G 97 17.50 -42.03 20.86
CA LYS G 97 17.30 -43.15 21.78
C LYS G 97 18.60 -43.94 21.93
N ALA G 98 19.27 -44.23 20.82
CA ALA G 98 20.51 -44.97 20.92
C ALA G 98 21.60 -44.26 21.77
N LEU G 99 21.71 -42.94 21.62
CA LEU G 99 22.70 -42.17 22.37
C LEU G 99 22.34 -42.02 23.84
N THR G 100 21.06 -41.92 24.17
CA THR G 100 20.69 -41.84 25.61
C THR G 100 21.01 -43.21 26.18
N GLY G 101 20.83 -44.24 25.36
CA GLY G 101 21.12 -45.60 25.79
C GLY G 101 22.61 -45.69 26.11
N GLY G 102 23.43 -45.16 25.19
CA GLY G 102 24.87 -45.18 25.37
C GLY G 102 25.36 -44.60 26.68
N ILE G 103 24.73 -43.54 27.14
CA ILE G 103 25.14 -42.89 28.38
C ILE G 103 24.84 -43.77 29.59
N ALA G 104 23.68 -44.41 29.59
CA ALA G 104 23.32 -45.27 30.70
C ALA G 104 24.39 -46.35 30.80
N HIS G 105 24.79 -46.91 29.67
N HIS G 105 24.78 -46.93 29.66
CA HIS G 105 25.80 -47.95 29.64
CA HIS G 105 25.81 -47.97 29.61
C HIS G 105 27.17 -47.46 30.10
C HIS G 105 27.17 -47.46 30.09
N LEU G 106 27.55 -46.26 29.64
CA LEU G 106 28.82 -45.68 30.04
C LEU G 106 28.82 -45.49 31.56
N PHE G 107 27.70 -45.02 32.12
CA PHE G 107 27.61 -44.85 33.57
C PHE G 107 27.89 -46.19 34.30
N LYS G 108 27.29 -47.26 33.80
CA LYS G 108 27.49 -48.56 34.40
C LYS G 108 28.94 -49.05 34.26
N GLN G 109 29.51 -48.87 33.07
CA GLN G 109 30.88 -49.26 32.80
C GLN G 109 31.90 -48.60 33.76
N ASN G 110 31.63 -47.35 34.10
CA ASN G 110 32.52 -46.59 34.93
C ASN G 110 32.14 -46.48 36.40
N LYS G 111 31.12 -47.23 36.82
CA LYS G 111 30.67 -47.25 38.23
C LYS G 111 29.99 -45.95 38.70
N VAL G 112 29.38 -45.22 37.78
CA VAL G 112 28.72 -44.00 38.19
C VAL G 112 27.36 -44.45 38.64
N VAL G 113 26.94 -44.02 39.83
CA VAL G 113 25.63 -44.39 40.31
C VAL G 113 24.66 -43.33 39.82
N HIS G 114 23.65 -43.77 39.08
CA HIS G 114 22.61 -42.90 38.54
C HIS G 114 21.42 -42.82 39.51
N VAL G 115 21.10 -41.61 39.94
CA VAL G 115 19.96 -41.37 40.81
C VAL G 115 18.92 -40.52 40.09
N ASN G 116 17.71 -41.04 39.99
CA ASN G 116 16.59 -40.30 39.35
C ASN G 116 15.83 -39.50 40.43
N GLY G 117 15.60 -38.22 40.18
CA GLY G 117 14.92 -37.40 41.14
C GLY G 117 15.41 -35.99 40.93
N TYR G 118 14.75 -35.02 41.55
CA TYR G 118 15.09 -33.63 41.43
C TYR G 118 16.05 -33.39 42.58
N GLY G 119 17.25 -32.93 42.28
CA GLY G 119 18.19 -32.74 43.36
C GLY G 119 18.15 -31.37 43.99
N LYS G 120 18.27 -31.35 45.30
CA LYS G 120 18.32 -30.11 46.06
C LYS G 120 19.48 -30.27 47.05
N ILE G 121 20.38 -29.28 47.09
CA ILE G 121 21.49 -29.34 48.02
C ILE G 121 20.86 -29.06 49.38
N THR G 122 20.90 -30.06 50.26
CA THR G 122 20.30 -29.90 51.58
C THR G 122 21.31 -29.61 52.68
N GLY G 123 22.58 -29.52 52.32
CA GLY G 123 23.62 -29.25 53.29
C GLY G 123 24.94 -29.14 52.53
N LYS G 124 25.92 -28.49 53.12
CA LYS G 124 27.20 -28.29 52.47
C LYS G 124 27.83 -29.60 51.97
N ASN G 125 27.49 -30.73 52.58
CA ASN G 125 28.04 -32.01 52.15
C ASN G 125 26.92 -33.01 51.89
N GLN G 126 25.74 -32.49 51.56
CA GLN G 126 24.56 -33.31 51.35
C GLN G 126 23.64 -32.86 50.21
N VAL G 127 23.18 -33.82 49.43
CA VAL G 127 22.27 -33.58 48.32
C VAL G 127 21.10 -34.55 48.41
N THR G 128 19.89 -34.01 48.36
CA THR G 128 18.68 -34.83 48.44
C THR G 128 17.92 -34.84 47.13
N ALA G 129 17.64 -36.04 46.65
CA ALA G 129 16.94 -36.20 45.40
C ALA G 129 15.51 -36.68 45.66
N THR G 130 14.56 -36.01 45.05
CA THR G 130 13.18 -36.39 45.22
C THR G 130 12.57 -36.93 43.97
N LYS G 131 12.23 -38.22 44.00
CA LYS G 131 11.58 -38.89 42.87
C LYS G 131 10.24 -38.22 42.56
N ALA G 132 9.71 -38.48 41.38
CA ALA G 132 8.42 -37.91 41.00
C ALA G 132 7.32 -38.37 41.96
N ASP G 133 7.40 -39.63 42.39
CA ASP G 133 6.41 -40.19 43.32
C ASP G 133 6.66 -39.79 44.77
N GLY G 134 7.24 -38.61 45.00
CA GLY G 134 7.50 -38.19 46.36
C GLY G 134 8.63 -38.90 47.09
N GLY G 135 9.13 -39.99 46.51
CA GLY G 135 10.22 -40.72 47.13
C GLY G 135 11.48 -39.91 47.38
N THR G 136 12.32 -40.36 48.31
CA THR G 136 13.53 -39.63 48.63
C THR G 136 14.84 -40.44 48.80
N GLN G 137 15.91 -39.90 48.21
CA GLN G 137 17.25 -40.48 48.29
C GLN G 137 18.26 -39.42 48.72
N VAL G 138 18.85 -39.60 49.90
CA VAL G 138 19.85 -38.67 50.41
C VAL G 138 21.25 -39.20 50.03
N ILE G 139 22.16 -38.29 49.70
CA ILE G 139 23.53 -38.61 49.32
C ILE G 139 24.47 -37.67 50.08
N ASP G 140 25.31 -38.24 50.92
CA ASP G 140 26.28 -37.48 51.69
C ASP G 140 27.56 -37.57 50.89
N THR G 141 27.98 -36.42 50.41
CA THR G 141 29.10 -36.34 49.50
C THR G 141 30.14 -35.31 49.91
N LYS G 142 31.40 -35.54 49.56
CA LYS G 142 32.46 -34.59 49.89
C LYS G 142 32.38 -33.38 48.97
N ASN G 143 32.07 -33.60 47.70
CA ASN G 143 31.96 -32.52 46.73
C ASN G 143 30.63 -32.54 45.96
N ILE G 144 30.19 -31.37 45.54
CA ILE G 144 28.96 -31.26 44.75
C ILE G 144 29.29 -30.50 43.48
N LEU G 145 28.90 -31.07 42.34
CA LEU G 145 29.15 -30.43 41.09
C LEU G 145 27.82 -30.07 40.49
N ILE G 146 27.55 -28.78 40.39
CA ILE G 146 26.29 -28.33 39.81
C ILE G 146 26.47 -28.21 38.29
N ALA G 147 25.64 -28.94 37.56
CA ALA G 147 25.66 -28.99 36.12
C ALA G 147 24.20 -29.03 35.63
N THR G 148 23.39 -28.14 36.19
CA THR G 148 21.96 -28.05 35.90
C THR G 148 21.52 -27.43 34.58
N GLY G 149 22.46 -26.89 33.82
CA GLY G 149 22.13 -26.36 32.51
C GLY G 149 21.21 -25.17 32.30
N SER G 150 20.37 -25.28 31.27
CA SER G 150 19.47 -24.21 30.86
C SER G 150 18.06 -24.59 30.42
N GLU G 151 17.31 -23.56 30.02
CA GLU G 151 15.94 -23.70 29.54
C GLU G 151 15.71 -22.63 28.51
N VAL G 152 14.61 -22.75 27.78
CA VAL G 152 14.29 -21.75 26.78
C VAL G 152 13.93 -20.47 27.52
N THR G 153 14.31 -19.33 26.98
CA THR G 153 13.96 -18.07 27.60
C THR G 153 12.55 -17.75 27.10
N PRO G 154 11.57 -17.62 28.01
CA PRO G 154 10.22 -17.32 27.53
C PRO G 154 10.08 -15.88 27.06
N PHE G 155 9.09 -15.67 26.21
CA PHE G 155 8.80 -14.36 25.70
C PHE G 155 7.57 -13.89 26.47
N PRO G 156 7.74 -12.86 27.29
CA PRO G 156 6.61 -12.36 28.08
C PRO G 156 5.47 -11.93 27.15
N GLY G 157 4.30 -12.53 27.34
CA GLY G 157 3.16 -12.19 26.50
C GLY G 157 2.78 -13.36 25.64
N ILE G 158 3.75 -13.87 24.88
CA ILE G 158 3.49 -15.01 24.03
C ILE G 158 3.63 -16.26 24.88
N THR G 159 2.64 -17.14 24.78
CA THR G 159 2.64 -18.37 25.53
C THR G 159 2.88 -19.56 24.61
N ILE G 160 3.93 -20.30 24.92
CA ILE G 160 4.31 -21.44 24.13
C ILE G 160 3.43 -22.63 24.50
N ASP G 161 2.95 -23.36 23.49
CA ASP G 161 2.13 -24.52 23.75
C ASP G 161 2.72 -25.76 23.10
N GLU G 162 3.73 -25.55 22.24
CA GLU G 162 4.42 -26.62 21.53
C GLU G 162 3.51 -27.31 20.51
N ASP G 163 2.53 -26.57 20.02
CA ASP G 163 1.59 -27.05 19.03
C ASP G 163 1.72 -26.10 17.84
N THR G 164 1.29 -24.84 18.02
CA THR G 164 1.40 -23.83 16.96
C THR G 164 2.40 -22.73 17.38
N ILE G 165 2.47 -22.48 18.68
CA ILE G 165 3.42 -21.52 19.23
C ILE G 165 4.41 -22.41 20.00
N VAL G 166 5.55 -22.64 19.37
CA VAL G 166 6.60 -23.52 19.88
C VAL G 166 7.96 -22.96 20.35
N SER G 167 8.70 -23.83 21.03
CA SER G 167 10.05 -23.54 21.48
C SER G 167 10.82 -24.49 20.56
N SER G 168 12.14 -24.47 20.64
CA SER G 168 12.96 -25.35 19.83
C SER G 168 12.52 -26.80 20.01
N THR G 169 12.05 -27.14 21.22
CA THR G 169 11.59 -28.50 21.49
C THR G 169 10.42 -28.89 20.56
N GLY G 170 9.41 -28.02 20.48
CA GLY G 170 8.26 -28.28 19.62
C GLY G 170 8.63 -28.20 18.15
N ALA G 171 9.51 -27.26 17.83
CA ALA G 171 9.93 -27.11 16.44
C ALA G 171 10.57 -28.40 15.96
N LEU G 172 11.23 -29.14 16.87
CA LEU G 172 11.86 -30.37 16.45
C LEU G 172 10.89 -31.49 16.25
N SER G 173 9.62 -31.27 16.57
CA SER G 173 8.66 -32.37 16.43
C SER G 173 7.32 -32.10 15.75
N LEU G 174 7.25 -31.06 14.94
CA LEU G 174 6.01 -30.71 14.23
C LEU G 174 5.46 -31.93 13.50
N LYS G 175 4.14 -32.09 13.52
CA LYS G 175 3.48 -33.24 12.90
C LYS G 175 3.33 -33.12 11.39
N LYS G 176 3.34 -31.87 10.91
CA LYS G 176 3.26 -31.59 9.48
C LYS G 176 4.13 -30.39 9.17
N VAL G 177 4.47 -30.25 7.89
CA VAL G 177 5.28 -29.12 7.47
C VAL G 177 4.35 -27.90 7.37
N PRO G 178 4.61 -26.87 8.19
CA PRO G 178 3.77 -25.68 8.16
C PRO G 178 3.91 -24.97 6.83
N GLU G 179 2.84 -24.31 6.41
CA GLU G 179 2.83 -23.59 5.15
C GLU G 179 3.68 -22.32 5.32
N LYS G 180 3.43 -21.57 6.39
CA LYS G 180 4.21 -20.38 6.70
C LYS G 180 4.73 -20.50 8.11
N MET G 181 6.02 -20.19 8.30
CA MET G 181 6.60 -20.22 9.64
C MET G 181 7.34 -18.93 9.91
N VAL G 182 7.20 -18.47 11.14
CA VAL G 182 7.87 -17.29 11.57
C VAL G 182 8.74 -17.65 12.76
N VAL G 183 10.01 -17.26 12.67
CA VAL G 183 10.97 -17.49 13.73
C VAL G 183 11.33 -16.16 14.40
N ILE G 184 11.19 -16.10 15.71
CA ILE G 184 11.56 -14.90 16.45
C ILE G 184 13.01 -15.11 16.85
N GLY G 185 13.88 -14.24 16.32
CA GLY G 185 15.30 -14.35 16.60
C GLY G 185 16.05 -14.99 15.44
N ALA G 186 17.22 -14.47 15.12
CA ALA G 186 18.02 -15.02 14.03
C ALA G 186 19.32 -15.56 14.60
N GLY G 187 19.23 -16.16 15.77
CA GLY G 187 20.40 -16.76 16.40
C GLY G 187 20.69 -18.09 15.73
N VAL G 188 21.76 -18.77 16.16
CA VAL G 188 22.16 -20.05 15.59
C VAL G 188 21.03 -21.07 15.61
N ILE G 189 20.38 -21.24 16.76
CA ILE G 189 19.30 -22.19 16.87
C ILE G 189 18.16 -21.90 15.93
N GLY G 190 17.75 -20.63 15.86
CA GLY G 190 16.68 -20.25 14.96
C GLY G 190 17.00 -20.44 13.48
N VAL G 191 18.21 -20.06 13.07
CA VAL G 191 18.58 -20.18 11.66
C VAL G 191 18.51 -21.64 11.24
N GLU G 192 19.12 -22.50 12.04
CA GLU G 192 19.11 -23.91 11.76
C GLU G 192 17.70 -24.49 11.61
N LEU G 193 16.87 -24.26 12.62
CA LEU G 193 15.51 -24.80 12.61
C LEU G 193 14.65 -24.25 11.48
N GLY G 194 14.81 -22.96 11.19
CA GLY G 194 14.05 -22.39 10.10
C GLY G 194 14.47 -23.00 8.78
N SER G 195 15.78 -23.18 8.64
CA SER G 195 16.32 -23.73 7.41
C SER G 195 15.85 -25.17 7.19
N VAL G 196 15.81 -25.94 8.27
CA VAL G 196 15.32 -27.30 8.22
C VAL G 196 13.93 -27.33 7.59
N TRP G 197 13.01 -26.58 8.17
CA TRP G 197 11.63 -26.55 7.68
C TRP G 197 11.43 -25.91 6.32
N GLN G 198 12.21 -24.87 6.03
CA GLN G 198 12.17 -24.23 4.73
C GLN G 198 12.45 -25.32 3.67
N ARG G 199 13.47 -26.16 3.91
CA ARG G 199 13.82 -27.21 2.95
C ARG G 199 12.69 -28.19 2.78
N LEU G 200 11.91 -28.36 3.82
CA LEU G 200 10.85 -29.32 3.76
C LEU G 200 9.58 -28.77 3.15
N GLY G 201 9.61 -27.49 2.74
CA GLY G 201 8.44 -26.89 2.10
C GLY G 201 7.80 -25.67 2.75
N ALA G 202 8.23 -25.35 3.96
CA ALA G 202 7.64 -24.21 4.65
C ALA G 202 8.18 -22.91 4.13
N ASP G 203 7.34 -21.88 4.17
CA ASP G 203 7.67 -20.53 3.77
C ASP G 203 8.15 -19.96 5.09
N VAL G 204 9.42 -19.65 5.18
CA VAL G 204 9.96 -19.20 6.45
C VAL G 204 10.54 -17.82 6.50
N THR G 205 10.24 -17.12 7.59
CA THR G 205 10.73 -15.78 7.85
C THR G 205 11.14 -15.63 9.31
N ALA G 206 12.36 -15.13 9.51
CA ALA G 206 12.89 -14.90 10.85
C ALA G 206 13.04 -13.40 11.07
N VAL G 207 12.46 -12.92 12.16
CA VAL G 207 12.49 -11.52 12.55
C VAL G 207 13.55 -11.38 13.64
N GLU G 208 14.52 -10.49 13.40
CA GLU G 208 15.64 -10.24 14.31
C GLU G 208 15.82 -8.72 14.47
N PHE G 209 15.87 -8.22 15.71
CA PHE G 209 16.02 -6.78 15.91
C PHE G 209 17.44 -6.25 15.71
N LEU G 210 18.42 -7.15 15.68
CA LEU G 210 19.79 -6.77 15.44
C LEU G 210 19.95 -6.77 13.93
N GLY G 211 21.00 -6.14 13.42
CA GLY G 211 21.22 -6.03 11.98
C GLY G 211 21.94 -7.14 11.26
N HIS G 212 22.08 -8.30 11.89
CA HIS G 212 22.74 -9.42 11.20
C HIS G 212 22.17 -10.72 11.74
N VAL G 213 22.46 -11.81 11.01
CA VAL G 213 21.99 -13.13 11.40
C VAL G 213 23.18 -13.91 11.95
N GLY G 214 22.91 -14.90 12.80
CA GLY G 214 23.97 -15.74 13.33
C GLY G 214 24.29 -15.49 14.77
N GLY G 215 23.70 -14.44 15.32
CA GLY G 215 23.91 -14.09 16.72
C GLY G 215 25.28 -13.53 17.14
N VAL G 216 25.48 -13.52 18.44
CA VAL G 216 26.68 -13.06 19.14
C VAL G 216 28.04 -13.49 18.55
N GLY G 217 28.97 -12.55 18.45
CA GLY G 217 30.33 -12.85 17.97
C GLY G 217 30.64 -13.34 16.57
N ILE G 218 29.64 -13.63 15.74
CA ILE G 218 29.96 -14.06 14.38
C ILE G 218 30.60 -12.84 13.68
N ASP G 219 31.52 -13.10 12.75
CA ASP G 219 32.17 -12.02 12.01
C ASP G 219 31.12 -11.41 11.07
N MET G 220 31.03 -10.08 11.06
CA MET G 220 30.03 -9.41 10.21
C MET G 220 30.10 -9.83 8.74
N GLU G 221 31.30 -9.89 8.21
CA GLU G 221 31.40 -10.22 6.80
C GLU G 221 30.88 -11.62 6.48
N ILE G 222 31.20 -12.59 7.34
CA ILE G 222 30.76 -13.98 7.17
C ILE G 222 29.23 -13.99 7.32
N SER G 223 28.74 -13.21 8.28
CA SER G 223 27.31 -13.13 8.54
C SER G 223 26.50 -12.60 7.33
N LYS G 224 27.02 -11.57 6.68
CA LYS G 224 26.30 -11.00 5.56
C LYS G 224 26.28 -11.99 4.39
N ASN G 225 27.41 -12.61 4.13
CA ASN G 225 27.50 -13.57 3.05
C ASN G 225 26.64 -14.79 3.31
N PHE G 226 26.47 -15.11 4.59
CA PHE G 226 25.67 -16.25 5.00
C PHE G 226 24.21 -15.93 4.71
N GLN G 227 23.79 -14.75 5.12
CA GLN G 227 22.43 -14.33 4.91
C GLN G 227 22.04 -14.30 3.44
N ARG G 228 22.94 -13.81 2.60
CA ARG G 228 22.68 -13.71 1.17
C ARG G 228 22.46 -15.08 0.56
N ILE G 229 23.27 -16.04 0.98
CA ILE G 229 23.19 -17.40 0.50
C ILE G 229 21.90 -18.01 0.99
N LEU G 230 21.60 -17.76 2.25
CA LEU G 230 20.40 -18.28 2.84
C LEU G 230 19.18 -17.71 2.15
N GLN G 231 19.25 -16.48 1.67
CA GLN G 231 18.10 -15.89 1.01
C GLN G 231 17.98 -16.45 -0.37
N LYS G 232 19.09 -16.76 -1.03
CA LYS G 232 18.99 -17.32 -2.37
C LYS G 232 18.26 -18.64 -2.24
N GLN G 233 18.39 -19.27 -1.08
CA GLN G 233 17.74 -20.55 -0.80
C GLN G 233 16.24 -20.43 -0.53
N GLY G 234 15.78 -19.26 -0.10
CA GLY G 234 14.37 -19.06 0.18
C GLY G 234 14.12 -18.64 1.61
N PHE G 235 15.14 -18.66 2.44
CA PHE G 235 14.96 -18.28 3.81
C PHE G 235 14.92 -16.74 3.85
N LYS G 236 13.84 -16.19 4.38
CA LYS G 236 13.67 -14.73 4.49
C LYS G 236 13.96 -14.15 5.87
N PHE G 237 14.50 -12.93 5.86
CA PHE G 237 14.87 -12.23 7.09
C PHE G 237 14.28 -10.83 7.23
N LYS G 238 13.92 -10.51 8.46
CA LYS G 238 13.38 -9.21 8.79
C LYS G 238 14.26 -8.73 9.93
N LEU G 239 15.34 -8.06 9.57
CA LEU G 239 16.29 -7.53 10.53
C LEU G 239 15.86 -6.13 11.01
N ASN G 240 16.49 -5.65 12.08
CA ASN G 240 16.18 -4.35 12.67
C ASN G 240 14.68 -4.26 12.96
N THR G 241 14.09 -5.43 13.22
CA THR G 241 12.68 -5.57 13.49
C THR G 241 12.45 -6.39 14.75
N LYS G 242 11.69 -5.83 15.68
CA LYS G 242 11.43 -6.53 16.92
C LYS G 242 10.02 -7.07 16.96
N VAL G 243 9.91 -8.36 17.23
CA VAL G 243 8.60 -8.97 17.36
C VAL G 243 8.12 -8.41 18.69
N THR G 244 6.86 -8.00 18.76
CA THR G 244 6.35 -7.41 20.01
C THR G 244 5.20 -8.21 20.59
N GLY G 245 4.66 -9.16 19.85
CA GLY G 245 3.56 -9.92 20.39
C GLY G 245 2.93 -10.85 19.40
N ALA G 246 2.00 -11.67 19.87
CA ALA G 246 1.35 -12.61 18.97
C ALA G 246 -0.02 -12.93 19.52
N THR G 247 -0.96 -13.19 18.61
CA THR G 247 -2.33 -13.48 18.99
C THR G 247 -2.89 -14.57 18.09
N LYS G 248 -3.57 -15.53 18.67
CA LYS G 248 -4.14 -16.60 17.89
C LYS G 248 -5.46 -16.16 17.27
N LYS G 249 -5.58 -16.35 15.96
CA LYS G 249 -6.77 -15.97 15.22
C LYS G 249 -7.75 -17.14 15.21
N SER G 250 -9.03 -16.82 15.05
CA SER G 250 -10.10 -17.81 15.01
C SER G 250 -9.74 -18.97 14.08
N ASP G 251 -9.45 -18.64 12.83
CA ASP G 251 -9.07 -19.60 11.79
C ASP G 251 -7.88 -20.47 12.17
N GLY G 252 -7.23 -20.16 13.28
CA GLY G 252 -6.09 -20.93 13.72
C GLY G 252 -4.73 -20.35 13.36
N LYS G 253 -4.69 -19.34 12.50
CA LYS G 253 -3.41 -18.76 12.13
C LYS G 253 -2.92 -17.79 13.21
N ILE G 254 -1.69 -17.31 13.10
CA ILE G 254 -1.18 -16.42 14.13
C ILE G 254 -0.74 -15.06 13.60
N ASP G 255 -1.20 -14.00 14.26
CA ASP G 255 -0.83 -12.64 13.90
C ASP G 255 0.31 -12.18 14.82
N VAL G 256 1.44 -11.90 14.20
CA VAL G 256 2.61 -11.50 14.93
C VAL G 256 2.85 -10.02 14.76
N SER G 257 2.69 -9.30 15.86
CA SER G 257 2.88 -7.87 15.91
C SER G 257 4.37 -7.59 15.91
N ILE G 258 4.80 -6.80 14.93
CA ILE G 258 6.20 -6.43 14.80
C ILE G 258 6.31 -4.92 14.59
N GLU G 259 7.54 -4.42 14.59
CA GLU G 259 7.83 -3.02 14.36
C GLU G 259 9.34 -2.84 14.33
N ALA G 260 9.81 -1.65 13.96
CA ALA G 260 11.25 -1.38 13.90
C ALA G 260 11.88 -1.55 15.26
N ALA G 261 13.09 -2.09 15.25
CA ALA G 261 13.83 -2.32 16.48
C ALA G 261 13.90 -1.06 17.34
N SER G 262 14.17 0.06 16.68
CA SER G 262 14.28 1.35 17.34
C SER G 262 12.90 1.90 17.69
N GLY G 263 11.85 1.17 17.32
CA GLY G 263 10.50 1.59 17.63
C GLY G 263 9.72 2.23 16.47
N GLY G 264 8.42 1.99 16.44
CA GLY G 264 7.58 2.53 15.38
C GLY G 264 7.42 1.60 14.20
N LYS G 265 6.65 2.01 13.20
CA LYS G 265 6.45 1.21 12.01
C LYS G 265 5.82 -0.10 12.37
N ALA G 266 4.69 -0.06 13.08
CA ALA G 266 4.01 -1.28 13.50
C ALA G 266 3.36 -2.05 12.36
N GLU G 267 3.70 -3.32 12.21
CA GLU G 267 3.14 -4.08 11.14
C GLU G 267 2.69 -5.41 11.69
N VAL G 268 2.03 -6.20 10.83
CA VAL G 268 1.54 -7.51 11.20
C VAL G 268 1.90 -8.52 10.13
N ILE G 269 2.18 -9.74 10.59
CA ILE G 269 2.52 -10.86 9.72
C ILE G 269 1.82 -12.08 10.31
N THR G 270 1.28 -12.92 9.45
CA THR G 270 0.55 -14.09 9.87
C THR G 270 1.33 -15.35 9.53
N CYS G 271 1.15 -16.41 10.32
CA CYS G 271 1.83 -17.66 10.06
C CYS G 271 1.10 -18.84 10.65
N ASP G 272 1.46 -20.02 10.17
CA ASP G 272 0.85 -21.24 10.68
C ASP G 272 1.56 -21.67 11.95
N VAL G 273 2.85 -21.43 12.01
CA VAL G 273 3.62 -21.81 13.18
C VAL G 273 4.55 -20.69 13.66
N LEU G 274 4.52 -20.46 14.96
CA LEU G 274 5.38 -19.44 15.56
C LEU G 274 6.45 -20.13 16.38
N LEU G 275 7.71 -19.88 16.05
CA LEU G 275 8.83 -20.46 16.77
C LEU G 275 9.54 -19.36 17.56
N VAL G 276 9.32 -19.37 18.88
CA VAL G 276 9.92 -18.42 19.82
C VAL G 276 11.33 -18.93 20.11
N CYS G 277 12.32 -18.24 19.57
CA CYS G 277 13.70 -18.66 19.74
C CYS G 277 14.59 -17.50 20.19
N ILE G 278 14.24 -16.88 21.30
CA ILE G 278 15.00 -15.73 21.78
C ILE G 278 16.12 -16.01 22.76
N GLY G 279 16.55 -17.25 22.82
CA GLY G 279 17.63 -17.58 23.73
C GLY G 279 17.33 -18.58 24.84
N ARG G 280 18.34 -18.80 25.68
CA ARG G 280 18.27 -19.73 26.77
C ARG G 280 18.92 -19.08 27.98
N ARG G 281 18.45 -19.48 29.16
CA ARG G 281 18.98 -18.91 30.39
C ARG G 281 19.37 -20.00 31.37
N PRO G 282 20.30 -19.68 32.25
CA PRO G 282 20.71 -20.71 33.21
C PRO G 282 19.60 -21.16 34.15
N PHE G 283 19.44 -22.47 34.28
CA PHE G 283 18.44 -23.07 35.14
C PHE G 283 18.98 -23.56 36.50
N THR G 284 18.46 -22.99 37.58
CA THR G 284 18.86 -23.32 38.95
C THR G 284 17.70 -23.44 39.97
N LYS G 285 16.46 -23.47 39.49
CA LYS G 285 15.33 -23.57 40.41
C LYS G 285 15.42 -24.67 41.46
N ASN G 286 15.11 -24.27 42.68
CA ASN G 286 15.09 -25.16 43.84
C ASN G 286 16.31 -26.01 44.08
N LEU G 287 17.46 -25.51 43.65
CA LEU G 287 18.69 -26.22 43.85
C LEU G 287 19.08 -26.06 45.32
N GLY G 288 18.60 -24.99 45.93
CA GLY G 288 18.89 -24.73 47.33
C GLY G 288 19.97 -23.69 47.52
N LEU G 289 20.25 -22.93 46.46
CA LEU G 289 21.26 -21.90 46.50
C LEU G 289 21.04 -20.76 47.49
N GLU G 290 19.78 -20.31 47.68
CA GLU G 290 19.58 -19.19 48.59
C GLU G 290 19.94 -19.55 50.02
N GLU G 291 19.58 -20.75 50.46
CA GLU G 291 19.92 -21.20 51.79
C GLU G 291 21.44 -21.24 52.00
N LEU G 292 22.18 -21.69 50.99
CA LEU G 292 23.63 -21.78 51.07
C LEU G 292 24.31 -20.43 51.01
N GLY G 293 23.63 -19.45 50.41
CA GLY G 293 24.21 -18.11 50.32
C GLY G 293 24.97 -17.90 49.02
N ILE G 294 24.65 -18.74 48.04
CA ILE G 294 25.28 -18.63 46.74
C ILE G 294 24.43 -17.73 45.86
N GLU G 295 24.82 -16.46 45.74
CA GLU G 295 24.08 -15.53 44.91
C GLU G 295 24.39 -15.72 43.45
N LEU G 296 23.38 -15.50 42.62
CA LEU G 296 23.53 -15.60 41.17
C LEU G 296 23.94 -14.22 40.64
N ASP G 297 24.48 -14.16 39.42
CA ASP G 297 24.86 -12.88 38.85
C ASP G 297 23.61 -12.38 38.13
N PRO G 298 23.64 -11.17 37.56
CA PRO G 298 22.49 -10.59 36.85
C PRO G 298 21.80 -11.45 35.80
N ARG G 299 22.55 -12.35 35.18
CA ARG G 299 21.97 -13.22 34.17
C ARG G 299 21.50 -14.54 34.72
N GLY G 300 21.59 -14.69 36.04
CA GLY G 300 21.15 -15.90 36.67
C GLY G 300 22.19 -16.99 36.74
N ARG G 301 23.45 -16.68 36.45
CA ARG G 301 24.52 -17.69 36.49
C ARG G 301 25.24 -17.76 37.85
N ILE G 302 25.77 -18.94 38.13
CA ILE G 302 26.52 -19.19 39.35
C ILE G 302 27.97 -18.73 39.20
N PRO G 303 28.40 -17.74 39.98
CA PRO G 303 29.77 -17.23 39.90
C PRO G 303 30.74 -18.31 40.38
N VAL G 304 31.78 -18.62 39.59
CA VAL G 304 32.79 -19.63 40.00
C VAL G 304 34.20 -19.09 39.82
N ASN G 305 35.17 -19.70 40.52
CA ASN G 305 36.55 -19.24 40.42
C ASN G 305 37.28 -20.04 39.34
N THR G 306 38.62 -19.98 39.27
CA THR G 306 39.32 -20.70 38.19
C THR G 306 39.32 -22.23 38.27
N ARG G 307 38.83 -22.77 39.37
CA ARG G 307 38.72 -24.22 39.59
C ARG G 307 37.23 -24.62 39.52
N PHE G 308 36.42 -23.64 39.16
CA PHE G 308 34.98 -23.78 39.03
C PHE G 308 34.31 -23.95 40.37
N GLN G 309 34.93 -23.37 41.40
CA GLN G 309 34.39 -23.39 42.75
C GLN G 309 33.49 -22.19 43.03
N THR G 310 32.32 -22.47 43.60
CA THR G 310 31.36 -21.42 43.99
C THR G 310 31.91 -20.83 45.32
N LYS G 311 31.14 -19.96 45.96
CA LYS G 311 31.54 -19.33 47.24
C LYS G 311 31.95 -20.40 48.26
N ILE G 312 31.26 -21.53 48.22
CA ILE G 312 31.53 -22.65 49.12
C ILE G 312 32.44 -23.57 48.30
N PRO G 313 33.74 -23.57 48.61
CA PRO G 313 34.81 -24.35 47.95
C PRO G 313 34.67 -25.84 47.61
N ASN G 314 33.71 -26.55 48.21
CA ASN G 314 33.52 -27.95 47.87
C ASN G 314 32.28 -28.10 46.96
N ILE G 315 31.71 -26.96 46.59
CA ILE G 315 30.55 -26.90 45.71
C ILE G 315 30.97 -26.17 44.44
N TYR G 316 30.85 -26.89 43.33
CA TYR G 316 31.25 -26.42 42.03
C TYR G 316 30.04 -26.30 41.11
N ALA G 317 30.24 -25.54 40.03
CA ALA G 317 29.23 -25.35 39.00
C ALA G 317 29.94 -25.19 37.64
N ILE G 318 29.43 -25.88 36.63
CA ILE G 318 29.98 -25.85 35.27
C ILE G 318 28.83 -25.84 34.22
N GLY G 319 29.17 -25.65 32.94
CA GLY G 319 28.18 -25.66 31.87
C GLY G 319 27.37 -24.39 31.66
N ASP G 320 26.14 -24.55 31.16
CA ASP G 320 25.24 -23.42 30.89
C ASP G 320 24.87 -22.57 32.12
N VAL G 321 25.01 -23.09 33.34
CA VAL G 321 24.66 -22.30 34.50
C VAL G 321 25.77 -21.35 34.88
N VAL G 322 26.92 -21.49 34.21
CA VAL G 322 28.06 -20.60 34.45
C VAL G 322 28.39 -19.79 33.17
N ALA G 323 29.14 -18.72 33.35
CA ALA G 323 29.48 -17.85 32.27
C ALA G 323 30.27 -18.54 31.16
N GLY G 324 30.28 -17.91 29.99
CA GLY G 324 30.99 -18.43 28.85
C GLY G 324 29.96 -18.85 27.82
N PRO G 325 30.39 -19.21 26.62
CA PRO G 325 29.45 -19.63 25.58
C PRO G 325 28.64 -20.87 25.97
N MET G 326 27.32 -20.79 25.79
CA MET G 326 26.44 -21.89 26.14
C MET G 326 26.44 -22.91 25.03
N LEU G 327 27.46 -23.76 25.03
CA LEU G 327 27.64 -24.81 24.03
C LEU G 327 27.93 -26.14 24.70
N ALA G 328 27.68 -27.23 23.97
CA ALA G 328 27.90 -28.59 24.48
C ALA G 328 29.36 -28.88 24.77
N HIS G 329 30.23 -28.65 23.79
CA HIS G 329 31.63 -28.95 24.02
C HIS G 329 32.23 -28.10 25.11
N LYS G 330 31.64 -26.93 25.34
CA LYS G 330 32.13 -26.03 26.38
C LYS G 330 31.85 -26.60 27.75
N ALA G 331 30.63 -27.09 27.92
CA ALA G 331 30.18 -27.68 29.19
C ALA G 331 31.03 -28.94 29.51
N GLU G 332 31.26 -29.75 28.48
CA GLU G 332 32.01 -30.96 28.63
C GLU G 332 33.45 -30.66 29.09
N ASP G 333 34.13 -29.77 28.38
CA ASP G 333 35.51 -29.39 28.74
C ASP G 333 35.60 -28.91 30.17
N GLU G 334 34.61 -28.14 30.62
CA GLU G 334 34.59 -27.64 32.01
C GLU G 334 34.29 -28.77 32.98
N GLY G 335 33.47 -29.72 32.56
CA GLY G 335 33.16 -30.84 33.42
C GLY G 335 34.45 -31.59 33.69
N ILE G 336 35.14 -31.94 32.62
CA ILE G 336 36.41 -32.64 32.73
C ILE G 336 37.49 -31.89 33.51
N ILE G 337 37.80 -30.65 33.15
CA ILE G 337 38.85 -29.97 33.89
C ILE G 337 38.48 -29.70 35.36
N CYS G 338 37.18 -29.59 35.64
CA CYS G 338 36.75 -29.37 37.02
C CYS G 338 37.09 -30.57 37.91
N VAL G 339 36.76 -31.77 37.45
CA VAL G 339 37.03 -32.93 38.28
C VAL G 339 38.53 -33.18 38.33
N GLU G 340 39.24 -32.85 37.26
CA GLU G 340 40.70 -33.01 37.26
C GLU G 340 41.27 -32.10 38.34
N GLY G 341 40.67 -30.93 38.49
CA GLY G 341 41.11 -29.96 39.48
C GLY G 341 40.91 -30.50 40.88
N MET G 342 39.75 -31.16 41.08
CA MET G 342 39.39 -31.81 42.33
C MET G 342 40.43 -32.88 42.68
N ALA G 343 41.05 -33.46 41.66
CA ALA G 343 42.10 -34.48 41.84
C ALA G 343 43.45 -33.75 41.91
N GLY G 344 43.40 -32.43 42.07
CA GLY G 344 44.62 -31.64 42.19
C GLY G 344 45.34 -31.12 40.95
N GLY G 345 44.92 -31.56 39.77
CA GLY G 345 45.56 -31.13 38.53
C GLY G 345 45.25 -29.71 38.12
N ALA G 346 46.03 -29.17 37.21
CA ALA G 346 45.77 -27.81 36.76
C ALA G 346 44.42 -27.75 36.02
N VAL G 347 43.84 -26.55 36.00
CA VAL G 347 42.55 -26.30 35.37
C VAL G 347 42.65 -25.11 34.43
N HIS G 348 42.53 -25.37 33.12
CA HIS G 348 42.63 -24.32 32.11
C HIS G 348 41.68 -24.44 30.93
N ILE G 349 41.02 -23.31 30.65
CA ILE G 349 40.10 -23.18 29.54
C ILE G 349 40.13 -21.73 29.07
N ASP G 350 40.38 -21.55 27.77
CA ASP G 350 40.44 -20.25 27.14
C ASP G 350 39.21 -20.17 26.22
N TYR G 351 38.21 -19.40 26.62
CA TYR G 351 36.99 -19.31 25.82
C TYR G 351 37.21 -18.76 24.41
N ASN G 352 38.36 -18.16 24.18
CA ASN G 352 38.70 -17.60 22.89
C ASN G 352 39.06 -18.75 21.93
N CYS G 353 39.31 -19.94 22.47
CA CYS G 353 39.64 -21.11 21.66
C CYS G 353 38.47 -22.10 21.52
N VAL G 354 37.30 -21.71 22.02
CA VAL G 354 36.11 -22.55 21.96
C VAL G 354 35.38 -22.28 20.67
N PRO G 355 35.38 -23.24 19.76
CA PRO G 355 34.71 -23.02 18.48
C PRO G 355 33.18 -22.96 18.49
N SER G 356 32.64 -22.35 17.44
CA SER G 356 31.21 -22.20 17.18
C SER G 356 30.92 -22.78 15.79
N VAL G 357 29.81 -23.49 15.69
CA VAL G 357 29.39 -24.10 14.44
C VAL G 357 27.89 -23.89 14.18
N ILE G 358 27.55 -23.58 12.95
CA ILE G 358 26.14 -23.46 12.54
C ILE G 358 26.03 -24.57 11.49
N TYR G 359 25.15 -25.53 11.73
CA TYR G 359 25.06 -26.68 10.83
C TYR G 359 24.10 -26.63 9.65
N THR G 360 23.91 -25.46 9.08
CA THR G 360 23.05 -25.31 7.93
C THR G 360 23.89 -25.83 6.79
N HIS G 361 23.48 -25.51 5.58
CA HIS G 361 24.25 -25.93 4.43
C HIS G 361 24.14 -24.77 3.48
N PRO G 362 25.23 -24.03 3.28
CA PRO G 362 26.57 -24.18 3.84
C PRO G 362 26.60 -24.03 5.36
N GLU G 363 27.65 -24.60 5.93
CA GLU G 363 27.91 -24.55 7.35
C GLU G 363 28.68 -23.25 7.59
N VAL G 364 28.75 -22.88 8.87
CA VAL G 364 29.47 -21.70 9.31
C VAL G 364 30.22 -22.10 10.59
N ALA G 365 31.53 -21.93 10.61
CA ALA G 365 32.29 -22.22 11.83
C ALA G 365 33.42 -21.23 12.05
N TRP G 366 33.68 -20.92 13.31
CA TRP G 366 34.75 -19.99 13.62
C TRP G 366 35.29 -20.17 15.03
N VAL G 367 36.50 -19.67 15.23
CA VAL G 367 37.17 -19.75 16.53
C VAL G 367 38.16 -18.61 16.51
N GLY G 368 38.44 -18.05 17.69
CA GLY G 368 39.34 -16.92 17.76
C GLY G 368 38.55 -15.62 17.64
N LYS G 369 39.20 -14.54 17.21
CA LYS G 369 38.48 -13.27 17.12
C LYS G 369 37.92 -12.86 15.78
N SER G 370 36.89 -12.03 15.81
CA SER G 370 36.26 -11.54 14.59
C SER G 370 36.90 -10.18 14.26
N GLU G 371 36.71 -9.71 13.02
CA GLU G 371 37.26 -8.39 12.63
C GLU G 371 36.77 -7.31 13.62
N GLU G 372 35.48 -7.30 13.87
CA GLU G 372 34.91 -6.34 14.79
C GLU G 372 35.63 -6.41 16.13
N GLN G 373 35.95 -7.63 16.60
CA GLN G 373 36.61 -7.78 17.89
C GLN G 373 38.03 -7.22 17.88
N LEU G 374 38.76 -7.48 16.81
CA LEU G 374 40.10 -6.96 16.73
C LEU G 374 40.02 -5.44 16.73
N LYS G 375 39.05 -4.88 16.02
CA LYS G 375 38.91 -3.43 16.01
C LYS G 375 38.58 -2.90 17.40
N GLU G 376 37.65 -3.54 18.09
CA GLU G 376 37.26 -3.09 19.42
C GLU G 376 38.47 -3.13 20.36
N GLU G 377 39.27 -4.18 20.24
CA GLU G 377 40.46 -4.34 21.07
C GLU G 377 41.68 -3.55 20.61
N GLY G 378 41.62 -3.00 19.41
CA GLY G 378 42.74 -2.21 18.93
C GLY G 378 43.93 -2.96 18.36
N ILE G 379 43.72 -4.20 17.93
CA ILE G 379 44.77 -5.05 17.35
C ILE G 379 44.98 -4.86 15.82
N GLU G 380 46.21 -4.58 15.40
CA GLU G 380 46.50 -4.42 13.97
C GLU G 380 46.52 -5.80 13.36
N TYR G 381 45.78 -5.97 12.28
CA TYR G 381 45.74 -7.28 11.71
C TYR G 381 45.73 -7.32 10.22
N LYS G 382 46.03 -8.50 9.70
CA LYS G 382 46.01 -8.68 8.29
C LYS G 382 44.92 -9.71 8.00
N VAL G 383 44.37 -9.65 6.80
CA VAL G 383 43.30 -10.51 6.39
C VAL G 383 43.68 -11.40 5.22
N GLY G 384 43.29 -12.67 5.29
CA GLY G 384 43.56 -13.59 4.21
C GLY G 384 42.27 -14.31 3.84
N LYS G 385 41.94 -14.39 2.55
CA LYS G 385 40.73 -15.07 2.12
C LYS G 385 40.97 -16.04 0.96
N PHE G 386 40.12 -17.07 0.91
CA PHE G 386 40.14 -18.06 -0.16
C PHE G 386 38.68 -18.50 -0.39
N PRO G 387 38.17 -18.34 -1.61
CA PRO G 387 36.79 -18.75 -1.85
C PRO G 387 36.72 -20.24 -2.14
N PHE G 388 35.64 -20.89 -1.68
CA PHE G 388 35.48 -22.32 -1.94
C PHE G 388 35.32 -22.65 -3.42
N ALA G 389 35.07 -21.63 -4.25
CA ALA G 389 34.94 -21.87 -5.67
C ALA G 389 36.31 -22.23 -6.29
N ALA G 390 37.41 -21.89 -5.61
CA ALA G 390 38.73 -22.20 -6.14
C ALA G 390 39.32 -23.46 -5.49
N ASN G 391 38.52 -24.07 -4.61
CA ASN G 391 38.95 -25.29 -3.94
C ASN G 391 38.62 -26.51 -4.78
N SER G 392 39.60 -27.36 -5.01
CA SER G 392 39.40 -28.56 -5.82
C SER G 392 38.36 -29.56 -5.30
N ARG G 393 38.42 -29.92 -4.02
CA ARG G 393 37.41 -30.86 -3.56
C ARG G 393 36.01 -30.26 -3.71
N ALA G 394 35.86 -28.99 -3.34
CA ALA G 394 34.57 -28.31 -3.42
C ALA G 394 34.06 -28.22 -4.86
N LYS G 395 34.95 -27.93 -5.80
CA LYS G 395 34.55 -27.79 -7.17
C LYS G 395 34.16 -29.12 -7.77
N THR G 396 34.84 -30.18 -7.37
CA THR G 396 34.51 -31.48 -7.89
C THR G 396 33.20 -32.00 -7.33
N ASN G 397 32.90 -31.68 -6.07
CA ASN G 397 31.65 -32.08 -5.42
C ASN G 397 30.50 -31.17 -5.89
N ALA G 398 30.83 -30.07 -6.56
CA ALA G 398 29.83 -29.09 -7.00
C ALA G 398 29.10 -28.50 -5.77
N ASP G 399 29.88 -28.13 -4.75
CA ASP G 399 29.34 -27.55 -3.53
C ASP G 399 30.35 -26.42 -3.28
N THR G 400 30.12 -25.27 -3.90
CA THR G 400 31.08 -24.18 -3.80
C THR G 400 30.77 -22.91 -3.00
N ASP G 401 29.67 -22.84 -2.29
CA ASP G 401 29.41 -21.65 -1.49
C ASP G 401 30.58 -21.29 -0.58
N GLY G 402 30.62 -20.02 -0.21
CA GLY G 402 31.59 -19.54 0.74
C GLY G 402 33.08 -19.37 0.53
N MET G 403 33.72 -19.19 1.68
CA MET G 403 35.12 -18.93 1.74
C MET G 403 35.69 -19.18 3.13
N VAL G 404 37.00 -19.19 3.18
CA VAL G 404 37.70 -19.30 4.44
C VAL G 404 38.35 -17.91 4.61
N LYS G 405 38.29 -17.39 5.82
CA LYS G 405 38.90 -16.12 6.11
C LYS G 405 39.79 -16.21 7.33
N ILE G 406 41.05 -15.81 7.17
CA ILE G 406 42.03 -15.80 8.24
C ILE G 406 42.39 -14.37 8.70
N LEU G 407 42.49 -14.18 10.02
CA LEU G 407 42.88 -12.90 10.59
C LEU G 407 44.17 -13.16 11.39
N GLY G 408 45.26 -12.53 10.95
CA GLY G 408 46.54 -12.71 11.61
C GLY G 408 47.06 -11.41 12.23
N GLN G 409 47.84 -11.52 13.30
CA GLN G 409 48.40 -10.32 13.88
C GLN G 409 49.41 -9.78 12.87
N LYS G 410 49.25 -8.50 12.52
CA LYS G 410 50.12 -7.78 11.55
C LYS G 410 51.64 -7.94 11.78
N SER G 411 52.07 -7.90 13.03
CA SER G 411 53.48 -7.97 13.29
C SER G 411 54.06 -9.35 13.55
N THR G 412 53.31 -10.20 14.23
CA THR G 412 53.76 -11.55 14.53
C THR G 412 53.31 -12.63 13.52
N ASP G 413 52.23 -12.35 12.80
CA ASP G 413 51.69 -13.31 11.82
C ASP G 413 50.97 -14.43 12.55
N ARG G 414 50.69 -14.23 13.83
CA ARG G 414 49.99 -15.26 14.54
C ARG G 414 48.50 -15.18 14.29
N VAL G 415 47.92 -16.33 14.04
CA VAL G 415 46.51 -16.40 13.77
C VAL G 415 45.66 -15.94 14.95
N LEU G 416 44.77 -15.00 14.71
CA LEU G 416 43.90 -14.48 15.76
C LEU G 416 42.48 -15.02 15.64
N GLY G 417 42.05 -15.29 14.42
CA GLY G 417 40.72 -15.80 14.20
C GLY G 417 40.63 -16.54 12.89
N ALA G 418 39.84 -17.60 12.87
CA ALA G 418 39.62 -18.37 11.65
C ALA G 418 38.11 -18.43 11.51
N HIS G 419 37.62 -18.03 10.33
CA HIS G 419 36.18 -18.02 10.01
C HIS G 419 35.93 -18.74 8.69
N ILE G 420 35.04 -19.74 8.72
CA ILE G 420 34.77 -20.54 7.53
C ILE G 420 33.29 -20.51 7.17
N LEU G 421 33.00 -20.22 5.91
CA LEU G 421 31.63 -20.20 5.44
C LEU G 421 31.60 -21.10 4.22
N GLY G 422 30.92 -22.22 4.35
CA GLY G 422 30.87 -23.12 3.23
C GLY G 422 30.88 -24.54 3.73
N PRO G 423 31.10 -25.50 2.83
CA PRO G 423 31.14 -26.94 3.09
C PRO G 423 32.23 -27.44 4.05
N GLY G 424 31.85 -28.32 4.96
CA GLY G 424 32.81 -28.89 5.90
C GLY G 424 33.29 -27.93 6.97
N ALA G 425 32.62 -26.79 7.10
CA ALA G 425 33.01 -25.78 8.06
C ALA G 425 33.13 -26.31 9.48
N GLY G 426 32.13 -27.05 9.94
CA GLY G 426 32.11 -27.61 11.29
C GLY G 426 33.27 -28.54 11.68
N GLU G 427 33.71 -29.36 10.72
CA GLU G 427 34.81 -30.27 10.94
C GLU G 427 36.16 -29.54 10.76
N MET G 428 36.18 -28.53 9.90
CA MET G 428 37.42 -27.80 9.65
C MET G 428 37.86 -26.87 10.77
N VAL G 429 36.89 -26.38 11.54
CA VAL G 429 37.15 -25.43 12.60
C VAL G 429 38.02 -26.04 13.65
N ASN G 430 38.09 -27.35 13.65
CA ASN G 430 38.87 -28.03 14.65
C ASN G 430 40.36 -28.02 14.40
N GLU G 431 40.79 -28.01 13.14
CA GLU G 431 42.23 -27.97 12.92
C GLU G 431 42.61 -26.52 13.25
N ALA G 432 41.67 -25.63 13.01
CA ALA G 432 41.88 -24.22 13.32
C ALA G 432 42.01 -24.10 14.82
N ALA G 433 41.22 -24.87 15.55
CA ALA G 433 41.27 -24.79 17.01
C ALA G 433 42.63 -25.27 17.53
N LEU G 434 43.16 -26.33 16.92
CA LEU G 434 44.45 -26.83 17.36
C LEU G 434 45.50 -25.82 16.99
N ALA G 435 45.36 -25.19 15.84
CA ALA G 435 46.35 -24.18 15.46
C ALA G 435 46.36 -23.05 16.51
N LEU G 436 45.19 -22.53 16.90
CA LEU G 436 45.15 -21.47 17.90
C LEU G 436 45.74 -21.90 19.24
N GLU G 437 45.48 -23.13 19.61
CA GLU G 437 46.00 -23.66 20.86
C GLU G 437 47.50 -23.60 20.86
N TYR G 438 48.11 -23.87 19.72
CA TYR G 438 49.57 -23.85 19.62
C TYR G 438 50.11 -22.45 19.35
N GLY G 439 49.22 -21.49 19.15
CA GLY G 439 49.70 -20.15 18.88
C GLY G 439 50.40 -20.17 17.55
N ALA G 440 49.81 -20.86 16.59
CA ALA G 440 50.34 -20.98 15.24
C ALA G 440 50.38 -19.65 14.50
N SER G 441 51.26 -19.59 13.52
CA SER G 441 51.36 -18.42 12.66
C SER G 441 50.68 -18.85 11.34
N CYS G 442 50.19 -17.85 10.60
CA CYS G 442 49.56 -18.08 9.31
C CYS G 442 50.50 -18.88 8.41
N GLU G 443 51.79 -18.67 8.64
CA GLU G 443 52.83 -19.33 7.88
C GLU G 443 53.04 -20.79 8.27
N ASP G 444 52.87 -21.07 9.55
CA ASP G 444 53.02 -22.44 10.01
C ASP G 444 51.97 -23.24 9.28
N ILE G 445 50.73 -22.79 9.38
CA ILE G 445 49.60 -23.45 8.76
C ILE G 445 49.81 -23.59 7.24
N ALA G 446 50.29 -22.53 6.63
CA ALA G 446 50.48 -22.57 5.19
C ALA G 446 51.52 -23.61 4.76
N ARG G 447 52.43 -23.97 5.66
CA ARG G 447 53.47 -24.93 5.32
C ARG G 447 53.15 -26.36 5.69
N VAL G 448 52.04 -26.55 6.40
CA VAL G 448 51.61 -27.88 6.78
C VAL G 448 51.09 -28.54 5.51
N CYS G 449 51.59 -29.72 5.18
CA CYS G 449 51.14 -30.41 3.98
C CYS G 449 49.69 -30.86 4.16
N HIS G 450 48.80 -30.38 3.29
CA HIS G 450 47.41 -30.79 3.35
C HIS G 450 47.10 -31.69 2.17
N ALA G 451 46.40 -32.78 2.44
CA ALA G 451 46.03 -33.72 1.39
C ALA G 451 45.22 -33.07 0.24
N HIS G 452 45.60 -33.42 -0.99
CA HIS G 452 44.88 -32.91 -2.14
C HIS G 452 44.12 -34.09 -2.73
N PRO G 453 42.85 -33.93 -3.03
CA PRO G 453 42.07 -32.70 -2.84
C PRO G 453 41.16 -32.71 -1.62
N THR G 454 41.28 -31.68 -0.78
CA THR G 454 40.42 -31.56 0.40
C THR G 454 40.01 -30.10 0.68
N LEU G 455 38.84 -29.95 1.31
CA LEU G 455 38.30 -28.64 1.66
C LEU G 455 39.32 -27.92 2.55
N SER G 456 40.07 -28.70 3.32
CA SER G 456 41.03 -28.09 4.22
C SER G 456 42.12 -27.27 3.47
N GLU G 457 42.30 -27.51 2.17
CA GLU G 457 43.29 -26.76 1.41
C GLU G 457 42.84 -25.27 1.37
N ALA G 458 41.53 -25.04 1.49
CA ALA G 458 41.02 -23.67 1.47
C ALA G 458 41.54 -22.94 2.69
N PHE G 459 41.60 -23.66 3.79
CA PHE G 459 42.08 -23.12 5.05
C PHE G 459 43.59 -22.87 4.91
N ARG G 460 44.25 -23.79 4.23
CA ARG G 460 45.68 -23.66 4.02
C ARG G 460 45.99 -22.41 3.18
N GLU G 461 45.29 -22.30 2.07
CA GLU G 461 45.44 -21.17 1.14
C GLU G 461 45.08 -19.82 1.74
N ALA G 462 44.11 -19.80 2.63
CA ALA G 462 43.71 -18.57 3.27
C ALA G 462 44.82 -18.13 4.18
N ASN G 463 45.48 -19.09 4.81
CA ASN G 463 46.57 -18.76 5.70
C ASN G 463 47.74 -18.26 4.85
N LEU G 464 47.97 -18.90 3.71
CA LEU G 464 49.02 -18.47 2.84
C LEU G 464 48.70 -17.04 2.37
N ALA G 465 47.43 -16.75 2.09
CA ALA G 465 47.06 -15.40 1.67
C ALA G 465 47.36 -14.36 2.74
N ALA G 466 47.11 -14.71 4.00
CA ALA G 466 47.37 -13.77 5.10
C ALA G 466 48.88 -13.65 5.33
N SER G 467 49.55 -14.77 5.23
CA SER G 467 50.98 -14.81 5.45
C SER G 467 51.82 -14.19 4.33
N PHE G 468 51.72 -14.76 3.14
CA PHE G 468 52.51 -14.32 1.98
C PHE G 468 51.90 -13.16 1.21
N GLY G 469 50.57 -13.04 1.26
CA GLY G 469 49.88 -12.00 0.53
C GLY G 469 49.06 -12.55 -0.64
N LYS G 470 49.47 -13.69 -1.18
CA LYS G 470 48.75 -14.31 -2.30
C LYS G 470 48.60 -15.79 -2.00
N SER G 471 47.56 -16.41 -2.56
CA SER G 471 47.41 -17.83 -2.34
C SER G 471 47.96 -18.41 -3.64
N ILE G 472 47.85 -19.72 -3.83
CA ILE G 472 48.35 -20.33 -5.05
C ILE G 472 47.25 -20.44 -6.09
N ASN G 473 46.06 -20.86 -5.65
CA ASN G 473 44.95 -21.06 -6.58
C ASN G 473 43.90 -19.99 -6.73
N PHE G 474 44.21 -18.79 -6.27
CA PHE G 474 43.30 -17.67 -6.41
C PHE G 474 44.14 -16.39 -6.48
N PRO H 4 61.48 -17.79 -30.07
CA PRO H 4 62.85 -17.47 -29.60
C PRO H 4 62.76 -16.72 -28.27
N ILE H 5 62.43 -17.41 -27.17
CA ILE H 5 62.29 -16.73 -25.88
C ILE H 5 63.21 -17.22 -24.76
N ASP H 6 63.23 -16.49 -23.65
CA ASP H 6 64.06 -16.87 -22.51
C ASP H 6 63.44 -16.54 -21.15
N ALA H 7 63.73 -17.37 -20.16
CA ALA H 7 63.15 -17.19 -18.84
C ALA H 7 64.12 -17.46 -17.69
N ASP H 8 63.64 -17.21 -16.48
CA ASP H 8 64.44 -17.44 -15.28
C ASP H 8 64.24 -18.90 -14.89
N VAL H 9 62.98 -19.31 -14.91
CA VAL H 9 62.60 -20.67 -14.54
C VAL H 9 61.69 -21.25 -15.61
N THR H 10 62.03 -22.44 -16.05
CA THR H 10 61.23 -23.13 -17.05
C THR H 10 60.74 -24.45 -16.45
N VAL H 11 59.42 -24.57 -16.33
CA VAL H 11 58.83 -25.78 -15.75
C VAL H 11 58.25 -26.64 -16.87
N ILE H 12 58.64 -27.90 -16.87
CA ILE H 12 58.16 -28.85 -17.88
C ILE H 12 57.13 -29.75 -17.19
N GLY H 13 55.86 -29.42 -17.41
CA GLY H 13 54.75 -30.17 -16.84
C GLY H 13 53.78 -29.23 -16.15
N SER H 14 52.48 -29.38 -16.40
CA SER H 14 51.45 -28.55 -15.79
C SER H 14 50.63 -29.39 -14.79
N GLY H 15 51.27 -30.39 -14.23
CA GLY H 15 50.61 -31.23 -13.26
C GLY H 15 50.68 -30.55 -11.92
N PRO H 16 50.11 -31.14 -10.87
CA PRO H 16 50.14 -30.53 -9.54
C PRO H 16 51.51 -29.94 -9.17
N GLY H 17 52.57 -30.72 -9.35
CA GLY H 17 53.89 -30.22 -9.04
C GLY H 17 54.26 -29.10 -9.99
N GLY H 18 53.89 -29.27 -11.25
CA GLY H 18 54.25 -28.27 -12.23
C GLY H 18 53.59 -26.90 -12.21
N TYR H 19 52.29 -26.87 -12.43
CA TYR H 19 51.57 -25.62 -12.47
C TYR H 19 51.70 -24.83 -11.18
N VAL H 20 51.88 -25.51 -10.05
CA VAL H 20 52.01 -24.84 -8.75
C VAL H 20 53.44 -24.28 -8.61
N ALA H 21 54.42 -25.04 -9.08
CA ALA H 21 55.80 -24.62 -9.04
C ALA H 21 55.88 -23.32 -9.85
N ALA H 22 55.27 -23.34 -11.03
CA ALA H 22 55.26 -22.19 -11.93
C ALA H 22 54.66 -20.95 -11.28
N ILE H 23 53.43 -21.07 -10.79
CA ILE H 23 52.74 -19.95 -10.13
C ILE H 23 53.54 -19.36 -8.99
N LYS H 24 54.09 -20.22 -8.12
CA LYS H 24 54.88 -19.74 -7.00
C LYS H 24 56.09 -19.02 -7.56
N ALA H 25 56.75 -19.66 -8.52
CA ALA H 25 57.93 -19.08 -9.14
C ALA H 25 57.65 -17.65 -9.62
N ALA H 26 56.58 -17.50 -10.41
CA ALA H 26 56.20 -16.18 -10.92
C ALA H 26 56.01 -15.22 -9.75
N GLN H 27 55.22 -15.62 -8.75
CA GLN H 27 54.98 -14.76 -7.59
C GLN H 27 56.25 -14.40 -6.82
N LEU H 28 57.32 -15.15 -7.05
CA LEU H 28 58.57 -14.89 -6.34
C LEU H 28 59.46 -13.90 -7.09
N GLY H 29 59.07 -13.55 -8.30
CA GLY H 29 59.86 -12.61 -9.06
C GLY H 29 60.44 -13.16 -10.36
N PHE H 30 60.53 -14.48 -10.48
CA PHE H 30 61.08 -15.10 -11.68
C PHE H 30 60.15 -14.96 -12.89
N LYS H 31 60.72 -14.72 -14.08
CA LYS H 31 59.87 -14.76 -15.28
C LYS H 31 59.84 -16.23 -15.60
N THR H 32 58.64 -16.76 -15.45
CA THR H 32 58.39 -18.15 -15.60
C THR H 32 57.71 -18.60 -16.86
N VAL H 33 58.15 -19.77 -17.30
CA VAL H 33 57.65 -20.45 -18.49
C VAL H 33 57.26 -21.88 -18.11
N CYS H 34 56.06 -22.31 -18.52
CA CYS H 34 55.62 -23.67 -18.24
C CYS H 34 55.15 -24.35 -19.53
N ILE H 35 55.86 -25.45 -19.85
CA ILE H 35 55.62 -26.23 -21.05
C ILE H 35 54.73 -27.44 -20.76
N GLU H 36 53.73 -27.65 -21.59
CA GLU H 36 52.82 -28.76 -21.42
C GLU H 36 52.52 -29.40 -22.77
N LYS H 37 52.74 -30.72 -22.85
CA LYS H 37 52.50 -31.47 -24.07
C LYS H 37 51.01 -31.75 -24.38
N ASN H 38 50.22 -32.04 -23.35
CA ASN H 38 48.81 -32.38 -23.53
C ASN H 38 47.90 -31.24 -23.91
N GLU H 39 46.68 -31.61 -24.30
CA GLU H 39 45.68 -30.65 -24.74
C GLU H 39 45.26 -29.67 -23.65
N THR H 40 45.39 -30.08 -22.39
CA THR H 40 45.03 -29.19 -21.29
C THR H 40 46.08 -29.20 -20.16
N LEU H 41 45.91 -28.30 -19.21
CA LEU H 41 46.81 -28.17 -18.08
C LEU H 41 46.22 -28.91 -16.90
N GLY H 42 47.06 -29.18 -15.89
CA GLY H 42 46.57 -29.86 -14.72
C GLY H 42 47.09 -31.25 -14.56
N GLY H 43 47.94 -31.70 -15.48
CA GLY H 43 48.48 -33.03 -15.34
C GLY H 43 47.53 -34.22 -15.20
N THR H 44 48.08 -35.27 -14.59
CA THR H 44 47.38 -36.51 -14.37
C THR H 44 46.22 -36.41 -13.39
N CYS H 45 46.44 -35.67 -12.32
CA CYS H 45 45.45 -35.50 -11.26
C CYS H 45 44.14 -34.92 -11.70
N LEU H 46 44.23 -33.79 -12.36
CA LEU H 46 43.08 -33.08 -12.84
C LEU H 46 42.40 -33.72 -14.06
N ASN H 47 43.20 -34.16 -15.03
CA ASN H 47 42.59 -34.72 -16.24
C ASN H 47 42.14 -36.18 -16.24
N VAL H 48 42.88 -37.02 -15.54
CA VAL H 48 42.55 -38.44 -15.50
C VAL H 48 42.90 -39.06 -14.14
N GLY H 49 42.85 -38.24 -13.10
CA GLY H 49 43.24 -38.78 -11.82
C GLY H 49 42.34 -38.42 -10.69
N CYS H 50 42.91 -37.70 -9.72
CA CYS H 50 42.17 -37.30 -8.52
C CYS H 50 40.81 -36.69 -8.77
N ILE H 51 40.79 -35.70 -9.65
CA ILE H 51 39.57 -34.99 -9.93
C ILE H 51 38.48 -35.84 -10.52
N PRO H 52 38.68 -36.37 -11.74
CA PRO H 52 37.57 -37.17 -12.25
C PRO H 52 37.19 -38.34 -11.34
N SER H 53 38.18 -38.99 -10.75
CA SER H 53 37.84 -40.11 -9.87
C SER H 53 37.07 -39.68 -8.61
N LYS H 54 37.47 -38.57 -7.98
CA LYS H 54 36.75 -38.12 -6.79
C LYS H 54 35.28 -37.76 -7.14
N ALA H 55 35.05 -37.14 -8.30
CA ALA H 55 33.69 -36.77 -8.73
C ALA H 55 32.84 -38.02 -8.91
N LEU H 56 33.39 -39.02 -9.60
CA LEU H 56 32.65 -40.27 -9.80
C LEU H 56 32.42 -40.97 -8.44
N LEU H 57 33.37 -40.85 -7.51
CA LEU H 57 33.19 -41.45 -6.17
C LEU H 57 32.05 -40.74 -5.42
N ASN H 58 31.99 -39.43 -5.55
CA ASN H 58 30.96 -38.64 -4.88
C ASN H 58 29.59 -38.92 -5.50
N ASN H 59 29.51 -38.89 -6.83
CA ASN H 59 28.25 -39.13 -7.49
C ASN H 59 27.71 -40.54 -7.24
N SER H 60 28.57 -41.55 -7.34
CA SER H 60 28.14 -42.92 -7.13
C SER H 60 27.73 -43.17 -5.70
N HIS H 61 28.38 -42.54 -4.75
CA HIS H 61 27.98 -42.77 -3.37
C HIS H 61 26.58 -42.18 -3.13
N TYR H 62 26.28 -41.06 -3.78
CA TYR H 62 24.98 -40.46 -3.64
C TYR H 62 23.94 -41.32 -4.33
N TYR H 63 24.35 -41.94 -5.44
CA TYR H 63 23.45 -42.82 -6.19
C TYR H 63 23.03 -43.95 -5.28
N HIS H 64 24.04 -44.49 -4.60
CA HIS H 64 23.87 -45.61 -3.68
C HIS H 64 22.93 -45.26 -2.53
N MET H 65 23.06 -44.05 -2.00
CA MET H 65 22.22 -43.61 -0.90
C MET H 65 20.75 -43.50 -1.30
N ALA H 66 20.50 -43.08 -2.53
CA ALA H 66 19.15 -42.92 -3.05
C ALA H 66 18.55 -44.26 -3.49
N HIS H 67 19.29 -45.01 -4.32
CA HIS H 67 18.81 -46.27 -4.85
C HIS H 67 18.77 -47.41 -3.80
N GLY H 68 19.45 -47.20 -2.67
CA GLY H 68 19.50 -48.20 -1.63
C GLY H 68 18.58 -47.83 -0.47
N THR H 69 18.86 -48.40 0.68
CA THR H 69 18.02 -48.14 1.84
C THR H 69 18.20 -46.83 2.55
N ASP H 70 19.36 -46.20 2.39
CA ASP H 70 19.59 -44.98 3.14
C ASP H 70 18.56 -43.84 3.13
N PHE H 71 18.24 -43.29 1.96
CA PHE H 71 17.28 -42.18 1.92
C PHE H 71 15.91 -42.53 2.44
N ALA H 72 15.45 -43.74 2.12
CA ALA H 72 14.16 -44.22 2.60
C ALA H 72 14.13 -44.15 4.13
N SER H 73 15.15 -44.70 4.77
CA SER H 73 15.19 -44.69 6.23
C SER H 73 15.14 -43.28 6.76
N ARG H 74 15.39 -42.32 5.90
CA ARG H 74 15.40 -40.91 6.30
C ARG H 74 14.14 -40.16 5.98
N GLY H 75 13.20 -40.85 5.36
CA GLY H 75 11.95 -40.22 5.02
C GLY H 75 11.99 -39.57 3.65
N ILE H 76 12.99 -39.93 2.85
CA ILE H 76 13.09 -39.38 1.52
C ILE H 76 12.68 -40.53 0.61
N GLU H 77 11.41 -40.51 0.20
CA GLU H 77 10.86 -41.56 -0.66
C GLU H 77 10.67 -41.19 -2.12
N MET H 78 11.02 -42.13 -2.99
CA MET H 78 10.85 -41.97 -4.43
C MET H 78 10.41 -43.32 -4.97
N SER H 79 9.52 -43.29 -5.94
CA SER H 79 9.02 -44.51 -6.54
C SER H 79 10.17 -45.31 -7.14
N GLU H 80 10.90 -44.70 -8.05
CA GLU H 80 11.99 -45.42 -8.71
C GLU H 80 13.20 -44.51 -8.77
N VAL H 81 14.38 -45.13 -8.78
CA VAL H 81 15.64 -44.41 -8.86
C VAL H 81 16.40 -45.05 -9.99
N ARG H 82 16.77 -44.25 -10.99
CA ARG H 82 17.48 -44.77 -12.16
C ARG H 82 18.81 -44.08 -12.46
N LEU H 83 19.82 -44.86 -12.83
CA LEU H 83 21.11 -44.29 -13.17
C LEU H 83 21.18 -43.74 -14.58
N ASN H 84 21.59 -42.48 -14.74
CA ASN H 84 21.76 -41.91 -16.07
C ASN H 84 23.28 -41.74 -16.14
N LEU H 85 23.97 -42.81 -16.51
CA LEU H 85 25.42 -42.76 -16.58
C LEU H 85 25.96 -41.62 -17.44
N ASP H 86 25.19 -41.20 -18.42
CA ASP H 86 25.60 -40.11 -19.28
C ASP H 86 25.64 -38.78 -18.56
N LYS H 87 24.62 -38.51 -17.76
CA LYS H 87 24.54 -37.27 -17.02
C LYS H 87 25.58 -37.28 -15.90
N MET H 88 25.74 -38.43 -15.28
CA MET H 88 26.69 -38.55 -14.21
C MET H 88 28.14 -38.33 -14.69
N MET H 89 28.45 -38.67 -15.93
CA MET H 89 29.81 -38.47 -16.44
C MET H 89 29.99 -37.02 -16.85
N GLU H 90 28.87 -36.39 -17.17
CA GLU H 90 28.91 -35.00 -17.56
C GLU H 90 29.32 -34.12 -16.35
N GLN H 91 28.69 -34.34 -15.19
CA GLN H 91 29.01 -33.57 -13.99
C GLN H 91 30.50 -33.65 -13.75
N LYS H 92 31.04 -34.83 -14.00
CA LYS H 92 32.45 -35.05 -13.81
C LYS H 92 33.30 -34.23 -14.80
N SER H 93 32.94 -34.29 -16.09
CA SER H 93 33.65 -33.57 -17.14
C SER H 93 33.58 -32.06 -16.92
N THR H 94 32.43 -31.60 -16.45
CA THR H 94 32.24 -30.19 -16.21
C THR H 94 33.22 -29.71 -15.16
N ALA H 95 33.40 -30.53 -14.11
CA ALA H 95 34.32 -30.18 -13.04
C ALA H 95 35.74 -30.07 -13.57
N VAL H 96 36.15 -31.06 -14.37
CA VAL H 96 37.50 -31.08 -14.93
C VAL H 96 37.70 -29.85 -15.79
N LYS H 97 36.76 -29.65 -16.72
CA LYS H 97 36.78 -28.52 -17.63
C LYS H 97 36.97 -27.20 -16.86
N ALA H 98 36.19 -27.03 -15.80
CA ALA H 98 36.28 -25.80 -15.03
C ALA H 98 37.63 -25.65 -14.36
N LEU H 99 38.11 -26.72 -13.73
CA LEU H 99 39.37 -26.67 -13.05
C LEU H 99 40.56 -26.49 -13.99
N THR H 100 40.47 -27.03 -15.20
CA THR H 100 41.56 -26.86 -16.16
C THR H 100 41.52 -25.39 -16.57
N GLY H 101 40.31 -24.87 -16.79
CA GLY H 101 40.19 -23.49 -17.18
C GLY H 101 40.81 -22.62 -16.11
N GLY H 102 40.61 -23.03 -14.87
CA GLY H 102 41.15 -22.31 -13.74
C GLY H 102 42.66 -22.25 -13.74
N ILE H 103 43.32 -23.31 -14.19
CA ILE H 103 44.78 -23.29 -14.23
C ILE H 103 45.19 -22.20 -15.23
N ALA H 104 44.60 -22.28 -16.42
CA ALA H 104 44.89 -21.31 -17.49
C ALA H 104 44.77 -19.88 -16.97
N HIS H 105 43.68 -19.61 -16.25
CA HIS H 105 43.43 -18.29 -15.72
C HIS H 105 44.47 -17.86 -14.68
N LEU H 106 44.88 -18.77 -13.82
CA LEU H 106 45.87 -18.46 -12.80
C LEU H 106 47.24 -18.19 -13.45
N PHE H 107 47.54 -18.90 -14.54
CA PHE H 107 48.82 -18.71 -15.24
C PHE H 107 48.81 -17.30 -15.83
N LYS H 108 47.76 -17.00 -16.58
CA LYS H 108 47.61 -15.70 -17.20
C LYS H 108 47.71 -14.61 -16.12
N GLN H 109 46.97 -14.79 -15.04
CA GLN H 109 46.96 -13.85 -13.92
C GLN H 109 48.31 -13.68 -13.25
N ASN H 110 49.13 -14.71 -13.31
CA ASN H 110 50.44 -14.62 -12.68
C ASN H 110 51.58 -14.35 -13.63
N LYS H 111 51.22 -14.14 -14.89
CA LYS H 111 52.21 -13.83 -15.92
C LYS H 111 53.04 -15.05 -16.24
N VAL H 112 52.48 -16.22 -16.02
CA VAL H 112 53.20 -17.42 -16.37
C VAL H 112 53.02 -17.65 -17.86
N VAL H 113 54.13 -17.70 -18.57
CA VAL H 113 54.13 -17.93 -20.01
C VAL H 113 53.82 -19.38 -20.26
N HIS H 114 52.76 -19.66 -21.01
CA HIS H 114 52.42 -21.04 -21.27
C HIS H 114 52.85 -21.46 -22.66
N VAL H 115 53.77 -22.41 -22.74
CA VAL H 115 54.19 -22.91 -24.03
C VAL H 115 53.60 -24.31 -24.17
N ASN H 116 52.80 -24.55 -25.22
CA ASN H 116 52.21 -25.86 -25.46
C ASN H 116 53.09 -26.68 -26.44
N GLY H 117 53.35 -27.94 -26.10
CA GLY H 117 54.19 -28.78 -26.92
C GLY H 117 55.08 -29.71 -26.08
N TYR H 118 55.65 -30.72 -26.71
CA TYR H 118 56.51 -31.66 -26.02
C TYR H 118 57.84 -30.96 -25.82
N GLY H 119 58.37 -31.03 -24.61
CA GLY H 119 59.64 -30.37 -24.33
C GLY H 119 60.82 -31.29 -24.15
N LYS H 120 61.98 -30.84 -24.61
CA LYS H 120 63.18 -31.63 -24.47
C LYS H 120 64.30 -30.71 -24.00
N ILE H 121 65.04 -31.18 -22.98
CA ILE H 121 66.16 -30.38 -22.49
C ILE H 121 67.25 -30.57 -23.54
N THR H 122 67.44 -29.54 -24.34
CA THR H 122 68.40 -29.54 -25.43
C THR H 122 69.80 -29.05 -25.07
N GLY H 123 69.94 -28.50 -23.88
CA GLY H 123 71.22 -27.99 -23.42
C GLY H 123 71.07 -27.61 -21.97
N LYS H 124 72.17 -27.56 -21.23
CA LYS H 124 72.12 -27.24 -19.81
C LYS H 124 71.28 -26.02 -19.44
N ASN H 125 71.02 -25.14 -20.40
CA ASN H 125 70.22 -23.95 -20.13
C ASN H 125 69.22 -23.77 -21.25
N GLN H 126 68.94 -24.84 -21.96
CA GLN H 126 68.02 -24.77 -23.08
C GLN H 126 66.95 -25.86 -23.02
N VAL H 127 65.74 -25.51 -23.45
CA VAL H 127 64.60 -26.42 -23.51
C VAL H 127 63.92 -26.13 -24.84
N THR H 128 63.56 -27.17 -25.59
CA THR H 128 62.90 -26.98 -26.87
C THR H 128 61.54 -27.65 -26.88
N ALA H 129 60.53 -26.93 -27.35
CA ALA H 129 59.17 -27.44 -27.42
C ALA H 129 58.82 -27.73 -28.85
N THR H 130 58.36 -28.94 -29.09
CA THR H 130 57.99 -29.34 -30.43
C THR H 130 56.50 -29.63 -30.46
N LYS H 131 55.76 -28.72 -31.09
CA LYS H 131 54.28 -28.78 -31.25
C LYS H 131 53.89 -29.98 -32.13
N ALA H 132 52.59 -30.20 -32.31
CA ALA H 132 52.11 -31.31 -33.13
C ALA H 132 52.39 -31.06 -34.61
N ASP H 133 52.20 -29.81 -35.04
CA ASP H 133 52.40 -29.40 -36.42
C ASP H 133 53.88 -29.46 -36.77
N GLY H 134 54.72 -29.77 -35.79
CA GLY H 134 56.14 -29.84 -36.02
C GLY H 134 56.80 -28.55 -35.55
N GLY H 135 56.00 -27.49 -35.45
CA GLY H 135 56.49 -26.19 -35.01
C GLY H 135 57.45 -26.26 -33.82
N THR H 136 58.33 -25.27 -33.71
CA THR H 136 59.28 -25.29 -32.61
C THR H 136 59.35 -23.96 -31.89
N GLN H 137 59.71 -24.05 -30.62
CA GLN H 137 59.84 -22.89 -29.77
C GLN H 137 60.92 -23.26 -28.76
N VAL H 138 61.97 -22.46 -28.70
CA VAL H 138 63.05 -22.74 -27.76
C VAL H 138 63.09 -21.70 -26.64
N ILE H 139 63.44 -22.17 -25.47
CA ILE H 139 63.53 -21.33 -24.31
C ILE H 139 64.95 -21.40 -23.77
N ASP H 140 65.55 -20.24 -23.54
CA ASP H 140 66.89 -20.15 -22.95
C ASP H 140 66.57 -19.80 -21.51
N THR H 141 66.83 -20.71 -20.58
CA THR H 141 66.48 -20.44 -19.21
C THR H 141 67.61 -20.69 -18.22
N LYS H 142 67.55 -20.01 -17.08
CA LYS H 142 68.54 -20.12 -16.02
C LYS H 142 68.36 -21.42 -15.25
N ASN H 143 67.10 -21.78 -15.02
CA ASN H 143 66.78 -22.99 -14.31
C ASN H 143 65.75 -23.79 -15.06
N ILE H 144 65.90 -25.10 -14.96
CA ILE H 144 64.98 -26.02 -15.57
C ILE H 144 64.39 -26.81 -14.41
N LEU H 145 63.07 -26.93 -14.39
CA LEU H 145 62.39 -27.69 -13.35
C LEU H 145 61.59 -28.80 -14.05
N ILE H 146 61.99 -30.03 -13.79
CA ILE H 146 61.33 -31.19 -14.38
C ILE H 146 60.20 -31.66 -13.48
N ALA H 147 58.97 -31.62 -14.03
CA ALA H 147 57.75 -32.05 -13.34
C ALA H 147 56.94 -32.85 -14.36
N THR H 148 57.63 -33.80 -14.98
CA THR H 148 57.02 -34.63 -16.02
C THR H 148 56.05 -35.72 -15.55
N GLY H 149 55.80 -35.78 -14.26
CA GLY H 149 54.85 -36.75 -13.73
C GLY H 149 55.07 -38.24 -13.87
N SER H 150 53.98 -38.94 -14.16
CA SER H 150 54.01 -40.38 -14.31
C SER H 150 53.01 -40.89 -15.33
N GLU H 151 53.03 -42.19 -15.56
CA GLU H 151 52.10 -42.84 -16.49
C GLU H 151 51.70 -44.19 -15.91
N VAL H 152 50.75 -44.85 -16.57
CA VAL H 152 50.29 -46.15 -16.14
C VAL H 152 51.41 -47.16 -16.37
N THR H 153 51.53 -48.09 -15.44
CA THR H 153 52.53 -49.14 -15.51
C THR H 153 51.87 -50.24 -16.28
N PRO H 154 52.49 -50.66 -17.38
CA PRO H 154 51.84 -51.73 -18.14
C PRO H 154 52.07 -53.11 -17.55
N PHE H 155 51.10 -53.98 -17.78
CA PHE H 155 51.21 -55.35 -17.33
C PHE H 155 51.68 -56.12 -18.57
N PRO H 156 52.99 -56.44 -18.64
CA PRO H 156 53.48 -57.17 -19.80
C PRO H 156 52.66 -58.42 -20.10
N GLY H 157 52.19 -58.51 -21.34
CA GLY H 157 51.40 -59.64 -21.77
C GLY H 157 50.02 -59.12 -22.10
N ILE H 158 49.44 -58.43 -21.12
CA ILE H 158 48.13 -57.84 -21.26
C ILE H 158 48.32 -56.48 -21.92
N THR H 159 47.50 -56.17 -22.90
CA THR H 159 47.66 -54.88 -23.53
C THR H 159 46.36 -54.11 -23.38
N ILE H 160 46.50 -52.89 -22.90
CA ILE H 160 45.39 -51.99 -22.67
C ILE H 160 44.97 -51.24 -23.93
N ASP H 161 43.70 -51.35 -24.30
CA ASP H 161 43.16 -50.65 -25.48
C ASP H 161 42.17 -49.59 -25.04
N GLU H 162 41.94 -49.51 -23.73
CA GLU H 162 41.04 -48.54 -23.12
C GLU H 162 39.61 -48.69 -23.56
N ASP H 163 39.26 -49.90 -23.97
CA ASP H 163 37.91 -50.23 -24.39
C ASP H 163 37.38 -51.27 -23.41
N THR H 164 37.92 -52.48 -23.44
CA THR H 164 37.46 -53.51 -22.51
C THR H 164 38.56 -53.85 -21.55
N ILE H 165 39.78 -53.55 -21.93
CA ILE H 165 40.92 -53.78 -21.07
C ILE H 165 41.47 -52.39 -20.89
N VAL H 166 41.06 -51.75 -19.80
CA VAL H 166 41.42 -50.38 -19.50
C VAL H 166 42.43 -50.14 -18.39
N SER H 167 42.82 -48.88 -18.25
CA SER H 167 43.74 -48.41 -17.21
C SER H 167 42.77 -47.47 -16.47
N SER H 168 43.23 -46.80 -15.42
CA SER H 168 42.36 -45.89 -14.67
C SER H 168 41.70 -44.86 -15.59
N THR H 169 42.42 -44.43 -16.62
CA THR H 169 41.91 -43.45 -17.59
C THR H 169 40.66 -44.01 -18.26
N GLY H 170 40.78 -45.22 -18.82
CA GLY H 170 39.65 -45.84 -19.47
C GLY H 170 38.52 -46.15 -18.49
N ALA H 171 38.87 -46.57 -17.28
CA ALA H 171 37.88 -46.91 -16.27
C ALA H 171 37.11 -45.69 -15.78
N LEU H 172 37.67 -44.52 -16.04
CA LEU H 172 37.05 -43.25 -15.61
C LEU H 172 36.02 -42.71 -16.58
N SER H 173 35.89 -43.38 -17.73
CA SER H 173 34.95 -42.98 -18.78
C SER H 173 34.27 -44.16 -19.50
N LEU H 174 34.06 -45.27 -18.79
CA LEU H 174 33.38 -46.42 -19.39
C LEU H 174 32.06 -45.98 -20.00
N LYS H 175 31.72 -46.53 -21.16
CA LYS H 175 30.47 -46.15 -21.82
C LYS H 175 29.22 -46.70 -21.17
N LYS H 176 29.38 -47.70 -20.31
CA LYS H 176 28.21 -48.29 -19.62
C LYS H 176 28.72 -49.12 -18.45
N VAL H 177 27.84 -49.45 -17.52
CA VAL H 177 28.23 -50.25 -16.36
C VAL H 177 28.55 -51.66 -16.78
N PRO H 178 29.81 -52.10 -16.65
CA PRO H 178 30.11 -53.48 -17.05
C PRO H 178 29.31 -54.38 -16.15
N GLU H 179 28.95 -55.55 -16.64
CA GLU H 179 28.19 -56.48 -15.84
C GLU H 179 29.11 -57.04 -14.78
N LYS H 180 30.27 -57.51 -15.22
CA LYS H 180 31.24 -58.07 -14.31
C LYS H 180 32.58 -57.40 -14.59
N MET H 181 33.29 -57.01 -13.54
CA MET H 181 34.59 -56.34 -13.69
C MET H 181 35.65 -56.93 -12.76
N VAL H 182 36.88 -57.04 -13.29
CA VAL H 182 38.00 -57.53 -12.52
C VAL H 182 39.08 -56.43 -12.51
N VAL H 183 39.59 -56.15 -11.32
CA VAL H 183 40.61 -55.15 -11.14
C VAL H 183 41.86 -55.87 -10.71
N ILE H 184 42.95 -55.70 -11.48
CA ILE H 184 44.26 -56.27 -11.15
C ILE H 184 44.91 -55.18 -10.32
N GLY H 185 45.14 -55.48 -9.03
CA GLY H 185 45.77 -54.53 -8.14
C GLY H 185 44.79 -53.88 -7.18
N ALA H 186 45.00 -54.11 -5.89
CA ALA H 186 44.13 -53.56 -4.86
C ALA H 186 44.73 -52.36 -4.11
N GLY H 187 45.48 -51.55 -4.82
CA GLY H 187 46.06 -50.35 -4.23
C GLY H 187 44.96 -49.31 -4.11
N VAL H 188 45.30 -48.10 -3.68
CA VAL H 188 44.29 -47.04 -3.54
C VAL H 188 43.51 -46.75 -4.82
N ILE H 189 44.20 -46.64 -5.95
CA ILE H 189 43.48 -46.33 -7.17
C ILE H 189 42.48 -47.40 -7.59
N GLY H 190 42.89 -48.65 -7.45
CA GLY H 190 42.05 -49.76 -7.82
C GLY H 190 40.86 -49.91 -6.90
N VAL H 191 41.01 -49.55 -5.63
CA VAL H 191 39.88 -49.68 -4.73
C VAL H 191 38.84 -48.62 -5.01
N GLU H 192 39.28 -47.37 -5.18
CA GLU H 192 38.32 -46.33 -5.47
C GLU H 192 37.57 -46.67 -6.77
N LEU H 193 38.28 -46.91 -7.87
CA LEU H 193 37.59 -47.24 -9.13
C LEU H 193 36.69 -48.48 -8.98
N GLY H 194 37.20 -49.49 -8.28
CA GLY H 194 36.42 -50.70 -8.06
C GLY H 194 35.11 -50.40 -7.38
N SER H 195 35.16 -49.65 -6.28
CA SER H 195 33.95 -49.31 -5.54
C SER H 195 32.98 -48.44 -6.32
N VAL H 196 33.50 -47.54 -7.14
CA VAL H 196 32.63 -46.68 -7.93
C VAL H 196 31.73 -47.55 -8.82
N TRP H 197 32.33 -48.43 -9.62
CA TRP H 197 31.54 -49.29 -10.49
C TRP H 197 30.69 -50.34 -9.78
N GLN H 198 31.16 -50.80 -8.62
CA GLN H 198 30.39 -51.76 -7.86
C GLN H 198 29.09 -51.04 -7.48
N ARG H 199 29.22 -49.80 -6.99
CA ARG H 199 28.04 -49.03 -6.57
C ARG H 199 27.05 -48.90 -7.68
N LEU H 200 27.56 -48.67 -8.89
CA LEU H 200 26.69 -48.49 -10.03
C LEU H 200 26.00 -49.73 -10.61
N GLY H 201 26.26 -50.91 -10.05
CA GLY H 201 25.59 -52.11 -10.55
C GLY H 201 26.47 -53.27 -10.99
N ALA H 202 27.77 -53.03 -11.14
CA ALA H 202 28.71 -54.06 -11.57
C ALA H 202 29.17 -55.05 -10.48
N ASP H 203 29.46 -56.27 -10.93
CA ASP H 203 29.96 -57.35 -10.09
C ASP H 203 31.46 -57.11 -10.13
N VAL H 204 32.01 -56.74 -8.98
CA VAL H 204 33.41 -56.45 -8.98
C VAL H 204 34.25 -57.29 -8.05
N THR H 205 35.40 -57.69 -8.58
CA THR H 205 36.38 -58.48 -7.86
C THR H 205 37.77 -57.91 -8.11
N ALA H 206 38.52 -57.68 -7.05
CA ALA H 206 39.88 -57.17 -7.19
C ALA H 206 40.84 -58.29 -6.84
N VAL H 207 41.82 -58.51 -7.72
CA VAL H 207 42.82 -59.54 -7.51
C VAL H 207 44.11 -58.86 -7.12
N GLU H 208 44.54 -59.12 -5.89
CA GLU H 208 45.75 -58.53 -5.30
C GLU H 208 46.80 -59.57 -4.88
N PHE H 209 48.04 -59.33 -5.29
CA PHE H 209 49.15 -60.22 -4.96
C PHE H 209 49.50 -60.28 -3.47
N LEU H 210 49.46 -59.12 -2.81
CA LEU H 210 49.75 -59.04 -1.39
C LEU H 210 48.58 -59.58 -0.59
N GLY H 211 48.68 -59.47 0.73
CA GLY H 211 47.64 -59.96 1.62
C GLY H 211 46.75 -58.91 2.26
N HIS H 212 46.71 -57.69 1.71
CA HIS H 212 45.88 -56.62 2.26
C HIS H 212 45.55 -55.64 1.14
N VAL H 213 44.53 -54.82 1.37
CA VAL H 213 44.13 -53.82 0.38
C VAL H 213 44.65 -52.42 0.78
N GLY H 214 44.71 -51.50 -0.17
CA GLY H 214 45.16 -50.15 0.12
C GLY H 214 46.58 -49.73 -0.19
N GLY H 215 47.37 -50.61 -0.77
CA GLY H 215 48.74 -50.26 -1.12
C GLY H 215 49.72 -50.24 0.04
N VAL H 216 50.78 -49.48 -0.14
CA VAL H 216 51.85 -49.37 0.83
C VAL H 216 51.61 -48.36 1.92
N GLY H 217 52.15 -48.64 3.10
CA GLY H 217 52.02 -47.73 4.22
C GLY H 217 50.73 -47.76 5.02
N ILE H 218 49.69 -48.39 4.50
CA ILE H 218 48.45 -48.41 5.26
C ILE H 218 48.62 -49.33 6.47
N ASP H 219 47.97 -48.97 7.57
CA ASP H 219 48.04 -49.77 8.76
C ASP H 219 47.24 -51.06 8.51
N MET H 220 47.83 -52.22 8.80
CA MET H 220 47.16 -53.49 8.58
C MET H 220 45.79 -53.66 9.26
N GLU H 221 45.72 -53.40 10.55
CA GLU H 221 44.44 -53.48 11.25
C GLU H 221 43.36 -52.65 10.52
N ILE H 222 43.72 -51.43 10.14
CA ILE H 222 42.83 -50.52 9.44
C ILE H 222 42.41 -51.09 8.07
N SER H 223 43.40 -51.66 7.37
CA SER H 223 43.24 -52.26 6.05
C SER H 223 42.32 -53.45 6.12
N LYS H 224 42.55 -54.28 7.12
CA LYS H 224 41.77 -55.48 7.32
C LYS H 224 40.32 -55.08 7.56
N ASN H 225 40.10 -54.13 8.48
CA ASN H 225 38.76 -53.67 8.81
C ASN H 225 38.09 -52.99 7.63
N PHE H 226 38.90 -52.32 6.82
CA PHE H 226 38.42 -51.63 5.65
C PHE H 226 37.95 -52.67 4.62
N GLN H 227 38.76 -53.71 4.43
CA GLN H 227 38.40 -54.80 3.52
C GLN H 227 37.06 -55.43 3.92
N ARG H 228 36.87 -55.64 5.22
CA ARG H 228 35.64 -56.24 5.70
C ARG H 228 34.45 -55.43 5.28
N ILE H 229 34.50 -54.12 5.53
CA ILE H 229 33.39 -53.24 5.18
C ILE H 229 33.10 -53.20 3.67
N LEU H 230 34.16 -53.21 2.87
CA LEU H 230 34.00 -53.19 1.42
C LEU H 230 33.36 -54.50 0.91
N GLN H 231 33.79 -55.61 1.47
CA GLN H 231 33.24 -56.89 1.05
C GLN H 231 31.75 -56.93 1.30
N LYS H 232 31.37 -56.46 2.48
CA LYS H 232 29.97 -56.43 2.88
C LYS H 232 29.14 -55.50 1.97
N GLN H 233 29.82 -54.52 1.39
CA GLN H 233 29.16 -53.58 0.47
C GLN H 233 29.00 -54.27 -0.88
N GLY H 234 29.72 -55.39 -1.05
CA GLY H 234 29.65 -56.15 -2.29
C GLY H 234 30.96 -56.30 -3.05
N PHE H 235 31.97 -55.53 -2.65
CA PHE H 235 33.27 -55.55 -3.30
C PHE H 235 33.99 -56.85 -2.89
N LYS H 236 34.29 -57.70 -3.86
CA LYS H 236 34.97 -58.98 -3.56
C LYS H 236 36.48 -58.89 -3.75
N PHE H 237 37.21 -59.65 -2.94
CA PHE H 237 38.66 -59.59 -3.03
C PHE H 237 39.32 -60.95 -3.08
N LYS H 238 40.39 -61.03 -3.88
CA LYS H 238 41.17 -62.24 -3.97
C LYS H 238 42.59 -61.80 -3.66
N LEU H 239 42.97 -61.87 -2.39
CA LEU H 239 44.31 -61.45 -2.00
C LEU H 239 45.27 -62.62 -2.12
N ASN H 240 46.57 -62.34 -2.06
CA ASN H 240 47.56 -63.40 -2.16
C ASN H 240 47.36 -64.17 -3.46
N THR H 241 46.86 -63.45 -4.48
CA THR H 241 46.62 -64.03 -5.80
C THR H 241 47.37 -63.27 -6.90
N LYS H 242 48.07 -64.04 -7.70
CA LYS H 242 48.85 -63.51 -8.81
C LYS H 242 48.07 -63.63 -10.12
N VAL H 243 47.88 -62.52 -10.83
CA VAL H 243 47.21 -62.57 -12.11
C VAL H 243 48.32 -62.97 -13.08
N THR H 244 48.15 -64.08 -13.79
CA THR H 244 49.16 -64.56 -14.71
C THR H 244 49.04 -63.87 -16.06
N GLY H 245 47.81 -63.82 -16.57
CA GLY H 245 47.58 -63.17 -17.84
C GLY H 245 46.11 -63.11 -18.15
N ALA H 246 45.80 -62.57 -19.33
CA ALA H 246 44.41 -62.46 -19.73
C ALA H 246 44.34 -62.49 -21.24
N THR H 247 43.23 -63.00 -21.76
CA THR H 247 43.03 -63.08 -23.20
C THR H 247 41.60 -62.65 -23.55
N LYS H 248 41.48 -61.78 -24.55
CA LYS H 248 40.17 -61.30 -25.00
C LYS H 248 39.59 -62.39 -25.92
N LYS H 249 38.45 -62.95 -25.54
CA LYS H 249 37.83 -64.01 -26.34
C LYS H 249 36.96 -63.44 -27.44
N SER H 250 36.74 -64.25 -28.47
CA SER H 250 35.93 -63.82 -29.60
C SER H 250 34.53 -63.40 -29.24
N ASP H 251 33.99 -63.86 -28.12
CA ASP H 251 32.64 -63.47 -27.71
C ASP H 251 32.64 -62.09 -27.04
N GLY H 252 33.83 -61.48 -27.00
CA GLY H 252 33.96 -60.17 -26.39
C GLY H 252 34.28 -60.22 -24.91
N LYS H 253 34.10 -61.38 -24.28
CA LYS H 253 34.39 -61.52 -22.86
C LYS H 253 35.89 -61.68 -22.62
N ILE H 254 36.32 -61.44 -21.38
CA ILE H 254 37.74 -61.53 -21.02
C ILE H 254 38.06 -62.58 -19.98
N ASP H 255 39.01 -63.45 -20.32
CA ASP H 255 39.45 -64.50 -19.43
C ASP H 255 40.73 -64.07 -18.72
N VAL H 256 40.68 -64.03 -17.39
CA VAL H 256 41.82 -63.66 -16.57
C VAL H 256 42.24 -64.90 -15.81
N SER H 257 43.46 -65.36 -16.03
CA SER H 257 43.89 -66.54 -15.30
C SER H 257 44.73 -66.11 -14.08
N ILE H 258 44.48 -66.79 -12.96
CA ILE H 258 45.16 -66.52 -11.71
C ILE H 258 45.74 -67.75 -10.99
N GLU H 259 46.63 -67.47 -10.03
CA GLU H 259 47.27 -68.49 -9.20
C GLU H 259 47.50 -67.92 -7.83
N ALA H 260 47.66 -68.81 -6.85
CA ALA H 260 47.96 -68.39 -5.51
C ALA H 260 49.35 -67.74 -5.65
N ALA H 261 49.61 -66.70 -4.86
CA ALA H 261 50.91 -66.03 -4.94
C ALA H 261 52.02 -67.06 -4.79
N SER H 262 51.87 -67.97 -3.83
CA SER H 262 52.88 -69.01 -3.61
C SER H 262 52.68 -70.27 -4.48
N GLY H 263 52.22 -70.04 -5.71
CA GLY H 263 52.00 -71.13 -6.65
C GLY H 263 50.80 -72.02 -6.44
N GLY H 264 50.25 -72.50 -7.56
CA GLY H 264 49.11 -73.39 -7.50
C GLY H 264 47.76 -72.72 -7.58
N LYS H 265 46.72 -73.52 -7.38
CA LYS H 265 45.34 -73.07 -7.41
C LYS H 265 45.02 -72.29 -8.69
N ALA H 266 45.49 -72.82 -9.83
CA ALA H 266 45.28 -72.16 -11.11
C ALA H 266 43.80 -72.05 -11.38
N GLU H 267 43.32 -70.81 -11.49
CA GLU H 267 41.90 -70.56 -11.74
C GLU H 267 41.74 -69.53 -12.84
N VAL H 268 40.51 -69.38 -13.31
CA VAL H 268 40.18 -68.40 -14.34
C VAL H 268 38.87 -67.69 -14.01
N ILE H 269 38.87 -66.37 -14.15
CA ILE H 269 37.68 -65.57 -13.92
C ILE H 269 37.32 -64.88 -15.24
N THR H 270 36.03 -64.84 -15.55
CA THR H 270 35.58 -64.21 -16.78
C THR H 270 34.84 -62.92 -16.40
N CYS H 271 35.13 -61.86 -17.15
CA CYS H 271 34.49 -60.56 -16.91
C CYS H 271 34.26 -59.81 -18.23
N ASP H 272 33.57 -58.67 -18.15
CA ASP H 272 33.30 -57.85 -19.32
C ASP H 272 34.35 -56.76 -19.46
N VAL H 273 34.86 -56.25 -18.32
CA VAL H 273 35.90 -55.22 -18.33
C VAL H 273 37.05 -55.57 -17.38
N LEU H 274 38.26 -55.34 -17.89
CA LEU H 274 39.46 -55.61 -17.12
C LEU H 274 40.21 -54.31 -16.93
N LEU H 275 40.42 -53.97 -15.66
CA LEU H 275 41.14 -52.77 -15.26
C LEU H 275 42.51 -53.13 -14.68
N VAL H 276 43.55 -52.88 -15.49
CA VAL H 276 44.95 -53.12 -15.11
C VAL H 276 45.33 -51.91 -14.25
N CYS H 277 45.66 -52.18 -12.99
CA CYS H 277 45.95 -51.11 -12.04
C CYS H 277 47.07 -51.52 -11.11
N ILE H 278 48.26 -51.78 -11.68
CA ILE H 278 49.39 -52.21 -10.88
C ILE H 278 50.40 -51.11 -10.61
N GLY H 279 49.91 -49.90 -10.45
CA GLY H 279 50.78 -48.77 -10.16
C GLY H 279 51.03 -47.85 -11.34
N ARG H 280 51.68 -46.74 -11.05
CA ARG H 280 52.04 -45.74 -12.06
C ARG H 280 53.55 -45.68 -11.91
N ARG H 281 54.23 -45.10 -12.90
CA ARG H 281 55.69 -45.01 -12.88
C ARG H 281 56.15 -43.67 -13.41
N PRO H 282 57.35 -43.22 -12.99
CA PRO H 282 57.92 -41.94 -13.43
C PRO H 282 58.11 -41.87 -14.94
N PHE H 283 57.62 -40.78 -15.50
CA PHE H 283 57.67 -40.53 -16.93
C PHE H 283 58.77 -39.55 -17.31
N THR H 284 59.69 -39.97 -18.16
CA THR H 284 60.77 -39.12 -18.61
C THR H 284 61.12 -39.30 -20.08
N LYS H 285 60.38 -40.13 -20.82
CA LYS H 285 60.69 -40.39 -22.24
C LYS H 285 61.02 -39.17 -23.13
N ASN H 286 62.14 -39.31 -23.83
CA ASN H 286 62.63 -38.27 -24.72
C ASN H 286 62.69 -36.87 -24.12
N LEU H 287 63.21 -36.79 -22.90
CA LEU H 287 63.36 -35.52 -22.18
C LEU H 287 64.80 -35.02 -22.41
N GLY H 288 65.65 -35.93 -22.89
CA GLY H 288 67.04 -35.59 -23.17
C GLY H 288 67.97 -35.90 -22.03
N LEU H 289 67.46 -36.62 -21.03
CA LEU H 289 68.24 -36.95 -19.84
C LEU H 289 69.53 -37.74 -20.07
N GLU H 290 69.47 -38.81 -20.85
CA GLU H 290 70.70 -39.57 -21.05
C GLU H 290 71.70 -38.72 -21.82
N GLU H 291 71.21 -38.00 -22.83
CA GLU H 291 72.06 -37.11 -23.67
C GLU H 291 72.75 -36.06 -22.76
N LEU H 292 72.00 -35.67 -21.72
CA LEU H 292 72.41 -34.66 -20.76
C LEU H 292 73.28 -35.23 -19.64
N GLY H 293 73.24 -36.55 -19.45
CA GLY H 293 74.08 -37.17 -18.44
C GLY H 293 73.44 -37.50 -17.11
N ILE H 294 72.11 -37.37 -17.06
CA ILE H 294 71.39 -37.66 -15.83
C ILE H 294 70.93 -39.11 -15.80
N GLU H 295 71.56 -39.90 -14.97
CA GLU H 295 71.20 -41.31 -14.82
C GLU H 295 69.97 -41.45 -13.94
N LEU H 296 69.11 -42.40 -14.27
CA LEU H 296 67.91 -42.65 -13.50
C LEU H 296 68.19 -43.78 -12.51
N ASP H 297 67.36 -43.94 -11.48
CA ASP H 297 67.58 -45.02 -10.52
C ASP H 297 66.96 -46.27 -11.15
N PRO H 298 67.09 -47.44 -10.51
CA PRO H 298 66.48 -48.62 -11.13
C PRO H 298 64.98 -48.53 -11.44
N ARG H 299 64.24 -47.76 -10.66
CA ARG H 299 62.81 -47.62 -10.87
C ARG H 299 62.43 -46.49 -11.84
N GLY H 300 63.43 -45.87 -12.46
CA GLY H 300 63.21 -44.81 -13.42
C GLY H 300 62.98 -43.40 -12.89
N ARG H 301 63.38 -43.15 -11.65
CA ARG H 301 63.18 -41.84 -11.07
C ARG H 301 64.41 -40.98 -11.17
N ILE H 302 64.20 -39.68 -11.16
CA ILE H 302 65.29 -38.72 -11.24
C ILE H 302 65.85 -38.47 -9.84
N PRO H 303 67.15 -38.78 -9.61
CA PRO H 303 67.76 -38.56 -8.30
C PRO H 303 67.96 -37.07 -8.02
N VAL H 304 67.54 -36.60 -6.85
CA VAL H 304 67.71 -35.19 -6.48
C VAL H 304 68.14 -35.05 -5.03
N ASN H 305 68.72 -33.90 -4.70
CA ASN H 305 69.15 -33.66 -3.33
C ASN H 305 68.05 -32.99 -2.55
N THR H 306 68.38 -32.52 -1.35
CA THR H 306 67.39 -31.88 -0.49
C THR H 306 66.84 -30.58 -1.06
N ARG H 307 67.52 -30.01 -2.04
CA ARG H 307 67.03 -28.79 -2.66
C ARG H 307 66.35 -29.15 -3.98
N PHE H 308 66.28 -30.45 -4.26
CA PHE H 308 65.68 -31.03 -5.46
C PHE H 308 66.49 -30.80 -6.75
N GLN H 309 67.81 -30.67 -6.56
CA GLN H 309 68.75 -30.49 -7.65
C GLN H 309 69.18 -31.85 -8.17
N THR H 310 69.30 -31.96 -9.49
CA THR H 310 69.75 -33.19 -10.12
C THR H 310 71.28 -33.15 -10.09
N LYS H 311 71.94 -34.03 -10.85
CA LYS H 311 73.39 -34.02 -10.91
C LYS H 311 73.83 -32.64 -11.45
N ILE H 312 72.96 -32.03 -12.26
CA ILE H 312 73.21 -30.72 -12.83
C ILE H 312 72.49 -29.67 -11.98
N PRO H 313 73.27 -28.86 -11.26
CA PRO H 313 72.86 -27.78 -10.33
C PRO H 313 71.65 -26.90 -10.67
N ASN H 314 71.56 -26.44 -11.91
CA ASN H 314 70.46 -25.55 -12.31
C ASN H 314 69.25 -26.33 -12.83
N ILE H 315 69.29 -27.65 -12.67
CA ILE H 315 68.18 -28.49 -13.10
C ILE H 315 67.58 -29.24 -11.92
N TYR H 316 66.28 -29.09 -11.74
CA TYR H 316 65.58 -29.74 -10.65
C TYR H 316 64.47 -30.66 -11.15
N ALA H 317 64.03 -31.56 -10.27
CA ALA H 317 62.95 -32.48 -10.56
C ALA H 317 62.10 -32.57 -9.29
N ILE H 318 60.79 -32.64 -9.47
CA ILE H 318 59.84 -32.74 -8.35
C ILE H 318 58.64 -33.56 -8.79
N GLY H 319 57.86 -34.03 -7.82
CA GLY H 319 56.66 -34.77 -8.13
C GLY H 319 56.76 -36.26 -8.25
N ASP H 320 55.88 -36.81 -9.09
CA ASP H 320 55.82 -38.23 -9.34
C ASP H 320 57.09 -38.74 -10.02
N VAL H 321 57.85 -37.82 -10.61
CA VAL H 321 59.07 -38.19 -11.30
C VAL H 321 60.26 -38.46 -10.37
N VAL H 322 60.15 -38.04 -9.11
CA VAL H 322 61.22 -38.28 -8.14
C VAL H 322 60.69 -39.19 -7.03
N ALA H 323 61.51 -39.45 -6.02
CA ALA H 323 61.13 -40.34 -4.94
C ALA H 323 60.13 -39.71 -3.96
N GLY H 324 59.54 -40.56 -3.10
CA GLY H 324 58.56 -40.09 -2.14
C GLY H 324 57.18 -40.56 -2.58
N PRO H 325 56.14 -40.38 -1.77
CA PRO H 325 54.79 -40.81 -2.14
C PRO H 325 54.35 -40.09 -3.41
N MET H 326 53.77 -40.85 -4.34
CA MET H 326 53.30 -40.32 -5.61
C MET H 326 51.88 -39.78 -5.48
N LEU H 327 51.78 -38.70 -4.72
CA LEU H 327 50.54 -38.03 -4.41
C LEU H 327 50.60 -36.58 -4.94
N ALA H 328 49.44 -36.00 -5.27
CA ALA H 328 49.38 -34.65 -5.79
C ALA H 328 49.83 -33.54 -4.79
N HIS H 329 49.35 -33.60 -3.56
CA HIS H 329 49.72 -32.57 -2.61
C HIS H 329 51.21 -32.66 -2.33
N LYS H 330 51.75 -33.86 -2.46
CA LYS H 330 53.17 -34.05 -2.22
C LYS H 330 53.99 -33.34 -3.28
N ALA H 331 53.55 -33.50 -4.54
CA ALA H 331 54.18 -32.90 -5.70
C ALA H 331 54.08 -31.40 -5.56
N GLU H 332 52.91 -30.96 -5.12
CA GLU H 332 52.70 -29.54 -4.97
C GLU H 332 53.67 -28.94 -3.96
N ASP H 333 53.74 -29.50 -2.76
CA ASP H 333 54.64 -28.95 -1.75
C ASP H 333 56.06 -28.89 -2.26
N GLU H 334 56.49 -29.97 -2.92
CA GLU H 334 57.84 -29.98 -3.47
C GLU H 334 58.09 -28.88 -4.50
N GLY H 335 57.08 -28.54 -5.29
CA GLY H 335 57.25 -27.49 -6.28
C GLY H 335 57.48 -26.15 -5.60
N ILE H 336 56.61 -25.82 -4.67
CA ILE H 336 56.72 -24.57 -3.94
C ILE H 336 58.07 -24.44 -3.25
N ILE H 337 58.44 -25.39 -2.41
CA ILE H 337 59.73 -25.28 -1.72
C ILE H 337 60.92 -25.34 -2.67
N CYS H 338 60.78 -26.03 -3.79
CA CYS H 338 61.89 -26.08 -4.72
C CYS H 338 62.19 -24.68 -5.32
N VAL H 339 61.15 -23.95 -5.71
CA VAL H 339 61.38 -22.64 -6.29
C VAL H 339 61.72 -21.63 -5.21
N GLU H 340 61.25 -21.87 -3.99
CA GLU H 340 61.57 -20.95 -2.89
C GLU H 340 63.07 -21.07 -2.63
N GLY H 341 63.56 -22.29 -2.82
CA GLY H 341 64.96 -22.59 -2.64
C GLY H 341 65.76 -21.93 -3.75
N MET H 342 65.14 -21.77 -4.91
CA MET H 342 65.80 -21.14 -6.03
C MET H 342 66.02 -19.69 -5.65
N ALA H 343 65.01 -19.10 -5.00
CA ALA H 343 65.08 -17.72 -4.55
C ALA H 343 65.92 -17.61 -3.28
N GLY H 344 66.56 -18.71 -2.89
CA GLY H 344 67.41 -18.69 -1.71
C GLY H 344 66.84 -19.08 -0.35
N GLY H 345 65.66 -19.69 -0.34
CA GLY H 345 65.08 -20.08 0.93
C GLY H 345 65.62 -21.39 1.41
N ALA H 346 65.23 -21.81 2.61
CA ALA H 346 65.65 -23.09 3.14
C ALA H 346 64.77 -24.07 2.37
N VAL H 347 65.18 -25.33 2.29
CA VAL H 347 64.38 -26.30 1.57
C VAL H 347 64.20 -27.55 2.43
N HIS H 348 63.01 -27.77 2.95
CA HIS H 348 62.81 -28.94 3.80
C HIS H 348 61.43 -29.56 3.79
N ILE H 349 61.36 -30.87 3.56
CA ILE H 349 60.08 -31.58 3.56
C ILE H 349 60.24 -32.92 4.25
N ASP H 350 59.26 -33.28 5.07
CA ASP H 350 59.28 -34.56 5.77
C ASP H 350 58.13 -35.42 5.24
N TYR H 351 58.46 -36.41 4.43
CA TYR H 351 57.45 -37.28 3.84
C TYR H 351 56.62 -38.02 4.87
N ASN H 352 57.14 -38.08 6.09
CA ASN H 352 56.47 -38.74 7.19
C ASN H 352 55.21 -37.92 7.53
N CYS H 353 55.23 -36.65 7.20
CA CYS H 353 54.12 -35.77 7.47
C CYS H 353 53.18 -35.60 6.28
N VAL H 354 53.39 -36.39 5.24
CA VAL H 354 52.55 -36.34 4.05
C VAL H 354 51.42 -37.33 4.20
N PRO H 355 50.18 -36.86 4.17
CA PRO H 355 49.08 -37.81 4.31
C PRO H 355 48.61 -38.54 3.05
N SER H 356 47.78 -39.55 3.28
CA SER H 356 47.20 -40.39 2.25
C SER H 356 45.73 -40.50 2.56
N VAL H 357 44.90 -40.44 1.53
CA VAL H 357 43.45 -40.56 1.68
C VAL H 357 42.89 -41.47 0.61
N ILE H 358 41.95 -42.31 1.02
CA ILE H 358 41.25 -43.18 0.12
C ILE H 358 39.82 -42.61 0.22
N TYR H 359 39.33 -42.05 -0.88
CA TYR H 359 38.01 -41.40 -0.94
C TYR H 359 36.80 -42.28 -1.16
N THR H 360 36.89 -43.51 -0.67
CA THR H 360 35.78 -44.44 -0.74
C THR H 360 34.81 -44.01 0.35
N HIS H 361 33.87 -44.88 0.65
CA HIS H 361 32.89 -44.62 1.69
C HIS H 361 32.59 -45.95 2.30
N PRO H 362 33.12 -46.22 3.48
CA PRO H 362 33.95 -45.34 4.29
C PRO H 362 35.25 -44.84 3.68
N GLU H 363 35.64 -43.65 4.11
CA GLU H 363 36.87 -43.03 3.70
C GLU H 363 37.95 -43.61 4.60
N VAL H 364 39.17 -43.58 4.11
CA VAL H 364 40.31 -44.03 4.89
C VAL H 364 41.37 -42.94 4.76
N ALA H 365 42.05 -42.61 5.84
CA ALA H 365 43.09 -41.59 5.80
C ALA H 365 44.07 -41.80 6.93
N TRP H 366 45.34 -41.49 6.66
CA TRP H 366 46.39 -41.62 7.67
C TRP H 366 47.61 -40.75 7.38
N VAL H 367 48.42 -40.58 8.41
CA VAL H 367 49.62 -39.78 8.34
C VAL H 367 50.50 -40.23 9.50
N GLY H 368 51.81 -40.25 9.24
CA GLY H 368 52.75 -40.70 10.23
C GLY H 368 52.98 -42.20 10.06
N LYS H 369 53.41 -42.88 11.12
CA LYS H 369 53.70 -44.29 11.06
C LYS H 369 52.53 -45.23 11.36
N SER H 370 52.58 -46.41 10.75
CA SER H 370 51.56 -47.45 10.96
C SER H 370 52.08 -48.29 12.12
N GLU H 371 51.24 -49.17 12.66
CA GLU H 371 51.71 -50.01 13.75
C GLU H 371 52.88 -50.90 13.28
N GLU H 372 52.82 -51.37 12.04
CA GLU H 372 53.90 -52.22 11.52
C GLU H 372 55.20 -51.44 11.44
N GLN H 373 55.13 -50.19 11.02
CA GLN H 373 56.34 -49.40 10.93
C GLN H 373 56.95 -49.21 12.30
N LEU H 374 56.10 -48.92 13.28
CA LEU H 374 56.60 -48.70 14.65
C LEU H 374 57.27 -49.97 15.19
N LYS H 375 56.68 -51.13 14.92
CA LYS H 375 57.25 -52.38 15.38
C LYS H 375 58.58 -52.64 14.70
N GLU H 376 58.63 -52.42 13.40
CA GLU H 376 59.89 -52.63 12.65
C GLU H 376 61.06 -51.76 13.20
N GLU H 377 60.74 -50.54 13.65
CA GLU H 377 61.76 -49.64 14.18
C GLU H 377 62.04 -49.80 15.69
N GLY H 378 61.34 -50.72 16.35
CA GLY H 378 61.55 -50.94 17.77
C GLY H 378 61.10 -49.82 18.68
N ILE H 379 60.08 -49.07 18.28
CA ILE H 379 59.58 -47.95 19.08
C ILE H 379 58.57 -48.43 20.11
N GLU H 380 58.72 -47.97 21.35
CA GLU H 380 57.79 -48.32 22.41
C GLU H 380 56.63 -47.32 22.32
N TYR H 381 55.46 -47.78 21.86
CA TYR H 381 54.31 -46.89 21.68
C TYR H 381 53.03 -47.30 22.37
N LYS H 382 52.09 -46.36 22.42
CA LYS H 382 50.76 -46.57 23.03
C LYS H 382 49.70 -46.53 21.94
N VAL H 383 48.57 -47.17 22.17
CA VAL H 383 47.48 -47.17 21.18
C VAL H 383 46.16 -46.68 21.75
N GLY H 384 45.49 -45.82 20.99
CA GLY H 384 44.20 -45.32 21.40
C GLY H 384 43.27 -45.54 20.22
N LYS H 385 42.12 -46.17 20.47
CA LYS H 385 41.16 -46.44 19.40
C LYS H 385 39.78 -45.94 19.82
N PHE H 386 39.07 -45.30 18.92
CA PHE H 386 37.73 -44.83 19.21
C PHE H 386 36.83 -45.16 18.03
N PRO H 387 35.74 -45.91 18.28
CA PRO H 387 34.83 -46.27 17.19
C PRO H 387 33.86 -45.15 16.83
N PHE H 388 33.58 -45.02 15.54
CA PHE H 388 32.67 -43.99 15.09
C PHE H 388 31.26 -44.29 15.52
N ALA H 389 31.04 -45.49 16.04
CA ALA H 389 29.71 -45.86 16.50
C ALA H 389 29.40 -45.16 17.84
N ALA H 390 30.44 -44.68 18.52
CA ALA H 390 30.24 -43.98 19.80
C ALA H 390 30.37 -42.48 19.62
N ASN H 391 30.52 -42.04 18.37
CA ASN H 391 30.64 -40.62 18.06
C ASN H 391 29.24 -40.05 17.81
N SER H 392 28.95 -38.91 18.42
CA SER H 392 27.64 -38.30 18.32
C SER H 392 27.22 -37.88 16.92
N ARG H 393 28.13 -37.27 16.18
CA ARG H 393 27.78 -36.85 14.83
C ARG H 393 27.53 -38.04 13.91
N ALA H 394 28.42 -39.02 13.95
CA ALA H 394 28.28 -40.21 13.14
C ALA H 394 26.91 -40.88 13.42
N LYS H 395 26.57 -40.95 14.69
CA LYS H 395 25.32 -41.56 15.07
C LYS H 395 24.11 -40.76 14.64
N THR H 396 24.18 -39.45 14.79
CA THR H 396 23.07 -38.61 14.37
C THR H 396 22.92 -38.70 12.85
N ASN H 397 24.03 -38.92 12.13
CA ASN H 397 24.02 -39.01 10.68
C ASN H 397 23.69 -40.43 10.27
N ALA H 398 23.62 -41.34 11.23
CA ALA H 398 23.36 -42.75 10.89
C ALA H 398 24.37 -43.21 9.84
N ASP H 399 25.64 -42.90 10.06
CA ASP H 399 26.72 -43.28 9.18
C ASP H 399 27.82 -43.47 10.20
N THR H 400 27.98 -44.71 10.67
CA THR H 400 28.94 -45.01 11.72
C THR H 400 30.01 -46.09 11.50
N ASP H 401 30.33 -46.45 10.27
CA ASP H 401 31.38 -47.46 10.08
C ASP H 401 32.74 -46.97 10.59
N GLY H 402 33.59 -47.90 11.02
CA GLY H 402 34.94 -47.54 11.39
C GLY H 402 35.38 -46.99 12.73
N MET H 403 36.60 -46.47 12.72
CA MET H 403 37.20 -45.95 13.94
C MET H 403 38.38 -45.02 13.69
N VAL H 404 38.83 -44.37 14.76
CA VAL H 404 40.02 -43.54 14.70
C VAL H 404 41.00 -44.29 15.59
N LYS H 405 42.22 -44.46 15.09
CA LYS H 405 43.31 -45.13 15.78
C LYS H 405 44.57 -44.24 15.84
N ILE H 406 45.01 -44.01 17.09
CA ILE H 406 46.17 -43.19 17.42
C ILE H 406 47.34 -43.99 17.98
N LEU H 407 48.55 -43.70 17.48
CA LEU H 407 49.78 -44.35 17.95
C LEU H 407 50.58 -43.22 18.55
N GLY H 408 50.93 -43.38 19.82
CA GLY H 408 51.68 -42.36 20.50
C GLY H 408 52.93 -42.94 21.13
N GLN H 409 53.96 -42.11 21.28
CA GLN H 409 55.20 -42.56 21.86
C GLN H 409 55.02 -42.69 23.34
N LYS H 410 55.45 -43.80 23.90
CA LYS H 410 55.26 -44.01 25.31
C LYS H 410 56.00 -43.03 26.25
N SER H 411 57.20 -42.66 25.85
CA SER H 411 58.06 -41.76 26.63
C SER H 411 57.66 -40.29 26.60
N THR H 412 57.07 -39.84 25.50
CA THR H 412 56.72 -38.42 25.41
C THR H 412 55.26 -38.12 25.12
N ASP H 413 54.50 -39.17 24.82
CA ASP H 413 53.09 -39.03 24.48
C ASP H 413 52.95 -38.36 23.11
N ARG H 414 54.07 -38.15 22.40
CA ARG H 414 54.02 -37.57 21.07
C ARG H 414 53.24 -38.47 20.11
N VAL H 415 52.47 -37.87 19.22
CA VAL H 415 51.70 -38.64 18.25
C VAL H 415 52.62 -39.08 17.11
N LEU H 416 52.70 -40.38 16.89
CA LEU H 416 53.54 -40.91 15.84
C LEU H 416 52.75 -41.31 14.59
N GLY H 417 51.45 -41.52 14.77
CA GLY H 417 50.63 -41.93 13.65
C GLY H 417 49.17 -41.82 13.95
N ALA H 418 48.39 -41.44 12.94
CA ALA H 418 46.95 -41.30 13.09
C ALA H 418 46.33 -42.03 11.89
N HIS H 419 45.42 -42.96 12.19
CA HIS H 419 44.76 -43.77 11.16
C HIS H 419 43.24 -43.66 11.35
N ILE H 420 42.56 -43.20 10.30
CA ILE H 420 41.11 -43.02 10.34
C ILE H 420 40.37 -43.81 9.28
N LEU H 421 39.45 -44.64 9.74
CA LEU H 421 38.58 -45.44 8.89
C LEU H 421 37.15 -44.98 9.22
N GLY H 422 36.50 -44.32 8.27
CA GLY H 422 35.16 -43.84 8.49
C GLY H 422 34.77 -42.47 7.91
N PRO H 423 33.60 -41.97 8.31
CA PRO H 423 33.15 -40.68 7.79
C PRO H 423 34.11 -39.53 8.11
N GLY H 424 34.37 -38.71 7.10
CA GLY H 424 35.21 -37.55 7.24
C GLY H 424 36.70 -37.75 7.40
N ALA H 425 37.18 -38.96 7.08
CA ALA H 425 38.57 -39.27 7.22
C ALA H 425 39.46 -38.30 6.45
N GLY H 426 39.10 -38.08 5.18
CA GLY H 426 39.86 -37.19 4.31
C GLY H 426 40.16 -35.81 4.89
N GLU H 427 39.14 -35.16 5.47
CA GLU H 427 39.33 -33.85 6.05
C GLU H 427 39.96 -33.93 7.41
N MET H 428 39.55 -34.92 8.19
CA MET H 428 40.09 -35.10 9.53
C MET H 428 41.61 -35.29 9.60
N VAL H 429 42.20 -35.91 8.59
CA VAL H 429 43.63 -36.18 8.61
C VAL H 429 44.50 -34.92 8.57
N ASN H 430 43.96 -33.84 8.03
CA ASN H 430 44.70 -32.62 7.97
C ASN H 430 44.88 -32.04 9.38
N GLU H 431 43.97 -32.35 10.29
CA GLU H 431 44.12 -31.89 11.66
C GLU H 431 45.29 -32.69 12.26
N ALA H 432 45.38 -33.97 11.89
CA ALA H 432 46.47 -34.83 12.35
C ALA H 432 47.82 -34.37 11.79
N ALA H 433 47.83 -33.97 10.52
CA ALA H 433 49.04 -33.51 9.87
C ALA H 433 49.59 -32.23 10.55
N LEU H 434 48.68 -31.32 10.93
CA LEU H 434 49.03 -30.09 11.62
C LEU H 434 49.66 -30.43 12.98
N ALA H 435 49.05 -31.38 13.69
CA ALA H 435 49.55 -31.85 14.99
C ALA H 435 50.98 -32.39 14.85
N LEU H 436 51.15 -33.28 13.89
CA LEU H 436 52.43 -33.90 13.56
C LEU H 436 53.53 -32.88 13.26
N GLU H 437 53.21 -31.82 12.52
CA GLU H 437 54.19 -30.83 12.17
C GLU H 437 54.76 -30.09 13.39
N TYR H 438 54.02 -30.08 14.50
CA TYR H 438 54.50 -29.43 15.70
C TYR H 438 55.07 -30.41 16.69
N GLY H 439 54.96 -31.70 16.38
CA GLY H 439 55.44 -32.72 17.29
C GLY H 439 54.52 -32.76 18.49
N ALA H 440 53.23 -32.53 18.28
CA ALA H 440 52.23 -32.53 19.36
C ALA H 440 51.98 -33.89 19.99
N SER H 441 51.54 -33.87 21.24
CA SER H 441 51.24 -35.08 21.99
C SER H 441 49.74 -35.45 21.91
N CYS H 442 49.40 -36.64 22.34
CA CYS H 442 48.01 -37.12 22.35
C CYS H 442 47.20 -36.26 23.32
N GLU H 443 47.82 -35.87 24.42
CA GLU H 443 47.17 -35.00 25.40
C GLU H 443 46.97 -33.61 24.78
N ASP H 444 47.93 -33.13 24.00
CA ASP H 444 47.75 -31.83 23.38
C ASP H 444 46.39 -31.82 22.67
N ILE H 445 46.12 -32.86 21.90
CA ILE H 445 44.88 -32.95 21.13
C ILE H 445 43.64 -33.20 21.98
N ALA H 446 43.77 -34.04 23.00
CA ALA H 446 42.63 -34.35 23.86
C ALA H 446 42.13 -33.10 24.60
N ARG H 447 43.05 -32.20 24.89
CA ARG H 447 42.69 -30.99 25.61
C ARG H 447 42.28 -29.83 24.70
N VAL H 448 42.40 -29.99 23.39
CA VAL H 448 41.94 -28.94 22.48
C VAL H 448 40.41 -29.09 22.41
N CYS H 449 39.70 -28.00 22.64
CA CYS H 449 38.23 -28.02 22.60
C CYS H 449 37.72 -28.27 21.16
N HIS H 450 37.16 -29.45 20.90
CA HIS H 450 36.61 -29.75 19.59
C HIS H 450 35.14 -29.41 19.66
N ALA H 451 34.52 -29.11 18.52
CA ALA H 451 33.12 -28.73 18.50
C ALA H 451 32.24 -29.96 18.63
N HIS H 452 31.12 -29.80 19.34
CA HIS H 452 30.13 -30.88 19.55
C HIS H 452 28.81 -30.45 18.89
N PRO H 453 28.26 -31.31 18.03
CA PRO H 453 28.86 -32.61 17.69
C PRO H 453 29.59 -32.63 16.37
N THR H 454 30.77 -33.22 16.35
CA THR H 454 31.51 -33.33 15.10
C THR H 454 32.23 -34.67 15.06
N LEU H 455 32.53 -35.13 13.85
CA LEU H 455 33.26 -36.37 13.67
C LEU H 455 34.66 -36.23 14.27
N SER H 456 35.18 -35.00 14.29
CA SER H 456 36.51 -34.76 14.84
C SER H 456 36.61 -35.21 16.31
N GLU H 457 35.45 -35.34 16.96
CA GLU H 457 35.42 -35.75 18.33
C GLU H 457 35.94 -37.19 18.51
N ALA H 458 35.82 -37.99 17.44
CA ALA H 458 36.32 -39.36 17.50
C ALA H 458 37.85 -39.28 17.54
N PHE H 459 38.38 -38.29 16.81
CA PHE H 459 39.82 -38.08 16.72
C PHE H 459 40.34 -37.59 18.05
N ARG H 460 39.58 -36.71 18.67
CA ARG H 460 39.97 -36.16 19.95
C ARG H 460 39.97 -37.27 21.04
N GLU H 461 38.95 -38.12 20.99
CA GLU H 461 38.76 -39.21 21.95
C GLU H 461 39.76 -40.32 21.79
N ALA H 462 40.15 -40.61 20.55
CA ALA H 462 41.15 -41.63 20.28
C ALA H 462 42.49 -41.18 20.91
N ASN H 463 42.73 -39.87 20.86
CA ASN H 463 43.94 -39.28 21.41
C ASN H 463 43.92 -39.33 22.93
N LEU H 464 42.74 -39.10 23.52
CA LEU H 464 42.57 -39.13 24.96
C LEU H 464 42.81 -40.55 25.43
N ALA H 465 42.29 -41.52 24.68
CA ALA H 465 42.46 -42.92 24.98
C ALA H 465 43.94 -43.31 24.96
N ALA H 466 44.67 -42.81 23.95
CA ALA H 466 46.09 -43.10 23.83
C ALA H 466 46.87 -42.48 24.97
N SER H 467 46.50 -41.27 25.31
CA SER H 467 47.20 -40.55 26.34
C SER H 467 46.92 -40.96 27.78
N PHE H 468 45.65 -41.00 28.14
CA PHE H 468 45.22 -41.29 29.50
C PHE H 468 44.89 -42.77 29.69
N GLY H 469 44.61 -43.44 28.59
CA GLY H 469 44.27 -44.84 28.67
C GLY H 469 42.80 -45.10 28.39
N LYS H 470 41.96 -44.08 28.54
CA LYS H 470 40.53 -44.23 28.35
C LYS H 470 39.91 -43.01 27.71
N SER H 471 38.96 -43.20 26.80
CA SER H 471 38.28 -42.05 26.25
C SER H 471 37.06 -41.89 27.18
N ILE H 472 36.21 -40.91 26.93
CA ILE H 472 35.03 -40.70 27.76
C ILE H 472 33.79 -41.48 27.30
N ASN H 473 33.57 -41.49 25.99
CA ASN H 473 32.39 -42.11 25.40
C ASN H 473 32.46 -43.54 24.91
N PHE H 474 33.45 -44.28 25.34
CA PHE H 474 33.57 -45.67 24.94
C PHE H 474 34.48 -46.31 25.97
#